data_6F6W
#
_entry.id   6F6W
#
_cell.length_a   1.0
_cell.length_b   1.0
_cell.length_c   1.0
_cell.angle_alpha   90.00
_cell.angle_beta   90.00
_cell.angle_gamma   90.00
#
_symmetry.space_group_name_H-M   'P 1'
#
loop_
_entity.id
_entity.type
_entity.pdbx_description
1 polymer 'DNA-directed RNA polymerase subunit alpha'
2 polymer 'DNA-directed RNA polymerase subunit beta'
3 polymer "DNA-directed RNA polymerase subunit beta'"
4 polymer 'DNA-directed RNA polymerase subunit omega'
5 non-polymer 'ZINC ION'
6 non-polymer 'MAGNESIUM ION'
#
loop_
_entity_poly.entity_id
_entity_poly.type
_entity_poly.pdbx_seq_one_letter_code
_entity_poly.pdbx_strand_id
1 'polypeptide(L)'
;MLISQRPTLSEETVAENRSRFVIEPLEPGFGYTLGNSLRRTLLSSIPGAAVTSIRIDGVLHEFTTVPGVKEDVTDIILNL
KGLVVSSDDDEPVTMYLRKQGPGVVTAGDIVPPAGVTVHNPDMHIATLNDKGKLEVELVVERGRGYVPAVQNKASGAEIG
RIPVDSIYSPVLKVTYKVEATRVEQRTDFDKLIIDVETKNSISPRDALASAGGTLVELFGLARELNADSEHIEIGPSPAE
ADHIASFALPIDDLDLTVRSYNCLKREGVHTVGELVARTESDLLDIRNFGQKSIDEVKIKLHQLGLSLKDSPATFDPSEV
AGYDAATGTWTSDAGYDLDDNQDYAETEQL
;
A,B
2 'polypeptide(L)'
;VLEGCILAVSSQSKSNAITNNSVPGAPNRVSFAKLREPLEVPGLLDVQTDSFEWLVGSDRWRQAAIDRGEENPVGGLEEV
LAELSPIEDFSGSMSLSFSDPRFDEVKASVDECKDKDMTYAAPLFVTAEFINNNTGEIKSQTVFMGDFPMMTEKGTFIIN
GTERVVVSQLVRSPGVYFDETIDKSTEKTLHSVKVIPGRGAWLEFDVDKRDTVGVRIDRKRRQPVTVLLKALGWTNEQIV
ERFGFSEIMMGTLEKDTTSGTDEALLDIYRKLRPGEPPTKESAQTLLENLFFKEKRYDLARVGRYKVNKKLGLNAGKPIT
SSTLTEEDVVATIEYLVRLHEGQTSMTVPGGVEVPVEVDDIDHFGNRRLRTVGELIQNQIRVGLSRMERVVRERMTTQDV
EAITPQTLINIRPVVAAIKEFFGTSQLSQFMDQNNPLSGLTHKRRLSALGPGGLSRERAGLEVRDVHPSHYGRMCPIETP
EGPNIGLIGSLSVYARVNPFGFIETPYRKVENGVVTDQIDYLTADEEDRHVVAQANSPTDENGRFTEDRVMVRKKGGEVE
FVSADQVDYMDVSPRQMVSVATAMIPFLEHDDANRALMGANMQRQAVPLVRSEAPLVGTGMELRAAIDAGDVVVADKTGV
IEEVSADYITVMADDGTRQSYRLRKFARSNHGTCANQRPIVDAGQRVEAGQVIADGPCTQNGEMALGKNLLVAIMPWEGH
NYEDAIILSNRLVEEDVLTSIHIEEHEIDARDTKLGAEEITRDIPNVSDEVLADLDERGIVRIGAEVRDGDILVGKVTPK
GETELTPEERLLRAIFGEKAREVRDTSLKVPHGESGKVIGIRVFSREDDDELPAGVNELVRVYVAQKRKISDGDKLAGRH
GNKGVIGKILPVEDMPFLPDGTPVDIILNTHGVPRRMNIGQILETHLGWVAKAGWNIDVAAGVPDWASKLPEELYSAPAD
STVATPVFDGAQEGELAGLLGSTLPNRDGEVMVDADGKSTLFDGRSGEPFPYPVTVGYMYILKLHHLVDDKIHARSTGPY
SMITQQPLGGKAQFGGQRFGEMECWAMQAYGAAYTLQELLTIKSDDTVGRVKVYEAIVKGENIPEPGIPESFKVLLKELQ
SLCLNVEVLSSDGAAIEMRDGDDEDLERAAANLGINLSRNESASVEDLALARHGGSGA
;
C
3 'polypeptide(L)'
;VLDVNFFDELRIGLATADDIRNWSYGEVKKPETINYRTLKPEKDGLFCEKIFGPTRDWECYCGKYKRVRFKGIICERCGV
EVTRAKVRRERMGHIELAAPVTHIWYFKGVPSRLGYLLDLAPKDLEKIIYFAAYVITSVDDEMRHNELSTLEAEMAVEKK
AVEDQRDADLEARAQKLEADLAELEAEGAKSDVRRKVRDSGEREMRQLRDRAQRELDRLDEIWNTFTKLAPKQLIVDEVL
YRELQDRYGEYFTGAMGAESIKKLIENFDIDAEAESLREVIRSGKGQKKLRALKRLKVVAAFQQSGNSPMGMVLDAVPVI
PPELRPMVQLDGGRFATSDLNDLYRRVINRNNRLKRLIDLGAPEIIVNNEKRMLQESVDALFDNGRRGRPVTGPGNRPLK
SLSDLLKGKQGRFRQNLLGKRVDYSGRSVIVVGPQLKLHQCGLPKLMALELFKPFVMKRLVDLNHAQNIKSAKRMVERQR
PQVWDVLEEVIAEHPVLLNRAPTLHRLGIQAFEPQLVEGKAIQLHPLVCEAFNADFDGDQMAVHLPLSAEAQAEARILML
SSNNILSPASGKPLAMPRLDMVTGLYYLTTLVEGATGEYQAATKDAPEQGVYSSPAEAIMAMDRGALSVRAKIKVRLTEL
RPPTDLEAQLFENGWKPGDAWTAETTLGRVMFNELLPKSYPFVNEQMHKKVQARIINDLAERFPMIVVAQTVDKLKDAGF
YWATRSGVTVSMADVLVPPQKQEILERHEAEADAIERKYQRGALNHTERNESLVKIWQDATEEVGKALEEFYPADNPIIT
IVKSGATGNLTQTRTLAGMKGLVTNPKGEFIPRPIKSSFREGLTVLEYFINTHGARKGLADTALRTADSGYLTRRLVDVS
QDVIVREHDCETERGINVTLAERGPDGTLIRDAHVETSAFARTLATDAVDANGNVIIERGHDLGDPAIDALLAAGITTVK
VRSVLTCTSATGVCAMCYGRSMATGKLVDIGEAVGIVAAQSIGEPGTQLTMRTFHQGGVTGGADIVGGLPRVQELFEARV
PRNKAPIADVAGRVRLEESDKFFKITIVPDDGGEEVVYDKLSKRQRLRVITHEDGTEGVLSDGDHVEVGDQLMEGAADPH
EVLRVQGPREVQIHLVKEVQEVYRAQGVSIHDKHIEVIVRQMLRRVTIIDSGSTEFLPGSLTERAEFEAENRRVVAEGGE
PAAGRPVLMGITKASLATDSWLSAASFQETTRVLTDAAINCRSDKLNGLKENVIIGKLIPAGTGISRYRNIQVQPTEEAR
AAAYTIPSYEDQYYSPDFGQATGAAVPLDDYGYSDYRHHHHHHHH
;
D
4 'polypeptide(L)'
;VSTPHADAQLNAADDLGIDSSAASAYDTPLGITNPPIDELLSRASSKYALVIYAAKRARQINDYYNQLGDGILEYVGPLV
EPGLQEKPLSIALREIHGDLLEHTEGE
;
E
#
# COMPACT_ATOMS: atom_id res chain seq x y z
N MET A 1 -31.75 -10.76 56.48
CA MET A 1 -31.06 -12.06 56.66
C MET A 1 -29.58 -11.91 56.29
N LEU A 2 -28.77 -11.43 57.25
CA LEU A 2 -27.29 -11.28 57.11
C LEU A 2 -26.62 -12.64 57.32
N ILE A 3 -25.36 -12.75 56.91
CA ILE A 3 -24.44 -13.89 57.21
C ILE A 3 -23.33 -13.36 58.12
N SER A 4 -23.69 -13.03 59.37
CA SER A 4 -22.80 -12.42 60.40
C SER A 4 -21.70 -13.39 60.78
N GLN A 5 -20.66 -13.49 59.93
CA GLN A 5 -19.48 -14.38 60.11
C GLN A 5 -18.39 -13.94 59.12
N ARG A 6 -17.25 -13.47 59.63
CA ARG A 6 -16.12 -12.95 58.82
C ARG A 6 -15.49 -14.10 58.02
N PRO A 7 -14.89 -13.84 56.85
CA PRO A 7 -14.38 -14.91 55.99
C PRO A 7 -13.08 -15.53 56.52
N THR A 8 -13.07 -16.87 56.67
CA THR A 8 -11.91 -17.66 57.17
C THR A 8 -10.98 -17.97 55.99
N LEU A 9 -9.70 -17.60 56.11
CA LEU A 9 -8.64 -17.82 55.09
C LEU A 9 -7.77 -19.01 55.53
N SER A 10 -8.23 -20.23 55.25
CA SER A 10 -7.58 -21.51 55.62
C SER A 10 -6.61 -21.95 54.51
N GLU A 11 -5.39 -22.33 54.89
CA GLU A 11 -4.24 -22.63 53.98
C GLU A 11 -4.13 -24.15 53.80
N GLU A 12 -4.38 -24.64 52.58
CA GLU A 12 -4.08 -26.03 52.14
C GLU A 12 -2.66 -26.06 51.57
N THR A 13 -2.16 -27.25 51.19
CA THR A 13 -0.84 -27.46 50.55
C THR A 13 -0.91 -28.69 49.63
N VAL A 14 -0.63 -28.49 48.34
CA VAL A 14 -0.51 -29.57 47.31
C VAL A 14 0.97 -29.89 47.11
N ALA A 15 1.83 -28.88 47.01
CA ALA A 15 3.31 -29.01 46.95
C ALA A 15 3.98 -27.92 47.78
N GLU A 16 5.32 -27.95 47.89
CA GLU A 16 6.13 -26.93 48.61
C GLU A 16 6.21 -25.65 47.77
N ASN A 17 6.14 -25.77 46.44
CA ASN A 17 6.22 -24.64 45.47
C ASN A 17 4.81 -24.07 45.20
N ARG A 18 3.77 -24.92 45.18
CA ARG A 18 2.37 -24.50 44.91
C ARG A 18 1.43 -24.97 46.03
N SER A 19 0.51 -24.09 46.43
CA SER A 19 -0.52 -24.37 47.48
C SER A 19 -1.87 -23.76 47.09
N ARG A 20 -2.95 -24.40 47.52
CA ARG A 20 -4.34 -23.89 47.50
C ARG A 20 -4.54 -22.96 48.72
N PHE A 21 -5.56 -22.12 48.65
CA PHE A 21 -6.14 -21.35 49.78
C PHE A 21 -7.66 -21.29 49.58
N VAL A 22 -8.42 -21.57 50.65
CA VAL A 22 -9.91 -21.53 50.66
C VAL A 22 -10.34 -20.32 51.50
N ILE A 23 -11.20 -19.46 50.94
CA ILE A 23 -11.79 -18.28 51.64
C ILE A 23 -13.32 -18.40 51.55
N GLU A 24 -13.99 -18.32 52.70
CA GLU A 24 -15.47 -18.43 52.83
C GLU A 24 -15.91 -17.98 54.23
N PRO A 25 -17.16 -17.52 54.42
CA PRO A 25 -18.14 -17.32 53.34
C PRO A 25 -18.05 -15.91 52.73
N LEU A 26 -18.66 -15.72 51.56
CA LEU A 26 -18.73 -14.41 50.85
C LEU A 26 -20.12 -14.22 50.22
N GLU A 27 -20.33 -13.04 49.61
CA GLU A 27 -21.63 -12.61 49.01
C GLU A 27 -21.72 -13.19 47.60
N PRO A 28 -22.93 -13.60 47.14
CA PRO A 28 -23.07 -14.35 45.88
C PRO A 28 -22.51 -13.58 44.67
N GLY A 29 -21.44 -14.12 44.07
CA GLY A 29 -20.74 -13.53 42.92
C GLY A 29 -19.69 -12.50 43.31
N PHE A 30 -19.34 -12.42 44.60
CA PHE A 30 -18.28 -11.50 45.13
C PHE A 30 -16.90 -12.17 45.07
N GLY A 31 -16.84 -13.51 45.06
CA GLY A 31 -15.59 -14.28 45.08
C GLY A 31 -14.69 -13.98 43.89
N TYR A 32 -15.21 -14.16 42.67
CA TYR A 32 -14.47 -14.04 41.39
C TYR A 32 -13.53 -12.84 41.43
N THR A 33 -14.09 -11.64 41.67
CA THR A 33 -13.36 -10.34 41.67
C THR A 33 -12.36 -10.30 42.84
N LEU A 34 -12.71 -10.90 43.99
CA LEU A 34 -11.84 -10.99 45.19
C LEU A 34 -10.59 -11.80 44.82
N GLY A 35 -10.79 -13.00 44.26
CA GLY A 35 -9.73 -13.85 43.72
C GLY A 35 -8.92 -13.14 42.66
N ASN A 36 -9.61 -12.49 41.72
CA ASN A 36 -8.97 -11.70 40.63
C ASN A 36 -8.05 -10.64 41.22
N SER A 37 -8.51 -9.92 42.25
CA SER A 37 -7.71 -8.87 42.94
C SER A 37 -6.38 -9.49 43.40
N LEU A 38 -6.46 -10.60 44.15
CA LEU A 38 -5.30 -11.37 44.67
C LEU A 38 -4.40 -11.80 43.50
N ARG A 39 -4.99 -12.46 42.48
CA ARG A 39 -4.28 -12.97 41.28
C ARG A 39 -3.49 -11.81 40.65
N ARG A 40 -4.20 -10.73 40.32
CA ARG A 40 -3.65 -9.54 39.62
C ARG A 40 -2.58 -8.88 40.49
N THR A 41 -2.77 -8.83 41.81
CA THR A 41 -1.74 -8.31 42.77
C THR A 41 -0.49 -9.19 42.73
N LEU A 42 -0.69 -10.51 42.84
CA LEU A 42 0.38 -11.54 42.82
C LEU A 42 1.16 -11.43 41.50
N LEU A 43 0.53 -11.79 40.37
CA LEU A 43 1.17 -11.87 39.03
C LEU A 43 1.87 -10.55 38.69
N SER A 44 1.30 -9.41 39.08
CA SER A 44 1.89 -8.06 38.86
C SER A 44 2.98 -7.80 39.90
N SER A 45 2.60 -7.33 41.09
CA SER A 45 3.48 -6.64 42.07
C SER A 45 3.64 -7.50 43.34
N ILE A 46 4.67 -8.36 43.34
CA ILE A 46 5.21 -9.04 44.55
C ILE A 46 6.71 -8.74 44.61
N PRO A 47 7.24 -8.25 45.75
CA PRO A 47 8.68 -8.11 45.93
C PRO A 47 9.44 -9.42 45.65
N GLY A 48 10.47 -9.35 44.81
CA GLY A 48 11.29 -10.50 44.38
C GLY A 48 12.66 -10.08 43.91
N ALA A 49 13.63 -10.99 44.03
CA ALA A 49 15.01 -10.83 43.52
C ALA A 49 15.15 -11.58 42.19
N ALA A 50 16.09 -11.16 41.35
CA ALA A 50 16.44 -11.81 40.06
C ALA A 50 17.72 -11.17 39.50
N VAL A 51 18.30 -11.82 38.49
CA VAL A 51 19.54 -11.37 37.79
C VAL A 51 19.23 -10.07 37.02
N THR A 52 19.97 -8.99 37.30
CA THR A 52 19.77 -7.65 36.68
C THR A 52 20.82 -7.43 35.59
N SER A 53 22.09 -7.75 35.88
CA SER A 53 23.22 -7.66 34.92
C SER A 53 24.23 -8.78 35.21
N ILE A 54 24.69 -9.49 34.18
CA ILE A 54 25.75 -10.54 34.29
C ILE A 54 27.02 -9.97 33.65
N ARG A 55 28.20 -10.44 34.09
CA ARG A 55 29.52 -9.97 33.57
C ARG A 55 30.48 -11.15 33.49
N ILE A 56 30.55 -11.79 32.31
CA ILE A 56 31.59 -12.81 31.96
C ILE A 56 32.88 -12.03 31.65
N ASP A 57 34.00 -12.40 32.30
CA ASP A 57 35.30 -11.68 32.21
C ASP A 57 35.88 -11.80 30.78
N GLY A 58 35.66 -12.94 30.12
CA GLY A 58 36.14 -13.21 28.75
C GLY A 58 35.44 -12.35 27.71
N VAL A 59 34.19 -12.69 27.39
CA VAL A 59 33.35 -12.02 26.35
C VAL A 59 33.01 -10.59 26.80
N LEU A 60 32.92 -9.66 25.84
CA LEU A 60 32.78 -8.20 26.07
C LEU A 60 31.34 -7.73 25.80
N HIS A 61 30.48 -8.59 25.23
CA HIS A 61 29.06 -8.28 24.93
C HIS A 61 28.23 -9.57 24.82
N GLU A 62 26.91 -9.41 24.67
CA GLU A 62 25.92 -10.51 24.61
C GLU A 62 26.13 -11.36 23.35
N PHE A 63 26.37 -10.72 22.21
CA PHE A 63 26.21 -11.29 20.84
C PHE A 63 27.54 -11.90 20.35
N THR A 64 28.23 -12.65 21.21
CA THR A 64 29.44 -13.46 20.88
C THR A 64 29.32 -14.82 21.59
N THR A 65 30.43 -15.56 21.68
CA THR A 65 30.50 -16.89 22.33
C THR A 65 31.74 -16.97 23.24
N VAL A 66 31.70 -17.87 24.23
CA VAL A 66 32.83 -18.18 25.14
C VAL A 66 33.64 -19.32 24.50
N PRO A 67 34.98 -19.36 24.66
CA PRO A 67 35.75 -20.54 24.24
C PRO A 67 35.30 -21.82 24.98
N GLY A 68 34.96 -22.87 24.22
CA GLY A 68 34.74 -24.23 24.73
C GLY A 68 33.47 -24.37 25.58
N VAL A 69 32.38 -23.72 25.15
CA VAL A 69 31.00 -23.89 25.72
C VAL A 69 30.08 -24.34 24.58
N LYS A 70 29.03 -25.10 24.91
CA LYS A 70 28.03 -25.60 23.92
C LYS A 70 27.07 -24.46 23.56
N GLU A 71 26.36 -23.92 24.55
CA GLU A 71 25.37 -22.82 24.38
C GLU A 71 26.12 -21.49 24.27
N ASP A 72 25.62 -20.57 23.44
CA ASP A 72 26.19 -19.21 23.25
C ASP A 72 25.74 -18.28 24.39
N VAL A 73 26.45 -17.17 24.56
CA VAL A 73 26.32 -16.22 25.71
C VAL A 73 24.86 -15.73 25.80
N THR A 74 24.24 -15.46 24.65
CA THR A 74 22.80 -15.10 24.53
C THR A 74 21.95 -16.19 25.19
N ASP A 75 22.17 -17.46 24.84
CA ASP A 75 21.39 -18.61 25.36
C ASP A 75 21.73 -18.83 26.84
N ILE A 76 22.99 -18.59 27.25
CA ILE A 76 23.41 -18.62 28.68
C ILE A 76 22.61 -17.57 29.44
N ILE A 77 22.58 -16.32 28.96
CA ILE A 77 21.78 -15.21 29.56
C ILE A 77 20.30 -15.66 29.61
N LEU A 78 19.79 -16.16 28.49
CA LEU A 78 18.38 -16.63 28.34
C LEU A 78 18.07 -17.75 29.36
N ASN A 79 19.05 -18.58 29.71
CA ASN A 79 18.92 -19.64 30.74
C ASN A 79 19.04 -19.02 32.14
N LEU A 80 19.94 -18.05 32.33
CA LEU A 80 20.16 -17.34 33.62
C LEU A 80 18.94 -16.47 33.96
N LYS A 81 18.15 -16.05 32.97
CA LYS A 81 16.79 -15.48 33.18
C LYS A 81 15.90 -16.53 33.87
N GLY A 82 16.04 -17.81 33.49
CA GLY A 82 15.26 -18.94 34.01
C GLY A 82 15.59 -19.30 35.46
N LEU A 83 16.69 -18.79 36.02
CA LEU A 83 17.06 -18.96 37.46
C LEU A 83 15.96 -18.40 38.37
N VAL A 84 15.86 -18.93 39.58
CA VAL A 84 15.02 -18.38 40.68
C VAL A 84 15.90 -18.21 41.93
N VAL A 85 16.08 -16.96 42.35
CA VAL A 85 16.96 -16.55 43.48
C VAL A 85 16.12 -15.70 44.45
N SER A 86 16.54 -15.63 45.72
CA SER A 86 15.96 -14.74 46.76
C SER A 86 17.09 -14.08 47.56
N SER A 87 16.97 -12.77 47.80
CA SER A 87 17.92 -11.92 48.56
C SER A 87 17.19 -11.17 49.68
N ASP A 88 17.88 -10.92 50.80
CA ASP A 88 17.37 -10.13 51.96
C ASP A 88 17.64 -8.65 51.70
N ASP A 89 18.92 -8.30 51.46
CA ASP A 89 19.37 -6.92 51.14
C ASP A 89 18.84 -6.53 49.75
N ASP A 90 18.09 -5.43 49.69
CA ASP A 90 17.49 -4.89 48.43
C ASP A 90 18.56 -4.23 47.57
N GLU A 91 19.68 -3.81 48.18
CA GLU A 91 20.85 -3.19 47.50
C GLU A 91 21.47 -4.21 46.53
N PRO A 92 22.14 -3.76 45.44
CA PRO A 92 22.65 -4.68 44.42
C PRO A 92 23.80 -5.57 44.94
N VAL A 93 23.61 -6.90 44.92
CA VAL A 93 24.60 -7.90 45.40
C VAL A 93 25.13 -8.70 44.20
N THR A 94 26.44 -8.95 44.17
CA THR A 94 27.15 -9.62 43.04
C THR A 94 27.47 -11.07 43.42
N MET A 95 26.80 -12.04 42.78
CA MET A 95 27.10 -13.49 42.91
C MET A 95 28.26 -13.84 41.96
N TYR A 96 28.89 -14.99 42.18
CA TYR A 96 30.02 -15.51 41.36
C TYR A 96 29.78 -16.99 41.03
N LEU A 97 29.97 -17.33 39.75
CA LEU A 97 29.97 -18.72 39.20
C LEU A 97 31.26 -18.91 38.40
N ARG A 98 32.22 -19.66 38.96
CA ARG A 98 33.55 -19.93 38.37
C ARG A 98 33.69 -21.44 38.19
N LYS A 99 33.91 -21.89 36.95
CA LYS A 99 34.11 -23.33 36.60
C LYS A 99 35.10 -23.45 35.44
N GLN A 100 36.19 -24.20 35.65
CA GLN A 100 37.27 -24.45 34.66
C GLN A 100 37.28 -25.93 34.29
N GLY A 101 37.59 -26.25 33.04
CA GLY A 101 37.66 -27.64 32.53
C GLY A 101 36.29 -28.16 32.08
N PRO A 102 36.13 -29.50 31.93
CA PRO A 102 34.92 -30.08 31.34
C PRO A 102 33.78 -30.30 32.34
N GLY A 103 32.59 -30.62 31.82
CA GLY A 103 31.38 -30.96 32.60
C GLY A 103 30.19 -30.08 32.23
N VAL A 104 29.09 -30.25 32.96
CA VAL A 104 27.79 -29.51 32.78
C VAL A 104 27.66 -28.50 33.92
N VAL A 105 27.86 -27.22 33.63
CA VAL A 105 27.64 -26.07 34.57
C VAL A 105 26.14 -25.98 34.84
N THR A 106 25.72 -26.27 36.08
CA THR A 106 24.32 -26.17 36.58
C THR A 106 24.20 -24.92 37.45
N ALA A 107 22.97 -24.58 37.84
CA ALA A 107 22.63 -23.43 38.72
C ALA A 107 23.15 -23.68 40.15
N GLY A 108 23.28 -24.95 40.55
CA GLY A 108 23.79 -25.37 41.86
C GLY A 108 25.28 -25.07 42.05
N ASP A 109 26.03 -24.90 40.95
CA ASP A 109 27.49 -24.63 40.96
C ASP A 109 27.77 -23.14 41.26
N ILE A 110 26.74 -22.29 41.31
CA ILE A 110 26.89 -20.83 41.60
C ILE A 110 27.19 -20.67 43.09
N VAL A 111 28.06 -19.71 43.44
CA VAL A 111 28.51 -19.42 44.83
C VAL A 111 27.95 -18.05 45.24
N PRO A 112 26.74 -17.98 45.86
CA PRO A 112 26.17 -16.71 46.31
C PRO A 112 26.79 -16.23 47.62
N PRO A 113 26.80 -14.90 47.90
CA PRO A 113 27.24 -14.38 49.20
C PRO A 113 26.19 -14.61 50.30
N ALA A 114 26.49 -14.14 51.52
CA ALA A 114 25.63 -14.27 52.72
C ALA A 114 24.36 -13.42 52.52
N GLY A 115 23.18 -14.05 52.66
CA GLY A 115 21.87 -13.41 52.49
C GLY A 115 21.40 -13.41 51.04
N VAL A 116 21.81 -14.42 50.25
CA VAL A 116 21.32 -14.68 48.86
C VAL A 116 21.23 -16.20 48.67
N THR A 117 20.09 -16.69 48.17
CA THR A 117 19.78 -18.14 48.03
C THR A 117 19.26 -18.44 46.63
N VAL A 118 19.82 -19.48 45.98
CA VAL A 118 19.38 -20.05 44.68
C VAL A 118 18.39 -21.18 44.96
N HIS A 119 17.23 -21.18 44.30
CA HIS A 119 16.10 -22.11 44.58
C HIS A 119 15.81 -23.01 43.37
N ASN A 120 16.84 -23.37 42.62
CA ASN A 120 16.79 -24.42 41.56
C ASN A 120 18.22 -24.84 41.20
N PRO A 121 18.96 -25.52 42.11
CA PRO A 121 20.32 -25.99 41.82
C PRO A 121 20.42 -26.97 40.64
N ASP A 122 19.35 -27.72 40.35
CA ASP A 122 19.28 -28.79 39.31
C ASP A 122 19.36 -28.19 37.89
N MET A 123 18.99 -26.90 37.71
CA MET A 123 18.76 -26.27 36.38
C MET A 123 20.07 -26.20 35.57
N HIS A 124 20.02 -26.63 34.31
CA HIS A 124 21.15 -26.65 33.34
C HIS A 124 21.34 -25.24 32.75
N ILE A 125 22.55 -24.68 32.88
CA ILE A 125 22.97 -23.40 32.24
C ILE A 125 23.71 -23.72 30.94
N ALA A 126 24.94 -24.23 31.04
CA ALA A 126 25.88 -24.45 29.92
C ALA A 126 26.61 -25.78 30.09
N THR A 127 27.06 -26.38 28.98
CA THR A 127 27.92 -27.61 28.94
C THR A 127 29.28 -27.20 28.37
N LEU A 128 30.37 -27.57 29.05
CA LEU A 128 31.76 -27.14 28.75
C LEU A 128 32.58 -28.33 28.23
N ASN A 129 33.83 -28.05 27.83
CA ASN A 129 34.91 -29.04 27.57
C ASN A 129 36.15 -28.61 28.35
N ASP A 130 37.21 -29.45 28.36
CA ASP A 130 38.48 -29.20 29.09
C ASP A 130 39.14 -27.91 28.58
N LYS A 131 39.00 -27.60 27.29
CA LYS A 131 39.53 -26.38 26.65
C LYS A 131 38.88 -25.14 27.27
N GLY A 132 37.56 -25.17 27.49
CA GLY A 132 36.74 -24.02 27.92
C GLY A 132 36.75 -23.82 29.42
N LYS A 133 36.80 -22.55 29.85
CA LYS A 133 36.68 -22.11 31.27
C LYS A 133 35.61 -21.00 31.35
N LEU A 134 34.54 -21.24 32.10
CA LEU A 134 33.41 -20.28 32.30
C LEU A 134 33.54 -19.62 33.67
N GLU A 135 33.85 -18.32 33.69
CA GLU A 135 33.84 -17.44 34.89
C GLU A 135 32.81 -16.32 34.63
N VAL A 136 31.67 -16.38 35.33
CA VAL A 136 30.53 -15.43 35.16
C VAL A 136 30.09 -14.93 36.54
N GLU A 137 29.98 -13.60 36.70
CA GLU A 137 29.42 -12.95 37.92
C GLU A 137 28.01 -12.44 37.58
N LEU A 138 27.03 -12.78 38.43
CA LEU A 138 25.59 -12.47 38.25
C LEU A 138 25.17 -11.45 39.31
N VAL A 139 24.83 -10.22 38.90
CA VAL A 139 24.33 -9.15 39.80
C VAL A 139 22.84 -9.38 40.04
N VAL A 140 22.44 -9.46 41.32
CA VAL A 140 21.02 -9.61 41.76
C VAL A 140 20.64 -8.36 42.57
N GLU A 141 19.40 -7.92 42.37
CA GLU A 141 18.75 -6.78 43.05
C GLU A 141 17.28 -7.14 43.33
N ARG A 142 16.73 -6.68 44.46
CA ARG A 142 15.32 -6.88 44.84
C ARG A 142 14.48 -5.81 44.15
N GLY A 143 13.48 -6.22 43.36
CA GLY A 143 12.46 -5.34 42.75
C GLY A 143 11.08 -5.96 42.84
N ARG A 144 10.16 -5.60 41.93
CA ARG A 144 8.81 -6.19 41.81
C ARG A 144 8.33 -6.10 40.36
N GLY A 145 7.55 -7.08 39.90
CA GLY A 145 7.06 -7.20 38.51
C GLY A 145 8.21 -7.41 37.54
N TYR A 146 8.13 -6.78 36.36
CA TYR A 146 9.16 -6.83 35.29
C TYR A 146 9.71 -5.43 35.04
N VAL A 147 11.01 -5.37 34.71
CA VAL A 147 11.72 -4.15 34.23
C VAL A 147 12.42 -4.51 32.92
N PRO A 148 12.54 -3.57 31.96
CA PRO A 148 13.35 -3.80 30.76
C PRO A 148 14.85 -3.81 31.11
N ALA A 149 15.64 -4.50 30.29
CA ALA A 149 17.12 -4.56 30.42
C ALA A 149 17.68 -3.14 30.39
N VAL A 150 17.83 -2.52 31.58
CA VAL A 150 18.36 -1.15 31.79
C VAL A 150 19.75 -1.04 31.13
N GLN A 151 19.98 0.05 30.38
CA GLN A 151 21.20 0.25 29.54
C GLN A 151 22.34 0.76 30.43
N ASN A 152 23.54 0.18 30.27
CA ASN A 152 24.76 0.52 31.05
C ASN A 152 25.36 1.83 30.54
N LYS A 153 24.99 2.27 29.32
CA LYS A 153 25.38 3.59 28.73
C LYS A 153 24.75 4.72 29.54
N ALA A 154 23.50 4.55 30.00
CA ALA A 154 22.73 5.53 30.81
C ALA A 154 23.39 5.69 32.19
N SER A 155 23.64 4.57 32.88
CA SER A 155 24.23 4.52 34.25
C SER A 155 25.76 4.66 34.16
N GLY A 156 26.43 4.71 35.32
CA GLY A 156 27.91 4.72 35.44
C GLY A 156 28.46 3.30 35.53
N ALA A 157 28.23 2.50 34.48
CA ALA A 157 28.61 1.07 34.38
C ALA A 157 29.55 0.87 33.18
N GLU A 158 30.50 -0.05 33.32
CA GLU A 158 31.61 -0.27 32.34
C GLU A 158 31.13 -1.19 31.20
N ILE A 159 31.95 -1.28 30.15
CA ILE A 159 31.67 -2.04 28.88
C ILE A 159 31.48 -3.53 29.17
N GLY A 160 32.16 -4.07 30.21
CA GLY A 160 32.11 -5.49 30.60
C GLY A 160 30.73 -5.94 31.06
N ARG A 161 30.00 -5.08 31.78
CA ARG A 161 28.66 -5.40 32.37
C ARG A 161 27.63 -5.59 31.26
N ILE A 162 27.01 -6.78 31.21
CA ILE A 162 25.91 -7.15 30.26
C ILE A 162 24.59 -7.05 31.01
N PRO A 163 23.68 -6.13 30.64
CA PRO A 163 22.32 -6.14 31.16
C PRO A 163 21.53 -7.38 30.71
N VAL A 164 20.61 -7.84 31.57
CA VAL A 164 19.69 -8.99 31.33
C VAL A 164 18.27 -8.57 31.74
N ASP A 165 17.27 -9.04 31.01
CA ASP A 165 15.84 -8.69 31.22
C ASP A 165 15.36 -9.34 32.53
N SER A 166 15.44 -8.59 33.63
CA SER A 166 15.11 -9.01 35.01
C SER A 166 13.60 -9.30 35.12
N ILE A 167 13.25 -10.39 35.80
CA ILE A 167 11.84 -10.75 36.14
C ILE A 167 11.75 -10.88 37.66
N TYR A 168 11.37 -9.79 38.35
CA TYR A 168 11.21 -9.73 39.83
C TYR A 168 9.85 -10.31 40.22
N SER A 169 9.52 -11.51 39.72
CA SER A 169 8.20 -12.18 39.91
C SER A 169 8.44 -13.55 40.53
N PRO A 170 8.43 -13.67 41.88
CA PRO A 170 8.67 -14.95 42.54
C PRO A 170 7.46 -15.90 42.42
N VAL A 171 6.28 -15.36 42.13
CA VAL A 171 5.09 -16.15 41.70
C VAL A 171 5.32 -16.63 40.26
N LEU A 172 4.94 -17.88 39.99
CA LEU A 172 5.01 -18.52 38.64
C LEU A 172 3.63 -18.52 38.01
N LYS A 173 2.60 -18.94 38.77
CA LYS A 173 1.21 -19.07 38.28
C LYS A 173 0.25 -18.84 39.45
N VAL A 174 -0.95 -18.29 39.17
CA VAL A 174 -2.09 -18.17 40.12
C VAL A 174 -3.39 -18.48 39.37
N THR A 175 -4.32 -19.17 40.04
CA THR A 175 -5.70 -19.39 39.51
C THR A 175 -6.67 -19.47 40.70
N TYR A 176 -7.97 -19.61 40.40
CA TYR A 176 -9.03 -19.76 41.41
C TYR A 176 -10.32 -20.30 40.77
N LYS A 177 -11.11 -21.02 41.57
CA LYS A 177 -12.52 -21.36 41.24
C LYS A 177 -13.38 -21.10 42.49
N VAL A 178 -14.64 -20.74 42.28
CA VAL A 178 -15.61 -20.43 43.37
C VAL A 178 -16.74 -21.48 43.31
N GLU A 179 -17.00 -22.13 44.46
CA GLU A 179 -18.10 -23.13 44.63
C GLU A 179 -19.40 -22.38 44.92
N ALA A 180 -20.50 -22.81 44.28
CA ALA A 180 -21.87 -22.26 44.45
C ALA A 180 -22.37 -22.53 45.88
N THR A 181 -22.05 -23.72 46.42
CA THR A 181 -22.28 -24.20 47.82
C THR A 181 -23.60 -23.67 48.39
N ARG A 182 -24.62 -24.55 48.47
CA ARG A 182 -26.03 -24.29 48.90
C ARG A 182 -26.83 -23.72 47.73
N VAL A 183 -28.15 -23.97 47.72
CA VAL A 183 -29.11 -23.53 46.67
C VAL A 183 -29.52 -22.07 46.94
N GLU A 184 -30.34 -21.50 46.05
CA GLU A 184 -30.83 -20.10 46.11
C GLU A 184 -31.58 -19.84 47.44
N GLN A 185 -32.38 -20.81 47.88
CA GLN A 185 -33.11 -20.77 49.17
C GLN A 185 -32.12 -20.93 50.34
N ARG A 186 -32.36 -20.22 51.45
CA ARG A 186 -31.53 -20.21 52.68
C ARG A 186 -30.14 -19.62 52.36
N THR A 187 -30.10 -18.30 52.14
CA THR A 187 -28.89 -17.44 51.97
C THR A 187 -27.72 -18.21 51.34
N ASP A 188 -27.65 -18.25 50.02
CA ASP A 188 -26.53 -18.86 49.26
C ASP A 188 -25.27 -17.99 49.46
N PHE A 189 -24.11 -18.62 49.59
CA PHE A 189 -22.78 -17.97 49.72
C PHE A 189 -21.82 -18.57 48.70
N ASP A 190 -20.82 -17.79 48.28
CA ASP A 190 -19.75 -18.23 47.34
C ASP A 190 -18.46 -18.44 48.14
N LYS A 191 -17.89 -19.65 48.09
CA LYS A 191 -16.55 -19.98 48.65
C LYS A 191 -15.55 -19.98 47.50
N LEU A 192 -14.51 -19.13 47.57
CA LEU A 192 -13.42 -19.11 46.55
C LEU A 192 -12.27 -19.99 47.05
N ILE A 193 -11.74 -20.84 46.16
CA ILE A 193 -10.47 -21.59 46.36
C ILE A 193 -9.49 -21.13 45.27
N ILE A 194 -8.32 -20.61 45.68
CA ILE A 194 -7.29 -20.07 44.75
C ILE A 194 -6.04 -20.96 44.85
N ASP A 195 -5.48 -21.36 43.71
CA ASP A 195 -4.15 -22.03 43.63
C ASP A 195 -3.11 -20.94 43.39
N VAL A 196 -2.10 -20.89 44.27
CA VAL A 196 -0.90 -20.01 44.13
C VAL A 196 0.32 -20.93 43.95
N GLU A 197 1.07 -20.74 42.85
CA GLU A 197 2.22 -21.56 42.44
C GLU A 197 3.43 -20.65 42.26
N THR A 198 4.40 -20.75 43.18
CA THR A 198 5.62 -19.90 43.22
C THR A 198 6.76 -20.58 42.46
N LYS A 199 7.87 -19.86 42.29
CA LYS A 199 9.12 -20.36 41.65
C LYS A 199 9.99 -21.06 42.70
N ASN A 200 9.72 -20.85 44.00
CA ASN A 200 10.45 -21.38 45.19
C ASN A 200 11.32 -20.28 45.81
N SER A 201 11.31 -19.06 45.25
CA SER A 201 11.92 -17.85 45.84
C SER A 201 11.27 -17.57 47.21
N ILE A 202 9.94 -17.63 47.26
CA ILE A 202 9.13 -17.64 48.52
C ILE A 202 8.00 -18.64 48.38
N SER A 203 7.40 -19.06 49.50
CA SER A 203 6.25 -20.00 49.57
C SER A 203 4.97 -19.27 49.18
N PRO A 204 3.92 -19.99 48.69
CA PRO A 204 2.62 -19.38 48.40
C PRO A 204 2.07 -18.48 49.51
N ARG A 205 2.16 -18.94 50.76
CA ARG A 205 1.71 -18.20 51.98
C ARG A 205 2.32 -16.80 51.97
N ASP A 206 3.65 -16.71 51.91
CA ASP A 206 4.43 -15.45 51.91
C ASP A 206 3.90 -14.53 50.80
N ALA A 207 3.77 -15.07 49.59
CA ALA A 207 3.31 -14.36 48.38
C ALA A 207 1.90 -13.81 48.62
N LEU A 208 0.95 -14.68 48.95
CA LEU A 208 -0.48 -14.32 49.16
C LEU A 208 -0.58 -13.28 50.28
N ALA A 209 0.22 -13.43 51.34
CA ALA A 209 0.34 -12.48 52.46
C ALA A 209 0.84 -11.13 51.95
N SER A 210 1.89 -11.13 51.14
CA SER A 210 2.48 -9.91 50.50
C SER A 210 1.40 -9.22 49.66
N ALA A 211 0.70 -9.98 48.81
CA ALA A 211 -0.41 -9.50 47.95
C ALA A 211 -1.50 -8.88 48.81
N GLY A 212 -2.03 -9.64 49.77
CA GLY A 212 -3.05 -9.19 50.74
C GLY A 212 -2.63 -7.90 51.42
N GLY A 213 -1.40 -7.86 51.92
CA GLY A 213 -0.75 -6.66 52.50
C GLY A 213 -0.79 -5.49 51.53
N THR A 214 -0.37 -5.73 50.28
CA THR A 214 -0.34 -4.71 49.19
C THR A 214 -1.75 -4.17 48.95
N LEU A 215 -2.75 -5.06 48.84
CA LEU A 215 -4.17 -4.69 48.64
C LEU A 215 -4.69 -3.89 49.85
N VAL A 216 -4.39 -4.34 51.07
CA VAL A 216 -4.76 -3.65 52.34
C VAL A 216 -4.15 -2.24 52.35
N GLU A 217 -2.85 -2.12 52.02
CA GLU A 217 -2.16 -0.81 51.88
C GLU A 217 -2.83 0.02 50.78
N LEU A 218 -3.25 -0.62 49.69
CA LEU A 218 -3.76 0.02 48.44
C LEU A 218 -5.22 0.47 48.60
N PHE A 219 -6.00 -0.13 49.52
CA PHE A 219 -7.39 0.34 49.85
C PHE A 219 -7.31 1.43 50.92
N GLY A 220 -7.26 2.70 50.48
CA GLY A 220 -7.29 3.90 51.33
C GLY A 220 -8.72 4.43 51.48
N LEU A 221 -9.05 4.94 52.68
CA LEU A 221 -10.38 5.52 53.02
C LEU A 221 -10.19 6.69 53.99
N MET B 1 11.09 -3.88 50.48
CA MET B 1 10.35 -4.84 49.61
C MET B 1 9.78 -4.10 48.38
N LEU B 2 8.93 -3.10 48.61
CA LEU B 2 8.30 -2.27 47.55
C LEU B 2 7.92 -0.89 48.11
N ILE B 3 7.80 0.11 47.24
CA ILE B 3 7.41 1.52 47.59
C ILE B 3 6.68 2.15 46.40
N SER B 4 5.34 2.15 46.44
CA SER B 4 4.46 2.92 45.54
C SER B 4 4.18 4.29 46.18
N GLN B 5 4.18 5.37 45.37
CA GLN B 5 4.06 6.78 45.84
C GLN B 5 2.83 7.43 45.21
N ARG B 6 1.99 8.05 46.04
CA ARG B 6 0.80 8.85 45.65
C ARG B 6 -0.25 7.94 45.01
N PRO B 7 -1.10 7.26 45.82
CA PRO B 7 -2.36 6.68 45.34
C PRO B 7 -3.57 7.54 45.76
N THR B 8 -3.49 8.85 45.50
CA THR B 8 -4.43 9.90 45.99
C THR B 8 -5.86 9.63 45.48
N LEU B 9 -6.85 9.94 46.32
CA LEU B 9 -8.31 9.78 46.07
C LEU B 9 -8.99 11.15 46.19
N SER B 10 -9.83 11.50 45.22
CA SER B 10 -10.66 12.74 45.23
C SER B 10 -12.11 12.42 44.84
N GLU B 11 -13.06 13.15 45.42
CA GLU B 11 -14.53 12.99 45.17
C GLU B 11 -15.02 14.12 44.27
N GLU B 12 -16.05 13.85 43.47
CA GLU B 12 -16.72 14.83 42.57
C GLU B 12 -18.23 14.50 42.54
N THR B 13 -19.00 15.19 43.36
CA THR B 13 -20.47 15.00 43.52
C THR B 13 -21.18 15.53 42.26
N VAL B 14 -22.14 14.76 41.74
CA VAL B 14 -22.98 15.13 40.55
C VAL B 14 -24.33 15.64 41.06
N ALA B 15 -25.05 14.77 41.79
CA ALA B 15 -26.30 15.08 42.54
C ALA B 15 -26.02 14.91 44.03
N GLU B 16 -27.05 14.97 44.87
CA GLU B 16 -26.96 14.70 46.33
C GLU B 16 -26.60 13.23 46.57
N ASN B 17 -27.13 12.32 45.73
CA ASN B 17 -27.03 10.84 45.87
C ASN B 17 -26.03 10.24 44.87
N ARG B 18 -25.68 10.96 43.79
CA ARG B 18 -24.73 10.49 42.73
C ARG B 18 -23.38 11.19 42.89
N SER B 19 -22.29 10.44 42.71
CA SER B 19 -20.89 10.93 42.81
C SER B 19 -19.97 10.17 41.85
N ARG B 20 -18.92 10.83 41.38
CA ARG B 20 -17.75 10.22 40.70
C ARG B 20 -16.54 10.36 41.63
N PHE B 21 -15.95 9.25 42.08
CA PHE B 21 -14.64 9.25 42.79
C PHE B 21 -13.55 8.96 41.76
N VAL B 22 -12.43 9.69 41.87
CA VAL B 22 -11.20 9.48 41.05
C VAL B 22 -10.07 9.07 42.00
N ILE B 23 -9.51 7.88 41.78
CA ILE B 23 -8.30 7.36 42.48
C ILE B 23 -7.16 7.38 41.45
N GLU B 24 -6.07 8.09 41.74
CA GLU B 24 -4.98 8.33 40.77
C GLU B 24 -3.66 8.58 41.49
N PRO B 25 -2.51 8.61 40.78
CA PRO B 25 -2.32 7.86 39.53
C PRO B 25 -1.70 6.48 39.85
N LEU B 26 -2.51 5.43 39.82
CA LEU B 26 -2.15 4.06 40.27
C LEU B 26 -1.13 3.45 39.31
N GLU B 27 -0.30 2.53 39.82
CA GLU B 27 0.81 1.89 39.07
C GLU B 27 0.25 0.97 37.99
N PRO B 28 0.91 0.91 36.80
CA PRO B 28 0.32 0.31 35.60
C PRO B 28 -0.33 -1.05 35.89
N GLY B 29 -1.67 -1.03 35.99
CA GLY B 29 -2.51 -2.22 36.23
C GLY B 29 -3.47 -1.99 37.39
N PHE B 30 -3.04 -1.33 38.47
CA PHE B 30 -3.75 -1.37 39.78
C PHE B 30 -5.19 -0.85 39.66
N GLY B 31 -5.50 0.00 38.68
CA GLY B 31 -6.87 0.47 38.39
C GLY B 31 -7.89 -0.66 38.42
N TYR B 32 -7.78 -1.60 37.48
CA TYR B 32 -8.71 -2.75 37.32
C TYR B 32 -8.66 -3.67 38.54
N THR B 33 -7.49 -3.81 39.18
CA THR B 33 -7.27 -4.74 40.33
C THR B 33 -8.26 -4.40 41.45
N LEU B 34 -8.30 -3.12 41.83
CA LEU B 34 -9.15 -2.60 42.93
C LEU B 34 -10.51 -2.12 42.38
N GLY B 35 -10.61 -1.82 41.08
CA GLY B 35 -11.82 -1.27 40.45
C GLY B 35 -13.03 -2.18 40.61
N ASN B 36 -13.00 -3.34 39.94
CA ASN B 36 -14.12 -4.33 39.89
C ASN B 36 -14.44 -4.82 41.30
N SER B 37 -13.42 -4.96 42.16
CA SER B 37 -13.54 -5.32 43.59
C SER B 37 -14.31 -4.21 44.33
N LEU B 38 -13.90 -2.94 44.18
CA LEU B 38 -14.58 -1.76 44.77
C LEU B 38 -16.04 -1.73 44.29
N ARG B 39 -16.25 -1.93 42.98
CA ARG B 39 -17.61 -1.97 42.39
C ARG B 39 -18.43 -3.08 43.08
N ARG B 40 -17.99 -4.34 42.93
CA ARG B 40 -18.76 -5.53 43.40
C ARG B 40 -18.95 -5.48 44.91
N THR B 41 -17.97 -4.93 45.65
CA THR B 41 -18.07 -4.61 47.10
C THR B 41 -19.19 -3.59 47.30
N LEU B 42 -19.02 -2.37 46.76
CA LEU B 42 -20.02 -1.28 46.87
C LEU B 42 -21.42 -1.86 46.63
N LEU B 43 -21.60 -2.59 45.52
CA LEU B 43 -22.89 -3.27 45.21
C LEU B 43 -23.24 -4.26 46.32
N SER B 44 -22.53 -5.39 46.39
CA SER B 44 -22.99 -6.65 47.03
C SER B 44 -22.82 -6.61 48.56
N SER B 45 -21.80 -5.92 49.07
CA SER B 45 -21.25 -6.09 50.44
C SER B 45 -22.02 -5.26 51.47
N ILE B 46 -22.13 -3.94 51.25
CA ILE B 46 -22.51 -2.93 52.30
C ILE B 46 -23.87 -3.32 52.87
N PRO B 47 -24.03 -3.37 54.21
CA PRO B 47 -25.30 -3.79 54.83
C PRO B 47 -26.36 -2.69 54.75
N GLY B 48 -27.60 -3.07 54.43
CA GLY B 48 -28.74 -2.13 54.31
C GLY B 48 -30.07 -2.84 54.46
N ALA B 49 -31.12 -2.07 54.77
CA ALA B 49 -32.52 -2.56 54.93
C ALA B 49 -33.26 -2.41 53.59
N ALA B 50 -34.27 -3.25 53.37
CA ALA B 50 -35.12 -3.24 52.16
C ALA B 50 -36.37 -4.11 52.37
N VAL B 51 -37.37 -3.90 51.52
CA VAL B 51 -38.66 -4.66 51.53
C VAL B 51 -38.43 -5.99 50.82
N THR B 52 -38.56 -7.11 51.55
CA THR B 52 -38.27 -8.49 51.05
C THR B 52 -39.53 -9.10 50.42
N SER B 53 -40.70 -8.80 50.97
CA SER B 53 -42.01 -9.37 50.55
C SER B 53 -43.15 -8.49 51.08
N ILE B 54 -44.25 -8.41 50.34
CA ILE B 54 -45.43 -7.56 50.72
C ILE B 54 -46.69 -8.43 50.69
N ARG B 55 -47.79 -7.93 51.25
CA ARG B 55 -49.14 -8.55 51.12
C ARG B 55 -50.21 -7.45 51.17
N ILE B 56 -51.15 -7.50 50.23
CA ILE B 56 -52.20 -6.48 49.95
C ILE B 56 -53.56 -7.11 50.21
N ASP B 57 -54.49 -6.34 50.80
CA ASP B 57 -55.87 -6.79 51.11
C ASP B 57 -56.64 -7.03 49.80
N GLY B 58 -57.28 -8.19 49.65
CA GLY B 58 -58.16 -8.54 48.52
C GLY B 58 -57.58 -9.62 47.63
N VAL B 59 -56.30 -9.51 47.27
CA VAL B 59 -55.62 -10.38 46.26
C VAL B 59 -55.31 -11.75 46.91
N LEU B 60 -56.13 -12.76 46.58
CA LEU B 60 -55.95 -14.19 47.01
C LEU B 60 -55.30 -14.98 45.86
N HIS B 61 -55.70 -14.74 44.61
CA HIS B 61 -55.14 -15.38 43.39
C HIS B 61 -55.47 -14.52 42.16
N GLU B 62 -55.26 -13.20 42.26
CA GLU B 62 -55.51 -12.19 41.20
C GLU B 62 -54.23 -12.02 40.36
N PHE B 63 -54.36 -11.37 39.19
CA PHE B 63 -53.25 -11.18 38.21
C PHE B 63 -52.38 -10.00 38.66
N THR B 64 -52.95 -8.78 38.62
CA THR B 64 -52.27 -7.52 39.05
C THR B 64 -53.27 -6.37 39.10
N THR B 65 -54.38 -6.55 39.83
CA THR B 65 -55.46 -5.55 40.04
C THR B 65 -55.79 -5.46 41.54
N VAL B 66 -55.94 -4.23 42.05
CA VAL B 66 -56.31 -3.93 43.46
C VAL B 66 -57.59 -3.07 43.44
N PRO B 67 -58.67 -3.45 44.16
CA PRO B 67 -59.89 -2.64 44.21
C PRO B 67 -59.65 -1.21 44.75
N GLY B 68 -59.99 -0.20 43.93
CA GLY B 68 -60.07 1.22 44.34
C GLY B 68 -58.75 1.96 44.18
N VAL B 69 -57.85 1.51 43.29
CA VAL B 69 -56.59 2.23 42.91
C VAL B 69 -56.43 2.18 41.39
N LYS B 70 -55.80 3.20 40.81
CA LYS B 70 -55.59 3.31 39.33
C LYS B 70 -54.46 2.37 38.88
N GLU B 71 -53.40 2.24 39.69
CA GLU B 71 -52.16 1.50 39.35
C GLU B 71 -52.39 -0.02 39.50
N ASP B 72 -51.40 -0.81 39.07
CA ASP B 72 -51.41 -2.30 39.09
C ASP B 72 -50.46 -2.80 40.18
N VAL B 73 -50.65 -4.06 40.61
CA VAL B 73 -49.86 -4.75 41.68
C VAL B 73 -48.37 -4.70 41.30
N THR B 74 -48.06 -4.95 40.02
CA THR B 74 -46.70 -4.89 39.43
C THR B 74 -46.10 -3.50 39.65
N ASP B 75 -46.86 -2.45 39.29
CA ASP B 75 -46.42 -1.03 39.39
C ASP B 75 -46.25 -0.66 40.86
N ILE B 76 -47.18 -1.10 41.72
CA ILE B 76 -47.12 -0.92 43.20
C ILE B 76 -45.82 -1.56 43.72
N ILE B 77 -45.60 -2.84 43.39
CA ILE B 77 -44.37 -3.60 43.72
C ILE B 77 -43.15 -2.79 43.25
N LEU B 78 -43.15 -2.35 41.99
CA LEU B 78 -42.06 -1.54 41.37
C LEU B 78 -41.83 -0.25 42.18
N ASN B 79 -42.91 0.40 42.64
CA ASN B 79 -42.84 1.64 43.47
C ASN B 79 -42.29 1.30 44.86
N LEU B 80 -42.63 0.13 45.40
CA LEU B 80 -42.27 -0.31 46.78
C LEU B 80 -40.80 -0.78 46.82
N LYS B 81 -40.32 -1.44 45.76
CA LYS B 81 -38.88 -1.78 45.61
C LYS B 81 -38.03 -0.51 45.77
N GLY B 82 -38.53 0.61 45.25
CA GLY B 82 -37.93 1.95 45.40
C GLY B 82 -37.97 2.46 46.84
N LEU B 83 -38.96 2.05 47.64
CA LEU B 83 -39.13 2.49 49.05
C LEU B 83 -37.88 2.14 49.85
N VAL B 84 -36.99 3.12 50.05
CA VAL B 84 -35.69 2.96 50.77
C VAL B 84 -35.94 3.12 52.27
N VAL B 85 -35.26 2.30 53.08
CA VAL B 85 -35.46 2.18 54.55
C VAL B 85 -34.10 1.89 55.22
N SER B 86 -33.98 2.19 56.52
CA SER B 86 -32.81 1.85 57.38
C SER B 86 -33.30 1.33 58.74
N SER B 87 -33.01 0.07 59.05
CA SER B 87 -33.42 -0.66 60.28
C SER B 87 -32.18 -0.98 61.13
N ASP B 88 -32.40 -1.29 62.41
CA ASP B 88 -31.35 -1.69 63.39
C ASP B 88 -31.80 -2.98 64.09
N ASP B 89 -32.27 -3.96 63.32
CA ASP B 89 -32.93 -5.21 63.81
C ASP B 89 -32.04 -6.42 63.51
N ASP B 90 -31.68 -6.63 62.23
CA ASP B 90 -31.07 -7.87 61.69
C ASP B 90 -32.08 -9.01 61.87
N GLU B 91 -33.32 -8.77 61.43
CA GLU B 91 -34.47 -9.71 61.51
C GLU B 91 -35.62 -9.15 60.67
N PRO B 92 -36.61 -9.98 60.26
CA PRO B 92 -37.71 -9.51 59.42
C PRO B 92 -38.72 -8.67 60.21
N VAL B 93 -38.57 -7.35 60.17
CA VAL B 93 -39.47 -6.37 60.87
C VAL B 93 -40.62 -6.02 59.91
N THR B 94 -41.86 -6.11 60.40
CA THR B 94 -43.11 -5.94 59.61
C THR B 94 -43.64 -4.52 59.79
N MET B 95 -43.93 -3.82 58.68
CA MET B 95 -44.52 -2.46 58.64
C MET B 95 -45.88 -2.52 57.95
N TYR B 96 -46.81 -1.65 58.34
CA TYR B 96 -48.19 -1.58 57.81
C TYR B 96 -48.43 -0.18 57.21
N LEU B 97 -48.97 -0.13 55.99
CA LEU B 97 -49.37 1.13 55.27
C LEU B 97 -50.86 1.04 54.94
N ARG B 98 -51.67 1.95 55.49
CA ARG B 98 -53.14 2.03 55.27
C ARG B 98 -53.53 3.46 54.89
N LYS B 99 -54.31 3.62 53.81
CA LYS B 99 -54.88 4.93 53.37
C LYS B 99 -56.26 4.69 52.74
N GLN B 100 -57.24 5.52 53.09
CA GLN B 100 -58.66 5.42 52.65
C GLN B 100 -59.03 6.64 51.80
N GLY B 101 -60.08 6.51 50.98
CA GLY B 101 -60.63 7.60 50.16
C GLY B 101 -59.82 7.84 48.88
N PRO B 102 -60.14 8.91 48.11
CA PRO B 102 -59.45 9.18 46.84
C PRO B 102 -58.07 9.84 47.01
N GLY B 103 -57.36 10.01 45.88
CA GLY B 103 -56.10 10.77 45.79
C GLY B 103 -54.89 9.87 45.61
N VAL B 104 -53.92 9.98 46.51
CA VAL B 104 -52.56 9.37 46.41
C VAL B 104 -52.15 8.80 47.77
N VAL B 105 -51.19 7.87 47.80
CA VAL B 105 -50.48 7.43 49.04
C VAL B 105 -48.98 7.74 48.87
N THR B 106 -48.46 8.62 49.72
CA THR B 106 -47.03 9.06 49.77
C THR B 106 -46.28 8.17 50.77
N ALA B 107 -44.95 8.23 50.79
CA ALA B 107 -44.08 7.40 51.65
C ALA B 107 -44.23 7.79 53.12
N GLY B 108 -44.50 9.07 53.42
CA GLY B 108 -44.71 9.60 54.78
C GLY B 108 -45.94 9.04 55.47
N ASP B 109 -46.93 8.58 54.69
CA ASP B 109 -48.24 8.05 55.19
C ASP B 109 -48.04 6.70 55.91
N ILE B 110 -46.92 5.99 55.67
CA ILE B 110 -46.58 4.73 56.39
C ILE B 110 -46.19 5.08 57.84
N VAL B 111 -46.38 4.13 58.76
CA VAL B 111 -46.05 4.26 60.21
C VAL B 111 -44.97 3.23 60.55
N PRO B 112 -43.67 3.62 60.52
CA PRO B 112 -42.58 2.67 60.75
C PRO B 112 -42.42 2.35 62.24
N PRO B 113 -42.30 1.05 62.63
CA PRO B 113 -42.10 0.68 64.02
C PRO B 113 -40.68 1.04 64.53
N ALA B 114 -40.48 0.97 65.85
CA ALA B 114 -39.26 1.40 66.57
C ALA B 114 -38.01 0.76 65.94
N GLY B 115 -37.04 1.59 65.53
CA GLY B 115 -35.79 1.16 64.88
C GLY B 115 -35.74 1.57 63.41
N VAL B 116 -36.84 1.34 62.68
CA VAL B 116 -36.94 1.59 61.20
C VAL B 116 -37.28 3.07 60.98
N THR B 117 -36.71 3.68 59.93
CA THR B 117 -36.96 5.08 59.52
C THR B 117 -36.88 5.18 57.98
N VAL B 118 -37.87 5.86 57.37
CA VAL B 118 -37.91 6.19 55.92
C VAL B 118 -37.25 7.56 55.73
N HIS B 119 -36.27 7.65 54.82
CA HIS B 119 -35.41 8.85 54.60
C HIS B 119 -36.09 9.85 53.65
N ASN B 120 -36.98 9.38 52.76
CA ASN B 120 -37.72 10.21 51.78
C ASN B 120 -39.23 9.97 51.96
N PRO B 121 -39.91 10.71 52.86
CA PRO B 121 -41.36 10.64 52.98
C PRO B 121 -42.13 11.18 51.75
N ASP B 122 -41.50 12.06 50.96
CA ASP B 122 -42.08 12.64 49.72
C ASP B 122 -41.74 11.73 48.53
N MET B 123 -42.30 10.52 48.51
CA MET B 123 -42.12 9.50 47.44
C MET B 123 -43.46 8.81 47.18
N HIS B 124 -43.87 8.78 45.90
CA HIS B 124 -45.17 8.22 45.44
C HIS B 124 -45.15 6.69 45.56
N ILE B 125 -46.31 6.10 45.87
CA ILE B 125 -46.55 4.62 45.87
C ILE B 125 -47.68 4.29 44.90
N ALA B 126 -48.87 4.85 45.10
CA ALA B 126 -50.11 4.49 44.37
C ALA B 126 -51.15 5.63 44.43
N THR B 127 -52.04 5.67 43.42
CA THR B 127 -53.16 6.62 43.26
C THR B 127 -54.48 5.89 43.54
N LEU B 128 -55.19 6.29 44.61
CA LEU B 128 -56.45 5.67 45.08
C LEU B 128 -57.65 6.40 44.45
N ASN B 129 -58.65 5.63 44.00
CA ASN B 129 -59.93 6.12 43.43
C ASN B 129 -60.93 6.36 44.57
N ASP B 130 -62.09 6.94 44.24
CA ASP B 130 -63.19 7.23 45.21
C ASP B 130 -63.85 5.92 45.64
N LYS B 131 -64.25 5.83 46.92
CA LYS B 131 -64.92 4.65 47.54
C LYS B 131 -63.96 3.46 47.52
N GLY B 132 -62.80 3.62 48.18
CA GLY B 132 -61.76 2.58 48.29
C GLY B 132 -60.79 2.83 49.43
N LYS B 133 -60.19 1.77 49.98
CA LYS B 133 -59.17 1.84 51.06
C LYS B 133 -58.07 0.80 50.78
N LEU B 134 -56.81 1.27 50.71
CA LEU B 134 -55.60 0.42 50.56
C LEU B 134 -55.03 0.13 51.95
N GLU B 135 -54.85 -1.16 52.28
CA GLU B 135 -54.19 -1.65 53.52
C GLU B 135 -53.17 -2.72 53.12
N VAL B 136 -51.88 -2.35 53.05
CA VAL B 136 -50.76 -3.22 52.58
C VAL B 136 -49.77 -3.40 53.74
N GLU B 137 -49.28 -4.65 53.91
CA GLU B 137 -48.25 -5.04 54.90
C GLU B 137 -46.94 -5.30 54.15
N LEU B 138 -45.88 -4.58 54.53
CA LEU B 138 -44.51 -4.67 53.95
C LEU B 138 -43.59 -5.36 54.96
N VAL B 139 -42.91 -6.43 54.55
CA VAL B 139 -41.87 -7.14 55.37
C VAL B 139 -40.51 -6.52 55.04
N VAL B 140 -39.98 -5.70 55.95
CA VAL B 140 -38.64 -5.06 55.86
C VAL B 140 -37.61 -6.02 56.47
N GLU B 141 -36.51 -6.27 55.75
CA GLU B 141 -35.36 -7.07 56.22
C GLU B 141 -34.08 -6.23 56.07
N ARG B 142 -33.12 -6.44 56.97
CA ARG B 142 -31.69 -6.08 56.76
C ARG B 142 -31.07 -7.13 55.84
N GLY B 143 -30.01 -6.76 55.12
CA GLY B 143 -29.25 -7.67 54.24
C GLY B 143 -28.14 -6.96 53.50
N ARG B 144 -27.57 -7.64 52.49
CA ARG B 144 -26.39 -7.18 51.71
C ARG B 144 -26.64 -7.48 50.23
N GLY B 145 -26.35 -6.51 49.36
CA GLY B 145 -26.43 -6.64 47.89
C GLY B 145 -27.86 -6.76 47.40
N TYR B 146 -28.04 -7.45 46.27
CA TYR B 146 -29.34 -7.70 45.60
C TYR B 146 -29.74 -9.16 45.83
N VAL B 147 -31.01 -9.40 46.20
CA VAL B 147 -31.56 -10.76 46.45
C VAL B 147 -32.90 -10.88 45.74
N PRO B 148 -33.01 -11.71 44.67
CA PRO B 148 -34.29 -11.92 43.98
C PRO B 148 -35.42 -12.48 44.86
N ALA B 149 -36.61 -12.62 44.27
CA ALA B 149 -37.85 -13.12 44.92
C ALA B 149 -37.60 -14.50 45.54
N VAL B 150 -37.60 -14.57 46.87
CA VAL B 150 -37.36 -15.83 47.66
C VAL B 150 -38.67 -16.62 47.73
N GLN B 151 -38.60 -17.93 47.42
CA GLN B 151 -39.72 -18.91 47.54
C GLN B 151 -39.26 -20.03 48.49
N ASN B 152 -39.10 -19.71 49.78
CA ASN B 152 -38.57 -20.60 50.84
C ASN B 152 -39.70 -21.01 51.79
N LYS B 153 -40.83 -21.48 51.22
CA LYS B 153 -42.05 -21.92 51.97
C LYS B 153 -42.61 -20.77 52.81
N ALA B 154 -42.53 -19.54 52.30
CA ALA B 154 -43.06 -18.30 52.91
C ALA B 154 -43.97 -17.58 51.91
N SER B 155 -43.42 -17.25 50.73
CA SER B 155 -44.14 -16.63 49.58
C SER B 155 -45.08 -17.65 48.92
N GLY B 156 -44.58 -18.86 48.67
CA GLY B 156 -45.31 -19.95 48.00
C GLY B 156 -46.45 -20.51 48.85
N ALA B 157 -46.22 -20.71 50.15
CA ALA B 157 -47.14 -21.38 51.10
C ALA B 157 -48.34 -20.46 51.42
N GLU B 158 -48.06 -19.22 51.85
CA GLU B 158 -49.09 -18.25 52.31
C GLU B 158 -49.96 -17.80 51.13
N ILE B 159 -51.22 -17.41 51.43
CA ILE B 159 -52.26 -17.07 50.42
C ILE B 159 -52.01 -15.66 49.89
N GLY B 160 -52.11 -14.64 50.76
CA GLY B 160 -52.05 -13.21 50.40
C GLY B 160 -50.64 -12.68 50.26
N ARG B 161 -49.62 -13.45 50.66
CA ARG B 161 -48.18 -13.04 50.61
C ARG B 161 -47.72 -12.99 49.15
N ILE B 162 -46.88 -12.00 48.81
CA ILE B 162 -46.18 -11.89 47.49
C ILE B 162 -44.74 -11.45 47.74
N PRO B 163 -43.73 -12.17 47.21
CA PRO B 163 -42.33 -11.80 47.38
C PRO B 163 -41.88 -10.74 46.36
N VAL B 164 -40.91 -9.90 46.73
CA VAL B 164 -40.35 -8.82 45.86
C VAL B 164 -38.82 -8.90 45.92
N ASP B 165 -38.15 -8.53 44.82
CA ASP B 165 -36.67 -8.57 44.69
C ASP B 165 -36.07 -7.48 45.59
N SER B 166 -35.34 -7.89 46.63
CA SER B 166 -34.76 -7.01 47.67
C SER B 166 -33.47 -6.37 47.16
N ILE B 167 -33.44 -5.03 47.13
CA ILE B 167 -32.23 -4.19 46.88
C ILE B 167 -31.75 -3.66 48.24
N TYR B 168 -31.13 -4.52 49.05
CA TYR B 168 -30.56 -4.15 50.37
C TYR B 168 -29.51 -3.05 50.18
N SER B 169 -28.64 -3.23 49.18
CA SER B 169 -27.52 -2.34 48.80
C SER B 169 -27.94 -0.87 48.91
N PRO B 170 -27.33 -0.07 49.82
CA PRO B 170 -27.52 1.38 49.81
C PRO B 170 -27.15 2.05 48.50
N VAL B 171 -26.15 1.51 47.77
CA VAL B 171 -25.78 1.96 46.39
C VAL B 171 -26.69 1.23 45.40
N LEU B 172 -27.16 1.93 44.37
CA LEU B 172 -28.07 1.40 43.32
C LEU B 172 -27.24 0.95 42.11
N LYS B 173 -26.53 1.89 41.50
CA LYS B 173 -25.74 1.70 40.25
C LYS B 173 -24.33 2.25 40.49
N VAL B 174 -23.33 1.37 40.57
CA VAL B 174 -21.89 1.73 40.52
C VAL B 174 -21.32 1.15 39.23
N THR B 175 -20.79 2.01 38.36
CA THR B 175 -19.93 1.65 37.19
C THR B 175 -18.56 2.31 37.41
N TYR B 176 -17.61 2.01 36.53
CA TYR B 176 -16.20 2.50 36.63
C TYR B 176 -15.51 2.35 35.28
N LYS B 177 -14.53 3.22 35.02
CA LYS B 177 -13.58 3.13 33.88
C LYS B 177 -12.19 3.53 34.37
N VAL B 178 -11.17 3.26 33.55
CA VAL B 178 -9.75 3.61 33.82
C VAL B 178 -9.17 4.27 32.56
N GLU B 179 -8.29 5.26 32.75
CA GLU B 179 -7.49 5.91 31.67
C GLU B 179 -6.01 5.93 32.09
N ALA B 180 -5.12 5.85 31.11
CA ALA B 180 -3.67 6.09 31.27
C ALA B 180 -3.44 7.55 31.68
N THR B 181 -2.49 7.79 32.58
CA THR B 181 -2.04 9.15 32.99
C THR B 181 -0.53 9.10 33.25
N ARG B 182 0.25 9.93 32.55
CA ARG B 182 1.71 10.09 32.78
C ARG B 182 1.90 10.61 34.23
N VAL B 183 2.92 10.10 34.93
CA VAL B 183 3.18 10.42 36.36
C VAL B 183 4.57 11.05 36.51
N GLU B 184 5.60 10.45 35.88
CA GLU B 184 7.01 10.90 35.93
C GLU B 184 7.59 10.81 34.51
N GLN B 185 7.59 9.60 33.94
CA GLN B 185 8.05 9.30 32.56
C GLN B 185 7.03 8.37 31.88
N ARG B 186 6.84 7.18 32.46
CA ARG B 186 5.99 6.09 31.89
C ARG B 186 4.52 6.53 31.88
N THR B 187 3.77 6.10 30.86
CA THR B 187 2.28 6.14 30.78
C THR B 187 1.73 4.72 30.93
N ASP B 188 0.41 4.59 31.06
CA ASP B 188 -0.35 3.34 31.35
C ASP B 188 -0.56 3.21 32.86
N PHE B 189 0.02 4.11 33.68
CA PHE B 189 -0.39 4.38 35.08
C PHE B 189 -1.88 4.71 35.09
N ASP B 190 -2.68 3.88 35.77
CA ASP B 190 -4.17 3.88 35.64
C ASP B 190 -4.76 4.91 36.60
N LYS B 191 -5.67 5.76 36.10
CA LYS B 191 -6.53 6.65 36.93
C LYS B 191 -7.95 6.05 36.94
N LEU B 192 -8.36 5.51 38.09
CA LEU B 192 -9.72 4.92 38.28
C LEU B 192 -10.74 6.06 38.36
N ILE B 193 -11.69 6.08 37.43
CA ILE B 193 -12.94 6.91 37.46
C ILE B 193 -14.08 5.99 37.87
N ILE B 194 -14.52 6.06 39.13
CA ILE B 194 -15.60 5.17 39.67
C ILE B 194 -16.86 6.01 39.91
N ASP B 195 -17.92 5.69 39.16
CA ASP B 195 -19.23 6.39 39.11
C ASP B 195 -20.21 5.62 40.00
N VAL B 196 -20.80 6.29 41.00
CA VAL B 196 -21.72 5.67 42.00
C VAL B 196 -22.99 6.52 42.12
N GLU B 197 -24.15 5.85 42.08
CA GLU B 197 -25.49 6.41 42.39
C GLU B 197 -26.03 5.67 43.62
N THR B 198 -26.04 6.34 44.78
CA THR B 198 -26.52 5.80 46.08
C THR B 198 -28.01 6.12 46.23
N LYS B 199 -28.67 5.52 47.23
CA LYS B 199 -29.98 5.97 47.75
C LYS B 199 -29.71 7.03 48.83
N ASN B 200 -30.70 7.88 49.11
CA ASN B 200 -30.57 9.08 49.99
C ASN B 200 -30.02 8.72 51.37
N SER B 201 -30.33 7.51 51.88
CA SER B 201 -29.97 6.99 53.23
C SER B 201 -28.50 7.34 53.58
N ILE B 202 -27.54 6.71 52.89
CA ILE B 202 -26.07 6.84 53.16
C ILE B 202 -25.45 7.72 52.07
N SER B 203 -24.33 8.38 52.39
CA SER B 203 -23.54 9.23 51.46
C SER B 203 -22.52 8.39 50.71
N PRO B 204 -22.32 8.65 49.39
CA PRO B 204 -21.33 7.92 48.58
C PRO B 204 -19.98 7.72 49.27
N ARG B 205 -19.45 8.78 49.90
CA ARG B 205 -18.16 8.75 50.64
C ARG B 205 -18.25 7.70 51.76
N ASP B 206 -19.37 7.69 52.51
CA ASP B 206 -19.61 6.74 53.64
C ASP B 206 -19.77 5.32 53.09
N ALA B 207 -20.50 5.16 51.97
CA ALA B 207 -20.65 3.86 51.26
C ALA B 207 -19.26 3.34 50.85
N LEU B 208 -18.47 4.18 50.15
CA LEU B 208 -17.10 3.84 49.70
C LEU B 208 -16.20 3.52 50.91
N ALA B 209 -16.36 4.27 52.00
CA ALA B 209 -15.63 4.06 53.28
C ALA B 209 -16.02 2.69 53.88
N SER B 210 -17.31 2.33 53.81
CA SER B 210 -17.83 1.01 54.26
C SER B 210 -17.27 -0.11 53.38
N ALA B 211 -17.32 0.05 52.06
CA ALA B 211 -16.77 -0.89 51.06
C ALA B 211 -15.27 -1.11 51.31
N GLY B 212 -14.51 -0.01 51.35
CA GLY B 212 -13.09 0.01 51.73
C GLY B 212 -12.86 -0.68 53.06
N GLY B 213 -13.74 -0.42 54.03
CA GLY B 213 -13.76 -1.08 55.36
C GLY B 213 -13.85 -2.59 55.25
N THR B 214 -14.90 -3.10 54.60
CA THR B 214 -15.14 -4.57 54.45
C THR B 214 -14.00 -5.18 53.61
N LEU B 215 -13.51 -4.48 52.59
CA LEU B 215 -12.39 -4.97 51.72
C LEU B 215 -11.09 -5.08 52.55
N VAL B 216 -10.70 -3.99 53.22
CA VAL B 216 -9.44 -3.93 54.03
C VAL B 216 -9.55 -4.92 55.20
N GLU B 217 -10.74 -5.01 55.82
CA GLU B 217 -11.07 -6.01 56.87
C GLU B 217 -10.96 -7.43 56.30
N LEU B 218 -11.35 -7.63 55.04
CA LEU B 218 -11.26 -8.94 54.33
C LEU B 218 -9.79 -9.30 54.08
N PHE B 219 -9.06 -8.46 53.32
CA PHE B 219 -7.66 -8.73 52.91
C PHE B 219 -6.70 -8.61 54.11
N GLY B 220 -7.15 -8.02 55.22
CA GLY B 220 -6.48 -8.14 56.54
C GLY B 220 -6.18 -9.59 56.89
N LEU B 221 -7.15 -10.49 56.64
CA LEU B 221 -7.03 -11.96 56.84
C LEU B 221 -5.80 -12.49 56.09
N ALA B 222 -5.59 -12.04 54.85
CA ALA B 222 -4.43 -12.41 54.01
C ALA B 222 -3.16 -11.72 54.55
N ARG B 223 -3.20 -10.40 54.73
CA ARG B 223 -2.07 -9.57 55.25
C ARG B 223 -1.49 -10.22 56.52
N GLU B 224 -2.35 -10.63 57.45
CA GLU B 224 -1.99 -11.16 58.80
C GLU B 224 -0.97 -12.32 58.70
N LEU B 225 -1.11 -13.19 57.69
CA LEU B 225 -0.37 -14.48 57.55
C LEU B 225 1.14 -14.29 57.76
N ASN B 226 1.73 -13.25 57.17
CA ASN B 226 3.20 -12.97 57.20
C ASN B 226 3.42 -11.52 57.63
N ALA B 227 3.01 -10.56 56.80
CA ALA B 227 3.19 -9.10 56.98
C ALA B 227 4.69 -8.76 57.07
N ASP B 228 5.45 -9.17 56.04
CA ASP B 228 6.92 -8.96 55.93
C ASP B 228 7.21 -8.02 54.74
N SER B 229 6.87 -8.45 53.52
CA SER B 229 7.10 -7.74 52.24
C SER B 229 5.85 -6.93 51.87
N GLU B 230 5.96 -5.60 51.88
CA GLU B 230 4.82 -4.64 51.80
C GLU B 230 5.12 -3.50 50.82
N HIS B 231 4.16 -2.61 50.63
CA HIS B 231 4.25 -1.35 49.82
C HIS B 231 4.06 -0.13 50.73
N ILE B 232 4.32 1.07 50.19
CA ILE B 232 4.34 2.37 50.94
C ILE B 232 3.03 3.13 50.70
N GLU B 233 2.89 4.28 51.36
CA GLU B 233 1.73 5.21 51.24
C GLU B 233 2.24 6.65 51.05
N ASN C 21 10.61 -40.36 9.16
CA ASN C 21 10.69 -41.40 8.10
C ASN C 21 11.62 -40.91 6.96
N SER C 22 12.66 -41.69 6.65
CA SER C 22 13.65 -41.48 5.55
C SER C 22 14.86 -40.66 6.06
N VAL C 23 14.62 -39.61 6.85
CA VAL C 23 15.70 -38.74 7.42
C VAL C 23 16.45 -39.56 8.47
N PRO C 24 17.81 -39.61 8.46
CA PRO C 24 18.57 -40.52 9.32
C PRO C 24 18.30 -40.36 10.84
N GLY C 25 18.50 -39.16 11.38
CA GLY C 25 18.39 -38.85 12.82
C GLY C 25 17.64 -37.56 13.07
N ALA C 26 16.33 -37.56 12.80
CA ALA C 26 15.40 -36.42 13.01
C ALA C 26 14.60 -36.66 14.29
N PRO C 27 14.15 -35.60 14.99
CA PRO C 27 13.28 -35.75 16.16
C PRO C 27 11.87 -36.19 15.72
N ASN C 28 11.35 -37.27 16.33
CA ASN C 28 10.13 -37.98 15.86
C ASN C 28 8.93 -37.04 15.95
N ARG C 29 8.42 -36.62 14.78
CA ARG C 29 7.18 -35.81 14.62
C ARG C 29 6.08 -36.74 14.07
N VAL C 30 5.12 -37.11 14.91
CA VAL C 30 3.98 -38.02 14.56
C VAL C 30 3.19 -37.37 13.41
N SER C 31 2.84 -38.15 12.39
CA SER C 31 2.30 -37.67 11.09
C SER C 31 0.83 -38.07 10.94
N PHE C 32 0.02 -37.20 10.32
CA PHE C 32 -1.39 -37.45 9.93
C PHE C 32 -1.43 -37.83 8.43
N ALA C 33 -0.51 -38.70 8.00
CA ALA C 33 -0.37 -39.17 6.61
C ALA C 33 -1.16 -40.47 6.44
N LYS C 34 -2.15 -40.47 5.54
CA LYS C 34 -3.07 -41.62 5.30
C LYS C 34 -2.40 -42.59 4.32
N LEU C 35 -1.97 -42.07 3.16
CA LEU C 35 -1.22 -42.83 2.12
C LEU C 35 0.27 -42.90 2.51
N ARG C 36 1.01 -43.84 1.91
CA ARG C 36 2.49 -43.99 2.03
C ARG C 36 3.15 -43.15 0.93
N GLU C 37 4.22 -42.43 1.28
CA GLU C 37 5.01 -41.59 0.33
C GLU C 37 5.74 -42.49 -0.66
N PRO C 38 5.38 -42.49 -1.97
CA PRO C 38 6.11 -43.29 -2.96
C PRO C 38 7.49 -42.68 -3.24
N LEU C 39 7.51 -41.40 -3.63
CA LEU C 39 8.73 -40.62 -3.95
C LEU C 39 9.11 -39.76 -2.74
N GLU C 40 10.37 -39.89 -2.30
CA GLU C 40 10.99 -39.01 -1.25
C GLU C 40 11.12 -37.59 -1.82
N VAL C 41 11.05 -36.58 -0.94
CA VAL C 41 11.14 -35.13 -1.30
C VAL C 41 12.56 -34.88 -1.81
N PRO C 42 12.76 -34.59 -3.12
CA PRO C 42 14.10 -34.50 -3.70
C PRO C 42 14.83 -33.21 -3.31
N GLY C 43 16.13 -33.15 -3.63
CA GLY C 43 17.01 -31.99 -3.38
C GLY C 43 16.33 -30.69 -3.74
N LEU C 44 16.07 -29.84 -2.73
CA LEU C 44 15.31 -28.57 -2.90
C LEU C 44 16.21 -27.47 -3.49
N LEU C 45 17.50 -27.76 -3.72
CA LEU C 45 18.46 -26.86 -4.41
C LEU C 45 18.97 -27.49 -5.71
N ASP C 46 18.25 -28.50 -6.23
CA ASP C 46 18.62 -29.23 -7.47
C ASP C 46 18.58 -28.29 -8.67
N VAL C 47 17.56 -27.43 -8.76
CA VAL C 47 17.30 -26.54 -9.94
C VAL C 47 18.39 -25.46 -10.02
N GLN C 48 19.09 -25.19 -8.92
CA GLN C 48 20.32 -24.38 -8.88
C GLN C 48 21.53 -25.28 -9.16
N THR C 49 21.82 -26.22 -8.26
CA THR C 49 23.10 -26.98 -8.24
C THR C 49 23.27 -27.80 -9.53
N ASP C 50 22.27 -28.61 -9.87
CA ASP C 50 22.29 -29.54 -11.05
C ASP C 50 22.56 -28.76 -12.34
N SER C 51 21.83 -27.67 -12.56
CA SER C 51 22.00 -26.72 -13.69
C SER C 51 23.45 -26.23 -13.74
N PHE C 52 23.98 -25.77 -12.61
CA PHE C 52 25.34 -25.20 -12.53
C PHE C 52 26.40 -26.29 -12.75
N GLU C 53 26.11 -27.53 -12.32
CA GLU C 53 26.96 -28.72 -12.59
C GLU C 53 26.89 -29.08 -14.09
N TRP C 54 25.73 -28.87 -14.72
CA TRP C 54 25.54 -28.99 -16.20
C TRP C 54 26.34 -27.89 -16.90
N LEU C 55 26.40 -26.67 -16.34
CA LEU C 55 27.21 -25.57 -16.90
C LEU C 55 28.70 -25.90 -16.78
N VAL C 56 29.16 -26.14 -15.54
CA VAL C 56 30.58 -26.46 -15.19
C VAL C 56 31.03 -27.72 -15.94
N GLY C 57 30.13 -28.70 -16.10
CA GLY C 57 30.45 -30.03 -16.64
C GLY C 57 31.02 -30.92 -15.54
N SER C 58 30.35 -30.94 -14.37
CA SER C 58 30.79 -31.65 -13.15
C SER C 58 30.50 -33.15 -13.26
N ASP C 59 31.20 -33.95 -12.44
CA ASP C 59 31.20 -35.44 -12.50
C ASP C 59 29.82 -35.96 -12.10
N ARG C 60 29.27 -35.44 -10.99
CA ARG C 60 27.94 -35.82 -10.43
C ARG C 60 26.86 -35.66 -11.51
N TRP C 61 26.89 -34.55 -12.26
CA TRP C 61 26.02 -34.31 -13.44
C TRP C 61 26.40 -35.29 -14.57
N ARG C 62 27.68 -35.31 -14.95
CA ARG C 62 28.22 -36.14 -16.07
C ARG C 62 27.67 -37.56 -15.96
N GLN C 63 27.79 -38.17 -14.78
CA GLN C 63 27.29 -39.55 -14.48
C GLN C 63 25.77 -39.63 -14.70
N ALA C 64 25.02 -38.62 -14.24
CA ALA C 64 23.55 -38.54 -14.36
C ALA C 64 23.13 -38.42 -15.82
N ALA C 65 23.92 -37.68 -16.62
CA ALA C 65 23.73 -37.50 -18.08
C ALA C 65 24.08 -38.80 -18.82
N ILE C 66 25.17 -39.46 -18.39
CA ILE C 66 25.58 -40.81 -18.91
C ILE C 66 24.45 -41.81 -18.62
N ASP C 67 23.87 -41.80 -17.41
CA ASP C 67 22.82 -42.74 -16.97
C ASP C 67 21.49 -42.40 -17.68
N ARG C 68 20.89 -41.24 -17.33
CA ARG C 68 19.53 -40.84 -17.76
C ARG C 68 19.54 -40.37 -19.22
N GLY C 69 18.71 -40.98 -20.06
CA GLY C 69 18.42 -40.53 -21.44
C GLY C 69 19.56 -40.85 -22.40
N GLU C 70 20.00 -39.84 -23.16
CA GLU C 70 20.97 -39.97 -24.29
C GLU C 70 22.38 -40.23 -23.73
N GLU C 71 23.19 -40.99 -24.48
CA GLU C 71 24.52 -41.52 -24.06
C GLU C 71 25.65 -40.71 -24.72
N ASN C 72 25.62 -39.38 -24.59
CA ASN C 72 26.68 -38.46 -25.10
C ASN C 72 26.57 -37.12 -24.38
N PRO C 73 27.21 -36.94 -23.21
CA PRO C 73 27.09 -35.71 -22.43
C PRO C 73 28.02 -34.57 -22.90
N VAL C 74 27.51 -33.33 -22.89
CA VAL C 74 28.26 -32.09 -23.24
C VAL C 74 27.85 -30.99 -22.26
N GLY C 75 28.84 -30.43 -21.52
CA GLY C 75 28.63 -29.35 -20.53
C GLY C 75 28.23 -28.04 -21.20
N GLY C 76 27.66 -27.10 -20.45
CA GLY C 76 27.22 -25.78 -20.95
C GLY C 76 28.34 -25.03 -21.63
N LEU C 77 29.48 -24.89 -20.93
CA LEU C 77 30.71 -24.24 -21.46
C LEU C 77 31.22 -25.01 -22.69
N GLU C 78 31.22 -26.35 -22.62
CA GLU C 78 31.65 -27.23 -23.75
C GLU C 78 30.78 -26.95 -24.97
N GLU C 79 29.46 -26.80 -24.79
CA GLU C 79 28.47 -26.47 -25.84
C GLU C 79 28.74 -25.05 -26.37
N VAL C 80 28.80 -24.06 -25.47
CA VAL C 80 28.93 -22.61 -25.84
C VAL C 80 30.28 -22.37 -26.54
N LEU C 81 31.32 -23.14 -26.19
CA LEU C 81 32.62 -23.12 -26.93
C LEU C 81 32.48 -23.89 -28.25
N ALA C 82 32.00 -25.14 -28.21
CA ALA C 82 31.81 -26.03 -29.38
C ALA C 82 31.06 -25.28 -30.50
N GLU C 83 29.98 -24.56 -30.15
CA GLU C 83 29.18 -23.73 -31.10
C GLU C 83 30.04 -22.58 -31.64
N LEU C 84 30.83 -21.94 -30.77
CA LEU C 84 31.63 -20.71 -31.11
C LEU C 84 32.78 -21.08 -32.05
N SER C 85 33.62 -22.03 -31.64
CA SER C 85 34.90 -22.42 -32.32
C SER C 85 34.61 -23.07 -33.68
N PRO C 86 35.51 -22.95 -34.69
CA PRO C 86 36.73 -22.16 -34.59
C PRO C 86 36.55 -20.68 -34.94
N ILE C 87 37.30 -19.79 -34.29
CA ILE C 87 37.46 -18.36 -34.67
C ILE C 87 38.47 -18.31 -35.82
N GLU C 88 38.21 -17.50 -36.86
CA GLU C 88 38.99 -17.50 -38.13
C GLU C 88 38.98 -16.09 -38.74
N ASP C 89 40.10 -15.68 -39.36
CA ASP C 89 40.27 -14.38 -40.06
C ASP C 89 39.71 -14.49 -41.48
N PHE C 90 39.33 -13.34 -42.06
CA PHE C 90 38.60 -13.19 -43.36
C PHE C 90 39.24 -14.06 -44.45
N SER C 91 40.57 -14.09 -44.52
CA SER C 91 41.38 -14.89 -45.49
C SER C 91 41.14 -16.39 -45.28
N GLY C 92 41.19 -16.85 -44.02
CA GLY C 92 41.06 -18.27 -43.64
C GLY C 92 42.39 -19.01 -43.71
N SER C 93 43.49 -18.33 -43.35
CA SER C 93 44.87 -18.87 -43.31
C SER C 93 45.19 -19.33 -41.88
N MET C 94 44.89 -18.51 -40.88
CA MET C 94 45.08 -18.80 -39.43
C MET C 94 43.70 -18.91 -38.76
N SER C 95 43.56 -19.84 -37.81
CA SER C 95 42.32 -20.08 -37.01
C SER C 95 42.68 -20.42 -35.56
N LEU C 96 41.67 -20.43 -34.68
CA LEU C 96 41.82 -20.59 -33.20
C LEU C 96 40.53 -21.20 -32.64
N SER C 97 40.61 -22.45 -32.17
CA SER C 97 39.50 -23.23 -31.56
C SER C 97 39.83 -23.52 -30.08
N PHE C 98 38.82 -23.45 -29.21
CA PHE C 98 38.91 -23.74 -27.76
C PHE C 98 38.37 -25.15 -27.48
N SER C 99 38.74 -25.72 -26.33
CA SER C 99 38.18 -26.99 -25.80
C SER C 99 38.58 -27.19 -24.33
N ASP C 100 37.96 -28.18 -23.68
CA ASP C 100 38.32 -28.72 -22.34
C ASP C 100 38.27 -27.59 -21.30
N PRO C 101 37.08 -27.13 -20.88
CA PRO C 101 36.96 -26.15 -19.79
C PRO C 101 37.19 -26.83 -18.44
N ARG C 102 38.47 -26.89 -18.01
CA ARG C 102 38.91 -27.49 -16.72
C ARG C 102 38.66 -26.49 -15.59
N PHE C 103 38.15 -26.97 -14.46
CA PHE C 103 37.93 -26.19 -13.21
C PHE C 103 38.96 -26.64 -12.16
N ASP C 104 40.01 -25.84 -11.97
CA ASP C 104 41.14 -26.10 -11.04
C ASP C 104 40.72 -25.70 -9.62
N GLU C 105 41.65 -25.81 -8.65
CA GLU C 105 41.43 -25.51 -7.20
C GLU C 105 40.84 -24.10 -7.05
N VAL C 106 39.84 -23.96 -6.17
CA VAL C 106 39.10 -22.69 -5.92
C VAL C 106 40.04 -21.73 -5.18
N LYS C 107 39.89 -20.42 -5.41
CA LYS C 107 40.71 -19.34 -4.81
C LYS C 107 40.73 -19.49 -3.28
N ALA C 108 39.56 -19.44 -2.66
CA ALA C 108 39.36 -19.53 -1.19
C ALA C 108 38.02 -20.22 -0.88
N SER C 109 37.82 -20.60 0.38
CA SER C 109 36.57 -21.22 0.91
C SER C 109 35.52 -20.14 1.15
N VAL C 110 34.23 -20.50 1.01
CA VAL C 110 33.04 -19.60 1.02
C VAL C 110 33.16 -18.55 2.12
N ASP C 111 33.48 -18.97 3.35
CA ASP C 111 33.56 -18.11 4.57
C ASP C 111 34.61 -17.02 4.37
N GLU C 112 35.74 -17.36 3.74
CA GLU C 112 36.92 -16.47 3.57
C GLU C 112 36.58 -15.33 2.60
N CYS C 113 35.68 -15.57 1.65
CA CYS C 113 35.20 -14.56 0.66
C CYS C 113 34.25 -13.57 1.35
N LYS C 114 33.33 -14.07 2.17
CA LYS C 114 32.41 -13.25 3.02
C LYS C 114 33.24 -12.50 4.07
N ASP C 115 34.35 -13.08 4.53
CA ASP C 115 35.30 -12.47 5.50
C ASP C 115 36.05 -11.33 4.81
N LYS C 116 36.78 -11.64 3.73
CA LYS C 116 37.71 -10.70 3.03
C LYS C 116 36.95 -9.78 2.06
N ASP C 117 35.64 -9.98 1.88
CA ASP C 117 34.74 -9.17 1.00
C ASP C 117 35.18 -9.30 -0.47
N MET C 118 35.69 -10.48 -0.86
CA MET C 118 36.00 -10.83 -2.27
C MET C 118 34.87 -11.73 -2.79
N THR C 119 35.02 -12.26 -4.01
CA THR C 119 34.03 -13.17 -4.66
C THR C 119 34.51 -14.62 -4.50
N TYR C 120 33.56 -15.57 -4.37
CA TYR C 120 33.82 -17.03 -4.37
C TYR C 120 33.79 -17.53 -5.82
N ALA C 121 34.98 -17.72 -6.41
CA ALA C 121 35.20 -17.99 -7.85
C ALA C 121 36.34 -18.99 -8.02
N ALA C 122 36.25 -19.82 -9.07
CA ALA C 122 37.32 -20.75 -9.51
C ALA C 122 38.05 -20.12 -10.70
N PRO C 123 39.40 -20.12 -10.73
CA PRO C 123 40.14 -19.87 -11.96
C PRO C 123 39.72 -20.87 -13.04
N LEU C 124 39.39 -20.38 -14.23
CA LEU C 124 38.86 -21.20 -15.37
C LEU C 124 39.90 -21.24 -16.49
N PHE C 125 40.35 -22.44 -16.87
CA PHE C 125 41.25 -22.71 -18.01
C PHE C 125 40.43 -23.22 -19.20
N VAL C 126 40.95 -23.01 -20.42
CA VAL C 126 40.47 -23.66 -21.67
C VAL C 126 41.70 -23.95 -22.55
N THR C 127 41.82 -25.19 -23.05
CA THR C 127 42.92 -25.60 -23.98
C THR C 127 42.57 -25.00 -25.34
N ALA C 128 43.46 -24.13 -25.85
CA ALA C 128 43.29 -23.36 -27.11
C ALA C 128 44.46 -23.66 -28.05
N GLU C 129 44.14 -24.06 -29.29
CA GLU C 129 45.11 -24.44 -30.35
C GLU C 129 45.04 -23.39 -31.48
N PHE C 130 46.06 -22.53 -31.57
CA PHE C 130 46.26 -21.57 -32.68
C PHE C 130 46.71 -22.37 -33.92
N ILE C 131 45.77 -22.68 -34.82
CA ILE C 131 46.00 -23.46 -36.06
C ILE C 131 46.44 -22.49 -37.16
N ASN C 132 47.49 -22.86 -37.92
CA ASN C 132 48.01 -22.09 -39.09
C ASN C 132 48.05 -23.05 -40.28
N ASN C 133 47.26 -22.76 -41.33
CA ASN C 133 46.95 -23.70 -42.44
C ASN C 133 48.07 -23.66 -43.49
N ASN C 134 48.52 -22.47 -43.89
CA ASN C 134 49.51 -22.24 -44.97
C ASN C 134 50.83 -22.96 -44.66
N THR C 135 51.30 -22.88 -43.40
CA THR C 135 52.57 -23.50 -42.91
C THR C 135 52.31 -24.96 -42.53
N GLY C 136 51.14 -25.24 -41.92
CA GLY C 136 50.76 -26.58 -41.42
C GLY C 136 51.37 -26.86 -40.06
N GLU C 137 51.24 -25.90 -39.13
CA GLU C 137 51.82 -25.94 -37.77
C GLU C 137 50.80 -25.33 -36.78
N ILE C 138 50.49 -26.05 -35.71
CA ILE C 138 49.44 -25.69 -34.70
C ILE C 138 50.14 -25.41 -33.36
N LYS C 139 49.93 -24.22 -32.79
CA LYS C 139 50.51 -23.77 -31.49
C LYS C 139 49.45 -23.87 -30.40
N SER C 140 49.55 -24.90 -29.53
CA SER C 140 48.60 -25.22 -28.44
C SER C 140 49.02 -24.52 -27.14
N GLN C 141 48.06 -24.09 -26.33
CA GLN C 141 48.31 -23.43 -25.02
C GLN C 141 47.06 -23.52 -24.13
N THR C 142 47.27 -23.51 -22.80
CA THR C 142 46.21 -23.44 -21.76
C THR C 142 45.89 -21.96 -21.49
N VAL C 143 44.74 -21.49 -21.96
CA VAL C 143 44.28 -20.07 -21.82
C VAL C 143 43.48 -19.94 -20.52
N PHE C 144 43.93 -19.05 -19.63
CA PHE C 144 43.28 -18.70 -18.35
C PHE C 144 42.22 -17.62 -18.63
N MET C 145 40.94 -18.02 -18.68
CA MET C 145 39.79 -17.14 -19.01
C MET C 145 39.55 -16.15 -17.88
N GLY C 146 39.78 -16.55 -16.62
CA GLY C 146 39.67 -15.68 -15.43
C GLY C 146 39.12 -16.41 -14.23
N ASP C 147 38.96 -15.69 -13.12
CA ASP C 147 38.34 -16.18 -11.86
C ASP C 147 36.81 -16.21 -12.05
N PHE C 148 36.31 -17.27 -12.70
CA PHE C 148 34.88 -17.51 -12.99
C PHE C 148 34.14 -17.81 -11.68
N PRO C 149 33.11 -17.00 -11.30
CA PRO C 149 32.29 -17.29 -10.14
C PRO C 149 31.65 -18.69 -10.13
N MET C 150 31.87 -19.44 -9.04
CA MET C 150 31.34 -20.81 -8.81
C MET C 150 30.19 -20.72 -7.79
N MET C 151 29.35 -21.76 -7.75
CA MET C 151 28.16 -21.85 -6.87
C MET C 151 28.54 -22.62 -5.61
N THR C 152 27.92 -22.28 -4.48
CA THR C 152 28.01 -23.06 -3.20
C THR C 152 27.05 -24.24 -3.28
N GLU C 153 27.23 -25.27 -2.44
CA GLU C 153 26.30 -26.42 -2.31
C GLU C 153 24.94 -25.92 -1.81
N LYS C 154 24.92 -24.80 -1.06
CA LYS C 154 23.70 -24.06 -0.65
C LYS C 154 22.98 -23.49 -1.87
N GLY C 155 23.66 -23.34 -3.01
CA GLY C 155 23.09 -22.97 -4.32
C GLY C 155 23.12 -21.47 -4.57
N THR C 156 24.12 -20.78 -4.04
CA THR C 156 24.29 -19.30 -4.09
C THR C 156 25.67 -18.95 -4.66
N PHE C 157 25.84 -17.70 -5.09
CA PHE C 157 27.12 -17.09 -5.54
C PHE C 157 27.49 -15.94 -4.60
N ILE C 158 28.64 -16.05 -3.93
CA ILE C 158 29.14 -15.01 -2.98
C ILE C 158 29.92 -13.98 -3.80
N ILE C 159 29.28 -12.87 -4.15
CA ILE C 159 29.82 -11.79 -5.02
C ILE C 159 30.14 -10.58 -4.14
N ASN C 160 31.38 -10.08 -4.19
CA ASN C 160 31.88 -8.93 -3.38
C ASN C 160 31.56 -9.16 -1.90
N GLY C 161 31.60 -10.42 -1.44
CA GLY C 161 31.23 -10.84 -0.08
C GLY C 161 29.74 -10.64 0.21
N THR C 162 28.87 -10.96 -0.75
CA THR C 162 27.39 -10.96 -0.60
C THR C 162 26.80 -12.20 -1.26
N GLU C 163 26.04 -12.99 -0.51
CA GLU C 163 25.38 -14.23 -1.01
C GLU C 163 24.25 -13.83 -1.96
N ARG C 164 24.54 -13.73 -3.26
CA ARG C 164 23.54 -13.49 -4.33
C ARG C 164 23.06 -14.83 -4.88
N VAL C 165 21.89 -14.84 -5.51
CA VAL C 165 21.30 -16.05 -6.18
C VAL C 165 20.75 -15.64 -7.55
N VAL C 166 20.95 -16.51 -8.53
CA VAL C 166 20.41 -16.37 -9.91
C VAL C 166 19.02 -17.02 -9.93
N VAL C 167 17.97 -16.21 -9.87
CA VAL C 167 16.56 -16.67 -10.03
C VAL C 167 16.39 -17.22 -11.45
N SER C 168 15.74 -18.38 -11.58
CA SER C 168 15.48 -19.05 -12.88
C SER C 168 14.38 -18.30 -13.63
N GLN C 169 14.57 -18.09 -14.95
CA GLN C 169 13.66 -17.27 -15.80
C GLN C 169 12.73 -18.18 -16.61
N LEU C 170 11.41 -17.93 -16.52
CA LEU C 170 10.38 -18.49 -17.43
C LEU C 170 10.35 -17.64 -18.70
N VAL C 171 10.35 -18.29 -19.86
CA VAL C 171 10.28 -17.64 -21.21
C VAL C 171 9.46 -18.52 -22.14
N ARG C 172 8.99 -17.96 -23.27
CA ARG C 172 8.47 -18.72 -24.42
C ARG C 172 9.65 -19.47 -25.04
N SER C 173 9.57 -20.81 -25.13
CA SER C 173 10.66 -21.68 -25.66
C SER C 173 10.91 -21.31 -27.12
N PRO C 174 12.18 -21.33 -27.60
CA PRO C 174 12.46 -21.34 -29.03
C PRO C 174 11.58 -22.38 -29.74
N GLY C 175 10.94 -21.99 -30.86
CA GLY C 175 10.05 -22.87 -31.63
C GLY C 175 9.06 -22.08 -32.48
N VAL C 176 7.93 -22.72 -32.81
CA VAL C 176 6.91 -22.25 -33.81
C VAL C 176 5.55 -22.21 -33.12
N TYR C 177 5.09 -21.01 -32.74
CA TYR C 177 3.83 -20.80 -31.97
C TYR C 177 2.72 -20.28 -32.89
N PHE C 178 1.76 -21.17 -33.19
CA PHE C 178 0.53 -20.88 -33.97
C PHE C 178 -0.48 -20.20 -33.04
N ASP C 179 -1.22 -19.21 -33.57
CA ASP C 179 -2.26 -18.43 -32.86
C ASP C 179 -3.43 -18.15 -33.80
N GLU C 180 -4.62 -17.89 -33.25
CA GLU C 180 -5.83 -17.45 -34.00
C GLU C 180 -6.44 -16.23 -33.29
N THR C 181 -6.49 -15.09 -33.97
CA THR C 181 -7.04 -13.79 -33.47
C THR C 181 -8.25 -13.40 -34.34
N ILE C 182 -9.29 -12.85 -33.71
CA ILE C 182 -10.59 -12.50 -34.36
C ILE C 182 -10.44 -11.11 -35.00
N ASP C 183 -10.94 -10.95 -36.24
CA ASP C 183 -10.91 -9.69 -37.02
C ASP C 183 -12.12 -8.83 -36.64
N LYS C 184 -11.94 -7.51 -36.61
CA LYS C 184 -13.01 -6.51 -36.31
C LYS C 184 -13.89 -6.32 -37.56
N SER C 185 -13.28 -6.29 -38.75
CA SER C 185 -13.95 -6.03 -40.05
C SER C 185 -14.64 -7.30 -40.56
N THR C 186 -13.85 -8.33 -40.90
CA THR C 186 -14.31 -9.56 -41.61
C THR C 186 -14.94 -10.56 -40.63
N GLU C 187 -14.42 -10.65 -39.39
CA GLU C 187 -14.85 -11.60 -38.34
C GLU C 187 -14.53 -13.04 -38.79
N LYS C 188 -13.25 -13.29 -39.10
CA LYS C 188 -12.70 -14.59 -39.56
C LYS C 188 -11.41 -14.91 -38.80
N THR C 189 -11.16 -16.20 -38.54
CA THR C 189 -10.02 -16.70 -37.72
C THR C 189 -8.78 -16.86 -38.61
N LEU C 190 -7.92 -15.83 -38.65
CA LEU C 190 -6.59 -15.88 -39.32
C LEU C 190 -5.61 -16.62 -38.41
N HIS C 191 -4.90 -17.63 -38.95
CA HIS C 191 -3.96 -18.52 -38.21
C HIS C 191 -2.53 -18.00 -38.38
N SER C 192 -2.03 -17.25 -37.39
CA SER C 192 -0.72 -16.56 -37.39
C SER C 192 0.30 -17.35 -36.57
N VAL C 193 1.36 -17.86 -37.21
CA VAL C 193 2.49 -18.58 -36.54
C VAL C 193 3.60 -17.57 -36.23
N LYS C 194 4.39 -17.85 -35.18
CA LYS C 194 5.57 -17.05 -34.77
C LYS C 194 6.75 -18.01 -34.52
N VAL C 195 7.81 -17.91 -35.33
CA VAL C 195 9.01 -18.79 -35.29
C VAL C 195 10.08 -18.11 -34.43
N ILE C 196 9.92 -18.19 -33.10
CA ILE C 196 10.86 -17.57 -32.11
C ILE C 196 12.14 -18.42 -32.07
N PRO C 197 13.33 -17.83 -32.33
CA PRO C 197 14.60 -18.56 -32.25
C PRO C 197 15.38 -18.37 -30.94
N GLY C 198 16.61 -18.87 -30.89
CA GLY C 198 17.60 -18.58 -29.83
C GLY C 198 18.17 -17.18 -30.00
N ARG C 199 18.67 -16.88 -31.20
CA ARG C 199 19.13 -15.51 -31.61
C ARG C 199 19.13 -15.41 -33.14
N GLY C 200 18.56 -14.32 -33.68
CA GLY C 200 18.46 -14.04 -35.12
C GLY C 200 17.22 -13.22 -35.45
N ALA C 201 16.68 -13.39 -36.66
CA ALA C 201 15.44 -12.75 -37.15
C ALA C 201 14.23 -13.63 -36.82
N TRP C 202 13.05 -13.01 -36.65
CA TRP C 202 11.79 -13.67 -36.21
C TRP C 202 10.83 -13.79 -37.39
N LEU C 203 10.65 -15.01 -37.91
CA LEU C 203 9.76 -15.33 -39.05
C LEU C 203 8.33 -15.53 -38.52
N GLU C 204 7.32 -15.13 -39.31
CA GLU C 204 5.89 -15.30 -38.99
C GLU C 204 5.07 -15.28 -40.28
N PHE C 205 4.09 -16.19 -40.40
CA PHE C 205 3.25 -16.39 -41.60
C PHE C 205 1.79 -16.05 -41.27
N ASP C 206 1.16 -15.18 -42.07
CA ASP C 206 -0.28 -14.79 -41.97
C ASP C 206 -1.00 -15.31 -43.22
N VAL C 207 -2.33 -15.12 -43.28
CA VAL C 207 -3.22 -15.62 -44.38
C VAL C 207 -3.93 -14.44 -45.07
N ASP C 208 -4.62 -13.59 -44.30
CA ASP C 208 -5.39 -12.42 -44.81
C ASP C 208 -5.30 -11.27 -43.79
N VAL C 213 0.68 -10.21 -44.06
CA VAL C 213 -0.36 -10.88 -44.89
C VAL C 213 0.19 -12.22 -45.44
N GLY C 214 1.49 -12.28 -45.75
CA GLY C 214 2.25 -13.51 -46.00
C GLY C 214 3.32 -13.70 -44.93
N VAL C 215 4.60 -13.72 -45.32
CA VAL C 215 5.76 -13.70 -44.39
C VAL C 215 6.01 -12.24 -43.98
N ARG C 216 6.54 -12.01 -42.77
CA ARG C 216 6.94 -10.69 -42.24
C ARG C 216 8.22 -10.84 -41.41
N ILE C 217 9.37 -10.43 -41.98
CA ILE C 217 10.72 -10.56 -41.37
C ILE C 217 11.17 -9.18 -40.85
N ASP C 218 11.26 -9.02 -39.53
CA ASP C 218 11.72 -7.79 -38.84
C ASP C 218 10.78 -6.62 -39.19
N ARG C 219 9.47 -6.87 -39.14
CA ARG C 219 8.38 -5.89 -39.47
C ARG C 219 8.49 -5.47 -40.94
N LYS C 220 8.61 -6.45 -41.85
CA LYS C 220 8.57 -6.26 -43.32
C LYS C 220 7.15 -6.63 -43.80
N ARG C 221 6.20 -5.71 -43.61
CA ARG C 221 4.75 -5.92 -43.88
C ARG C 221 4.51 -6.10 -45.39
N ARG C 222 3.59 -7.01 -45.76
CA ARG C 222 3.23 -7.39 -47.14
C ARG C 222 4.46 -7.98 -47.85
N GLN C 223 4.72 -9.27 -47.63
CA GLN C 223 5.69 -10.10 -48.39
C GLN C 223 5.09 -11.51 -48.54
N PRO C 224 4.32 -11.79 -49.63
CA PRO C 224 3.68 -13.10 -49.80
C PRO C 224 4.62 -14.30 -49.61
N VAL C 225 4.07 -15.41 -49.08
CA VAL C 225 4.84 -16.61 -48.63
C VAL C 225 5.59 -17.23 -49.82
N THR C 226 4.98 -17.19 -51.01
CA THR C 226 5.50 -17.80 -52.27
C THR C 226 6.84 -17.18 -52.68
N VAL C 227 7.14 -15.93 -52.30
CA VAL C 227 8.37 -15.20 -52.75
C VAL C 227 9.61 -15.87 -52.14
N LEU C 228 9.57 -16.19 -50.84
CA LEU C 228 10.69 -16.85 -50.11
C LEU C 228 10.71 -18.34 -50.47
N LEU C 229 9.52 -18.96 -50.50
CA LEU C 229 9.29 -20.37 -50.93
C LEU C 229 9.94 -20.60 -52.30
N LYS C 230 9.78 -19.65 -53.23
CA LYS C 230 10.45 -19.66 -54.56
C LYS C 230 11.95 -19.33 -54.39
N ALA C 231 12.25 -18.20 -53.74
CA ALA C 231 13.61 -17.61 -53.61
C ALA C 231 14.61 -18.63 -53.02
N LEU C 232 14.17 -19.48 -52.08
CA LEU C 232 15.04 -20.53 -51.47
C LEU C 232 15.36 -21.60 -52.51
N GLY C 233 14.41 -21.90 -53.42
CA GLY C 233 14.59 -22.85 -54.54
C GLY C 233 13.52 -23.93 -54.57
N TRP C 234 12.24 -23.52 -54.70
CA TRP C 234 11.10 -24.38 -55.11
C TRP C 234 10.55 -23.86 -56.44
N THR C 235 10.49 -24.71 -57.48
CA THR C 235 9.83 -24.41 -58.77
C THR C 235 8.32 -24.33 -58.53
N ASN C 236 7.61 -23.50 -59.31
CA ASN C 236 6.17 -23.15 -59.12
C ASN C 236 5.32 -24.43 -59.04
N GLU C 237 5.71 -25.48 -59.77
CA GLU C 237 5.07 -26.83 -59.76
C GLU C 237 5.22 -27.48 -58.37
N GLN C 238 6.44 -27.47 -57.81
CA GLN C 238 6.78 -28.14 -56.53
C GLN C 238 6.01 -27.48 -55.36
N ILE C 239 5.71 -26.18 -55.46
CA ILE C 239 4.87 -25.43 -54.48
C ILE C 239 3.43 -25.95 -54.57
N VAL C 240 2.90 -26.02 -55.79
CA VAL C 240 1.53 -26.53 -56.12
C VAL C 240 1.40 -27.99 -55.66
N GLU C 241 2.46 -28.78 -55.80
CA GLU C 241 2.51 -30.21 -55.36
C GLU C 241 2.61 -30.28 -53.82
N ARG C 242 3.51 -29.51 -53.21
CA ARG C 242 3.82 -29.54 -51.75
C ARG C 242 2.64 -28.99 -50.93
N PHE C 243 2.03 -27.89 -51.37
CA PHE C 243 0.89 -27.22 -50.71
C PHE C 243 -0.31 -28.17 -50.62
N GLY C 244 -0.66 -28.80 -51.76
CA GLY C 244 -1.71 -29.83 -51.85
C GLY C 244 -3.10 -29.21 -51.95
N PHE C 245 -4.00 -29.57 -51.03
CA PHE C 245 -5.42 -29.12 -50.97
C PHE C 245 -5.52 -27.88 -50.08
N SER C 246 -4.89 -26.78 -50.51
CA SER C 246 -4.89 -25.45 -49.84
C SER C 246 -5.50 -24.41 -50.78
N GLU C 247 -6.16 -23.39 -50.21
CA GLU C 247 -6.81 -22.27 -50.95
C GLU C 247 -5.90 -21.03 -50.89
N ILE C 248 -5.56 -20.59 -49.68
CA ILE C 248 -4.78 -19.34 -49.40
C ILE C 248 -3.34 -19.55 -49.91
N MET C 249 -2.82 -20.79 -49.87
CA MET C 249 -1.52 -21.19 -50.47
C MET C 249 -1.54 -20.91 -51.98
N MET C 250 -2.63 -21.31 -52.67
CA MET C 250 -2.82 -21.11 -54.14
C MET C 250 -3.13 -19.63 -54.40
N GLY C 251 -3.75 -18.93 -53.45
CA GLY C 251 -4.02 -17.48 -53.50
C GLY C 251 -2.74 -16.65 -53.39
N THR C 252 -1.80 -17.07 -52.53
CA THR C 252 -0.55 -16.33 -52.23
C THR C 252 0.44 -16.45 -53.39
N LEU C 253 0.55 -17.62 -54.04
CA LEU C 253 1.41 -17.83 -55.23
C LEU C 253 0.77 -17.16 -56.46
N GLU C 254 -0.55 -16.99 -56.47
CA GLU C 254 -1.30 -16.26 -57.53
C GLU C 254 -1.15 -14.75 -57.35
N LYS C 255 -1.25 -14.28 -56.10
CA LYS C 255 -1.18 -12.83 -55.74
C LYS C 255 0.24 -12.27 -55.89
N ASP C 256 1.27 -13.14 -55.81
CA ASP C 256 2.71 -12.77 -55.87
C ASP C 256 3.01 -12.08 -57.20
N THR C 257 3.47 -10.82 -57.14
CA THR C 257 3.82 -9.98 -58.31
C THR C 257 5.15 -10.46 -58.91
N THR C 258 6.19 -10.58 -58.08
CA THR C 258 7.56 -11.04 -58.46
C THR C 258 7.54 -12.55 -58.66
N SER C 259 7.14 -13.01 -59.85
CA SER C 259 7.09 -14.44 -60.25
C SER C 259 8.51 -14.93 -60.58
N GLY C 260 8.81 -16.19 -60.24
CA GLY C 260 10.14 -16.81 -60.39
C GLY C 260 10.98 -16.65 -59.13
N THR C 261 12.16 -17.27 -59.10
CA THR C 261 13.09 -17.29 -57.94
C THR C 261 13.78 -15.93 -57.82
N ASP C 262 14.76 -15.66 -58.70
CA ASP C 262 15.67 -14.48 -58.65
C ASP C 262 14.86 -13.19 -58.55
N GLU C 263 13.74 -13.09 -59.29
CA GLU C 263 12.80 -11.94 -59.25
C GLU C 263 12.28 -11.74 -57.82
N ALA C 264 11.82 -12.82 -57.18
CA ALA C 264 11.26 -12.83 -55.80
C ALA C 264 12.38 -12.55 -54.78
N LEU C 265 13.56 -13.13 -55.01
CA LEU C 265 14.78 -12.96 -54.17
C LEU C 265 15.21 -11.48 -54.18
N LEU C 266 15.33 -10.88 -55.37
CA LEU C 266 15.63 -9.43 -55.55
C LEU C 266 14.47 -8.59 -55.00
N ASP C 267 13.22 -9.07 -55.15
CA ASP C 267 11.99 -8.42 -54.62
C ASP C 267 12.07 -8.31 -53.10
N ILE C 268 12.45 -9.40 -52.41
CA ILE C 268 12.50 -9.47 -50.92
C ILE C 268 13.80 -8.83 -50.41
N TYR C 269 14.93 -8.99 -51.11
CA TYR C 269 16.27 -8.50 -50.69
C TYR C 269 16.28 -6.96 -50.60
N ARG C 270 15.65 -6.28 -51.56
CA ARG C 270 15.51 -4.79 -51.56
C ARG C 270 14.57 -4.37 -50.43
N LYS C 271 13.48 -5.11 -50.22
CA LYS C 271 12.45 -4.84 -49.18
C LYS C 271 13.04 -5.05 -47.78
N LEU C 272 13.99 -5.97 -47.62
CA LEU C 272 14.63 -6.32 -46.31
C LEU C 272 15.47 -5.13 -45.81
N ARG C 273 16.45 -4.68 -46.61
CA ARG C 273 17.37 -3.55 -46.26
C ARG C 273 17.29 -2.48 -47.35
N PRO C 274 16.96 -1.21 -47.00
CA PRO C 274 16.98 -0.10 -47.97
C PRO C 274 18.37 0.52 -48.13
N GLY C 275 18.68 1.02 -49.33
CA GLY C 275 19.93 1.73 -49.66
C GLY C 275 21.11 0.78 -49.72
N GLU C 276 21.05 -0.21 -50.61
CA GLU C 276 22.13 -1.21 -50.86
C GLU C 276 21.95 -1.78 -52.27
N PRO C 277 23.03 -1.94 -53.08
CA PRO C 277 22.89 -2.43 -54.46
C PRO C 277 22.42 -3.89 -54.51
N PRO C 278 21.18 -4.18 -54.98
CA PRO C 278 20.61 -5.52 -54.89
C PRO C 278 21.13 -6.48 -55.98
N THR C 279 22.11 -7.31 -55.62
CA THR C 279 22.72 -8.36 -56.49
C THR C 279 22.17 -9.74 -56.10
N LYS C 280 22.14 -10.66 -57.06
CA LYS C 280 21.72 -12.09 -56.89
C LYS C 280 22.65 -12.76 -55.86
N GLU C 281 23.97 -12.72 -56.12
CA GLU C 281 25.04 -13.39 -55.33
C GLU C 281 24.92 -13.05 -53.84
N SER C 282 24.70 -11.78 -53.50
CA SER C 282 24.54 -11.27 -52.11
C SER C 282 23.21 -11.80 -51.52
N ALA C 283 22.13 -11.74 -52.29
CA ALA C 283 20.76 -12.11 -51.88
C ALA C 283 20.68 -13.61 -51.57
N GLN C 284 21.16 -14.46 -52.49
CA GLN C 284 21.12 -15.95 -52.36
C GLN C 284 21.96 -16.38 -51.15
N THR C 285 23.04 -15.67 -50.83
CA THR C 285 23.91 -15.92 -49.65
C THR C 285 23.21 -15.41 -48.38
N LEU C 286 22.65 -14.19 -48.40
CA LEU C 286 21.97 -13.56 -47.23
C LEU C 286 20.74 -14.37 -46.83
N LEU C 287 19.92 -14.81 -47.80
CA LEU C 287 18.69 -15.62 -47.57
C LEU C 287 19.03 -16.88 -46.77
N GLU C 288 20.11 -17.57 -47.14
CA GLU C 288 20.56 -18.85 -46.52
C GLU C 288 21.47 -18.57 -45.31
N ASN C 289 21.98 -17.35 -45.16
CA ASN C 289 22.77 -16.88 -43.99
C ASN C 289 21.82 -16.53 -42.83
N LEU C 290 20.69 -15.87 -43.14
CA LEU C 290 19.73 -15.33 -42.13
C LEU C 290 18.95 -16.45 -41.44
N PHE C 291 18.83 -17.64 -42.06
CA PHE C 291 17.99 -18.76 -41.57
C PHE C 291 18.78 -20.08 -41.51
N PHE C 292 19.30 -20.54 -42.66
CA PHE C 292 19.93 -21.87 -42.83
C PHE C 292 21.31 -21.93 -42.13
N LYS C 293 22.04 -20.81 -42.07
CA LYS C 293 23.42 -20.74 -41.49
C LYS C 293 23.37 -20.96 -39.98
N GLU C 294 24.49 -21.44 -39.41
CA GLU C 294 24.66 -21.78 -37.97
C GLU C 294 25.35 -20.62 -37.24
N LYS C 295 26.39 -20.03 -37.82
CA LYS C 295 27.23 -18.97 -37.21
C LYS C 295 26.43 -17.66 -37.10
N ARG C 296 25.81 -17.22 -38.18
CA ARG C 296 25.06 -15.94 -38.28
C ARG C 296 23.77 -16.03 -37.46
N TYR C 297 22.94 -17.05 -37.73
CA TYR C 297 21.62 -17.31 -37.09
C TYR C 297 21.79 -18.42 -36.03
N ASP C 298 21.64 -18.07 -34.75
CA ASP C 298 21.87 -18.99 -33.61
C ASP C 298 20.66 -19.90 -33.43
N LEU C 299 20.76 -21.14 -33.95
CA LEU C 299 19.75 -22.22 -33.75
C LEU C 299 19.78 -22.69 -32.30
N ALA C 300 18.62 -23.06 -31.74
CA ALA C 300 18.45 -23.57 -30.36
C ALA C 300 18.21 -25.09 -30.41
N ARG C 301 18.86 -25.83 -29.50
CA ARG C 301 18.67 -27.30 -29.33
C ARG C 301 17.22 -27.58 -28.89
N VAL C 302 16.73 -26.81 -27.91
CA VAL C 302 15.31 -26.85 -27.41
C VAL C 302 14.36 -26.52 -28.57
N GLY C 303 14.75 -25.56 -29.43
CA GLY C 303 14.01 -25.16 -30.64
C GLY C 303 13.92 -26.31 -31.63
N ARG C 304 15.09 -26.80 -32.09
CA ARG C 304 15.23 -27.98 -32.98
C ARG C 304 14.38 -29.13 -32.42
N TYR C 305 14.55 -29.46 -31.14
CA TYR C 305 13.76 -30.48 -30.41
C TYR C 305 12.26 -30.19 -30.58
N LYS C 306 11.82 -29.00 -30.16
CA LYS C 306 10.39 -28.56 -30.18
C LYS C 306 9.80 -28.72 -31.59
N VAL C 307 10.44 -28.10 -32.59
CA VAL C 307 9.95 -28.10 -34.01
C VAL C 307 9.97 -29.54 -34.54
N ASN C 308 11.03 -30.31 -34.24
CA ASN C 308 11.17 -31.73 -34.67
C ASN C 308 10.02 -32.56 -34.09
N LYS C 309 9.77 -32.46 -32.77
CA LYS C 309 8.75 -33.28 -32.08
C LYS C 309 7.34 -32.82 -32.46
N LYS C 310 7.11 -31.51 -32.57
CA LYS C 310 5.76 -30.93 -32.82
C LYS C 310 5.39 -31.07 -34.30
N LEU C 311 6.29 -30.68 -35.22
CA LEU C 311 6.10 -30.83 -36.68
C LEU C 311 6.16 -32.32 -37.06
N GLY C 312 6.96 -33.11 -36.33
CA GLY C 312 7.06 -34.58 -36.49
C GLY C 312 8.10 -35.00 -37.52
N LEU C 313 8.95 -34.06 -37.97
CA LEU C 313 10.06 -34.32 -38.92
C LEU C 313 11.33 -34.66 -38.13
N ASN C 314 12.17 -35.55 -38.68
CA ASN C 314 13.42 -36.06 -38.06
C ASN C 314 13.08 -36.78 -36.76
N ALA C 315 12.17 -37.76 -36.83
CA ALA C 315 11.68 -38.57 -35.69
C ALA C 315 12.66 -39.72 -35.42
N GLY C 316 13.02 -39.92 -34.14
CA GLY C 316 14.02 -40.91 -33.69
C GLY C 316 15.41 -40.57 -34.21
N LYS C 317 15.81 -39.30 -34.12
CA LYS C 317 17.10 -38.76 -34.63
C LYS C 317 17.96 -38.30 -33.45
N PRO C 318 19.30 -38.17 -33.61
CA PRO C 318 20.16 -37.61 -32.56
C PRO C 318 19.88 -36.12 -32.28
N ILE C 319 20.20 -35.67 -31.06
CA ILE C 319 20.08 -34.25 -30.62
C ILE C 319 21.27 -33.45 -31.15
N THR C 320 21.27 -32.13 -30.92
CA THR C 320 22.29 -31.16 -31.40
C THR C 320 22.23 -31.08 -32.94
N SER C 321 21.02 -30.89 -33.48
CA SER C 321 20.72 -30.84 -34.94
C SER C 321 20.86 -29.40 -35.45
N SER C 322 20.60 -29.18 -36.74
CA SER C 322 20.67 -27.86 -37.44
C SER C 322 19.37 -27.09 -37.26
N THR C 323 19.28 -25.90 -37.84
CA THR C 323 18.11 -24.98 -37.79
C THR C 323 17.06 -25.40 -38.83
N LEU C 324 15.90 -24.71 -38.84
CA LEU C 324 14.79 -24.94 -39.81
C LEU C 324 15.20 -24.34 -41.16
N THR C 325 15.75 -25.18 -42.05
CA THR C 325 16.29 -24.79 -43.38
C THR C 325 15.15 -24.64 -44.39
N GLU C 326 14.46 -25.74 -44.70
CA GLU C 326 13.41 -25.83 -45.74
C GLU C 326 12.25 -26.72 -45.27
N GLU C 327 12.54 -28.01 -45.02
CA GLU C 327 11.56 -29.06 -44.64
C GLU C 327 10.68 -28.56 -43.49
N ASP C 328 11.31 -28.00 -42.45
CA ASP C 328 10.62 -27.39 -41.27
C ASP C 328 9.73 -26.22 -41.71
N VAL C 329 10.26 -25.36 -42.60
CA VAL C 329 9.58 -24.11 -43.07
C VAL C 329 8.34 -24.49 -43.89
N VAL C 330 8.45 -25.46 -44.79
CA VAL C 330 7.30 -25.97 -45.61
C VAL C 330 6.35 -26.78 -44.70
N ALA C 331 6.88 -27.53 -43.72
CA ALA C 331 6.09 -28.31 -42.74
C ALA C 331 5.22 -27.38 -41.88
N THR C 332 5.79 -26.26 -41.41
CA THR C 332 5.11 -25.25 -40.57
C THR C 332 3.98 -24.57 -41.37
N ILE C 333 4.23 -24.23 -42.64
CA ILE C 333 3.22 -23.67 -43.58
C ILE C 333 2.15 -24.74 -43.83
N GLU C 334 2.56 -26.00 -44.05
CA GLU C 334 1.67 -27.18 -44.20
C GLU C 334 0.75 -27.31 -42.98
N TYR C 335 1.31 -27.15 -41.77
CA TYR C 335 0.58 -27.13 -40.48
C TYR C 335 -0.37 -25.93 -40.45
N LEU C 336 0.11 -24.75 -40.86
CA LEU C 336 -0.64 -23.46 -40.85
C LEU C 336 -1.88 -23.56 -41.74
N VAL C 337 -1.71 -24.01 -43.00
CA VAL C 337 -2.82 -24.11 -44.00
C VAL C 337 -3.85 -25.16 -43.52
N ARG C 338 -3.38 -26.25 -42.91
CA ARG C 338 -4.25 -27.31 -42.30
C ARG C 338 -4.99 -26.73 -41.09
N LEU C 339 -4.33 -25.87 -40.30
CA LEU C 339 -4.92 -25.14 -39.15
C LEU C 339 -6.01 -24.18 -39.64
N HIS C 340 -5.70 -23.39 -40.68
CA HIS C 340 -6.61 -22.39 -41.32
C HIS C 340 -7.80 -23.09 -41.99
N GLU C 341 -7.55 -24.23 -42.66
CA GLU C 341 -8.59 -25.09 -43.29
C GLU C 341 -9.47 -25.71 -42.21
N GLY C 342 -8.85 -26.33 -41.21
CA GLY C 342 -9.52 -26.87 -40.00
C GLY C 342 -9.70 -28.38 -40.07
N GLN C 343 -8.58 -29.12 -40.09
CA GLN C 343 -8.53 -30.60 -39.97
C GLN C 343 -7.51 -30.99 -38.90
N THR C 344 -7.86 -31.94 -38.03
CA THR C 344 -7.03 -32.39 -36.87
C THR C 344 -5.94 -33.35 -37.35
N SER C 345 -6.23 -34.17 -38.38
CA SER C 345 -5.28 -35.15 -38.98
C SER C 345 -4.30 -34.44 -39.92
N MET C 346 -3.05 -34.93 -39.99
CA MET C 346 -1.97 -34.38 -40.85
C MET C 346 -0.94 -35.49 -41.14
N THR C 347 -0.40 -35.50 -42.38
CA THR C 347 0.71 -36.37 -42.84
C THR C 347 1.75 -35.49 -43.54
N VAL C 348 2.99 -35.47 -43.03
CA VAL C 348 4.10 -34.57 -43.49
C VAL C 348 4.96 -35.35 -44.48
N PRO C 349 5.36 -34.75 -45.63
CA PRO C 349 6.25 -35.43 -46.57
C PRO C 349 7.68 -35.53 -46.02
N GLY C 350 8.04 -36.71 -45.49
CA GLY C 350 9.33 -37.01 -44.84
C GLY C 350 9.16 -37.32 -43.36
N GLY C 351 8.41 -36.47 -42.65
CA GLY C 351 8.14 -36.62 -41.20
C GLY C 351 6.99 -37.57 -40.92
N VAL C 352 6.75 -37.88 -39.64
CA VAL C 352 5.65 -38.77 -39.16
C VAL C 352 4.37 -37.93 -38.96
N GLU C 353 3.22 -38.59 -38.85
CA GLU C 353 1.90 -37.95 -38.61
C GLU C 353 1.86 -37.36 -37.19
N VAL C 354 1.14 -36.25 -37.01
CA VAL C 354 0.97 -35.54 -35.70
C VAL C 354 -0.38 -34.82 -35.70
N PRO C 355 -1.14 -34.80 -34.58
CA PRO C 355 -2.35 -33.98 -34.49
C PRO C 355 -2.09 -32.47 -34.66
N VAL C 356 -3.03 -31.77 -35.32
CA VAL C 356 -2.96 -30.31 -35.63
C VAL C 356 -3.85 -29.57 -34.62
N GLU C 357 -3.27 -28.62 -33.87
CA GLU C 357 -3.98 -27.76 -32.88
C GLU C 357 -3.09 -26.57 -32.49
N VAL C 358 -3.73 -25.47 -32.09
CA VAL C 358 -3.07 -24.15 -31.78
C VAL C 358 -2.28 -24.28 -30.47
N ASP C 359 -1.24 -23.47 -30.31
CA ASP C 359 -0.34 -23.42 -29.13
C ASP C 359 -0.62 -22.17 -28.30
N ASP C 360 -0.40 -22.23 -26.99
CA ASP C 360 -0.57 -21.12 -26.01
C ASP C 360 0.81 -20.75 -25.44
N ILE C 361 1.16 -19.46 -25.46
CA ILE C 361 2.49 -18.96 -25.00
C ILE C 361 2.64 -19.13 -23.49
N ASP C 362 1.54 -19.14 -22.73
CA ASP C 362 1.51 -19.29 -21.25
C ASP C 362 1.67 -20.77 -20.86
N HIS C 363 1.12 -21.69 -21.66
CA HIS C 363 1.12 -23.17 -21.41
C HIS C 363 2.55 -23.68 -21.26
N PHE C 364 2.83 -24.44 -20.20
CA PHE C 364 4.18 -24.84 -19.73
C PHE C 364 4.85 -25.81 -20.72
N GLY C 365 4.07 -26.48 -21.58
CA GLY C 365 4.57 -27.22 -22.75
C GLY C 365 5.35 -26.33 -23.70
N ASN C 366 5.01 -25.04 -23.76
CA ASN C 366 5.64 -24.00 -24.63
C ASN C 366 6.47 -23.02 -23.78
N ARG C 367 6.09 -22.82 -22.52
CA ARG C 367 6.79 -21.95 -21.55
C ARG C 367 7.95 -22.73 -20.92
N ARG C 368 9.18 -22.47 -21.36
CA ARG C 368 10.42 -23.13 -20.86
C ARG C 368 11.05 -22.28 -19.76
N LEU C 369 11.77 -22.94 -18.84
CA LEU C 369 12.48 -22.34 -17.69
C LEU C 369 13.99 -22.36 -17.94
N ARG C 370 14.55 -21.26 -18.46
CA ARG C 370 16.03 -21.13 -18.59
C ARG C 370 16.57 -20.77 -17.21
N THR C 371 17.57 -21.53 -16.73
CA THR C 371 18.02 -21.59 -15.32
C THR C 371 19.47 -21.08 -15.22
N VAL C 372 19.97 -20.98 -13.99
CA VAL C 372 21.29 -20.36 -13.63
C VAL C 372 22.32 -20.70 -14.72
N GLY C 373 22.57 -22.00 -14.93
CA GLY C 373 23.54 -22.51 -15.92
C GLY C 373 23.36 -21.87 -17.28
N GLU C 374 22.13 -21.93 -17.82
CA GLU C 374 21.80 -21.41 -19.17
C GLU C 374 21.89 -19.88 -19.19
N LEU C 375 21.45 -19.21 -18.12
CA LEU C 375 21.50 -17.73 -17.99
C LEU C 375 22.95 -17.25 -17.93
N ILE C 376 23.84 -18.01 -17.29
CA ILE C 376 25.31 -17.74 -17.26
C ILE C 376 25.89 -18.06 -18.64
N GLN C 377 25.51 -19.19 -19.23
CA GLN C 377 25.93 -19.66 -20.58
C GLN C 377 25.62 -18.58 -21.62
N ASN C 378 24.42 -18.00 -21.57
CA ASN C 378 23.94 -16.94 -22.51
C ASN C 378 24.82 -15.69 -22.39
N GLN C 379 25.37 -15.42 -21.21
CA GLN C 379 26.27 -14.26 -20.97
C GLN C 379 27.72 -14.62 -21.35
N ILE C 380 28.13 -15.87 -21.12
CA ILE C 380 29.44 -16.43 -21.59
C ILE C 380 29.49 -16.33 -23.12
N ARG C 381 28.40 -16.73 -23.78
CA ARG C 381 28.20 -16.60 -25.25
C ARG C 381 28.49 -15.17 -25.69
N VAL C 382 27.78 -14.20 -25.11
CA VAL C 382 27.86 -12.74 -25.45
C VAL C 382 29.27 -12.22 -25.15
N GLY C 383 29.85 -12.63 -24.01
CA GLY C 383 31.24 -12.28 -23.62
C GLY C 383 32.27 -12.78 -24.62
N LEU C 384 32.18 -14.08 -24.96
CA LEU C 384 33.09 -14.74 -25.94
C LEU C 384 32.84 -14.20 -27.36
N SER C 385 31.63 -13.71 -27.65
CA SER C 385 31.28 -13.01 -28.91
C SER C 385 31.88 -11.60 -28.90
N ARG C 386 31.90 -10.93 -27.73
CA ARG C 386 32.55 -9.61 -27.52
C ARG C 386 34.08 -9.78 -27.59
N MET C 387 34.60 -10.95 -27.22
CA MET C 387 36.03 -11.35 -27.36
C MET C 387 36.35 -11.68 -28.83
N GLU C 388 35.50 -12.49 -29.47
CA GLU C 388 35.61 -12.99 -30.87
C GLU C 388 35.94 -11.83 -31.81
N ARG C 389 35.31 -10.67 -31.62
CA ARG C 389 35.59 -9.39 -32.34
C ARG C 389 37.07 -9.03 -32.16
N VAL C 390 37.49 -8.86 -30.90
CA VAL C 390 38.85 -8.39 -30.49
C VAL C 390 39.89 -9.37 -31.06
N VAL C 391 39.67 -10.68 -30.88
CA VAL C 391 40.55 -11.76 -31.43
C VAL C 391 40.57 -11.64 -32.97
N ARG C 392 39.38 -11.61 -33.59
CA ARG C 392 39.19 -11.56 -35.07
C ARG C 392 39.97 -10.37 -35.66
N GLU C 393 39.86 -9.18 -35.06
CA GLU C 393 40.62 -7.97 -35.53
C GLU C 393 42.11 -8.16 -35.20
N ARG C 394 42.44 -8.57 -33.97
CA ARG C 394 43.84 -8.75 -33.50
C ARG C 394 44.60 -9.67 -34.47
N MET C 395 43.96 -10.74 -34.94
CA MET C 395 44.52 -11.68 -35.95
C MET C 395 44.83 -10.95 -37.27
N THR C 396 43.94 -10.06 -37.71
CA THR C 396 44.10 -9.31 -38.99
C THR C 396 45.17 -8.22 -38.84
N THR C 397 45.25 -7.57 -37.68
CA THR C 397 46.24 -6.49 -37.38
C THR C 397 47.64 -7.08 -37.17
N GLN C 398 47.76 -8.08 -36.28
CA GLN C 398 49.07 -8.68 -35.90
C GLN C 398 49.63 -9.53 -37.05
N ASP C 399 50.96 -9.67 -37.09
CA ASP C 399 51.71 -10.44 -38.12
C ASP C 399 51.48 -11.95 -37.91
N VAL C 400 51.60 -12.73 -38.98
CA VAL C 400 51.36 -14.21 -39.00
C VAL C 400 52.53 -14.93 -38.31
N GLU C 401 52.29 -16.15 -37.82
CA GLU C 401 53.30 -17.12 -37.31
C GLU C 401 53.73 -16.73 -35.89
N ALA C 402 54.36 -15.55 -35.72
CA ALA C 402 54.87 -15.04 -34.42
C ALA C 402 53.72 -14.42 -33.61
N ILE C 403 52.72 -15.23 -33.26
CA ILE C 403 51.56 -14.86 -32.40
C ILE C 403 51.11 -16.11 -31.63
N THR C 404 50.74 -15.93 -30.35
CA THR C 404 50.33 -17.01 -29.41
C THR C 404 48.98 -16.63 -28.80
N PRO C 405 48.05 -17.60 -28.56
CA PRO C 405 46.73 -17.28 -28.02
C PRO C 405 46.74 -16.54 -26.66
N GLN C 406 47.87 -16.55 -25.93
CA GLN C 406 48.10 -15.72 -24.72
C GLN C 406 47.94 -14.23 -25.08
N THR C 407 48.67 -13.77 -26.11
CA THR C 407 48.75 -12.34 -26.52
C THR C 407 47.49 -11.95 -27.29
N LEU C 408 47.01 -12.83 -28.18
CA LEU C 408 45.87 -12.58 -29.11
C LEU C 408 44.57 -12.36 -28.33
N ILE C 409 44.25 -13.27 -27.41
CA ILE C 409 42.97 -13.29 -26.63
C ILE C 409 43.06 -12.28 -25.49
N ASN C 410 42.01 -11.46 -25.32
CA ASN C 410 41.79 -10.56 -24.17
C ASN C 410 40.70 -11.18 -23.29
N ILE C 411 40.99 -11.38 -21.99
CA ILE C 411 40.10 -12.07 -21.01
C ILE C 411 39.02 -11.11 -20.50
N ARG C 412 39.30 -9.81 -20.51
CA ARG C 412 38.46 -8.72 -19.93
C ARG C 412 36.99 -8.83 -20.37
N PRO C 413 36.65 -8.92 -21.68
CA PRO C 413 35.24 -8.94 -22.10
C PRO C 413 34.36 -9.99 -21.41
N VAL C 414 34.87 -11.21 -21.22
CA VAL C 414 34.11 -12.36 -20.64
C VAL C 414 33.88 -12.10 -19.14
N VAL C 415 34.98 -11.87 -18.39
CA VAL C 415 34.93 -11.57 -16.92
C VAL C 415 34.07 -10.32 -16.70
N ALA C 416 34.14 -9.34 -17.60
CA ALA C 416 33.28 -8.12 -17.60
C ALA C 416 31.82 -8.51 -17.85
N ALA C 417 31.56 -9.40 -18.82
CA ALA C 417 30.21 -9.92 -19.16
C ALA C 417 29.61 -10.67 -17.97
N ILE C 418 30.41 -11.45 -17.24
CA ILE C 418 29.96 -12.20 -16.02
C ILE C 418 29.76 -11.22 -14.86
N LYS C 419 30.76 -10.36 -14.59
CA LYS C 419 30.69 -9.33 -13.52
C LYS C 419 29.48 -8.42 -13.76
N GLU C 420 29.12 -8.16 -15.02
CA GLU C 420 27.88 -7.44 -15.43
C GLU C 420 26.65 -8.27 -15.04
N PHE C 421 26.67 -9.59 -15.27
CA PHE C 421 25.57 -10.53 -14.92
C PHE C 421 25.40 -10.61 -13.39
N PHE C 422 26.50 -10.52 -12.64
CA PHE C 422 26.49 -10.39 -11.15
C PHE C 422 26.75 -8.93 -10.75
N GLY C 423 26.33 -7.98 -11.59
CA GLY C 423 26.43 -6.53 -11.36
C GLY C 423 25.23 -5.80 -11.93
N THR C 424 24.10 -5.86 -11.22
CA THR C 424 22.76 -5.33 -11.61
C THR C 424 22.25 -6.11 -12.82
N SER C 425 21.60 -7.25 -12.55
CA SER C 425 20.73 -8.02 -13.49
C SER C 425 19.50 -8.50 -12.73
N GLN C 426 18.32 -8.46 -13.36
CA GLN C 426 17.03 -8.78 -12.72
C GLN C 426 16.91 -10.29 -12.43
N LEU C 427 17.76 -11.12 -13.05
CA LEU C 427 17.80 -12.59 -12.83
C LEU C 427 18.89 -12.97 -11.82
N SER C 428 19.70 -12.02 -11.32
CA SER C 428 20.80 -12.25 -10.34
C SER C 428 20.53 -11.46 -9.05
N GLN C 429 19.53 -11.88 -8.27
CA GLN C 429 18.99 -11.11 -7.12
C GLN C 429 19.81 -11.41 -5.86
N PHE C 430 19.67 -10.54 -4.85
CA PHE C 430 20.14 -10.79 -3.46
C PHE C 430 19.35 -11.96 -2.87
N MET C 431 20.02 -12.82 -2.10
CA MET C 431 19.37 -13.90 -1.31
C MET C 431 18.58 -13.24 -0.17
N ASP C 432 17.26 -13.41 -0.15
CA ASP C 432 16.39 -12.98 0.98
C ASP C 432 16.70 -13.88 2.18
N GLN C 433 17.64 -13.44 3.03
CA GLN C 433 18.12 -14.21 4.21
C GLN C 433 17.44 -13.68 5.49
N ASN C 434 16.15 -13.33 5.41
CA ASN C 434 15.29 -13.06 6.58
C ASN C 434 15.15 -14.36 7.39
N ASN C 435 15.20 -15.51 6.71
CA ASN C 435 15.29 -16.85 7.34
C ASN C 435 15.82 -17.84 6.31
N PRO C 436 16.23 -19.06 6.72
CA PRO C 436 16.54 -20.14 5.77
C PRO C 436 15.48 -20.35 4.68
N LEU C 437 14.20 -20.43 5.04
CA LEU C 437 13.08 -20.73 4.11
C LEU C 437 12.96 -19.62 3.06
N SER C 438 13.17 -18.36 3.46
CA SER C 438 13.11 -17.16 2.58
C SER C 438 14.18 -17.27 1.50
N GLY C 439 15.40 -17.64 1.90
CA GLY C 439 16.52 -17.96 0.98
C GLY C 439 16.16 -19.15 0.10
N LEU C 440 15.82 -20.29 0.72
CA LEU C 440 15.43 -21.55 0.03
C LEU C 440 14.37 -21.28 -1.04
N THR C 441 13.42 -20.38 -0.75
CA THR C 441 12.29 -20.02 -1.64
C THR C 441 12.69 -18.87 -2.56
N HIS C 442 13.77 -18.12 -2.25
CA HIS C 442 14.43 -17.18 -3.20
C HIS C 442 15.18 -17.97 -4.27
N LYS C 443 15.72 -19.14 -3.92
CA LYS C 443 16.10 -20.21 -4.88
C LYS C 443 14.79 -20.87 -5.34
N ARG C 444 14.85 -21.70 -6.38
CA ARG C 444 13.69 -22.35 -7.04
C ARG C 444 12.55 -21.32 -7.19
N ARG C 445 12.92 -20.11 -7.64
CA ARG C 445 12.00 -18.97 -7.92
C ARG C 445 11.90 -18.82 -9.44
N LEU C 446 10.69 -18.91 -9.98
CA LEU C 446 10.42 -18.81 -11.44
C LEU C 446 10.05 -17.36 -11.77
N SER C 447 10.97 -16.61 -12.38
CA SER C 447 10.77 -15.19 -12.77
C SER C 447 10.31 -15.13 -14.24
N ALA C 448 9.09 -14.64 -14.47
CA ALA C 448 8.57 -14.30 -15.82
C ALA C 448 9.27 -13.04 -16.33
N LEU C 449 9.67 -12.14 -15.42
CA LEU C 449 10.23 -10.80 -15.74
C LEU C 449 11.77 -10.85 -15.73
N GLY C 450 12.39 -9.85 -16.39
CA GLY C 450 13.85 -9.65 -16.47
C GLY C 450 14.33 -9.53 -17.93
N PRO C 451 15.60 -9.14 -18.16
CA PRO C 451 16.19 -9.14 -19.51
C PRO C 451 16.02 -10.48 -20.24
N GLY C 452 15.61 -10.43 -21.51
CA GLY C 452 15.16 -11.60 -22.29
C GLY C 452 13.87 -12.18 -21.72
N GLY C 453 13.03 -11.33 -21.12
CA GLY C 453 11.75 -11.70 -20.49
C GLY C 453 10.74 -10.56 -20.55
N LEU C 454 9.45 -10.89 -20.45
CA LEU C 454 8.32 -9.91 -20.53
C LEU C 454 8.42 -8.88 -19.39
N SER C 455 8.01 -7.63 -19.66
CA SER C 455 8.05 -6.50 -18.71
C SER C 455 6.85 -6.56 -17.75
N ARG C 456 6.93 -5.82 -16.65
CA ARG C 456 5.87 -5.75 -15.59
C ARG C 456 4.60 -5.14 -16.17
N GLU C 457 4.73 -4.07 -16.95
CA GLU C 457 3.61 -3.32 -17.59
C GLU C 457 3.16 -4.03 -18.88
N ARG C 458 4.09 -4.66 -19.62
CA ARG C 458 3.82 -5.34 -20.91
C ARG C 458 3.04 -6.64 -20.67
N ALA C 459 3.29 -7.32 -19.55
CA ALA C 459 2.59 -8.56 -19.13
C ALA C 459 1.11 -8.27 -18.89
N GLY C 460 0.23 -8.98 -19.61
CA GLY C 460 -1.24 -8.86 -19.49
C GLY C 460 -1.78 -9.59 -18.27
N LEU C 461 -3.10 -9.59 -18.10
CA LEU C 461 -3.82 -10.27 -16.98
C LEU C 461 -3.89 -11.79 -17.23
N GLU C 462 -3.80 -12.22 -18.49
CA GLU C 462 -3.91 -13.64 -18.92
C GLU C 462 -2.65 -14.42 -18.51
N VAL C 463 -1.46 -13.88 -18.81
CA VAL C 463 -0.14 -14.54 -18.59
C VAL C 463 0.16 -14.65 -17.08
N ARG C 464 -0.27 -13.67 -16.28
CA ARG C 464 -0.11 -13.65 -14.80
C ARG C 464 -0.89 -14.80 -14.17
N ASP C 465 -2.09 -15.09 -14.68
CA ASP C 465 -3.02 -16.13 -14.18
C ASP C 465 -2.37 -17.52 -14.32
N VAL C 466 -2.79 -18.46 -13.47
CA VAL C 466 -2.29 -19.88 -13.46
C VAL C 466 -2.90 -20.61 -14.66
N HIS C 467 -2.31 -21.76 -15.01
CA HIS C 467 -2.63 -22.57 -16.22
C HIS C 467 -2.75 -24.02 -15.78
N PRO C 468 -3.66 -24.84 -16.36
CA PRO C 468 -3.78 -26.24 -15.95
C PRO C 468 -2.53 -27.10 -16.20
N SER C 469 -1.52 -26.55 -16.89
CA SER C 469 -0.17 -27.13 -17.05
C SER C 469 0.74 -26.76 -15.87
N HIS C 470 0.57 -25.59 -15.26
CA HIS C 470 1.31 -25.15 -14.04
C HIS C 470 1.37 -26.25 -12.99
N TYR C 471 0.25 -27.00 -12.83
CA TYR C 471 0.03 -28.04 -11.79
C TYR C 471 1.27 -28.93 -11.67
N GLY C 472 2.00 -28.78 -10.57
CA GLY C 472 3.13 -29.64 -10.17
C GLY C 472 4.46 -29.13 -10.69
N ARG C 473 4.49 -27.91 -11.25
CA ARG C 473 5.71 -27.29 -11.84
C ARG C 473 5.95 -25.94 -11.18
N MET C 474 4.99 -25.01 -11.31
CA MET C 474 4.98 -23.68 -10.66
C MET C 474 3.86 -23.67 -9.63
N CYS C 475 4.07 -22.96 -8.51
CA CYS C 475 3.12 -22.89 -7.37
C CYS C 475 1.98 -21.93 -7.72
N PRO C 476 0.70 -22.38 -7.68
CA PRO C 476 -0.42 -21.49 -7.98
C PRO C 476 -0.70 -20.51 -6.83
N ILE C 477 -0.27 -20.87 -5.60
CA ILE C 477 -0.46 -20.05 -4.37
C ILE C 477 0.63 -18.98 -4.31
N GLU C 478 1.89 -19.40 -4.27
CA GLU C 478 3.02 -18.51 -3.88
C GLU C 478 3.31 -17.51 -5.00
N THR C 479 3.23 -16.21 -4.66
CA THR C 479 3.65 -15.05 -5.50
C THR C 479 3.49 -13.78 -4.66
N PRO C 480 4.41 -12.78 -4.76
CA PRO C 480 4.26 -11.52 -4.03
C PRO C 480 2.91 -10.82 -4.21
N GLU C 481 2.51 -10.00 -3.23
CA GLU C 481 1.22 -9.27 -3.16
C GLU C 481 1.35 -7.88 -3.82
N GLY C 482 2.54 -7.49 -4.25
CA GLY C 482 2.82 -6.18 -4.89
C GLY C 482 2.36 -6.15 -6.36
N PRO C 483 3.10 -5.47 -7.26
CA PRO C 483 2.73 -5.43 -8.68
C PRO C 483 3.18 -6.64 -9.51
N ASN C 484 3.96 -7.55 -8.92
CA ASN C 484 4.55 -8.74 -9.59
C ASN C 484 3.73 -10.00 -9.25
N ILE C 485 2.40 -9.87 -9.16
CA ILE C 485 1.48 -11.02 -8.88
C ILE C 485 1.41 -11.87 -10.14
N GLY C 486 1.67 -13.18 -10.02
CA GLY C 486 1.65 -14.14 -11.14
C GLY C 486 3.00 -14.28 -11.82
N LEU C 487 3.75 -13.18 -11.95
CA LEU C 487 5.05 -13.11 -12.67
C LEU C 487 6.11 -13.90 -11.87
N ILE C 488 6.51 -13.41 -10.70
CA ILE C 488 7.50 -14.10 -9.82
C ILE C 488 6.78 -15.28 -9.15
N GLY C 489 6.65 -16.39 -9.90
CA GLY C 489 6.20 -17.69 -9.36
C GLY C 489 7.33 -18.38 -8.61
N SER C 490 7.03 -19.49 -7.96
CA SER C 490 8.04 -20.34 -7.26
C SER C 490 7.83 -21.81 -7.65
N LEU C 491 8.91 -22.52 -7.95
CA LEU C 491 8.91 -23.93 -8.44
C LEU C 491 8.28 -24.81 -7.37
N SER C 492 7.45 -25.77 -7.79
CA SER C 492 6.70 -26.69 -6.89
C SER C 492 7.67 -27.71 -6.30
N VAL C 493 7.27 -28.36 -5.20
CA VAL C 493 8.18 -29.20 -4.36
C VAL C 493 8.89 -30.25 -5.23
N TYR C 494 8.17 -31.22 -5.81
CA TYR C 494 8.75 -32.44 -6.43
C TYR C 494 9.24 -32.16 -7.86
N ALA C 495 8.91 -31.00 -8.43
CA ALA C 495 9.31 -30.58 -9.80
C ALA C 495 10.83 -30.54 -9.92
N ARG C 496 11.37 -30.83 -11.11
CA ARG C 496 12.82 -30.68 -11.43
C ARG C 496 12.97 -30.13 -12.85
N VAL C 497 14.19 -29.70 -13.19
CA VAL C 497 14.55 -29.09 -14.51
C VAL C 497 15.06 -30.20 -15.43
N ASN C 498 14.46 -30.33 -16.63
CA ASN C 498 14.91 -31.24 -17.71
C ASN C 498 16.14 -30.60 -18.37
N PRO C 499 17.04 -31.37 -19.04
CA PRO C 499 18.28 -30.79 -19.59
C PRO C 499 18.06 -29.60 -20.54
N PHE C 500 16.98 -29.66 -21.34
CA PHE C 500 16.49 -28.57 -22.22
C PHE C 500 16.23 -27.31 -21.38
N GLY C 501 15.59 -27.49 -20.22
CA GLY C 501 15.06 -26.42 -19.35
C GLY C 501 13.55 -26.48 -19.17
N PHE C 502 12.92 -27.63 -19.45
CA PHE C 502 11.47 -27.87 -19.28
C PHE C 502 11.24 -28.40 -17.85
N ILE C 503 10.26 -27.83 -17.14
CA ILE C 503 9.97 -28.19 -15.71
C ILE C 503 9.16 -29.50 -15.71
N GLU C 504 9.78 -30.60 -15.28
CA GLU C 504 9.17 -31.95 -15.21
C GLU C 504 8.68 -32.22 -13.78
N THR C 505 7.54 -32.93 -13.67
CA THR C 505 6.94 -33.42 -12.41
C THR C 505 6.94 -34.94 -12.41
N PRO C 506 7.14 -35.59 -11.25
CA PRO C 506 7.05 -37.04 -11.15
C PRO C 506 5.59 -37.53 -11.16
N TYR C 507 5.36 -38.71 -11.73
CA TYR C 507 4.07 -39.44 -11.69
C TYR C 507 4.34 -40.95 -11.50
N ARG C 508 3.31 -41.67 -11.08
CA ARG C 508 3.27 -43.16 -11.02
C ARG C 508 2.32 -43.65 -12.13
N LYS C 509 2.80 -44.60 -12.95
CA LYS C 509 2.01 -45.22 -14.05
C LYS C 509 1.00 -46.21 -13.46
N VAL C 510 -0.13 -46.39 -14.13
CA VAL C 510 -1.19 -47.39 -13.78
C VAL C 510 -1.53 -48.20 -15.03
N GLU C 511 -1.66 -49.53 -14.88
CA GLU C 511 -1.87 -50.51 -15.97
C GLU C 511 -3.16 -51.27 -15.71
N ASN C 512 -4.16 -51.09 -16.59
CA ASN C 512 -5.51 -51.74 -16.57
C ASN C 512 -6.09 -51.76 -15.15
N GLY C 513 -5.98 -50.63 -14.43
CA GLY C 513 -6.56 -50.43 -13.08
C GLY C 513 -5.66 -50.91 -11.95
N VAL C 514 -4.40 -51.27 -12.26
CA VAL C 514 -3.37 -51.72 -11.27
C VAL C 514 -2.21 -50.71 -11.31
N VAL C 515 -2.07 -49.92 -10.24
CA VAL C 515 -1.05 -48.82 -10.11
C VAL C 515 0.33 -49.45 -9.91
N THR C 516 1.33 -48.99 -10.67
CA THR C 516 2.75 -49.42 -10.56
C THR C 516 3.49 -48.47 -9.59
N ASP C 517 4.71 -48.82 -9.22
CA ASP C 517 5.62 -47.99 -8.37
C ASP C 517 6.81 -47.53 -9.23
N GLN C 518 6.53 -47.11 -10.47
CA GLN C 518 7.53 -46.68 -11.49
C GLN C 518 7.49 -45.14 -11.55
N ILE C 519 8.27 -44.48 -10.69
CA ILE C 519 8.33 -43.00 -10.56
C ILE C 519 8.93 -42.41 -11.84
N ASP C 520 8.12 -41.72 -12.64
CA ASP C 520 8.48 -41.20 -13.99
C ASP C 520 8.30 -39.68 -14.01
N TYR C 521 9.38 -38.93 -14.26
CA TYR C 521 9.37 -37.45 -14.41
C TYR C 521 8.86 -37.08 -15.81
N LEU C 522 7.63 -36.57 -15.91
CA LEU C 522 7.01 -36.12 -17.19
C LEU C 522 7.04 -34.59 -17.28
N THR C 523 7.10 -34.07 -18.51
CA THR C 523 7.04 -32.63 -18.85
C THR C 523 5.59 -32.24 -19.21
N ALA C 524 5.31 -30.94 -19.18
CA ALA C 524 3.98 -30.32 -19.39
C ALA C 524 3.40 -30.73 -20.75
N ASP C 525 4.25 -30.98 -21.75
CA ASP C 525 3.83 -31.52 -23.08
C ASP C 525 3.19 -32.90 -22.87
N GLU C 526 4.02 -33.94 -22.70
CA GLU C 526 3.59 -35.36 -22.63
C GLU C 526 2.60 -35.57 -21.48
N GLU C 527 2.66 -34.74 -20.43
CA GLU C 527 1.58 -34.62 -19.40
C GLU C 527 0.22 -34.60 -20.11
N ASP C 528 -0.02 -33.57 -20.92
CA ASP C 528 -1.34 -33.28 -21.56
C ASP C 528 -1.75 -34.40 -22.51
N ARG C 529 -0.78 -35.13 -23.08
CA ARG C 529 -1.03 -36.33 -23.93
C ARG C 529 -1.62 -37.47 -23.10
N HIS C 530 -1.32 -37.53 -21.79
CA HIS C 530 -1.69 -38.64 -20.87
C HIS C 530 -2.82 -38.22 -19.92
N VAL C 531 -3.37 -39.20 -19.18
CA VAL C 531 -4.46 -39.04 -18.17
C VAL C 531 -3.85 -39.22 -16.78
N VAL C 532 -3.92 -38.17 -15.94
CA VAL C 532 -3.26 -38.08 -14.60
C VAL C 532 -4.32 -37.99 -13.51
N ALA C 533 -4.44 -39.02 -12.67
CA ALA C 533 -5.30 -39.04 -11.46
C ALA C 533 -4.59 -38.32 -10.31
N GLN C 534 -5.35 -37.81 -9.34
CA GLN C 534 -4.81 -37.10 -8.14
C GLN C 534 -4.37 -38.13 -7.09
N ALA C 535 -3.48 -37.72 -6.19
CA ALA C 535 -2.76 -38.59 -5.23
C ALA C 535 -3.70 -39.13 -4.15
N ASN C 536 -4.76 -38.39 -3.81
CA ASN C 536 -5.78 -38.79 -2.80
C ASN C 536 -6.74 -39.80 -3.46
N SER C 537 -6.22 -40.98 -3.83
CA SER C 537 -6.92 -42.07 -4.54
C SER C 537 -6.88 -43.34 -3.68
N PRO C 538 -8.05 -43.89 -3.27
CA PRO C 538 -8.09 -45.18 -2.57
C PRO C 538 -7.27 -46.28 -3.27
N THR C 539 -6.30 -46.85 -2.56
CA THR C 539 -5.27 -47.80 -3.07
C THR C 539 -5.40 -49.14 -2.35
N ASP C 540 -5.02 -50.24 -3.03
CA ASP C 540 -5.11 -51.64 -2.53
C ASP C 540 -3.73 -52.08 -2.02
N GLU C 541 -3.19 -51.36 -1.03
CA GLU C 541 -1.90 -51.65 -0.35
C GLU C 541 -0.73 -51.51 -1.33
N ASN C 542 -0.57 -52.47 -2.25
CA ASN C 542 0.51 -52.51 -3.27
C ASN C 542 0.30 -51.38 -4.29
N GLY C 543 -0.83 -51.41 -5.01
CA GLY C 543 -1.18 -50.40 -6.02
C GLY C 543 -2.30 -50.87 -6.95
N ARG C 544 -3.54 -50.51 -6.62
CA ARG C 544 -4.75 -50.86 -7.42
C ARG C 544 -5.91 -49.93 -7.01
N PHE C 545 -6.57 -49.29 -7.97
CA PHE C 545 -7.69 -48.34 -7.75
C PHE C 545 -8.92 -49.11 -7.24
N THR C 546 -9.10 -49.12 -5.91
CA THR C 546 -10.22 -49.79 -5.21
C THR C 546 -11.55 -49.06 -5.51
N GLU C 547 -11.52 -47.73 -5.52
CA GLU C 547 -12.63 -46.87 -5.98
C GLU C 547 -12.86 -47.12 -7.48
N ASP C 548 -14.10 -47.44 -7.87
CA ASP C 548 -14.48 -47.85 -9.25
C ASP C 548 -14.16 -46.72 -10.24
N ARG C 549 -14.64 -45.50 -9.95
CA ARG C 549 -14.38 -44.27 -10.74
C ARG C 549 -13.54 -43.30 -9.90
N VAL C 550 -12.44 -42.81 -10.45
CA VAL C 550 -11.47 -41.88 -9.80
C VAL C 550 -11.70 -40.46 -10.34
N MET C 551 -11.40 -39.46 -9.50
CA MET C 551 -11.31 -38.01 -9.87
C MET C 551 -9.95 -37.79 -10.54
N VAL C 552 -9.96 -37.26 -11.77
CA VAL C 552 -8.81 -37.30 -12.72
C VAL C 552 -8.64 -35.93 -13.40
N ARG C 553 -7.48 -35.71 -14.04
CA ARG C 553 -7.20 -34.59 -14.97
C ARG C 553 -7.12 -35.15 -16.40
N LYS C 554 -8.00 -34.68 -17.29
CA LYS C 554 -8.10 -35.10 -18.72
C LYS C 554 -7.23 -34.17 -19.58
N LYS C 555 -7.39 -34.25 -20.91
CA LYS C 555 -6.64 -33.42 -21.91
C LYS C 555 -6.85 -31.94 -21.60
N GLY C 556 -5.84 -31.29 -21.04
CA GLY C 556 -5.89 -29.87 -20.59
C GLY C 556 -6.19 -29.76 -19.11
N GLY C 557 -7.20 -28.96 -18.75
CA GLY C 557 -7.60 -28.65 -17.36
C GLY C 557 -9.01 -29.07 -17.05
N GLU C 558 -9.41 -30.27 -17.50
CA GLU C 558 -10.78 -30.84 -17.27
C GLU C 558 -10.72 -31.76 -16.04
N VAL C 559 -11.03 -31.22 -14.86
CA VAL C 559 -11.06 -31.97 -13.56
C VAL C 559 -12.24 -32.96 -13.65
N GLU C 560 -12.00 -34.10 -14.29
CA GLU C 560 -13.04 -35.11 -14.66
C GLU C 560 -13.14 -36.15 -13.53
N PHE C 561 -14.07 -37.09 -13.66
CA PHE C 561 -14.31 -38.22 -12.72
C PHE C 561 -14.67 -39.47 -13.54
N VAL C 562 -13.67 -40.31 -13.85
CA VAL C 562 -13.79 -41.37 -14.90
C VAL C 562 -13.35 -42.73 -14.34
N SER C 563 -13.57 -43.80 -15.13
CA SER C 563 -13.25 -45.21 -14.81
C SER C 563 -11.72 -45.40 -14.76
N ALA C 564 -11.27 -46.37 -13.97
CA ALA C 564 -9.84 -46.68 -13.71
C ALA C 564 -9.16 -47.27 -14.95
N ASP C 565 -9.92 -47.93 -15.83
CA ASP C 565 -9.41 -48.62 -17.05
C ASP C 565 -8.75 -47.60 -17.99
N GLN C 566 -9.38 -46.43 -18.17
CA GLN C 566 -8.95 -45.37 -19.12
C GLN C 566 -7.66 -44.68 -18.64
N VAL C 567 -7.46 -44.56 -17.31
CA VAL C 567 -6.34 -43.80 -16.68
C VAL C 567 -5.02 -44.54 -16.93
N ASP C 568 -3.95 -43.81 -17.23
CA ASP C 568 -2.59 -44.36 -17.49
C ASP C 568 -1.55 -43.81 -16.50
N TYR C 569 -1.72 -42.57 -15.99
CA TYR C 569 -0.80 -41.95 -15.00
C TYR C 569 -1.57 -41.50 -13.74
N MET C 570 -0.82 -41.25 -12.66
CA MET C 570 -1.35 -40.73 -11.36
C MET C 570 -0.26 -39.91 -10.66
N ASP C 571 -0.67 -38.93 -9.85
CA ASP C 571 0.21 -38.09 -9.00
C ASP C 571 0.87 -38.98 -7.95
N VAL C 572 2.21 -38.92 -7.84
CA VAL C 572 3.02 -39.67 -6.82
C VAL C 572 2.39 -39.50 -5.44
N SER C 573 2.59 -38.34 -4.79
CA SER C 573 1.96 -37.98 -3.49
C SER C 573 1.24 -36.65 -3.66
N PRO C 574 0.33 -36.26 -2.74
CA PRO C 574 -0.31 -34.95 -2.80
C PRO C 574 0.70 -33.85 -2.50
N ARG C 575 0.32 -32.60 -2.74
CA ARG C 575 1.14 -31.38 -2.57
C ARG C 575 2.23 -31.31 -3.65
N GLN C 576 2.05 -32.00 -4.78
CA GLN C 576 2.90 -31.83 -6.00
C GLN C 576 2.90 -30.36 -6.40
N MET C 577 1.70 -29.79 -6.48
CA MET C 577 1.42 -28.41 -7.01
C MET C 577 1.96 -27.33 -6.07
N VAL C 578 2.23 -27.64 -4.81
CA VAL C 578 2.60 -26.61 -3.77
C VAL C 578 4.12 -26.35 -3.83
N SER C 579 4.53 -25.14 -3.43
CA SER C 579 5.94 -24.73 -3.24
C SER C 579 6.41 -25.11 -1.84
N VAL C 580 7.72 -25.19 -1.62
CA VAL C 580 8.36 -25.53 -0.32
C VAL C 580 7.89 -24.57 0.78
N ALA C 581 7.77 -23.27 0.47
CA ALA C 581 7.30 -22.22 1.41
C ALA C 581 5.84 -22.50 1.80
N THR C 582 4.99 -22.69 0.79
CA THR C 582 3.53 -22.91 0.93
C THR C 582 3.24 -24.27 1.58
N ALA C 583 4.18 -25.23 1.46
CA ALA C 583 4.02 -26.61 1.95
C ALA C 583 4.17 -26.69 3.48
N MET C 584 4.53 -25.58 4.14
CA MET C 584 4.70 -25.51 5.61
C MET C 584 3.51 -24.77 6.25
N ILE C 585 2.36 -24.75 5.56
CA ILE C 585 1.09 -24.13 6.04
C ILE C 585 0.14 -25.27 6.39
N PRO C 586 0.02 -25.65 7.69
CA PRO C 586 -0.75 -26.83 8.06
C PRO C 586 -2.26 -26.55 8.02
N PHE C 587 -3.00 -27.33 7.24
CA PHE C 587 -4.42 -27.09 6.88
C PHE C 587 -4.50 -25.99 5.83
N LEU C 588 -3.65 -26.07 4.80
CA LEU C 588 -3.63 -25.13 3.66
C LEU C 588 -4.95 -25.25 2.89
N GLU C 589 -5.46 -26.47 2.70
CA GLU C 589 -6.66 -26.75 1.87
C GLU C 589 -7.93 -26.24 2.57
N HIS C 590 -7.85 -25.83 3.84
CA HIS C 590 -8.97 -25.18 4.57
C HIS C 590 -8.92 -23.65 4.39
N ASP C 591 -7.80 -23.09 3.90
CA ASP C 591 -7.66 -21.65 3.54
C ASP C 591 -8.12 -21.44 2.09
N ASP C 592 -8.19 -20.18 1.66
CA ASP C 592 -8.33 -19.77 0.25
C ASP C 592 -6.93 -19.46 -0.30
N ALA C 593 -6.80 -19.44 -1.63
CA ALA C 593 -5.53 -19.17 -2.35
C ALA C 593 -4.98 -17.79 -1.98
N ASN C 594 -5.86 -16.83 -1.70
CA ASN C 594 -5.47 -15.44 -1.30
C ASN C 594 -4.71 -15.51 0.04
N ARG C 595 -5.38 -15.94 1.11
CA ARG C 595 -4.79 -15.99 2.49
C ARG C 595 -3.65 -17.01 2.51
N ALA C 596 -3.76 -18.10 1.73
CA ALA C 596 -2.68 -19.08 1.53
C ALA C 596 -1.45 -18.39 0.95
N LEU C 597 -1.62 -17.63 -0.12
CA LEU C 597 -0.59 -16.78 -0.78
C LEU C 597 0.01 -15.85 0.27
N MET C 598 -0.87 -15.13 1.00
CA MET C 598 -0.47 -14.16 2.05
C MET C 598 0.41 -14.84 3.10
N GLY C 599 -0.01 -16.02 3.59
CA GLY C 599 0.72 -16.82 4.59
C GLY C 599 2.04 -17.34 4.04
N ALA C 600 2.01 -17.95 2.87
CA ALA C 600 3.18 -18.45 2.11
C ALA C 600 4.21 -17.33 1.94
N ASN C 601 3.75 -16.10 1.63
CA ASN C 601 4.63 -14.92 1.55
C ASN C 601 5.13 -14.54 2.95
N MET C 602 4.22 -14.44 3.92
CA MET C 602 4.53 -14.08 5.34
C MET C 602 5.64 -14.97 5.89
N GLN C 603 5.59 -16.27 5.59
CA GLN C 603 6.58 -17.27 6.06
C GLN C 603 7.97 -16.90 5.51
N ARG C 604 8.04 -16.26 4.34
CA ARG C 604 9.31 -15.77 3.72
C ARG C 604 9.73 -14.41 4.31
N GLN C 605 8.88 -13.79 5.14
CA GLN C 605 9.19 -12.52 5.85
C GLN C 605 9.57 -12.81 7.30
N ALA C 606 9.24 -13.99 7.83
CA ALA C 606 9.42 -14.39 9.25
C ALA C 606 10.87 -14.12 9.69
N VAL C 607 11.04 -13.36 10.77
CA VAL C 607 12.39 -12.96 11.31
C VAL C 607 12.91 -14.11 12.16
N PRO C 608 14.24 -14.24 12.39
CA PRO C 608 14.78 -15.25 13.29
C PRO C 608 14.77 -14.77 14.75
N LEU C 609 14.33 -15.66 15.66
CA LEU C 609 14.04 -15.35 17.08
C LEU C 609 15.22 -15.83 17.95
N VAL C 610 15.48 -15.12 19.06
CA VAL C 610 16.68 -15.32 19.94
C VAL C 610 16.85 -16.82 20.20
N ARG C 611 15.80 -17.48 20.73
CA ARG C 611 15.84 -18.91 21.11
C ARG C 611 15.44 -19.77 19.91
N SER C 612 14.28 -19.49 19.31
CA SER C 612 13.64 -20.23 18.19
C SER C 612 13.09 -21.57 18.68
N GLU C 613 11.95 -21.99 18.12
CA GLU C 613 11.17 -23.17 18.56
C GLU C 613 10.33 -23.67 17.40
N ALA C 614 10.22 -24.99 17.24
CA ALA C 614 9.50 -25.67 16.13
C ALA C 614 8.01 -25.63 16.39
N PRO C 615 7.16 -25.68 15.34
CA PRO C 615 5.71 -25.75 15.52
C PRO C 615 5.24 -27.07 16.13
N LEU C 616 4.25 -27.00 17.01
CA LEU C 616 3.58 -28.17 17.64
C LEU C 616 2.66 -28.81 16.59
N VAL C 617 2.15 -28.02 15.65
CA VAL C 617 1.51 -28.52 14.40
C VAL C 617 2.27 -27.91 13.21
N GLY C 618 2.90 -28.77 12.40
CA GLY C 618 3.52 -28.39 11.12
C GLY C 618 3.19 -29.41 10.04
N THR C 619 3.99 -29.43 8.97
CA THR C 619 3.99 -30.47 7.92
C THR C 619 5.36 -31.16 7.94
N GLY C 620 5.46 -32.34 7.32
CA GLY C 620 6.72 -33.11 7.17
C GLY C 620 7.80 -32.32 6.45
N MET C 621 7.41 -31.34 5.61
CA MET C 621 8.32 -30.53 4.76
C MET C 621 9.25 -29.64 5.58
N GLU C 622 8.95 -29.39 6.85
CA GLU C 622 9.76 -28.48 7.73
C GLU C 622 11.08 -29.16 8.11
N LEU C 623 11.07 -30.47 8.35
CA LEU C 623 12.30 -31.29 8.59
C LEU C 623 13.23 -31.19 7.38
N ARG C 624 12.67 -31.36 6.17
CA ARG C 624 13.40 -31.46 4.89
C ARG C 624 13.87 -30.07 4.43
N ALA C 625 13.04 -29.04 4.62
CA ALA C 625 13.30 -27.64 4.21
C ALA C 625 14.54 -27.09 4.90
N ALA C 626 14.64 -27.26 6.22
CA ALA C 626 15.71 -26.71 7.09
C ALA C 626 17.09 -27.25 6.65
N ILE C 627 17.18 -28.57 6.42
CA ILE C 627 18.46 -29.26 6.08
C ILE C 627 18.91 -28.84 4.66
N ASP C 628 17.96 -28.72 3.72
CA ASP C 628 18.23 -28.44 2.28
C ASP C 628 18.45 -26.93 2.08
N ALA C 629 17.87 -26.09 2.94
CA ALA C 629 18.04 -24.62 2.96
C ALA C 629 19.53 -24.26 3.09
N GLY C 630 20.28 -25.06 3.86
CA GLY C 630 21.77 -25.02 3.89
C GLY C 630 22.33 -24.25 5.07
N ASP C 631 21.49 -23.52 5.82
CA ASP C 631 21.92 -22.73 7.01
C ASP C 631 22.14 -23.68 8.20
N VAL C 632 21.42 -24.81 8.23
CA VAL C 632 21.68 -25.95 9.17
C VAL C 632 23.02 -26.59 8.77
N VAL C 633 23.78 -27.11 9.75
CA VAL C 633 25.09 -27.80 9.52
C VAL C 633 24.85 -29.30 9.65
N VAL C 634 25.12 -30.06 8.58
CA VAL C 634 24.82 -31.52 8.46
C VAL C 634 26.14 -32.30 8.55
N ALA C 635 26.06 -33.58 8.93
CA ALA C 635 27.18 -34.55 8.96
C ALA C 635 27.33 -35.21 7.58
N ASP C 636 28.45 -34.96 6.91
CA ASP C 636 28.78 -35.55 5.57
C ASP C 636 29.14 -37.03 5.77
N LYS C 637 29.89 -37.35 6.83
CA LYS C 637 30.40 -38.72 7.14
C LYS C 637 29.93 -39.16 8.52
N THR C 638 29.42 -40.39 8.61
CA THR C 638 28.94 -41.07 9.84
C THR C 638 30.10 -41.13 10.85
N GLY C 639 29.83 -40.85 12.14
CA GLY C 639 30.86 -40.90 13.18
C GLY C 639 30.38 -40.43 14.54
N VAL C 640 31.33 -40.24 15.46
CA VAL C 640 31.10 -39.78 16.87
C VAL C 640 31.61 -38.34 16.95
N ILE C 641 30.93 -37.47 17.71
CA ILE C 641 31.37 -36.05 17.90
C ILE C 641 32.53 -36.04 18.90
N GLU C 642 33.71 -35.58 18.46
CA GLU C 642 34.97 -35.60 19.24
C GLU C 642 34.90 -34.49 20.30
N GLU C 643 34.52 -33.27 19.90
CA GLU C 643 34.16 -32.18 20.86
C GLU C 643 33.31 -31.12 20.17
N VAL C 644 32.43 -30.49 20.96
CA VAL C 644 31.49 -29.41 20.56
C VAL C 644 31.94 -28.11 21.24
N SER C 645 32.10 -27.03 20.47
CA SER C 645 32.21 -25.64 20.97
C SER C 645 31.17 -24.77 20.27
N ALA C 646 30.87 -23.60 20.83
CA ALA C 646 29.93 -22.60 20.27
C ALA C 646 30.45 -22.08 18.93
N ASP C 647 31.77 -21.92 18.80
CA ASP C 647 32.47 -21.43 17.58
C ASP C 647 32.47 -22.53 16.51
N TYR C 648 32.91 -23.73 16.87
CA TYR C 648 33.03 -24.89 15.94
C TYR C 648 32.79 -26.22 16.67
N ILE C 649 32.41 -27.21 15.87
CA ILE C 649 32.24 -28.64 16.28
C ILE C 649 33.33 -29.44 15.56
N THR C 650 33.87 -30.48 16.19
CA THR C 650 34.82 -31.44 15.56
C THR C 650 34.30 -32.86 15.78
N VAL C 651 34.03 -33.58 14.67
CA VAL C 651 33.49 -34.98 14.67
C VAL C 651 34.56 -35.91 14.11
N MET C 652 34.76 -37.04 14.81
CA MET C 652 35.63 -38.18 14.38
C MET C 652 34.75 -39.17 13.60
N ALA C 653 35.12 -39.43 12.34
CA ALA C 653 34.35 -40.26 11.38
C ALA C 653 34.58 -41.75 11.65
N ASP C 654 33.68 -42.60 11.15
CA ASP C 654 33.84 -44.09 11.13
C ASP C 654 34.91 -44.47 10.11
N ASP C 655 35.09 -43.66 9.07
CA ASP C 655 36.18 -43.78 8.06
C ASP C 655 37.54 -43.67 8.77
N GLY C 656 37.66 -42.74 9.72
CA GLY C 656 38.87 -42.53 10.55
C GLY C 656 39.31 -41.07 10.59
N THR C 657 38.87 -40.24 9.63
CA THR C 657 39.23 -38.81 9.51
C THR C 657 38.44 -37.97 10.52
N ARG C 658 38.93 -36.75 10.78
CA ARG C 658 38.37 -35.77 11.76
C ARG C 658 37.86 -34.55 10.99
N GLN C 659 36.55 -34.32 10.98
CA GLN C 659 35.90 -33.15 10.31
C GLN C 659 35.66 -32.06 11.34
N SER C 660 36.18 -30.85 11.10
CA SER C 660 36.02 -29.64 11.95
C SER C 660 35.02 -28.69 11.30
N TYR C 661 33.73 -28.87 11.61
CA TYR C 661 32.61 -27.99 11.15
C TYR C 661 32.67 -26.66 11.91
N ARG C 662 33.01 -25.58 11.20
CA ARG C 662 33.03 -24.20 11.71
C ARG C 662 31.60 -23.65 11.72
N LEU C 663 31.14 -23.12 12.87
CA LEU C 663 29.84 -22.40 12.96
C LEU C 663 30.09 -20.90 12.85
N ARG C 664 29.14 -20.16 12.27
CA ARG C 664 29.15 -18.67 12.20
C ARG C 664 28.14 -18.16 13.25
N LYS C 665 28.57 -17.19 14.07
CA LYS C 665 27.82 -16.70 15.26
C LYS C 665 27.64 -15.19 15.16
N PHE C 666 26.38 -14.74 15.10
CA PHE C 666 25.96 -13.31 15.00
C PHE C 666 26.66 -12.68 13.78
N ALA C 667 26.64 -13.41 12.66
CA ALA C 667 27.06 -12.93 11.32
C ALA C 667 25.84 -12.31 10.65
N ARG C 668 26.03 -11.15 10.00
CA ARG C 668 24.94 -10.35 9.41
C ARG C 668 24.47 -11.01 8.11
N SER C 669 23.20 -11.41 8.07
CA SER C 669 22.50 -11.87 6.84
C SER C 669 22.03 -10.66 6.03
N ASN C 670 21.71 -10.87 4.75
CA ASN C 670 21.45 -9.82 3.73
C ASN C 670 20.41 -8.81 4.24
N HIS C 671 19.32 -9.29 4.85
CA HIS C 671 18.16 -8.48 5.30
C HIS C 671 18.27 -8.13 6.78
N GLY C 672 19.48 -7.82 7.26
CA GLY C 672 19.74 -7.25 8.61
C GLY C 672 19.41 -8.19 9.76
N THR C 673 19.25 -9.49 9.50
CA THR C 673 18.90 -10.54 10.49
C THR C 673 20.19 -11.22 10.98
N CYS C 674 20.07 -12.10 11.99
CA CYS C 674 21.20 -12.85 12.60
C CYS C 674 21.38 -14.19 11.88
N ALA C 675 22.64 -14.54 11.57
CA ALA C 675 23.05 -15.87 11.06
C ALA C 675 23.72 -16.65 12.21
N ASN C 676 23.03 -16.75 13.35
CA ASN C 676 23.53 -17.42 14.59
C ASN C 676 23.20 -18.91 14.49
N GLN C 677 24.24 -19.77 14.50
CA GLN C 677 24.13 -21.25 14.39
C GLN C 677 24.43 -21.90 15.74
N ARG C 678 23.51 -22.71 16.27
CA ARG C 678 23.62 -23.37 17.61
C ARG C 678 23.95 -24.84 17.43
N PRO C 679 25.02 -25.38 18.07
CA PRO C 679 25.27 -26.82 18.06
C PRO C 679 24.29 -27.56 18.99
N ILE C 680 23.50 -28.50 18.45
CA ILE C 680 22.43 -29.22 19.19
C ILE C 680 23.01 -30.46 19.88
N VAL C 681 24.00 -31.11 19.27
CA VAL C 681 24.58 -32.41 19.73
C VAL C 681 25.52 -32.15 20.92
N ASP C 682 25.69 -33.16 21.77
CA ASP C 682 26.60 -33.15 22.95
C ASP C 682 27.97 -33.68 22.51
N ALA C 683 28.98 -33.60 23.39
CA ALA C 683 30.41 -33.88 23.09
C ALA C 683 30.71 -35.39 22.99
N GLY C 684 29.68 -36.26 22.98
CA GLY C 684 29.84 -37.71 22.73
C GLY C 684 28.58 -38.33 22.13
N GLN C 685 27.92 -37.64 21.19
CA GLN C 685 26.74 -38.17 20.45
C GLN C 685 27.23 -38.99 19.24
N ARG C 686 26.33 -39.77 18.66
CA ARG C 686 26.57 -40.65 17.48
C ARG C 686 25.78 -40.09 16.28
N VAL C 687 26.47 -39.63 15.23
CA VAL C 687 25.84 -38.97 14.04
C VAL C 687 25.98 -39.88 12.82
N GLU C 688 24.86 -40.12 12.12
CA GLU C 688 24.79 -40.87 10.84
C GLU C 688 25.00 -39.90 9.68
N ALA C 689 25.33 -40.41 8.50
CA ALA C 689 25.50 -39.64 7.23
C ALA C 689 24.19 -38.95 6.86
N GLY C 690 24.18 -37.62 6.84
CA GLY C 690 23.01 -36.77 6.51
C GLY C 690 22.16 -36.47 7.73
N GLN C 691 22.79 -36.34 8.90
CA GLN C 691 22.14 -36.01 10.20
C GLN C 691 22.61 -34.62 10.65
N VAL C 692 21.72 -33.84 11.27
CA VAL C 692 21.97 -32.43 11.66
C VAL C 692 22.92 -32.41 12.87
N ILE C 693 23.93 -31.54 12.83
CA ILE C 693 24.90 -31.32 13.95
C ILE C 693 24.54 -30.00 14.65
N ALA C 694 24.36 -28.92 13.89
CA ALA C 694 24.08 -27.57 14.39
C ALA C 694 22.89 -26.95 13.64
N ASP C 695 21.94 -26.39 14.39
CA ASP C 695 20.78 -25.60 13.88
C ASP C 695 21.29 -24.25 13.37
N GLY C 696 20.68 -23.77 12.27
CA GLY C 696 20.77 -22.37 11.80
C GLY C 696 19.75 -21.50 12.53
N PRO C 697 19.68 -20.19 12.22
CA PRO C 697 18.85 -19.25 13.00
C PRO C 697 17.43 -19.78 13.30
N CYS C 698 16.67 -20.17 12.26
CA CYS C 698 15.25 -20.60 12.38
C CYS C 698 15.18 -22.13 12.27
N THR C 699 15.79 -22.84 13.21
CA THR C 699 15.76 -24.32 13.30
C THR C 699 15.81 -24.75 14.78
N GLN C 700 15.01 -25.76 15.14
CA GLN C 700 15.00 -26.42 16.48
C GLN C 700 15.08 -27.93 16.27
N ASN C 701 16.26 -28.52 16.45
CA ASN C 701 16.56 -29.96 16.23
C ASN C 701 16.29 -30.32 14.76
N GLY C 702 16.86 -29.56 13.84
CA GLY C 702 16.91 -29.86 12.39
C GLY C 702 15.53 -29.88 11.74
N GLU C 703 14.65 -28.94 12.10
CA GLU C 703 13.37 -28.68 11.38
C GLU C 703 13.08 -27.18 11.39
N MET C 704 12.45 -26.70 10.32
CA MET C 704 12.33 -25.26 9.95
C MET C 704 11.42 -24.56 10.96
N ALA C 705 12.01 -23.74 11.84
CA ALA C 705 11.37 -23.16 13.04
C ALA C 705 11.51 -21.63 13.01
N LEU C 706 10.57 -20.94 12.35
CA LEU C 706 10.63 -19.49 12.10
C LEU C 706 10.07 -18.73 13.31
N GLY C 707 8.80 -18.99 13.63
CA GLY C 707 8.03 -18.31 14.70
C GLY C 707 8.05 -19.09 16.00
N LYS C 708 6.95 -19.02 16.76
CA LYS C 708 6.80 -19.66 18.10
C LYS C 708 5.40 -20.24 18.26
N ASN C 709 5.26 -21.23 19.15
CA ASN C 709 3.96 -21.76 19.63
C ASN C 709 3.46 -20.83 20.75
N LEU C 710 2.48 -19.98 20.45
CA LEU C 710 1.82 -19.12 21.46
C LEU C 710 0.43 -19.69 21.76
N LEU C 711 0.03 -19.64 23.03
CA LEU C 711 -1.33 -19.98 23.49
C LEU C 711 -2.30 -18.90 23.00
N VAL C 712 -2.94 -19.13 21.84
CA VAL C 712 -3.92 -18.19 21.23
C VAL C 712 -5.29 -18.36 21.89
N ALA C 713 -5.99 -17.25 22.10
CA ALA C 713 -7.44 -17.16 22.39
C ALA C 713 -8.13 -16.48 21.20
N ILE C 714 -9.31 -16.97 20.79
CA ILE C 714 -10.07 -16.43 19.62
C ILE C 714 -11.38 -15.81 20.14
N MET C 715 -11.31 -14.53 20.52
CA MET C 715 -12.46 -13.72 20.98
C MET C 715 -12.17 -12.23 20.72
N PRO C 716 -13.16 -11.41 20.32
CA PRO C 716 -12.98 -9.96 20.31
C PRO C 716 -12.86 -9.47 21.74
N TRP C 717 -11.84 -8.66 22.07
CA TRP C 717 -11.47 -8.32 23.46
C TRP C 717 -11.26 -6.81 23.61
N GLU C 718 -12.32 -6.09 23.96
CA GLU C 718 -12.34 -4.69 24.44
C GLU C 718 -11.56 -3.81 23.45
N GLY C 719 -11.78 -4.03 22.16
CA GLY C 719 -11.36 -3.13 21.05
C GLY C 719 -9.96 -3.38 20.56
N HIS C 720 -9.02 -3.80 21.42
CA HIS C 720 -7.57 -3.85 21.10
C HIS C 720 -7.34 -4.74 19.87
N ASN C 721 -8.05 -5.87 19.76
CA ASN C 721 -8.06 -6.73 18.55
C ASN C 721 -9.30 -6.40 17.72
N TYR C 722 -9.20 -5.35 16.90
CA TYR C 722 -10.26 -4.83 16.00
C TYR C 722 -9.63 -4.52 14.64
N GLU C 723 -10.32 -4.88 13.54
CA GLU C 723 -9.86 -4.65 12.14
C GLU C 723 -8.46 -5.27 12.00
N ASP C 724 -8.34 -6.53 12.43
CA ASP C 724 -7.09 -7.34 12.48
C ASP C 724 -5.93 -6.51 13.05
N ALA C 725 -6.00 -6.22 14.35
CA ALA C 725 -4.83 -6.02 15.24
C ALA C 725 -4.65 -7.32 16.03
N ILE C 726 -3.61 -7.40 16.87
CA ILE C 726 -3.35 -8.59 17.75
C ILE C 726 -2.89 -8.09 19.12
N ILE C 727 -3.37 -8.73 20.20
CA ILE C 727 -2.97 -8.43 21.60
C ILE C 727 -2.21 -9.63 22.15
N LEU C 728 -1.02 -9.39 22.70
CA LEU C 728 -0.15 -10.43 23.30
C LEU C 728 0.21 -10.05 24.74
N SER C 729 0.57 -11.05 25.54
CA SER C 729 0.87 -10.92 26.98
C SER C 729 2.29 -10.38 27.17
N ASN C 730 2.47 -9.47 28.13
CA ASN C 730 3.79 -8.90 28.52
C ASN C 730 4.77 -10.05 28.76
N ARG C 731 4.27 -11.20 29.22
CA ARG C 731 5.01 -12.50 29.27
C ARG C 731 5.99 -12.62 28.10
N LEU C 732 5.58 -12.24 26.89
CA LEU C 732 6.41 -12.38 25.66
C LEU C 732 7.57 -11.38 25.66
N VAL C 733 7.32 -10.13 26.08
CA VAL C 733 8.39 -9.09 26.25
C VAL C 733 9.29 -9.46 27.44
N GLU C 734 8.75 -10.19 28.44
CA GLU C 734 9.48 -10.60 29.67
C GLU C 734 10.41 -11.78 29.35
N GLU C 735 9.85 -12.93 28.95
CA GLU C 735 10.58 -14.21 28.71
C GLU C 735 11.46 -14.11 27.45
N ASP C 736 11.16 -13.18 26.54
CA ASP C 736 11.90 -12.93 25.27
C ASP C 736 11.66 -14.11 24.31
N VAL C 737 10.43 -14.60 24.25
CA VAL C 737 10.02 -15.76 23.40
C VAL C 737 9.96 -15.29 21.94
N LEU C 738 9.51 -14.05 21.68
CA LEU C 738 9.39 -13.47 20.31
C LEU C 738 10.49 -12.45 20.05
N THR C 739 11.46 -12.31 20.96
CA THR C 739 12.60 -11.37 20.81
C THR C 739 13.46 -11.83 19.63
N SER C 740 13.93 -10.87 18.83
CA SER C 740 14.82 -11.10 17.66
C SER C 740 16.14 -10.36 17.87
N ILE C 741 17.23 -10.91 17.33
CA ILE C 741 18.53 -10.19 17.14
C ILE C 741 18.49 -9.59 15.73
N HIS C 742 18.73 -8.28 15.61
CA HIS C 742 18.81 -7.54 14.32
C HIS C 742 20.18 -6.90 14.18
N ILE C 743 20.94 -7.28 13.16
CA ILE C 743 22.34 -6.83 12.91
C ILE C 743 22.34 -5.94 11.68
N GLU C 744 22.72 -4.67 11.82
CA GLU C 744 22.81 -3.69 10.72
C GLU C 744 24.29 -3.35 10.47
N GLU C 745 24.65 -3.15 9.20
CA GLU C 745 26.05 -2.89 8.73
C GLU C 745 26.17 -1.40 8.41
N HIS C 746 27.29 -0.79 8.82
CA HIS C 746 27.62 0.65 8.59
C HIS C 746 29.06 0.75 8.09
N GLU C 747 29.25 1.16 6.83
CA GLU C 747 30.55 1.18 6.11
C GLU C 747 31.06 2.62 5.99
N ILE C 748 32.38 2.82 5.94
CA ILE C 748 33.00 4.10 5.51
C ILE C 748 34.39 3.83 4.94
N ASP C 749 34.80 4.62 3.94
CA ASP C 749 36.02 4.45 3.13
C ASP C 749 36.86 5.74 3.21
N ALA C 750 38.16 5.61 3.49
CA ALA C 750 39.15 6.71 3.43
C ALA C 750 39.62 6.87 1.98
N ARG C 751 38.78 7.50 1.14
CA ARG C 751 39.04 7.71 -0.31
C ARG C 751 39.98 8.90 -0.49
N ASP C 752 40.84 8.84 -1.51
CA ASP C 752 41.81 9.91 -1.86
C ASP C 752 41.07 11.09 -2.49
N THR C 753 41.43 12.32 -2.10
CA THR C 753 40.98 13.60 -2.70
C THR C 753 42.21 14.36 -3.21
N LYS C 754 41.99 15.48 -3.92
CA LYS C 754 43.06 16.26 -4.60
C LYS C 754 43.74 17.22 -3.60
N LEU C 755 43.06 17.58 -2.50
CA LEU C 755 43.56 18.54 -1.48
C LEU C 755 44.59 17.83 -0.58
N GLY C 756 44.22 16.69 -0.01
CA GLY C 756 45.09 15.84 0.84
C GLY C 756 44.75 14.36 0.72
N ALA C 757 44.43 13.70 1.83
CA ALA C 757 44.00 12.28 1.89
C ALA C 757 43.24 12.02 3.20
N GLU C 758 42.18 11.20 3.13
CA GLU C 758 41.30 10.85 4.28
C GLU C 758 42.00 9.79 5.15
N GLU C 759 41.65 9.76 6.45
CA GLU C 759 42.25 8.85 7.47
C GLU C 759 41.23 8.59 8.58
N ILE C 760 41.05 7.31 8.94
CA ILE C 760 40.19 6.86 10.07
C ILE C 760 41.02 6.92 11.36
N THR C 761 40.82 7.97 12.18
CA THR C 761 41.63 8.26 13.39
C THR C 761 40.73 8.77 14.53
N ARG C 762 41.14 8.49 15.78
CA ARG C 762 40.36 8.77 17.02
C ARG C 762 40.22 10.28 17.22
N ASP C 763 41.33 11.03 17.09
CA ASP C 763 41.38 12.49 17.34
C ASP C 763 40.53 13.22 16.29
N ILE C 764 39.54 13.99 16.75
CA ILE C 764 38.70 14.94 15.93
C ILE C 764 38.87 16.32 16.55
N PRO C 765 39.04 17.41 15.74
CA PRO C 765 39.19 18.76 16.29
C PRO C 765 38.01 19.25 17.16
N ASN C 766 36.77 19.09 16.68
CA ASN C 766 35.54 19.70 17.24
C ASN C 766 34.64 18.62 17.84
N VAL C 767 35.06 18.05 18.97
CA VAL C 767 34.29 17.04 19.77
C VAL C 767 34.64 17.19 21.26
N SER C 768 33.94 16.44 22.13
CA SER C 768 34.23 16.27 23.58
C SER C 768 34.74 14.84 23.82
N ASP C 769 35.22 14.58 25.05
CA ASP C 769 35.80 13.27 25.48
C ASP C 769 34.71 12.20 25.52
N GLU C 770 33.48 12.57 25.92
CA GLU C 770 32.32 11.66 26.12
C GLU C 770 32.00 10.89 24.82
N VAL C 771 31.97 11.60 23.68
CA VAL C 771 31.56 11.04 22.36
C VAL C 771 32.70 10.18 21.77
N LEU C 772 33.94 10.32 22.25
CA LEU C 772 35.13 9.55 21.78
C LEU C 772 35.66 8.62 22.89
N ALA C 773 34.95 8.50 24.01
CA ALA C 773 35.27 7.55 25.11
C ALA C 773 35.11 6.10 24.63
N ASP C 774 34.02 5.84 23.89
CA ASP C 774 33.66 4.53 23.29
C ASP C 774 34.69 4.11 22.22
N LEU C 775 35.36 5.07 21.57
CA LEU C 775 36.37 4.80 20.50
C LEU C 775 37.65 4.22 21.13
N ASP C 776 38.49 3.57 20.30
CA ASP C 776 39.81 3.00 20.69
C ASP C 776 40.92 3.74 19.93
N GLU C 777 42.14 3.21 19.96
CA GLU C 777 43.37 3.83 19.37
C GLU C 777 43.25 3.89 17.84
N ARG C 778 42.61 2.89 17.22
CA ARG C 778 42.28 2.88 15.76
C ARG C 778 41.52 4.15 15.40
N GLY C 779 40.49 4.49 16.18
CA GLY C 779 39.52 5.57 15.93
C GLY C 779 38.16 5.06 15.52
N ILE C 780 37.78 3.86 16.00
CA ILE C 780 36.43 3.24 15.81
C ILE C 780 35.93 2.78 17.18
N VAL C 781 34.61 2.72 17.36
CA VAL C 781 33.95 2.23 18.62
C VAL C 781 34.43 0.81 18.93
N ARG C 782 34.70 0.53 20.21
CA ARG C 782 35.13 -0.81 20.71
C ARG C 782 33.99 -1.81 20.58
N ILE C 783 34.33 -3.10 20.56
CA ILE C 783 33.38 -4.24 20.37
C ILE C 783 32.51 -4.33 21.64
N GLY C 784 31.21 -4.04 21.52
CA GLY C 784 30.22 -4.25 22.59
C GLY C 784 29.76 -2.96 23.27
N ALA C 785 30.39 -1.82 22.98
CA ALA C 785 29.99 -0.50 23.51
C ALA C 785 28.65 -0.09 22.90
N GLU C 786 27.60 -0.02 23.73
CA GLU C 786 26.20 0.30 23.31
C GLU C 786 26.18 1.70 22.67
N VAL C 787 25.64 1.81 21.45
CA VAL C 787 25.55 3.07 20.67
C VAL C 787 24.10 3.56 20.66
N ARG C 788 23.92 4.88 20.72
CA ARG C 788 22.61 5.59 20.67
C ARG C 788 22.52 6.38 19.36
N ASP C 789 21.30 6.54 18.83
CA ASP C 789 20.99 7.22 17.55
C ASP C 789 21.59 8.62 17.53
N GLY C 790 22.77 8.79 16.92
CA GLY C 790 23.53 10.05 16.85
C GLY C 790 25.01 9.86 17.21
N ASP C 791 25.34 8.85 18.01
CA ASP C 791 26.71 8.61 18.55
C ASP C 791 27.68 8.28 17.42
N ILE C 792 28.96 8.67 17.58
CA ILE C 792 30.06 8.46 16.59
C ILE C 792 30.41 6.97 16.59
N LEU C 793 30.54 6.36 15.39
CA LEU C 793 30.97 4.94 15.25
C LEU C 793 32.43 4.90 14.76
N VAL C 794 32.70 5.53 13.62
CA VAL C 794 34.05 5.63 12.98
C VAL C 794 34.47 7.10 12.95
N GLY C 795 35.50 7.46 13.71
CA GLY C 795 36.16 8.77 13.65
C GLY C 795 37.00 8.89 12.38
N LYS C 796 36.54 9.69 11.41
CA LYS C 796 37.23 9.97 10.12
C LYS C 796 37.34 11.49 9.93
N VAL C 797 38.46 11.95 9.37
CA VAL C 797 38.78 13.40 9.15
C VAL C 797 39.07 13.63 7.66
N THR C 798 38.35 14.56 7.03
CA THR C 798 38.58 15.02 5.64
C THR C 798 39.50 16.25 5.67
N PRO C 799 40.50 16.37 4.77
CA PRO C 799 41.32 17.58 4.69
C PRO C 799 40.52 18.87 4.44
N VAL C 823 41.15 21.25 8.35
CA VAL C 823 40.64 19.84 8.41
C VAL C 823 39.18 19.88 8.90
N ARG C 824 38.32 19.02 8.31
CA ARG C 824 36.87 18.93 8.59
C ARG C 824 36.50 17.52 9.05
N ASP C 825 35.47 17.42 9.89
CA ASP C 825 34.96 16.16 10.51
C ASP C 825 33.88 15.55 9.61
N THR C 826 34.15 14.39 9.01
CA THR C 826 33.21 13.57 8.19
C THR C 826 33.19 12.14 8.76
N SER C 827 32.93 12.02 10.07
CA SER C 827 32.91 10.74 10.83
C SER C 827 31.61 9.97 10.51
N LEU C 828 31.67 8.62 10.57
CA LEU C 828 30.49 7.74 10.39
C LEU C 828 29.73 7.67 11.72
N LYS C 829 28.46 8.07 11.69
CA LYS C 829 27.53 8.12 12.85
C LYS C 829 26.41 7.09 12.62
N VAL C 830 26.01 6.38 13.67
CA VAL C 830 24.86 5.43 13.66
C VAL C 830 23.60 6.22 13.27
N PRO C 831 22.87 5.82 12.20
CA PRO C 831 21.62 6.48 11.82
C PRO C 831 20.54 6.50 12.92
N HIS C 832 19.63 7.48 12.83
CA HIS C 832 18.47 7.64 13.75
C HIS C 832 17.50 6.46 13.59
N GLY C 833 16.89 6.04 14.71
CA GLY C 833 16.04 4.83 14.78
C GLY C 833 16.89 3.55 14.73
N GLU C 834 18.15 3.63 15.17
CA GLU C 834 19.08 2.47 15.26
C GLU C 834 20.04 2.69 16.44
N SER C 835 20.27 1.65 17.23
CA SER C 835 21.07 1.65 18.49
C SER C 835 21.60 0.24 18.77
N GLY C 836 22.23 0.02 19.92
CA GLY C 836 22.56 -1.32 20.46
C GLY C 836 24.04 -1.59 20.48
N LYS C 837 24.42 -2.86 20.64
CA LYS C 837 25.85 -3.29 20.81
C LYS C 837 26.52 -3.36 19.43
N VAL C 838 27.85 -3.37 19.41
CA VAL C 838 28.69 -3.56 18.19
C VAL C 838 29.33 -4.95 18.27
N ILE C 839 29.07 -5.81 17.28
CA ILE C 839 29.56 -7.22 17.26
C ILE C 839 31.04 -7.22 16.85
N GLY C 840 31.31 -6.70 15.64
CA GLY C 840 32.65 -6.70 15.02
C GLY C 840 32.83 -5.55 14.04
N ILE C 841 34.08 -5.10 13.90
CA ILE C 841 34.52 -4.02 12.97
C ILE C 841 35.48 -4.64 11.96
N ARG C 842 34.97 -5.02 10.78
CA ARG C 842 35.77 -5.59 9.68
C ARG C 842 36.48 -4.43 8.95
N VAL C 843 37.81 -4.35 9.10
CA VAL C 843 38.66 -3.24 8.57
C VAL C 843 39.54 -3.80 7.44
N PHE C 844 39.74 -3.00 6.39
CA PHE C 844 40.62 -3.30 5.22
C PHE C 844 41.49 -2.07 4.94
N SER C 845 42.80 -2.17 5.18
CA SER C 845 43.80 -1.08 5.07
C SER C 845 44.63 -1.24 3.78
N ARG C 846 45.24 -0.16 3.31
CA ARG C 846 46.21 -0.13 2.18
C ARG C 846 47.43 -0.98 2.55
N GLU C 847 47.89 -0.89 3.80
CA GLU C 847 49.00 -1.69 4.39
C GLU C 847 48.72 -3.18 4.23
N ASP C 848 47.46 -3.60 4.44
CA ASP C 848 47.02 -5.02 4.32
C ASP C 848 46.95 -5.40 2.84
N ASP C 849 47.10 -6.70 2.54
CA ASP C 849 47.19 -7.26 1.17
C ASP C 849 45.80 -7.37 0.52
N ASP C 850 44.71 -7.25 1.31
CA ASP C 850 43.30 -7.36 0.86
C ASP C 850 43.02 -6.40 -0.31
N GLU C 851 42.03 -6.74 -1.14
CA GLU C 851 41.60 -5.97 -2.34
C GLU C 851 40.54 -4.94 -1.93
N LEU C 852 40.90 -3.65 -1.97
CA LEU C 852 39.96 -2.51 -1.79
C LEU C 852 39.46 -2.07 -3.17
N PRO C 853 38.29 -1.40 -3.26
CA PRO C 853 37.86 -0.79 -4.51
C PRO C 853 38.75 0.42 -4.88
N ALA C 854 38.92 0.67 -6.19
CA ALA C 854 39.84 1.67 -6.76
C ALA C 854 39.50 3.07 -6.22
N GLY C 855 40.50 3.76 -5.66
CA GLY C 855 40.36 5.11 -5.07
C GLY C 855 39.95 5.05 -3.60
N VAL C 856 40.45 4.06 -2.86
CA VAL C 856 40.23 3.89 -1.38
C VAL C 856 41.56 3.53 -0.72
N ASN C 857 41.83 4.11 0.46
CA ASN C 857 43.03 3.82 1.30
C ASN C 857 42.65 2.80 2.37
N GLU C 858 41.52 3.02 3.07
CA GLU C 858 41.07 2.19 4.23
C GLU C 858 39.53 2.09 4.24
N LEU C 859 38.99 0.90 3.93
CA LEU C 859 37.56 0.54 4.11
C LEU C 859 37.37 0.07 5.57
N VAL C 860 36.28 0.47 6.21
CA VAL C 860 35.84 -0.15 7.51
C VAL C 860 34.32 -0.38 7.48
N ARG C 861 33.92 -1.59 7.89
CA ARG C 861 32.53 -2.13 7.88
C ARG C 861 32.19 -2.54 9.31
N VAL C 862 31.23 -1.84 9.94
CA VAL C 862 30.84 -2.00 11.37
C VAL C 862 29.51 -2.77 11.44
N TYR C 863 29.49 -3.86 12.22
CA TYR C 863 28.28 -4.69 12.47
C TYR C 863 27.69 -4.31 13.83
N VAL C 864 26.50 -3.69 13.83
CA VAL C 864 25.78 -3.21 15.05
C VAL C 864 24.55 -4.10 15.26
N ALA C 865 24.51 -4.82 16.39
CA ALA C 865 23.40 -5.72 16.79
C ALA C 865 22.49 -5.00 17.79
N GLN C 866 21.17 -5.12 17.59
CA GLN C 866 20.12 -4.65 18.51
C GLN C 866 19.14 -5.82 18.78
N LYS C 867 18.72 -5.97 20.03
CA LYS C 867 17.88 -7.09 20.53
C LYS C 867 16.42 -6.63 20.57
N ARG C 868 15.74 -6.68 19.43
CA ARG C 868 14.34 -6.22 19.24
C ARG C 868 13.40 -7.10 20.06
N LYS C 869 12.80 -6.52 21.12
CA LYS C 869 11.64 -7.10 21.85
C LYS C 869 10.38 -6.85 21.01
N ILE C 870 9.40 -7.75 21.06
CA ILE C 870 8.12 -7.62 20.32
C ILE C 870 7.31 -6.48 20.96
N SER C 871 7.62 -5.23 20.58
CA SER C 871 6.94 -3.99 21.03
C SER C 871 5.59 -3.85 20.32
N ASP C 872 4.81 -2.84 20.70
CA ASP C 872 3.49 -2.52 20.08
C ASP C 872 3.75 -1.97 18.66
N GLY C 873 2.88 -2.30 17.70
CA GLY C 873 2.93 -1.81 16.31
C GLY C 873 3.71 -2.74 15.40
N ASP C 874 4.66 -3.51 15.93
CA ASP C 874 5.36 -4.60 15.19
C ASP C 874 4.30 -5.55 14.63
N LYS C 875 4.54 -6.04 13.42
CA LYS C 875 3.57 -6.89 12.67
C LYS C 875 3.83 -8.36 12.99
N LEU C 876 2.80 -9.09 13.42
CA LEU C 876 2.80 -10.56 13.57
C LEU C 876 1.84 -11.17 12.56
N ALA C 877 1.96 -12.48 12.34
CA ALA C 877 1.13 -13.25 11.39
C ALA C 877 1.28 -14.75 11.65
N GLY C 878 0.20 -15.51 11.54
CA GLY C 878 0.23 -16.98 11.57
C GLY C 878 0.89 -17.54 10.32
N ARG C 879 0.37 -18.65 9.80
CA ARG C 879 0.76 -19.22 8.48
C ARG C 879 -0.47 -19.27 7.58
N HIS C 880 -1.52 -18.52 7.92
CA HIS C 880 -2.84 -18.54 7.25
C HIS C 880 -3.25 -17.13 6.82
N GLY C 881 -2.26 -16.26 6.59
CA GLY C 881 -2.48 -14.87 6.15
C GLY C 881 -2.98 -13.97 7.27
N ASN C 882 -3.27 -14.52 8.45
CA ASN C 882 -3.94 -13.79 9.56
C ASN C 882 -2.90 -12.87 10.22
N LYS C 883 -2.45 -11.87 9.46
CA LYS C 883 -1.44 -10.88 9.90
C LYS C 883 -2.11 -9.89 10.85
N GLY C 884 -1.34 -8.98 11.43
CA GLY C 884 -1.85 -7.89 12.28
C GLY C 884 -0.74 -7.27 13.08
N VAL C 885 -0.86 -5.98 13.41
CA VAL C 885 0.14 -5.27 14.26
C VAL C 885 -0.17 -5.60 15.72
N ILE C 886 0.80 -5.41 16.60
CA ILE C 886 0.61 -5.60 18.08
C ILE C 886 -0.09 -4.36 18.64
N GLY C 887 -1.42 -4.46 18.79
CA GLY C 887 -2.30 -3.46 19.43
C GLY C 887 -1.79 -3.03 20.79
N LYS C 888 -2.01 -3.87 21.81
CA LYS C 888 -1.58 -3.62 23.21
C LYS C 888 -0.78 -4.82 23.73
N ILE C 889 0.23 -4.56 24.57
CA ILE C 889 1.02 -5.57 25.33
C ILE C 889 0.40 -5.66 26.73
N LEU C 890 -0.57 -6.56 26.92
CA LEU C 890 -1.36 -6.70 28.18
C LEU C 890 -0.46 -7.27 29.27
N PRO C 891 -0.27 -6.57 30.41
CA PRO C 891 0.40 -7.17 31.58
C PRO C 891 -0.26 -8.50 31.97
N VAL C 892 0.48 -9.61 31.74
CA VAL C 892 0.02 -11.04 31.74
C VAL C 892 -1.19 -11.27 32.64
N GLU C 893 -1.24 -10.63 33.82
CA GLU C 893 -2.34 -10.72 34.81
C GLU C 893 -3.70 -10.43 34.18
N ASP C 894 -3.84 -9.31 33.45
CA ASP C 894 -5.16 -8.76 33.01
C ASP C 894 -5.67 -9.52 31.79
N MET C 895 -4.75 -10.06 30.98
CA MET C 895 -5.01 -10.99 29.85
C MET C 895 -5.86 -12.15 30.33
N PRO C 896 -6.86 -12.62 29.55
CA PRO C 896 -7.73 -13.73 29.96
C PRO C 896 -6.95 -15.04 30.10
N PHE C 897 -7.29 -15.85 31.11
CA PHE C 897 -6.51 -17.05 31.51
C PHE C 897 -7.38 -18.30 31.57
N LEU C 898 -6.74 -19.45 31.39
CA LEU C 898 -7.36 -20.80 31.49
C LEU C 898 -7.61 -21.11 32.96
N PRO C 899 -8.66 -21.91 33.30
CA PRO C 899 -8.95 -22.27 34.69
C PRO C 899 -7.81 -22.84 35.55
N ASP C 900 -6.74 -23.39 34.95
CA ASP C 900 -5.55 -23.89 35.68
C ASP C 900 -4.63 -22.72 36.08
N GLY C 901 -4.77 -21.57 35.42
CA GLY C 901 -3.98 -20.35 35.68
C GLY C 901 -3.26 -19.86 34.43
N THR C 902 -2.90 -20.79 33.54
CA THR C 902 -2.18 -20.53 32.26
C THR C 902 -2.82 -19.33 31.56
N PRO C 903 -2.15 -18.15 31.55
CA PRO C 903 -2.67 -16.98 30.85
C PRO C 903 -2.34 -17.06 29.35
N VAL C 904 -3.34 -16.83 28.50
CA VAL C 904 -3.20 -17.01 27.02
C VAL C 904 -2.22 -15.97 26.49
N ASP C 905 -1.42 -16.34 25.50
CA ASP C 905 -0.24 -15.57 25.03
C ASP C 905 -0.69 -14.51 24.03
N ILE C 906 -1.51 -14.87 23.03
CA ILE C 906 -2.13 -13.89 22.09
C ILE C 906 -3.66 -14.07 22.08
N ILE C 907 -4.37 -13.01 21.67
CA ILE C 907 -5.80 -13.04 21.28
C ILE C 907 -5.93 -12.47 19.87
N LEU C 908 -6.50 -13.24 18.95
CA LEU C 908 -6.85 -12.81 17.58
C LEU C 908 -8.37 -12.63 17.50
N ASN C 909 -8.83 -11.63 16.72
CA ASN C 909 -10.26 -11.28 16.55
C ASN C 909 -10.95 -12.37 15.71
N THR C 910 -12.20 -12.71 16.07
CA THR C 910 -13.04 -13.73 15.41
C THR C 910 -13.50 -13.20 14.04
N HIS C 911 -13.99 -11.95 14.02
CA HIS C 911 -14.58 -11.27 12.83
C HIS C 911 -13.64 -11.35 11.62
N GLY C 912 -12.32 -11.31 11.88
CA GLY C 912 -11.27 -11.53 10.86
C GLY C 912 -10.96 -13.00 10.66
N VAL C 913 -12.00 -13.86 10.59
CA VAL C 913 -11.89 -15.28 10.15
C VAL C 913 -12.89 -15.54 9.01
N PRO C 914 -14.23 -15.38 9.19
CA PRO C 914 -15.18 -15.73 8.13
C PRO C 914 -15.04 -14.91 6.83
N ARG C 915 -14.91 -13.59 6.94
CA ARG C 915 -14.81 -12.66 5.77
C ARG C 915 -13.51 -12.94 5.00
N ARG C 916 -12.42 -13.24 5.70
CA ARG C 916 -11.06 -13.45 5.11
C ARG C 916 -10.94 -14.88 4.57
N MET C 917 -11.74 -15.83 5.06
CA MET C 917 -11.85 -17.22 4.54
C MET C 917 -10.53 -17.96 4.78
N ASN C 918 -10.07 -17.96 6.04
CA ASN C 918 -8.86 -18.70 6.51
C ASN C 918 -9.16 -19.30 7.88
N ILE C 919 -9.87 -20.44 7.90
CA ILE C 919 -10.18 -21.23 9.12
C ILE C 919 -9.03 -22.22 9.40
N GLY C 920 -7.97 -22.18 8.58
CA GLY C 920 -6.70 -22.88 8.84
C GLY C 920 -6.13 -22.53 10.20
N GLN C 921 -6.15 -21.26 10.58
CA GLN C 921 -5.63 -20.75 11.88
C GLN C 921 -6.37 -21.42 13.04
N ILE C 922 -7.67 -21.69 12.89
CA ILE C 922 -8.54 -22.30 13.94
C ILE C 922 -8.22 -23.80 14.06
N LEU C 923 -8.18 -24.51 12.94
CA LEU C 923 -7.76 -25.94 12.90
C LEU C 923 -6.36 -26.08 13.48
N GLU C 924 -5.42 -25.23 13.04
CA GLU C 924 -4.01 -25.14 13.55
C GLU C 924 -4.03 -24.86 15.06
N THR C 925 -4.90 -23.96 15.52
CA THR C 925 -5.10 -23.63 16.96
C THR C 925 -5.52 -24.89 17.72
N HIS C 926 -6.63 -25.51 17.29
CA HIS C 926 -7.21 -26.75 17.88
C HIS C 926 -6.14 -27.85 17.94
N LEU C 927 -5.70 -28.31 16.77
CA LEU C 927 -4.68 -29.40 16.67
C LEU C 927 -3.44 -28.96 17.44
N GLY C 928 -3.19 -27.65 17.51
CA GLY C 928 -2.21 -27.01 18.41
C GLY C 928 -2.45 -27.39 19.85
N TRP C 929 -3.68 -27.21 20.34
CA TRP C 929 -4.07 -27.64 21.71
C TRP C 929 -3.87 -29.15 21.84
N VAL C 930 -4.40 -29.92 20.87
CA VAL C 930 -4.23 -31.41 20.87
C VAL C 930 -2.73 -31.74 21.00
N ALA C 931 -1.87 -30.98 20.33
CA ALA C 931 -0.40 -31.20 20.28
C ALA C 931 0.26 -30.82 21.60
N LYS C 932 -0.01 -29.61 22.12
CA LYS C 932 0.66 -29.08 23.33
C LYS C 932 0.42 -30.03 24.50
N ALA C 933 -0.84 -30.20 24.90
CA ALA C 933 -1.26 -31.13 25.99
C ALA C 933 -1.23 -32.56 25.44
N GLY C 934 -0.54 -33.47 26.13
CA GLY C 934 -0.54 -34.91 25.82
C GLY C 934 -1.94 -35.47 25.78
N TRP C 935 -2.14 -36.54 25.01
CA TRP C 935 -3.48 -37.10 24.71
C TRP C 935 -3.40 -38.62 24.50
N ASN C 936 -4.52 -39.30 24.77
CA ASN C 936 -4.69 -40.77 24.61
C ASN C 936 -6.12 -41.04 24.15
N ILE C 937 -6.30 -41.31 22.85
CA ILE C 937 -7.60 -41.75 22.27
C ILE C 937 -7.98 -43.07 22.95
N ASP C 938 -8.65 -42.97 24.11
CA ASP C 938 -9.14 -44.13 24.91
C ASP C 938 -9.82 -45.11 23.95
N VAL C 939 -9.07 -46.14 23.52
CA VAL C 939 -9.27 -46.87 22.23
C VAL C 939 -10.68 -47.49 22.22
N ALA C 940 -10.92 -48.46 23.13
CA ALA C 940 -12.11 -49.34 23.23
C ALA C 940 -11.65 -50.80 23.10
N ALA C 941 -12.59 -51.74 23.05
CA ALA C 941 -12.35 -53.18 22.75
C ALA C 941 -11.74 -53.34 21.36
N GLY C 942 -12.13 -52.49 20.39
CA GLY C 942 -11.61 -52.52 19.01
C GLY C 942 -11.84 -51.22 18.26
N VAL C 943 -11.24 -50.12 18.73
CA VAL C 943 -11.06 -48.81 18.02
C VAL C 943 -12.39 -48.05 17.98
N PRO C 944 -12.36 -46.68 18.00
CA PRO C 944 -13.57 -45.89 17.78
C PRO C 944 -13.82 -45.59 16.29
N ASP C 945 -15.09 -45.38 15.92
CA ASP C 945 -15.58 -45.24 14.51
C ASP C 945 -14.98 -43.99 13.86
N TRP C 946 -14.90 -42.87 14.59
CA TRP C 946 -14.38 -41.57 14.10
C TRP C 946 -12.90 -41.68 13.68
N ALA C 947 -12.15 -42.62 14.28
CA ALA C 947 -10.72 -42.91 13.98
C ALA C 947 -10.59 -44.19 13.15
N SER C 948 -11.53 -44.45 12.23
CA SER C 948 -11.52 -45.60 11.29
C SER C 948 -10.40 -45.40 10.26
N LYS C 949 -10.36 -44.22 9.62
CA LYS C 949 -9.31 -43.81 8.65
C LYS C 949 -8.25 -42.97 9.38
N LEU C 950 -7.80 -43.44 10.54
CA LEU C 950 -6.81 -42.76 11.42
C LEU C 950 -5.48 -43.50 11.33
N PRO C 951 -4.33 -42.81 11.53
CA PRO C 951 -3.02 -43.43 11.44
C PRO C 951 -2.68 -44.25 12.70
N GLU C 952 -2.03 -45.40 12.50
CA GLU C 952 -1.53 -46.28 13.61
C GLU C 952 -0.33 -45.59 14.28
N GLU C 953 -0.10 -45.89 15.56
CA GLU C 953 0.99 -45.32 16.40
C GLU C 953 0.78 -43.80 16.55
N LEU C 954 -0.48 -43.36 16.57
CA LEU C 954 -0.87 -41.94 16.85
C LEU C 954 -2.24 -41.95 17.55
N TYR C 955 -2.40 -42.85 18.53
CA TYR C 955 -3.56 -42.94 19.44
C TYR C 955 -3.19 -42.22 20.74
N SER C 956 -2.00 -42.53 21.25
CA SER C 956 -1.36 -41.89 22.44
C SER C 956 -0.27 -40.92 21.98
N ALA C 957 -0.01 -39.87 22.76
CA ALA C 957 1.10 -38.90 22.57
C ALA C 957 1.32 -38.11 23.86
N PRO C 958 2.58 -37.82 24.24
CA PRO C 958 2.88 -37.05 25.45
C PRO C 958 2.79 -35.53 25.24
N ALA C 959 3.17 -34.75 26.28
CA ALA C 959 3.19 -33.27 26.29
C ALA C 959 4.26 -32.75 25.31
N ASP C 960 3.98 -31.61 24.68
CA ASP C 960 4.86 -30.92 23.69
C ASP C 960 5.14 -31.87 22.50
N SER C 961 4.16 -32.70 22.14
CA SER C 961 4.27 -33.69 21.03
C SER C 961 4.09 -32.97 19.69
N THR C 962 5.19 -32.79 18.94
CA THR C 962 5.20 -32.16 17.60
C THR C 962 4.42 -33.03 16.62
N VAL C 963 3.59 -32.41 15.78
CA VAL C 963 2.64 -33.08 14.84
C VAL C 963 2.93 -32.63 13.41
N ALA C 964 2.84 -33.56 12.46
CA ALA C 964 2.90 -33.30 11.00
C ALA C 964 1.52 -33.54 10.38
N THR C 965 1.08 -32.62 9.52
CA THR C 965 -0.17 -32.71 8.71
C THR C 965 0.17 -32.37 7.26
N PRO C 966 0.32 -33.38 6.38
CA PRO C 966 0.49 -33.14 4.94
C PRO C 966 -0.55 -32.17 4.36
N VAL C 967 -0.07 -31.07 3.78
CA VAL C 967 -0.84 -29.82 3.49
C VAL C 967 -2.20 -30.11 2.85
N PHE C 968 -2.31 -31.14 2.00
CA PHE C 968 -3.58 -31.49 1.29
C PHE C 968 -4.16 -32.83 1.76
N ASP C 969 -3.41 -33.64 2.53
CA ASP C 969 -3.89 -34.96 3.01
C ASP C 969 -3.39 -35.17 4.45
N GLY C 970 -3.72 -34.22 5.33
CA GLY C 970 -3.37 -34.23 6.76
C GLY C 970 -4.56 -34.59 7.62
N ALA C 971 -4.68 -33.98 8.80
CA ALA C 971 -5.79 -34.19 9.76
C ALA C 971 -7.09 -33.62 9.18
N GLN C 972 -8.23 -34.18 9.60
CA GLN C 972 -9.59 -33.84 9.10
C GLN C 972 -10.47 -33.36 10.27
N GLU C 973 -11.66 -32.83 9.93
CA GLU C 973 -12.67 -32.29 10.87
C GLU C 973 -13.02 -33.33 11.95
N GLY C 974 -13.45 -34.53 11.52
CA GLY C 974 -13.93 -35.60 12.41
C GLY C 974 -12.80 -36.20 13.21
N GLU C 975 -11.59 -36.15 12.67
CA GLU C 975 -10.32 -36.53 13.36
C GLU C 975 -10.05 -35.51 14.47
N LEU C 976 -10.03 -34.22 14.14
CA LEU C 976 -9.82 -33.10 15.11
C LEU C 976 -10.87 -33.19 16.23
N ALA C 977 -12.15 -33.28 15.86
CA ALA C 977 -13.31 -33.37 16.78
C ALA C 977 -13.01 -34.39 17.88
N GLY C 978 -12.69 -35.63 17.49
CA GLY C 978 -12.36 -36.75 18.39
C GLY C 978 -11.06 -36.51 19.13
N LEU C 979 -10.03 -36.07 18.40
CA LEU C 979 -8.68 -35.74 18.94
C LEU C 979 -8.80 -34.80 20.14
N LEU C 980 -9.59 -33.74 20.02
CA LEU C 980 -9.84 -32.76 21.13
C LEU C 980 -10.33 -33.52 22.37
N GLY C 981 -11.02 -34.66 22.20
CA GLY C 981 -11.26 -35.65 23.26
C GLY C 981 -9.95 -36.27 23.74
N SER C 982 -9.18 -35.50 24.52
CA SER C 982 -7.81 -35.80 24.97
C SER C 982 -7.79 -36.10 26.47
N THR C 983 -6.61 -36.40 27.02
CA THR C 983 -6.33 -36.50 28.48
C THR C 983 -6.17 -35.09 29.06
N LEU C 984 -6.00 -34.98 30.38
CA LEU C 984 -5.83 -33.68 31.10
C LEU C 984 -4.45 -33.62 31.77
N PRO C 985 -3.34 -33.51 30.98
CA PRO C 985 -2.03 -33.22 31.55
C PRO C 985 -1.81 -31.71 31.73
N ASN C 986 -2.22 -31.19 32.89
CA ASN C 986 -2.01 -29.77 33.32
C ASN C 986 -1.53 -29.77 34.78
N ARG C 987 -0.83 -30.84 35.19
CA ARG C 987 -0.37 -31.12 36.58
C ARG C 987 -1.59 -31.36 37.50
N ASP C 988 -2.61 -30.50 37.42
CA ASP C 988 -3.97 -30.76 37.96
C ASP C 988 -4.66 -31.86 37.14
N GLY C 989 -5.69 -32.49 37.71
CA GLY C 989 -6.44 -33.60 37.10
C GLY C 989 -7.80 -33.16 36.57
N GLU C 990 -7.87 -32.01 35.90
CA GLU C 990 -9.10 -31.50 35.23
C GLU C 990 -8.73 -31.01 33.81
N VAL C 991 -9.61 -31.25 32.84
CA VAL C 991 -9.46 -30.79 31.43
C VAL C 991 -9.77 -29.28 31.38
N MET C 992 -9.09 -28.55 30.49
CA MET C 992 -9.23 -27.08 30.31
C MET C 992 -10.22 -26.81 29.16
N VAL C 993 -10.02 -27.43 28.00
CA VAL C 993 -10.90 -27.32 26.80
C VAL C 993 -12.05 -28.32 26.94
N ASP C 994 -12.90 -28.42 25.91
CA ASP C 994 -14.01 -29.40 25.82
C ASP C 994 -13.92 -30.14 24.48
N ALA C 995 -14.86 -31.06 24.22
CA ALA C 995 -14.99 -31.87 22.99
C ALA C 995 -15.15 -30.98 21.74
N ASP C 996 -15.61 -29.74 21.91
CA ASP C 996 -15.77 -28.73 20.84
C ASP C 996 -14.51 -27.84 20.74
N GLY C 997 -13.54 -28.00 21.66
CA GLY C 997 -12.27 -27.25 21.67
C GLY C 997 -12.46 -25.81 22.10
N LYS C 998 -13.41 -25.56 23.01
CA LYS C 998 -13.80 -24.22 23.52
C LYS C 998 -13.60 -24.20 25.04
N SER C 999 -12.50 -23.61 25.51
CA SER C 999 -12.17 -23.47 26.95
C SER C 999 -13.02 -22.37 27.59
N THR C 1000 -13.37 -22.54 28.86
CA THR C 1000 -14.12 -21.56 29.69
C THR C 1000 -13.11 -20.55 30.27
N LEU C 1001 -12.69 -19.58 29.46
CA LEU C 1001 -11.68 -18.55 29.82
C LEU C 1001 -12.18 -17.72 31.01
N PHE C 1002 -11.25 -17.24 31.84
CA PHE C 1002 -11.50 -16.26 32.93
C PHE C 1002 -10.92 -14.91 32.51
N ASP C 1003 -11.70 -13.83 32.62
CA ASP C 1003 -11.25 -12.45 32.28
C ASP C 1003 -10.35 -11.94 33.39
N GLY C 1004 -9.07 -11.72 33.08
CA GLY C 1004 -8.09 -11.15 34.03
C GLY C 1004 -8.41 -9.70 34.35
N ARG C 1005 -8.97 -8.97 33.39
CA ARG C 1005 -9.37 -7.55 33.52
C ARG C 1005 -10.43 -7.40 34.64
N SER C 1006 -11.62 -7.95 34.42
CA SER C 1006 -12.78 -7.86 35.36
C SER C 1006 -12.58 -8.81 36.53
N GLY C 1007 -12.31 -10.08 36.23
CA GLY C 1007 -12.20 -11.18 37.19
C GLY C 1007 -13.21 -12.28 36.93
N GLU C 1008 -14.28 -11.98 36.18
CA GLU C 1008 -15.40 -12.91 35.94
C GLU C 1008 -15.01 -13.94 34.88
N PRO C 1009 -15.68 -15.11 34.84
CA PRO C 1009 -15.60 -16.02 33.70
C PRO C 1009 -16.52 -15.55 32.57
N PHE C 1010 -15.99 -15.47 31.35
CA PHE C 1010 -16.73 -15.03 30.14
C PHE C 1010 -17.96 -15.91 29.96
N PRO C 1011 -19.11 -15.31 29.57
CA PRO C 1011 -20.39 -16.01 29.62
C PRO C 1011 -20.52 -17.20 28.66
N TYR C 1012 -19.69 -17.26 27.62
CA TYR C 1012 -19.65 -18.36 26.62
C TYR C 1012 -18.21 -18.86 26.49
N PRO C 1013 -18.02 -20.16 26.13
CA PRO C 1013 -16.68 -20.72 26.03
C PRO C 1013 -15.95 -20.25 24.76
N VAL C 1014 -14.67 -19.92 24.91
CA VAL C 1014 -13.80 -19.29 23.87
C VAL C 1014 -12.96 -20.37 23.21
N THR C 1015 -12.67 -20.23 21.91
CA THR C 1015 -11.70 -21.07 21.16
C THR C 1015 -10.28 -20.66 21.58
N VAL C 1016 -9.75 -21.33 22.59
CA VAL C 1016 -8.31 -21.27 22.98
C VAL C 1016 -7.59 -22.39 22.22
N GLY C 1017 -6.28 -22.25 22.04
CA GLY C 1017 -5.40 -23.33 21.56
C GLY C 1017 -3.98 -22.85 21.35
N TYR C 1018 -3.20 -23.54 20.52
CA TYR C 1018 -1.76 -23.25 20.30
C TYR C 1018 -1.50 -23.07 18.80
N MET C 1019 -1.74 -21.86 18.31
CA MET C 1019 -1.39 -21.45 16.92
C MET C 1019 0.09 -21.06 16.91
N TYR C 1020 0.87 -21.69 16.01
CA TYR C 1020 2.25 -21.30 15.67
C TYR C 1020 2.23 -19.98 14.91
N ILE C 1021 2.75 -18.91 15.52
CA ILE C 1021 2.71 -17.53 14.96
C ILE C 1021 4.14 -17.05 14.71
N LEU C 1022 4.31 -16.22 13.68
CA LEU C 1022 5.61 -15.75 13.13
C LEU C 1022 5.69 -14.23 13.31
N LYS C 1023 6.83 -13.74 13.82
CA LYS C 1023 7.16 -12.30 13.82
C LYS C 1023 7.64 -11.93 12.41
N LEU C 1024 6.91 -11.07 11.70
CA LEU C 1024 7.29 -10.55 10.36
C LEU C 1024 8.37 -9.47 10.52
N HIS C 1025 8.94 -9.03 9.39
CA HIS C 1025 10.07 -8.05 9.32
C HIS C 1025 9.54 -6.60 9.39
N HIS C 1026 8.22 -6.41 9.48
CA HIS C 1026 7.55 -5.08 9.59
C HIS C 1026 7.54 -4.64 11.06
N LEU C 1027 8.61 -3.97 11.49
CA LEU C 1027 8.88 -3.57 12.89
C LEU C 1027 8.86 -2.04 13.01
N VAL C 1028 8.33 -1.53 14.12
CA VAL C 1028 8.17 -0.08 14.42
C VAL C 1028 9.52 0.64 14.38
N ASP C 1029 10.60 -0.02 14.85
CA ASP C 1029 11.96 0.58 14.89
C ASP C 1029 12.40 1.01 13.49
N ASP C 1030 11.94 0.33 12.44
CA ASP C 1030 12.20 0.66 11.01
C ASP C 1030 11.24 1.75 10.53
N LYS C 1031 9.94 1.60 10.84
CA LYS C 1031 8.82 2.33 10.18
C LYS C 1031 8.52 3.67 10.86
N ILE C 1032 8.81 3.82 12.15
CA ILE C 1032 8.53 5.07 12.93
C ILE C 1032 9.49 6.17 12.48
N HIS C 1033 8.95 7.34 12.11
CA HIS C 1033 9.71 8.56 11.73
C HIS C 1033 9.18 9.75 12.53
N ALA C 1034 10.02 10.76 12.76
CA ALA C 1034 9.67 12.05 13.41
C ALA C 1034 10.67 13.13 12.97
N ARG C 1035 10.20 14.35 12.78
CA ARG C 1035 11.04 15.49 12.33
C ARG C 1035 10.31 16.82 12.59
N SER C 1036 10.73 17.56 13.62
CA SER C 1036 10.35 18.97 13.87
C SER C 1036 11.17 19.88 12.96
N THR C 1037 12.51 19.74 13.02
CA THR C 1037 13.50 20.40 12.13
C THR C 1037 14.84 19.66 12.25
N GLY C 1038 15.62 19.63 11.16
CA GLY C 1038 16.94 18.98 11.09
C GLY C 1038 17.72 19.44 9.86
N PRO C 1039 18.50 18.54 9.20
CA PRO C 1039 19.20 18.89 7.97
C PRO C 1039 18.27 18.87 6.73
N TYR C 1040 18.40 19.86 5.85
CA TYR C 1040 17.69 19.98 4.55
C TYR C 1040 18.67 19.59 3.42
N SER C 1041 18.13 19.07 2.31
CA SER C 1041 18.91 18.65 1.11
C SER C 1041 19.40 19.90 0.36
N MET C 1042 20.45 19.74 -0.45
CA MET C 1042 21.21 20.87 -1.06
C MET C 1042 20.57 21.26 -2.40
N ILE C 1043 20.33 20.27 -3.29
CA ILE C 1043 19.81 20.49 -4.67
C ILE C 1043 18.32 20.80 -4.62
N THR C 1044 17.54 20.05 -3.82
CA THR C 1044 16.09 20.24 -3.59
C THR C 1044 15.90 20.83 -2.18
N GLN C 1045 15.24 21.99 -2.07
CA GLN C 1045 15.17 22.78 -0.81
C GLN C 1045 13.95 22.34 0.02
N GLN C 1046 13.62 21.04 0.00
CA GLN C 1046 12.64 20.37 0.90
C GLN C 1046 13.41 19.41 1.79
N PRO C 1047 12.83 18.89 2.91
CA PRO C 1047 13.53 17.95 3.77
C PRO C 1047 13.84 16.63 3.03
N LEU C 1048 15.12 16.25 2.98
CA LEU C 1048 15.58 14.98 2.34
C LEU C 1048 14.83 13.80 2.99
N GLY C 1049 14.15 12.99 2.18
CA GLY C 1049 13.28 11.89 2.64
C GLY C 1049 14.08 10.67 3.06
N GLY C 1050 13.67 10.01 4.14
CA GLY C 1050 14.28 8.76 4.63
C GLY C 1050 14.18 8.59 6.14
N LYS C 1051 14.04 7.34 6.61
CA LYS C 1051 14.11 6.95 8.04
C LYS C 1051 15.55 7.15 8.54
N ALA C 1052 16.53 6.76 7.73
CA ALA C 1052 17.98 6.77 8.04
C ALA C 1052 18.52 8.20 8.11
N GLN C 1053 18.09 9.07 7.18
CA GLN C 1053 18.63 10.45 7.01
C GLN C 1053 17.89 11.46 7.88
N PHE C 1054 17.12 11.02 8.89
CA PHE C 1054 16.35 11.87 9.83
C PHE C 1054 15.39 12.74 9.02
N GLY C 1055 14.61 12.09 8.13
CA GLY C 1055 13.81 12.74 7.08
C GLY C 1055 12.36 12.93 7.47
N GLY C 1056 11.68 13.85 6.78
CA GLY C 1056 10.21 14.08 6.88
C GLY C 1056 9.45 13.18 5.93
N GLN C 1057 8.12 13.28 5.93
CA GLN C 1057 7.20 12.43 5.14
C GLN C 1057 6.73 13.20 3.90
N ARG C 1058 6.31 12.47 2.86
CA ARG C 1058 5.87 13.00 1.55
C ARG C 1058 4.40 13.39 1.65
N PHE C 1059 4.10 14.69 1.61
CA PHE C 1059 2.74 15.27 1.56
C PHE C 1059 2.34 15.41 0.09
N GLY C 1060 1.83 14.31 -0.49
CA GLY C 1060 1.58 14.15 -1.94
C GLY C 1060 0.41 14.97 -2.44
N GLU C 1061 0.07 14.80 -3.72
CA GLU C 1061 -1.00 15.56 -4.43
C GLU C 1061 -2.36 15.13 -3.88
N MET C 1062 -2.57 13.81 -3.76
CA MET C 1062 -3.83 13.22 -3.22
C MET C 1062 -4.08 13.72 -1.80
N GLU C 1063 -3.01 14.02 -1.04
CA GLU C 1063 -3.09 14.65 0.30
C GLU C 1063 -3.53 16.11 0.14
N CYS C 1064 -3.00 16.83 -0.85
CA CYS C 1064 -3.33 18.25 -1.16
C CYS C 1064 -4.81 18.35 -1.56
N TRP C 1065 -5.31 17.42 -2.37
CA TRP C 1065 -6.73 17.39 -2.85
C TRP C 1065 -7.67 17.30 -1.65
N ALA C 1066 -7.40 16.38 -0.71
CA ALA C 1066 -8.17 16.20 0.54
C ALA C 1066 -8.17 17.51 1.34
N MET C 1067 -7.00 18.15 1.46
CA MET C 1067 -6.81 19.42 2.19
C MET C 1067 -7.61 20.55 1.52
N GLN C 1068 -7.58 20.62 0.19
CA GLN C 1068 -8.35 21.61 -0.62
C GLN C 1068 -9.85 21.31 -0.48
N ALA C 1069 -10.26 20.04 -0.50
CA ALA C 1069 -11.66 19.57 -0.40
C ALA C 1069 -12.26 19.97 0.95
N TYR C 1070 -11.43 20.03 2.00
CA TYR C 1070 -11.76 20.71 3.28
C TYR C 1070 -11.80 22.22 3.05
N GLY C 1071 -10.75 22.74 2.41
CA GLY C 1071 -10.54 24.18 2.21
C GLY C 1071 -9.71 24.78 3.34
N ALA C 1072 -8.89 23.94 3.99
CA ALA C 1072 -7.87 24.37 4.96
C ALA C 1072 -6.74 25.07 4.19
N ALA C 1073 -7.00 26.31 3.77
CA ALA C 1073 -6.13 27.10 2.87
C ALA C 1073 -4.78 27.31 3.54
N TYR C 1074 -4.78 27.92 4.73
CA TYR C 1074 -3.56 28.26 5.51
C TYR C 1074 -2.74 27.00 5.78
N THR C 1075 -3.39 25.86 6.04
CA THR C 1075 -2.73 24.55 6.31
C THR C 1075 -1.89 24.14 5.11
N LEU C 1076 -2.53 24.00 3.95
CA LEU C 1076 -1.90 23.65 2.64
C LEU C 1076 -0.82 24.70 2.33
N GLN C 1077 -1.14 25.98 2.50
CA GLN C 1077 -0.24 27.14 2.24
C GLN C 1077 0.88 27.22 3.29
N GLU C 1078 0.81 26.40 4.35
CA GLU C 1078 1.92 26.20 5.33
C GLU C 1078 2.74 24.98 4.92
N LEU C 1079 2.05 23.89 4.56
CA LEU C 1079 2.66 22.57 4.19
C LEU C 1079 3.49 22.73 2.91
N LEU C 1080 2.97 23.41 1.89
CA LEU C 1080 3.64 23.56 0.57
C LEU C 1080 4.46 24.87 0.52
N THR C 1081 4.95 25.37 1.66
CA THR C 1081 5.74 26.63 1.78
C THR C 1081 6.77 26.52 2.92
N ILE C 1082 6.44 27.02 4.11
CA ILE C 1082 7.39 27.16 5.25
C ILE C 1082 7.72 25.77 5.83
N LYS C 1083 6.79 24.82 5.70
CA LYS C 1083 6.96 23.44 6.23
C LYS C 1083 7.68 22.54 5.22
N SER C 1084 8.12 23.07 4.06
CA SER C 1084 8.85 22.32 3.01
C SER C 1084 9.90 23.22 2.33
N ASP C 1085 9.45 24.06 1.40
CA ASP C 1085 10.29 24.69 0.34
C ASP C 1085 10.98 25.95 0.86
N ASP C 1086 10.22 26.86 1.47
CA ASP C 1086 10.60 28.29 1.72
C ASP C 1086 11.79 28.36 2.69
N THR C 1087 12.95 28.82 2.20
CA THR C 1087 14.25 28.89 2.93
C THR C 1087 14.17 29.91 4.07
N VAL C 1088 13.48 31.04 3.86
CA VAL C 1088 13.25 32.09 4.90
C VAL C 1088 12.18 31.60 5.89
N GLY C 1089 11.21 30.80 5.41
CA GLY C 1089 10.11 30.25 6.23
C GLY C 1089 10.58 29.16 7.18
N ARG C 1090 11.34 28.19 6.67
CA ARG C 1090 11.84 27.00 7.44
C ARG C 1090 12.74 27.43 8.61
N VAL C 1091 13.48 28.54 8.46
CA VAL C 1091 14.38 29.10 9.52
C VAL C 1091 13.58 29.99 10.48
N LYS C 1092 12.61 30.76 9.97
CA LYS C 1092 11.78 31.69 10.77
C LYS C 1092 10.78 30.92 11.64
N VAL C 1093 10.16 29.86 11.11
CA VAL C 1093 9.07 29.07 11.78
C VAL C 1093 9.59 28.50 13.11
N TYR C 1094 10.79 27.92 13.10
CA TYR C 1094 11.46 27.30 14.28
C TYR C 1094 11.65 28.36 15.37
N GLU C 1095 12.32 29.46 14.99
CA GLU C 1095 12.57 30.66 15.84
C GLU C 1095 11.24 31.16 16.42
N ALA C 1096 10.23 31.34 15.57
CA ALA C 1096 8.89 31.85 15.91
C ALA C 1096 8.20 30.93 16.92
N ILE C 1097 8.24 29.61 16.67
CA ILE C 1097 7.61 28.59 17.57
C ILE C 1097 8.36 28.55 18.90
N VAL C 1098 9.70 28.46 18.88
CA VAL C 1098 10.53 28.34 20.11
C VAL C 1098 10.44 29.64 20.93
N LYS C 1099 10.38 30.81 20.28
CA LYS C 1099 10.16 32.12 20.95
C LYS C 1099 8.72 32.19 21.46
N GLY C 1100 7.76 31.63 20.69
CA GLY C 1100 6.33 31.58 21.04
C GLY C 1100 5.58 32.79 20.50
N GLU C 1101 5.85 33.14 19.24
CA GLU C 1101 5.26 34.31 18.53
C GLU C 1101 4.29 33.79 17.45
N ASN C 1102 3.65 34.69 16.71
CA ASN C 1102 2.80 34.37 15.53
C ASN C 1102 3.67 33.74 14.45
N ILE C 1103 3.15 32.71 13.76
CA ILE C 1103 3.84 32.06 12.61
C ILE C 1103 3.84 33.06 11.45
N PRO C 1104 5.01 33.50 10.93
CA PRO C 1104 5.06 34.54 9.90
C PRO C 1104 4.44 34.05 8.58
N GLU C 1105 3.78 34.97 7.84
CA GLU C 1105 2.98 34.68 6.63
C GLU C 1105 3.87 33.99 5.60
N PRO C 1106 3.56 32.74 5.18
CA PRO C 1106 4.34 32.06 4.15
C PRO C 1106 4.44 32.89 2.85
N GLY C 1107 5.66 33.32 2.51
CA GLY C 1107 5.95 34.22 1.38
C GLY C 1107 5.71 33.54 0.04
N ILE C 1108 6.75 32.89 -0.50
CA ILE C 1108 6.72 32.17 -1.81
C ILE C 1108 7.61 30.93 -1.69
N PRO C 1109 7.18 29.75 -2.20
CA PRO C 1109 8.01 28.55 -2.13
C PRO C 1109 9.18 28.62 -3.13
N GLU C 1110 10.28 27.94 -2.80
CA GLU C 1110 11.44 27.70 -3.72
C GLU C 1110 10.94 26.95 -4.97
N SER C 1111 9.90 26.12 -4.81
CA SER C 1111 9.24 25.32 -5.88
C SER C 1111 8.54 26.24 -6.90
N PHE C 1112 8.19 27.48 -6.52
CA PHE C 1112 7.69 28.54 -7.44
C PHE C 1112 8.88 29.28 -8.07
N LYS C 1113 9.82 29.74 -7.23
CA LYS C 1113 11.02 30.52 -7.64
C LYS C 1113 11.79 29.74 -8.71
N VAL C 1114 11.99 28.43 -8.50
CA VAL C 1114 12.71 27.52 -9.42
C VAL C 1114 11.97 27.44 -10.77
N LEU C 1115 10.62 27.41 -10.74
CA LEU C 1115 9.77 27.34 -11.97
C LEU C 1115 9.86 28.69 -12.70
N LEU C 1116 9.67 29.79 -11.97
CA LEU C 1116 9.88 31.19 -12.43
C LEU C 1116 11.24 31.30 -13.15
N LYS C 1117 12.34 30.98 -12.45
CA LYS C 1117 13.72 31.09 -12.97
C LYS C 1117 13.94 30.11 -14.13
N GLU C 1118 13.33 28.92 -14.07
CA GLU C 1118 13.37 27.91 -15.17
C GLU C 1118 12.72 28.51 -16.43
N LEU C 1119 11.53 29.10 -16.30
CA LEU C 1119 10.77 29.73 -17.41
C LEU C 1119 11.49 31.01 -17.89
N GLN C 1120 12.19 31.72 -16.99
CA GLN C 1120 13.07 32.86 -17.35
C GLN C 1120 14.29 32.35 -18.13
N SER C 1121 14.80 31.16 -17.78
CA SER C 1121 15.93 30.48 -18.48
C SER C 1121 15.46 29.87 -19.81
N LEU C 1122 14.16 29.55 -19.93
CA LEU C 1122 13.53 29.09 -21.20
C LEU C 1122 13.13 30.29 -22.08
N CYS C 1123 13.47 31.52 -21.66
CA CYS C 1123 13.26 32.78 -22.41
C CYS C 1123 11.76 33.12 -22.50
N LEU C 1124 10.96 32.67 -21.52
CA LEU C 1124 9.51 33.02 -21.42
C LEU C 1124 9.37 34.12 -20.36
N ASN C 1125 9.21 35.37 -20.81
CA ASN C 1125 9.20 36.59 -19.95
C ASN C 1125 7.96 36.57 -19.06
N VAL C 1126 8.02 35.82 -17.95
CA VAL C 1126 6.96 35.73 -16.92
C VAL C 1126 7.20 36.84 -15.88
N GLU C 1127 6.15 37.61 -15.56
CA GLU C 1127 6.21 38.82 -14.69
C GLU C 1127 4.98 38.86 -13.78
N VAL C 1128 5.16 39.31 -12.53
CA VAL C 1128 4.12 39.30 -11.46
C VAL C 1128 3.62 40.74 -11.24
N LEU C 1129 2.29 40.93 -11.26
CA LEU C 1129 1.62 42.25 -11.10
C LEU C 1129 0.17 42.06 -10.63
N SER C 1130 -0.28 42.94 -9.74
CA SER C 1130 -1.67 42.99 -9.19
C SER C 1130 -2.54 43.89 -10.07
N SER C 1131 -3.74 44.24 -9.59
CA SER C 1131 -4.70 45.16 -10.26
C SER C 1131 -4.06 46.52 -10.51
N ASP C 1132 -3.47 47.12 -9.46
CA ASP C 1132 -2.76 48.43 -9.49
C ASP C 1132 -1.33 48.23 -8.94
N GLY C 1133 -0.31 48.43 -9.78
CA GLY C 1133 1.11 48.30 -9.42
C GLY C 1133 1.65 46.92 -9.75
N ALA C 1134 2.84 46.85 -10.37
CA ALA C 1134 3.53 45.60 -10.77
C ALA C 1134 4.54 45.21 -9.67
N ALA C 1135 4.70 43.90 -9.43
CA ALA C 1135 5.56 43.33 -8.36
C ALA C 1135 6.96 43.05 -8.92
N ILE C 1136 7.89 42.68 -8.03
CA ILE C 1136 9.33 42.39 -8.36
C ILE C 1136 9.70 41.02 -7.79
N GLU C 1137 10.60 40.30 -8.47
CA GLU C 1137 10.99 38.90 -8.16
C GLU C 1137 12.06 38.91 -7.06
N VAL D 4 5.66 40.31 1.32
CA VAL D 4 4.36 40.79 0.77
C VAL D 4 3.51 39.56 0.40
N ASN D 5 3.99 38.74 -0.54
CA ASN D 5 3.40 37.44 -0.97
C ASN D 5 1.99 37.65 -1.56
N PHE D 6 1.73 38.83 -2.15
CA PHE D 6 0.41 39.23 -2.71
C PHE D 6 0.61 39.75 -4.14
N PHE D 7 0.39 38.87 -5.12
CA PHE D 7 0.36 39.18 -6.58
C PHE D 7 -0.94 38.58 -7.15
N ASP D 8 -1.87 39.46 -7.55
CA ASP D 8 -3.26 39.10 -7.96
C ASP D 8 -3.23 38.25 -9.24
N GLU D 9 -2.43 38.68 -10.23
CA GLU D 9 -2.35 38.04 -11.57
C GLU D 9 -0.88 37.74 -11.93
N LEU D 10 -0.67 36.98 -13.01
CA LEU D 10 0.65 36.53 -13.50
C LEU D 10 0.68 36.58 -15.03
N ARG D 11 1.38 37.56 -15.60
CA ARG D 11 1.50 37.79 -17.07
C ARG D 11 2.78 37.12 -17.58
N ILE D 12 2.76 36.69 -18.85
CA ILE D 12 3.91 36.03 -19.56
C ILE D 12 4.19 36.80 -20.85
N GLY D 13 5.10 36.29 -21.68
CA GLY D 13 5.44 36.87 -23.00
C GLY D 13 6.64 36.17 -23.63
N LEU D 14 7.55 36.95 -24.22
CA LEU D 14 8.81 36.46 -24.86
C LEU D 14 9.97 37.33 -24.35
N ALA D 15 11.04 36.69 -23.87
CA ALA D 15 12.22 37.35 -23.27
C ALA D 15 13.05 38.03 -24.37
N THR D 16 13.02 39.37 -24.40
CA THR D 16 13.83 40.23 -25.30
C THR D 16 15.26 40.31 -24.73
N ALA D 17 16.27 40.35 -25.60
CA ALA D 17 17.71 40.44 -25.28
C ALA D 17 17.95 41.55 -24.25
N ASP D 18 17.23 42.69 -24.38
CA ASP D 18 17.26 43.82 -23.43
C ASP D 18 16.86 43.34 -22.03
N ASP D 19 15.70 42.67 -21.92
CA ASP D 19 15.15 42.16 -20.63
C ASP D 19 16.06 41.06 -20.09
N ILE D 20 16.61 40.20 -20.96
CA ILE D 20 17.56 39.11 -20.61
C ILE D 20 18.86 39.72 -20.06
N ARG D 21 19.33 40.82 -20.66
CA ARG D 21 20.50 41.61 -20.17
C ARG D 21 20.15 42.26 -18.83
N ASN D 22 18.99 42.90 -18.73
CA ASN D 22 18.47 43.57 -17.51
C ASN D 22 18.36 42.56 -16.36
N TRP D 23 17.93 41.32 -16.65
CA TRP D 23 17.91 40.19 -15.67
C TRP D 23 19.33 39.91 -15.15
N SER D 24 20.31 39.81 -16.05
CA SER D 24 21.68 39.30 -15.77
C SER D 24 22.49 40.33 -14.98
N TYR D 25 23.39 39.83 -14.12
CA TYR D 25 24.29 40.62 -13.25
C TYR D 25 25.72 40.64 -13.83
N GLY D 26 26.10 39.58 -14.57
CA GLY D 26 27.39 39.49 -15.29
C GLY D 26 27.28 38.67 -16.57
N GLU D 27 28.29 38.79 -17.45
CA GLU D 27 28.39 38.07 -18.74
C GLU D 27 29.48 37.00 -18.63
N VAL D 28 29.10 35.71 -18.73
CA VAL D 28 30.04 34.57 -18.88
C VAL D 28 30.71 34.67 -20.25
N LYS D 29 32.05 34.57 -20.29
CA LYS D 29 32.84 34.74 -21.54
C LYS D 29 34.10 33.86 -21.51
N LYS D 30 34.00 32.63 -20.96
CA LYS D 30 35.01 31.56 -21.12
C LYS D 30 34.32 30.20 -20.98
N PRO D 31 34.76 29.15 -21.73
CA PRO D 31 34.11 27.84 -21.69
C PRO D 31 34.72 26.92 -20.62
N GLU D 32 34.55 27.28 -19.35
CA GLU D 32 35.17 26.59 -18.18
C GLU D 32 34.16 26.56 -17.01
N THR D 33 34.08 25.42 -16.32
CA THR D 33 33.13 25.15 -15.20
C THR D 33 33.88 25.29 -13.87
N ILE D 34 34.64 24.25 -13.48
CA ILE D 34 35.38 24.16 -12.18
C ILE D 34 36.77 23.57 -12.45
N ASN D 35 37.79 24.05 -11.71
CA ASN D 35 39.21 23.62 -11.82
C ASN D 35 39.33 22.20 -11.25
N TYR D 36 39.84 21.26 -12.08
CA TYR D 36 39.98 19.81 -11.75
C TYR D 36 40.88 19.61 -10.52
N ARG D 37 41.88 20.48 -10.33
CA ARG D 37 42.85 20.40 -9.20
C ARG D 37 42.17 20.78 -7.88
N THR D 38 41.79 22.06 -7.72
CA THR D 38 41.36 22.68 -6.43
C THR D 38 39.85 22.60 -6.24
N LEU D 39 39.07 22.40 -7.31
CA LEU D 39 37.57 22.33 -7.31
C LEU D 39 37.00 23.68 -6.85
N LYS D 40 37.41 24.77 -7.51
CA LYS D 40 36.90 26.16 -7.30
C LYS D 40 36.24 26.63 -8.59
N PRO D 41 35.21 27.52 -8.53
CA PRO D 41 34.65 28.12 -9.74
C PRO D 41 35.68 28.95 -10.53
N GLU D 42 35.58 28.92 -11.87
CA GLU D 42 36.53 29.58 -12.81
C GLU D 42 36.02 30.98 -13.16
N LYS D 43 36.94 31.94 -13.34
CA LYS D 43 36.65 33.38 -13.51
C LYS D 43 36.09 33.63 -14.93
N ASP D 44 34.90 34.24 -15.02
CA ASP D 44 34.19 34.61 -16.28
C ASP D 44 33.77 33.34 -17.05
N GLY D 45 33.54 32.22 -16.33
CA GLY D 45 33.05 30.95 -16.88
C GLY D 45 31.70 30.57 -16.27
N LEU D 46 31.30 29.30 -16.39
CA LEU D 46 30.09 28.76 -15.73
C LEU D 46 30.36 28.62 -14.22
N PHE D 47 29.31 28.71 -13.40
CA PHE D 47 29.34 28.62 -11.91
C PHE D 47 30.13 29.79 -11.29
N CYS D 48 30.46 30.82 -12.08
CA CYS D 48 31.38 31.93 -11.69
C CYS D 48 30.73 32.81 -10.62
N GLU D 49 31.46 33.06 -9.52
CA GLU D 49 30.98 33.80 -8.32
C GLU D 49 30.72 35.27 -8.68
N LYS D 50 31.62 35.87 -9.48
CA LYS D 50 31.56 37.28 -9.95
C LYS D 50 30.20 37.55 -10.60
N ILE D 51 29.74 36.66 -11.48
CA ILE D 51 28.49 36.83 -12.28
C ILE D 51 27.29 36.25 -11.51
N PHE D 52 27.41 35.04 -10.94
CA PHE D 52 26.29 34.32 -10.28
C PHE D 52 26.24 34.70 -8.79
N GLY D 53 27.11 34.13 -7.95
CA GLY D 53 27.08 34.36 -6.50
C GLY D 53 28.10 33.52 -5.74
N PRO D 54 28.40 33.86 -4.46
CA PRO D 54 29.49 33.24 -3.71
C PRO D 54 29.21 31.78 -3.31
N THR D 55 30.24 30.93 -3.38
CA THR D 55 30.18 29.47 -3.12
C THR D 55 29.76 29.22 -1.67
N ARG D 56 30.49 29.79 -0.71
CA ARG D 56 30.23 29.71 0.75
C ARG D 56 29.54 31.01 1.20
N ASP D 57 28.74 30.93 2.26
CA ASP D 57 27.90 32.05 2.78
C ASP D 57 28.80 33.17 3.32
N TRP D 58 28.72 34.35 2.70
CA TRP D 58 29.54 35.56 3.00
C TRP D 58 31.03 35.23 2.87
N GLU D 59 31.47 34.92 1.64
CA GLU D 59 32.88 34.61 1.28
C GLU D 59 33.13 34.90 -0.19
N CYS D 60 34.11 35.75 -0.51
CA CYS D 60 34.54 36.10 -1.89
C CYS D 60 35.39 34.96 -2.47
N TYR D 61 35.71 35.03 -3.77
CA TYR D 61 36.48 34.01 -4.52
C TYR D 61 37.93 33.98 -4.04
N CYS D 62 38.63 35.12 -4.19
CA CYS D 62 40.07 35.29 -3.86
C CYS D 62 40.32 35.06 -2.36
N GLY D 63 39.41 35.54 -1.50
CA GLY D 63 39.42 35.31 -0.05
C GLY D 63 40.02 36.49 0.71
N LYS D 64 39.51 37.70 0.45
CA LYS D 64 39.90 38.96 1.13
C LYS D 64 38.78 39.38 2.07
N TYR D 65 37.55 39.48 1.56
CA TYR D 65 36.31 39.81 2.30
C TYR D 65 35.53 38.51 2.58
N LYS D 66 35.54 38.05 3.85
CA LYS D 66 34.82 36.83 4.31
C LYS D 66 34.02 37.12 5.60
N ARG D 67 33.76 38.39 5.93
CA ARG D 67 33.01 38.81 7.14
C ARG D 67 31.57 39.15 6.75
N VAL D 68 30.62 38.91 7.66
CA VAL D 68 29.15 39.12 7.46
C VAL D 68 28.80 40.60 7.72
N ARG D 69 29.65 41.33 8.46
CA ARG D 69 29.42 42.72 8.94
C ARG D 69 29.05 43.64 7.79
N PHE D 70 29.83 43.61 6.70
CA PHE D 70 29.65 44.47 5.48
C PHE D 70 28.78 43.73 4.46
N LYS D 71 28.02 44.51 3.66
CA LYS D 71 27.17 44.02 2.54
C LYS D 71 27.01 45.13 1.50
N GLY D 72 26.77 44.75 0.24
CA GLY D 72 26.58 45.67 -0.89
C GLY D 72 27.86 46.38 -1.28
N ILE D 73 28.96 45.63 -1.44
CA ILE D 73 30.29 46.11 -1.88
C ILE D 73 30.96 45.04 -2.76
N ILE D 74 31.58 45.47 -3.86
CA ILE D 74 32.27 44.59 -4.85
C ILE D 74 33.78 44.65 -4.57
N CYS D 75 34.42 43.50 -4.37
CA CYS D 75 35.87 43.36 -4.07
C CYS D 75 36.68 43.69 -5.33
N GLU D 76 37.60 44.67 -5.23
CA GLU D 76 38.34 45.27 -6.36
C GLU D 76 39.20 44.21 -7.10
N ARG D 77 39.71 43.20 -6.39
CA ARG D 77 40.61 42.16 -6.96
C ARG D 77 39.81 41.23 -7.88
N CYS D 78 38.88 40.45 -7.33
CA CYS D 78 38.11 39.39 -8.05
C CYS D 78 36.88 39.99 -8.73
N GLY D 79 36.10 40.81 -8.01
CA GLY D 79 34.85 41.42 -8.50
C GLY D 79 33.60 40.70 -8.03
N VAL D 80 33.70 39.87 -7.00
CA VAL D 80 32.57 39.09 -6.40
C VAL D 80 31.92 39.96 -5.31
N GLU D 81 30.58 39.95 -5.24
CA GLU D 81 29.79 40.69 -4.22
C GLU D 81 29.47 39.74 -3.06
N VAL D 82 29.69 40.20 -1.82
CA VAL D 82 29.66 39.37 -0.58
C VAL D 82 28.24 39.42 0.02
N THR D 83 27.41 38.42 -0.32
CA THR D 83 26.00 38.28 0.13
C THR D 83 25.74 36.81 0.49
N ARG D 84 24.48 36.40 0.66
CA ARG D 84 24.06 34.99 0.91
C ARG D 84 24.43 34.11 -0.29
N ALA D 85 24.65 32.81 -0.05
CA ALA D 85 24.95 31.79 -1.07
C ALA D 85 23.68 31.47 -1.88
N LYS D 86 22.49 31.57 -1.24
CA LYS D 86 21.16 31.23 -1.83
C LYS D 86 20.97 31.92 -3.18
N VAL D 87 21.57 33.11 -3.38
CA VAL D 87 21.53 33.89 -4.66
C VAL D 87 22.05 33.02 -5.82
N ARG D 88 22.93 32.06 -5.57
CA ARG D 88 23.42 31.07 -6.60
C ARG D 88 22.23 30.29 -7.18
N ARG D 89 21.11 30.21 -6.45
CA ARG D 89 19.80 29.68 -6.93
C ARG D 89 18.81 30.85 -7.10
N GLU D 90 19.24 31.94 -7.75
CA GLU D 90 18.37 33.12 -8.02
C GLU D 90 18.97 33.95 -9.16
N ARG D 91 20.13 34.59 -8.93
CA ARG D 91 20.80 35.54 -9.87
C ARG D 91 21.04 34.84 -11.22
N MET D 92 20.15 35.10 -12.18
CA MET D 92 20.21 34.57 -13.58
C MET D 92 21.43 35.15 -14.29
N GLY D 93 22.03 34.38 -15.20
CA GLY D 93 23.15 34.81 -16.07
C GLY D 93 22.69 35.01 -17.50
N HIS D 94 23.62 35.35 -18.41
CA HIS D 94 23.35 35.48 -19.86
C HIS D 94 24.62 35.17 -20.67
N ILE D 95 24.45 34.90 -21.97
CA ILE D 95 25.52 34.68 -22.98
C ILE D 95 25.20 35.54 -24.21
N GLU D 96 26.13 36.42 -24.58
CA GLU D 96 26.05 37.29 -25.79
C GLU D 96 26.48 36.48 -27.02
N LEU D 97 25.54 36.10 -27.87
CA LEU D 97 25.82 35.36 -29.13
C LEU D 97 26.32 36.35 -30.17
N ALA D 98 27.54 36.14 -30.70
CA ALA D 98 28.22 37.00 -31.70
C ALA D 98 27.29 37.25 -32.89
N ALA D 99 26.63 36.19 -33.38
CA ALA D 99 25.54 36.22 -34.38
C ALA D 99 24.21 35.95 -33.68
N PRO D 100 23.12 36.71 -33.97
CA PRO D 100 21.79 36.37 -33.46
C PRO D 100 21.32 34.94 -33.80
N VAL D 101 20.58 34.32 -32.88
CA VAL D 101 20.09 32.91 -32.95
C VAL D 101 18.61 32.91 -32.57
N THR D 102 17.74 32.29 -33.40
CA THR D 102 16.28 32.20 -33.16
C THR D 102 16.00 31.15 -32.08
N HIS D 103 14.84 31.24 -31.42
CA HIS D 103 14.34 30.24 -30.44
C HIS D 103 13.75 29.04 -31.21
N ILE D 104 14.04 27.82 -30.76
CA ILE D 104 13.55 26.55 -31.39
C ILE D 104 12.03 26.41 -31.21
N TRP D 105 11.46 27.00 -30.16
CA TRP D 105 10.02 26.82 -29.78
C TRP D 105 9.09 27.50 -30.79
N TYR D 106 9.46 28.68 -31.31
CA TYR D 106 8.65 29.47 -32.28
C TYR D 106 8.96 29.04 -33.72
N PHE D 107 9.87 28.08 -33.91
CA PHE D 107 10.40 27.61 -35.21
C PHE D 107 9.96 26.16 -35.47
N LYS D 108 10.36 25.24 -34.59
CA LYS D 108 10.16 23.77 -34.73
C LYS D 108 8.82 23.34 -34.10
N GLY D 109 8.09 24.27 -33.47
CA GLY D 109 6.70 24.05 -33.01
C GLY D 109 5.77 23.72 -34.16
N VAL D 110 4.72 22.93 -33.90
CA VAL D 110 3.75 22.44 -34.93
C VAL D 110 2.35 22.93 -34.55
N PRO D 111 1.76 23.93 -35.26
CA PRO D 111 2.42 24.66 -36.34
C PRO D 111 3.45 25.70 -35.85
N SER D 112 4.44 26.01 -36.70
CA SER D 112 5.50 27.02 -36.46
C SER D 112 4.87 28.41 -36.32
N ARG D 113 5.19 29.12 -35.22
CA ARG D 113 4.64 30.46 -34.89
C ARG D 113 5.31 31.51 -35.79
N LEU D 114 6.64 31.47 -35.89
CA LEU D 114 7.43 32.30 -36.86
C LEU D 114 6.95 31.97 -38.28
N GLY D 115 6.70 30.69 -38.57
CA GLY D 115 6.25 30.19 -39.89
C GLY D 115 4.87 30.68 -40.25
N TYR D 116 3.94 30.72 -39.29
CA TYR D 116 2.56 31.24 -39.47
C TYR D 116 2.58 32.78 -39.42
N LEU D 117 3.58 33.39 -38.76
CA LEU D 117 3.75 34.86 -38.73
C LEU D 117 4.27 35.36 -40.08
N LEU D 118 5.37 34.78 -40.58
CA LEU D 118 6.06 35.22 -41.83
C LEU D 118 5.54 34.45 -43.05
N ASP D 119 4.70 33.42 -42.86
CA ASP D 119 3.95 32.70 -43.93
C ASP D 119 4.95 32.03 -44.90
N LEU D 120 5.53 30.90 -44.47
CA LEU D 120 6.45 30.06 -45.29
C LEU D 120 6.39 28.62 -44.77
N ALA D 121 6.80 27.65 -45.60
CA ALA D 121 6.85 26.21 -45.26
C ALA D 121 7.92 25.95 -44.21
N PRO D 122 7.67 25.04 -43.22
CA PRO D 122 8.65 24.76 -42.17
C PRO D 122 9.94 24.14 -42.71
N LYS D 123 9.84 23.34 -43.77
CA LYS D 123 10.97 22.68 -44.48
C LYS D 123 11.85 23.75 -45.14
N ASP D 124 11.26 24.84 -45.64
CA ASP D 124 11.97 26.01 -46.23
C ASP D 124 12.53 26.89 -45.10
N LEU D 125 11.72 27.13 -44.06
CA LEU D 125 12.14 27.90 -42.85
C LEU D 125 13.35 27.23 -42.19
N GLU D 126 13.38 25.90 -42.15
CA GLU D 126 14.53 25.07 -41.69
C GLU D 126 15.80 25.48 -42.45
N LYS D 127 15.72 25.52 -43.78
CA LYS D 127 16.84 25.84 -44.71
C LYS D 127 17.37 27.25 -44.43
N ILE D 128 16.49 28.21 -44.12
CA ILE D 128 16.87 29.63 -43.81
C ILE D 128 17.69 29.66 -42.52
N ILE D 129 17.17 29.04 -41.45
CA ILE D 129 17.78 29.06 -40.09
C ILE D 129 19.07 28.24 -40.08
N TYR D 130 19.09 27.06 -40.74
CA TYR D 130 20.26 26.14 -40.75
C TYR D 130 21.16 26.40 -41.96
N PHE D 131 21.15 27.62 -42.51
CA PHE D 131 22.16 28.18 -43.45
C PHE D 131 22.34 27.27 -44.68
N ALA D 132 21.22 26.81 -45.26
CA ALA D 132 21.15 26.00 -46.50
C ALA D 132 20.48 26.81 -47.62
N ALA D 133 20.20 28.09 -47.40
CA ALA D 133 19.49 28.99 -48.35
C ALA D 133 19.54 30.44 -47.86
N TYR D 134 19.81 31.38 -48.76
CA TYR D 134 19.61 32.84 -48.57
C TYR D 134 18.10 33.14 -48.68
N VAL D 135 17.62 34.11 -47.90
CA VAL D 135 16.25 34.69 -48.01
C VAL D 135 16.36 36.21 -48.19
N ILE D 136 15.45 36.80 -48.96
CA ILE D 136 15.41 38.25 -49.28
C ILE D 136 14.63 38.97 -48.17
N THR D 137 15.24 39.99 -47.55
CA THR D 137 14.73 40.70 -46.34
C THR D 137 13.86 41.89 -46.75
N SER D 138 14.42 42.81 -47.53
CA SER D 138 13.76 44.08 -47.98
C SER D 138 14.16 44.42 -49.41
N VAL D 139 13.19 44.47 -50.33
CA VAL D 139 13.36 44.87 -51.76
C VAL D 139 12.83 46.30 -51.93
N ASP D 140 13.67 47.22 -52.39
CA ASP D 140 13.28 48.60 -52.77
C ASP D 140 12.73 48.55 -54.20
N ASP D 141 11.43 48.27 -54.33
CA ASP D 141 10.72 48.01 -55.61
C ASP D 141 10.73 49.27 -56.50
N GLU D 142 10.57 50.45 -55.89
CA GLU D 142 10.44 51.76 -56.59
C GLU D 142 11.74 52.07 -57.36
N MET D 143 12.88 52.03 -56.68
CA MET D 143 14.23 52.32 -57.24
C MET D 143 14.60 51.27 -58.31
N ARG D 144 14.12 50.03 -58.16
CA ARG D 144 14.31 48.93 -59.14
C ARG D 144 13.46 49.21 -60.39
N HIS D 145 12.17 49.52 -60.18
CA HIS D 145 11.17 49.85 -61.25
C HIS D 145 11.65 51.07 -62.05
N ASN D 146 12.03 52.15 -61.35
CA ASN D 146 12.54 53.42 -61.96
C ASN D 146 13.74 53.12 -62.88
N GLU D 147 14.69 52.30 -62.40
CA GLU D 147 15.92 51.91 -63.14
C GLU D 147 15.88 50.41 -63.44
N LEU D 148 14.80 49.94 -64.08
CA LEU D 148 14.63 48.55 -64.60
C LEU D 148 15.17 48.47 -66.03
N SER D 149 14.82 49.44 -66.88
CA SER D 149 15.08 49.47 -68.35
C SER D 149 16.58 49.52 -68.65
N THR D 150 17.35 50.30 -67.88
CA THR D 150 18.82 50.44 -68.00
C THR D 150 19.49 49.10 -67.70
N LEU D 151 19.09 48.45 -66.61
CA LEU D 151 19.59 47.11 -66.18
C LEU D 151 19.14 46.04 -67.19
N GLU D 152 17.92 46.19 -67.75
CA GLU D 152 17.39 45.33 -68.84
C GLU D 152 18.26 45.49 -70.10
N ALA D 153 18.66 46.73 -70.43
CA ALA D 153 19.54 47.07 -71.57
C ALA D 153 20.94 46.47 -71.32
N GLU D 154 21.50 46.69 -70.13
CA GLU D 154 22.76 46.05 -69.67
C GLU D 154 22.65 44.53 -69.81
N MET D 155 21.50 43.95 -69.44
CA MET D 155 21.20 42.49 -69.56
C MET D 155 21.18 42.09 -71.04
N ALA D 156 20.58 42.91 -71.91
CA ALA D 156 20.53 42.71 -73.38
C ALA D 156 21.94 42.72 -73.96
N VAL D 157 22.77 43.68 -73.54
CA VAL D 157 24.22 43.77 -73.91
C VAL D 157 24.95 42.52 -73.39
N GLU D 158 24.65 42.09 -72.15
CA GLU D 158 25.27 40.90 -71.50
C GLU D 158 24.84 39.62 -72.23
N LYS D 159 23.63 39.59 -72.81
CA LYS D 159 23.16 38.48 -73.70
C LYS D 159 23.90 38.58 -75.05
N LYS D 160 23.96 39.78 -75.64
CA LYS D 160 24.66 40.06 -76.92
C LYS D 160 26.13 39.62 -76.82
N ALA D 161 26.77 39.80 -75.66
CA ALA D 161 28.17 39.39 -75.38
C ALA D 161 28.31 37.87 -75.48
N VAL D 162 27.52 37.11 -74.70
CA VAL D 162 27.56 35.62 -74.66
C VAL D 162 27.10 35.06 -76.02
N GLU D 163 26.22 35.77 -76.73
CA GLU D 163 25.86 35.45 -78.15
C GLU D 163 27.10 35.64 -79.05
N ASP D 164 27.80 36.76 -78.90
CA ASP D 164 29.07 37.08 -79.63
C ASP D 164 30.07 35.94 -79.38
N GLN D 165 30.28 35.58 -78.09
CA GLN D 165 31.17 34.46 -77.67
C GLN D 165 30.69 33.15 -78.33
N ARG D 166 29.40 32.85 -78.21
CA ARG D 166 28.73 31.64 -78.76
C ARG D 166 29.03 31.52 -80.26
N ASP D 167 28.72 32.55 -81.05
CA ASP D 167 28.94 32.54 -82.53
C ASP D 167 30.44 32.50 -82.83
N ALA D 168 31.26 33.27 -82.08
CA ALA D 168 32.72 33.35 -82.24
C ALA D 168 33.36 31.96 -82.07
N ASP D 169 33.04 31.24 -80.99
CA ASP D 169 33.64 29.91 -80.68
C ASP D 169 33.18 28.88 -81.72
N LEU D 170 31.90 28.89 -82.12
CA LEU D 170 31.32 28.00 -83.15
C LEU D 170 32.01 28.26 -84.50
N GLU D 171 32.12 29.53 -84.91
CA GLU D 171 32.84 29.98 -86.13
C GLU D 171 34.30 29.50 -86.06
N ALA D 172 34.97 29.73 -84.93
CA ALA D 172 36.39 29.35 -84.67
C ALA D 172 36.55 27.83 -84.74
N ARG D 173 35.55 27.05 -84.29
CA ARG D 173 35.57 25.57 -84.31
C ARG D 173 35.35 25.07 -85.75
N ALA D 174 34.22 25.47 -86.36
CA ALA D 174 33.76 25.03 -87.70
C ALA D 174 34.90 25.11 -88.73
N GLN D 175 35.57 26.27 -88.79
CA GLN D 175 36.74 26.53 -89.69
C GLN D 175 37.87 25.53 -89.38
N LYS D 176 38.14 25.27 -88.10
CA LYS D 176 39.19 24.32 -87.62
C LYS D 176 38.82 22.89 -88.05
N LEU D 177 37.56 22.50 -87.90
CA LEU D 177 37.04 21.16 -88.31
C LEU D 177 37.11 21.01 -89.83
N GLU D 178 36.67 22.05 -90.57
CA GLU D 178 36.72 22.11 -92.05
C GLU D 178 38.18 22.00 -92.53
N ALA D 179 39.09 22.76 -91.89
CA ALA D 179 40.55 22.74 -92.15
C ALA D 179 41.12 21.34 -91.87
N ASP D 180 40.78 20.77 -90.71
CA ASP D 180 41.22 19.41 -90.27
C ASP D 180 40.75 18.37 -91.28
N LEU D 181 39.48 18.43 -91.70
CA LEU D 181 38.88 17.50 -92.70
C LEU D 181 39.52 17.70 -94.07
N ALA D 182 39.77 18.97 -94.45
CA ALA D 182 40.42 19.36 -95.73
C ALA D 182 41.86 18.81 -95.78
N GLU D 183 42.61 18.94 -94.68
CA GLU D 183 43.98 18.37 -94.54
C GLU D 183 43.92 16.84 -94.47
N LEU D 184 42.87 16.28 -93.83
CA LEU D 184 42.64 14.82 -93.70
C LEU D 184 42.40 14.20 -95.08
N GLU D 185 41.52 14.80 -95.88
CA GLU D 185 41.21 14.37 -97.27
C GLU D 185 42.42 14.68 -98.17
N ASP D 192 35.29 6.63 -91.63
CA ASP D 192 35.72 5.81 -90.47
C ASP D 192 36.82 6.54 -89.68
N VAL D 193 37.79 7.15 -90.38
CA VAL D 193 38.92 7.92 -89.79
C VAL D 193 38.58 9.42 -89.77
N ARG D 194 37.88 9.93 -90.79
CA ARG D 194 37.53 11.37 -90.98
C ARG D 194 36.14 11.64 -90.38
N ARG D 195 35.16 10.78 -90.67
CA ARG D 195 33.74 10.90 -90.22
C ARG D 195 33.68 10.87 -88.68
N LYS D 196 34.54 10.07 -88.04
CA LYS D 196 34.69 9.98 -86.55
C LYS D 196 35.14 11.33 -85.99
N VAL D 197 36.18 11.93 -86.59
CA VAL D 197 36.74 13.26 -86.20
C VAL D 197 35.68 14.34 -86.46
N ARG D 198 34.97 14.25 -87.59
CA ARG D 198 33.81 15.11 -87.93
C ARG D 198 32.76 15.02 -86.82
N ASP D 199 32.34 13.79 -86.47
CA ASP D 199 31.33 13.51 -85.41
C ASP D 199 31.82 14.05 -84.06
N SER D 200 33.09 13.83 -83.71
CA SER D 200 33.76 14.35 -82.49
C SER D 200 33.70 15.89 -82.47
N GLY D 201 34.09 16.52 -83.58
CA GLY D 201 34.01 17.98 -83.78
C GLY D 201 32.60 18.51 -83.60
N GLU D 202 31.62 17.87 -84.26
CA GLU D 202 30.17 18.19 -84.16
C GLU D 202 29.70 18.03 -82.70
N ARG D 203 30.15 16.99 -82.01
CA ARG D 203 29.84 16.73 -80.57
C ARG D 203 30.43 17.85 -79.71
N GLU D 204 31.70 18.23 -79.97
CA GLU D 204 32.42 19.31 -79.23
C GLU D 204 31.72 20.66 -79.45
N MET D 205 31.41 21.02 -80.71
CA MET D 205 30.70 22.29 -81.04
C MET D 205 29.26 22.23 -80.50
N ARG D 206 28.65 21.04 -80.45
CA ARG D 206 27.34 20.78 -79.79
C ARG D 206 27.45 21.08 -78.28
N GLN D 207 28.52 20.61 -77.63
CA GLN D 207 28.81 20.88 -76.19
C GLN D 207 29.05 22.39 -75.99
N LEU D 208 29.81 23.02 -76.89
CA LEU D 208 30.06 24.49 -76.87
C LEU D 208 28.75 25.26 -77.04
N ARG D 209 27.84 24.78 -77.90
CA ARG D 209 26.47 25.34 -78.07
C ARG D 209 25.67 25.15 -76.77
N ASP D 210 25.71 23.94 -76.21
CA ASP D 210 25.00 23.56 -74.94
C ASP D 210 25.47 24.46 -73.79
N ARG D 211 26.78 24.72 -73.70
CA ARG D 211 27.41 25.61 -72.68
C ARG D 211 26.79 27.02 -72.79
N ALA D 212 26.82 27.60 -74.00
CA ALA D 212 26.25 28.93 -74.33
C ALA D 212 24.75 28.96 -74.01
N GLN D 213 24.02 27.89 -74.38
CA GLN D 213 22.57 27.69 -74.07
C GLN D 213 22.37 27.74 -72.55
N ARG D 214 23.17 26.96 -71.79
CA ARG D 214 23.12 26.92 -70.30
C ARG D 214 23.43 28.30 -69.72
N GLU D 215 24.45 29.00 -70.25
CA GLU D 215 24.86 30.35 -69.79
C GLU D 215 23.71 31.36 -70.04
N LEU D 216 23.20 31.40 -71.27
CA LEU D 216 22.04 32.26 -71.66
C LEU D 216 20.83 31.93 -70.76
N ASP D 217 20.55 30.64 -70.54
CA ASP D 217 19.48 30.14 -69.62
C ASP D 217 19.73 30.71 -68.21
N ARG D 218 20.98 30.63 -67.72
CA ARG D 218 21.37 31.17 -66.38
C ARG D 218 21.12 32.69 -66.33
N LEU D 219 21.59 33.43 -67.35
CA LEU D 219 21.40 34.91 -67.44
C LEU D 219 19.90 35.24 -67.43
N ASP D 220 19.13 34.62 -68.33
CA ASP D 220 17.67 34.82 -68.47
C ASP D 220 16.97 34.47 -67.15
N GLU D 221 17.36 33.37 -66.50
CA GLU D 221 16.84 32.94 -65.17
C GLU D 221 17.14 34.02 -64.13
N ILE D 222 18.38 34.53 -64.09
CA ILE D 222 18.82 35.61 -63.17
C ILE D 222 17.96 36.87 -63.44
N TRP D 223 17.74 37.22 -64.71
CA TRP D 223 16.86 38.37 -65.10
C TRP D 223 15.42 38.13 -64.61
N ASN D 224 14.88 36.94 -64.84
CA ASN D 224 13.50 36.54 -64.41
C ASN D 224 13.38 36.66 -62.90
N THR D 225 14.32 36.05 -62.16
CA THR D 225 14.35 36.03 -60.67
C THR D 225 14.67 37.44 -60.13
N PHE D 226 15.31 38.30 -60.92
CA PHE D 226 15.57 39.73 -60.57
C PHE D 226 14.31 40.57 -60.79
N THR D 227 13.56 40.33 -61.88
CA THR D 227 12.27 41.00 -62.17
C THR D 227 11.22 40.54 -61.14
N LYS D 228 11.22 39.26 -60.78
CA LYS D 228 10.33 38.69 -59.74
C LYS D 228 11.05 38.67 -58.39
N LEU D 229 11.15 39.84 -57.73
CA LEU D 229 11.74 40.02 -56.38
C LEU D 229 10.67 40.52 -55.40
N ALA D 230 10.80 40.12 -54.12
CA ALA D 230 9.90 40.49 -53.00
C ALA D 230 10.52 40.03 -51.68
N PRO D 231 10.10 40.58 -50.52
CA PRO D 231 10.57 40.08 -49.22
C PRO D 231 10.01 38.68 -48.92
N LYS D 232 10.77 37.88 -48.14
CA LYS D 232 10.44 36.49 -47.74
C LYS D 232 10.47 35.59 -48.99
N GLN D 233 11.61 35.59 -49.71
CA GLN D 233 11.87 34.76 -50.91
C GLN D 233 13.21 34.05 -50.73
N LEU D 234 13.24 32.73 -50.95
CA LEU D 234 14.41 31.84 -50.72
C LEU D 234 15.21 31.63 -52.01
N ILE D 235 16.52 31.37 -51.89
CA ILE D 235 17.45 31.04 -53.00
C ILE D 235 18.16 29.73 -52.65
N VAL D 236 18.08 28.73 -53.54
CA VAL D 236 18.58 27.34 -53.33
C VAL D 236 19.99 27.19 -53.91
N ASP D 237 20.26 27.80 -55.08
CA ASP D 237 21.48 27.59 -55.91
C ASP D 237 22.73 28.06 -55.13
N GLU D 238 22.66 29.26 -54.54
CA GLU D 238 23.72 29.93 -53.73
C GLU D 238 24.58 30.83 -54.64
N VAL D 239 24.98 30.34 -55.83
CA VAL D 239 25.80 31.08 -56.82
C VAL D 239 24.99 32.21 -57.47
N LEU D 240 23.67 32.03 -57.60
CA LEU D 240 22.73 33.05 -58.14
C LEU D 240 22.75 34.28 -57.24
N TYR D 241 22.62 34.06 -55.92
CA TYR D 241 22.73 35.11 -54.87
C TYR D 241 24.16 35.65 -54.82
N ARG D 242 25.17 34.80 -55.06
CA ARG D 242 26.60 35.19 -55.14
C ARG D 242 26.80 36.17 -56.29
N GLU D 243 26.12 35.95 -57.42
CA GLU D 243 26.13 36.86 -58.60
C GLU D 243 25.30 38.12 -58.30
N LEU D 244 24.10 37.95 -57.72
CA LEU D 244 23.15 39.05 -57.39
C LEU D 244 23.68 39.92 -56.23
N GLN D 245 24.69 39.46 -55.49
CA GLN D 245 25.35 40.24 -54.39
C GLN D 245 26.14 41.40 -55.00
N ASP D 246 27.07 41.09 -55.92
CA ASP D 246 28.04 42.05 -56.50
C ASP D 246 27.31 43.02 -57.44
N ARG D 247 26.46 42.52 -58.35
CA ARG D 247 25.71 43.32 -59.33
C ARG D 247 24.24 43.43 -58.87
N TYR D 248 23.68 44.65 -58.91
CA TYR D 248 22.31 45.01 -58.46
C TYR D 248 22.19 44.78 -56.94
N GLY D 249 23.24 45.11 -56.19
CA GLY D 249 23.38 44.82 -54.75
C GLY D 249 22.75 45.89 -53.87
N GLU D 250 22.64 47.13 -54.35
CA GLU D 250 22.15 48.31 -53.58
C GLU D 250 20.62 48.43 -53.68
N TYR D 251 19.97 47.63 -54.54
CA TYR D 251 18.52 47.71 -54.87
C TYR D 251 17.71 46.85 -53.89
N PHE D 252 18.25 45.71 -53.45
CA PHE D 252 17.63 44.78 -52.46
C PHE D 252 18.63 44.45 -51.35
N THR D 253 18.18 43.66 -50.36
CA THR D 253 19.01 43.09 -49.28
C THR D 253 18.45 41.71 -48.87
N GLY D 254 19.33 40.72 -48.69
CA GLY D 254 19.01 39.35 -48.22
C GLY D 254 20.03 38.85 -47.22
N ALA D 255 19.76 37.71 -46.58
CA ALA D 255 20.66 37.07 -45.60
C ALA D 255 20.24 35.62 -45.35
N MET D 256 21.04 34.87 -44.58
CA MET D 256 20.76 33.46 -44.19
C MET D 256 21.07 33.27 -42.70
N GLY D 257 20.15 32.63 -41.97
CA GLY D 257 20.22 32.38 -40.52
C GLY D 257 19.03 32.96 -39.77
N ALA D 258 19.27 33.48 -38.56
CA ALA D 258 18.26 34.12 -37.67
C ALA D 258 18.25 35.63 -37.90
N GLU D 259 19.42 36.25 -38.08
CA GLU D 259 19.60 37.70 -38.41
C GLU D 259 18.66 38.08 -39.57
N SER D 260 18.51 37.21 -40.56
CA SER D 260 17.55 37.35 -41.71
C SER D 260 16.12 37.50 -41.17
N ILE D 261 15.72 36.61 -40.27
CA ILE D 261 14.35 36.57 -39.65
C ILE D 261 14.18 37.83 -38.78
N LYS D 262 15.23 38.25 -38.06
CA LYS D 262 15.26 39.52 -37.27
C LYS D 262 15.05 40.70 -38.22
N LYS D 263 15.75 40.72 -39.36
CA LYS D 263 15.65 41.79 -40.40
C LYS D 263 14.26 41.77 -41.03
N LEU D 264 13.65 40.58 -41.19
CA LEU D 264 12.27 40.40 -41.68
C LEU D 264 11.26 40.92 -40.65
N ILE D 265 11.50 40.66 -39.34
CA ILE D 265 10.64 41.12 -38.22
C ILE D 265 10.77 42.64 -38.06
N GLU D 266 11.98 43.20 -38.25
CA GLU D 266 12.25 44.67 -38.24
C GLU D 266 11.45 45.34 -39.36
N ASN D 267 11.49 44.78 -40.58
CA ASN D 267 10.72 45.25 -41.77
C ASN D 267 9.36 44.54 -41.78
N PHE D 268 8.51 44.81 -40.79
CA PHE D 268 7.18 44.17 -40.59
C PHE D 268 6.22 45.19 -39.95
N ASP D 269 4.95 45.17 -40.40
CA ASP D 269 3.83 45.99 -39.86
C ASP D 269 2.68 45.05 -39.49
N ILE D 270 2.51 44.77 -38.19
CA ILE D 270 1.56 43.75 -37.65
C ILE D 270 0.12 44.13 -37.99
N ASP D 271 -0.22 45.43 -37.95
CA ASP D 271 -1.60 45.96 -38.11
C ASP D 271 -2.11 45.65 -39.52
N ALA D 272 -1.35 46.03 -40.55
CA ALA D 272 -1.67 45.84 -41.99
C ALA D 272 -1.81 44.34 -42.30
N GLU D 273 -0.87 43.53 -41.81
CA GLU D 273 -0.83 42.05 -41.99
C GLU D 273 -2.06 41.44 -41.33
N ALA D 274 -2.35 41.82 -40.07
CA ALA D 274 -3.54 41.39 -39.29
C ALA D 274 -4.82 41.79 -40.03
N GLU D 275 -4.88 43.01 -40.56
CA GLU D 275 -6.05 43.57 -41.30
C GLU D 275 -6.26 42.77 -42.60
N SER D 276 -5.26 42.71 -43.48
CA SER D 276 -5.28 41.97 -44.77
C SER D 276 -5.83 40.56 -44.55
N LEU D 277 -5.29 39.85 -43.55
CA LEU D 277 -5.71 38.47 -43.15
C LEU D 277 -7.22 38.42 -42.83
N ARG D 278 -7.79 39.50 -42.26
CA ARG D 278 -9.25 39.59 -41.97
C ARG D 278 -10.05 39.77 -43.26
N GLU D 279 -9.42 40.24 -44.35
CA GLU D 279 -10.06 40.41 -45.68
C GLU D 279 -9.90 39.13 -46.52
N VAL D 280 -8.70 38.54 -46.54
CA VAL D 280 -8.37 37.34 -47.37
C VAL D 280 -9.21 36.15 -46.90
N ILE D 281 -9.61 36.10 -45.61
CA ILE D 281 -10.60 35.11 -45.08
C ILE D 281 -11.99 35.40 -45.66
N ARG D 282 -12.37 36.68 -45.81
CA ARG D 282 -13.69 37.11 -46.32
C ARG D 282 -13.78 36.86 -47.84
N SER D 283 -12.68 37.07 -48.57
CA SER D 283 -12.60 36.97 -50.05
C SER D 283 -12.81 35.52 -50.50
N GLY D 284 -11.87 34.63 -50.16
CA GLY D 284 -11.82 33.22 -50.62
C GLY D 284 -12.34 32.26 -49.57
N LYS D 285 -13.67 32.16 -49.42
CA LYS D 285 -14.35 31.25 -48.46
C LYS D 285 -14.26 29.80 -48.97
N GLY D 286 -13.79 28.88 -48.11
CA GLY D 286 -13.64 27.45 -48.41
C GLY D 286 -12.54 26.80 -47.58
N GLN D 287 -11.46 26.34 -48.24
CA GLN D 287 -10.31 25.64 -47.61
C GLN D 287 -9.20 26.64 -47.26
N LYS D 288 -8.96 27.64 -48.12
CA LYS D 288 -7.87 28.64 -47.97
C LYS D 288 -8.22 29.64 -46.86
N LYS D 289 -9.52 29.95 -46.69
CA LYS D 289 -10.07 30.75 -45.54
C LYS D 289 -9.60 30.11 -44.22
N LEU D 290 -9.69 28.79 -44.11
CA LEU D 290 -9.27 28.00 -42.92
C LEU D 290 -7.77 28.22 -42.65
N ARG D 291 -6.93 28.18 -43.69
CA ARG D 291 -5.46 28.40 -43.61
C ARG D 291 -5.18 29.86 -43.22
N ALA D 292 -5.85 30.81 -43.88
CA ALA D 292 -5.76 32.26 -43.57
C ALA D 292 -6.19 32.54 -42.13
N LEU D 293 -7.18 31.80 -41.63
CA LEU D 293 -7.74 31.90 -40.25
C LEU D 293 -6.80 31.23 -39.25
N LYS D 294 -6.17 30.11 -39.63
CA LYS D 294 -5.09 29.45 -38.85
C LYS D 294 -3.88 30.40 -38.77
N ARG D 295 -3.61 31.15 -39.84
CA ARG D 295 -2.55 32.19 -39.91
C ARG D 295 -2.95 33.42 -39.08
N LEU D 296 -4.25 33.78 -39.08
CA LEU D 296 -4.80 35.00 -38.42
C LEU D 296 -4.48 35.03 -36.92
N LYS D 297 -4.77 33.93 -36.20
CA LYS D 297 -4.82 33.88 -34.71
C LYS D 297 -3.47 34.32 -34.10
N VAL D 298 -2.35 33.82 -34.65
CA VAL D 298 -0.98 34.09 -34.11
C VAL D 298 -0.61 35.57 -34.37
N VAL D 299 -1.00 36.10 -35.54
CA VAL D 299 -0.71 37.50 -35.97
C VAL D 299 -1.55 38.46 -35.11
N ALA D 300 -2.86 38.21 -35.03
CA ALA D 300 -3.86 38.99 -34.26
C ALA D 300 -3.41 39.13 -32.79
N ALA D 301 -2.80 38.09 -32.22
CA ALA D 301 -2.31 38.02 -30.82
C ALA D 301 -1.21 39.06 -30.58
N PHE D 302 -0.29 39.25 -31.54
CA PHE D 302 0.90 40.12 -31.41
C PHE D 302 0.49 41.60 -31.33
N GLN D 303 -0.68 41.98 -31.88
CA GLN D 303 -1.22 43.36 -31.85
C GLN D 303 -1.44 43.81 -30.40
N GLN D 304 -2.34 43.11 -29.69
CA GLN D 304 -2.77 43.46 -28.30
C GLN D 304 -1.63 43.22 -27.30
N SER D 305 -0.72 42.29 -27.61
CA SER D 305 0.46 41.95 -26.76
C SER D 305 1.37 43.18 -26.62
N GLY D 306 1.68 43.56 -25.37
CA GLY D 306 2.59 44.68 -25.04
C GLY D 306 4.01 44.42 -25.51
N ASN D 307 4.49 43.19 -25.34
CA ASN D 307 5.81 42.71 -25.85
C ASN D 307 5.74 42.63 -27.38
N SER D 308 6.82 43.04 -28.06
CA SER D 308 6.98 43.03 -29.54
C SER D 308 7.46 41.64 -29.99
N PRO D 309 7.07 41.15 -31.19
CA PRO D 309 7.61 39.89 -31.72
C PRO D 309 9.09 39.93 -32.15
N MET D 310 9.80 41.06 -31.92
CA MET D 310 11.28 41.18 -32.09
C MET D 310 11.99 40.19 -31.16
N GLY D 311 11.46 39.97 -29.95
CA GLY D 311 12.05 39.11 -28.90
C GLY D 311 12.01 37.62 -29.22
N MET D 312 11.39 37.22 -30.35
CA MET D 312 11.33 35.81 -30.83
C MET D 312 12.73 35.32 -31.22
N VAL D 313 13.63 36.24 -31.60
CA VAL D 313 15.07 35.95 -31.92
C VAL D 313 15.93 36.45 -30.76
N LEU D 314 16.99 35.69 -30.42
CA LEU D 314 17.91 35.95 -29.28
C LEU D 314 19.24 36.51 -29.80
N ASP D 315 19.57 37.74 -29.43
CA ASP D 315 20.94 38.33 -29.54
C ASP D 315 21.79 37.80 -28.37
N ALA D 316 21.19 37.76 -27.18
CA ALA D 316 21.74 37.14 -25.94
C ALA D 316 20.79 36.05 -25.46
N VAL D 317 21.32 34.95 -24.93
CA VAL D 317 20.53 33.81 -24.38
C VAL D 317 20.72 33.79 -22.86
N PRO D 318 19.65 33.59 -22.05
CA PRO D 318 19.78 33.53 -20.59
C PRO D 318 20.49 32.26 -20.09
N VAL D 319 20.98 32.31 -18.86
CA VAL D 319 21.73 31.20 -18.18
C VAL D 319 21.07 30.94 -16.82
N ILE D 320 20.46 29.75 -16.67
CA ILE D 320 19.79 29.24 -15.44
C ILE D 320 20.73 29.36 -14.25
N PRO D 321 20.25 29.71 -13.03
CA PRO D 321 21.06 29.67 -11.82
C PRO D 321 21.86 28.36 -11.67
N PRO D 322 23.19 28.43 -11.43
CA PRO D 322 24.03 27.23 -11.27
C PRO D 322 23.47 26.10 -10.40
N GLU D 323 22.85 26.42 -9.27
CA GLU D 323 22.37 25.46 -8.24
C GLU D 323 21.34 24.48 -8.84
N LEU D 324 20.64 24.87 -9.90
CA LEU D 324 19.62 24.02 -10.60
C LEU D 324 20.30 23.14 -11.66
N ARG D 325 21.61 23.31 -11.90
CA ARG D 325 22.45 22.45 -12.77
C ARG D 325 23.73 22.11 -12.01
N PRO D 326 23.63 21.51 -10.81
CA PRO D 326 24.74 21.50 -9.85
C PRO D 326 25.87 20.51 -10.18
N MET D 327 27.11 20.92 -9.91
CA MET D 327 28.34 20.06 -9.96
C MET D 327 28.86 19.89 -8.53
N VAL D 328 28.36 18.85 -7.83
CA VAL D 328 28.73 18.52 -6.42
C VAL D 328 29.57 17.24 -6.43
N GLN D 329 30.71 17.26 -5.72
CA GLN D 329 31.61 16.09 -5.56
C GLN D 329 30.95 15.09 -4.60
N LEU D 330 30.92 13.81 -4.99
CA LEU D 330 30.34 12.69 -4.17
C LEU D 330 31.38 12.26 -3.13
N ASP D 331 30.97 11.42 -2.17
CA ASP D 331 31.83 10.89 -1.08
C ASP D 331 32.91 9.98 -1.71
N GLY D 332 33.95 10.59 -2.28
CA GLY D 332 35.04 9.90 -2.99
C GLY D 332 35.83 10.83 -3.89
N GLY D 333 35.18 11.43 -4.89
CA GLY D 333 35.81 12.32 -5.88
C GLY D 333 35.05 12.43 -7.19
N ARG D 334 34.46 11.33 -7.67
CA ARG D 334 33.79 11.24 -9.01
C ARG D 334 32.61 12.24 -9.07
N PHE D 335 32.42 12.85 -10.25
CA PHE D 335 31.36 13.86 -10.52
C PHE D 335 30.10 13.16 -11.07
N ALA D 336 28.93 13.50 -10.51
CA ALA D 336 27.59 13.16 -11.02
C ALA D 336 26.94 14.42 -11.59
N THR D 337 27.64 15.05 -12.55
CA THR D 337 27.29 16.38 -13.15
C THR D 337 25.95 16.30 -13.92
N SER D 338 25.27 17.44 -14.01
CA SER D 338 24.03 17.63 -14.81
C SER D 338 24.40 17.93 -16.27
N ASP D 339 23.51 17.61 -17.21
CA ASP D 339 23.74 17.66 -18.68
C ASP D 339 23.75 19.12 -19.15
N LEU D 340 22.91 19.98 -18.57
CA LEU D 340 22.78 21.44 -18.88
C LEU D 340 24.17 22.07 -19.04
N ASN D 341 25.07 21.77 -18.09
CA ASN D 341 26.48 22.25 -18.04
C ASN D 341 27.16 21.98 -19.39
N ASP D 342 27.02 20.77 -19.92
CA ASP D 342 27.66 20.32 -21.19
C ASP D 342 27.09 21.12 -22.37
N LEU D 343 25.76 21.33 -22.39
CA LEU D 343 25.06 22.12 -23.44
C LEU D 343 25.55 23.57 -23.38
N TYR D 344 25.50 24.20 -22.20
CA TYR D 344 25.98 25.58 -21.95
C TYR D 344 27.46 25.70 -22.38
N ARG D 345 28.29 24.71 -22.00
CA ARG D 345 29.72 24.60 -22.41
C ARG D 345 29.81 24.59 -23.94
N ARG D 346 29.08 23.68 -24.60
CA ARG D 346 29.03 23.55 -26.08
C ARG D 346 28.65 24.89 -26.71
N VAL D 347 27.64 25.57 -26.15
CA VAL D 347 27.16 26.90 -26.64
C VAL D 347 28.28 27.93 -26.48
N ILE D 348 28.76 28.16 -25.25
CA ILE D 348 29.77 29.22 -24.93
C ILE D 348 31.07 28.96 -25.72
N ASN D 349 31.48 27.69 -25.86
CA ASN D 349 32.63 27.27 -26.72
C ASN D 349 32.45 27.84 -28.13
N ARG D 350 31.35 27.45 -28.78
CA ARG D 350 31.04 27.81 -30.20
C ARG D 350 30.83 29.32 -30.33
N ASN D 351 30.28 29.97 -29.29
CA ASN D 351 30.13 31.45 -29.21
C ASN D 351 31.52 32.10 -29.19
N ASN D 352 32.42 31.63 -28.31
CA ASN D 352 33.82 32.11 -28.19
C ASN D 352 34.54 31.90 -29.53
N ARG D 353 34.41 30.69 -30.12
CA ARG D 353 35.04 30.33 -31.42
C ARG D 353 34.49 31.24 -32.54
N LEU D 354 33.17 31.46 -32.56
CA LEU D 354 32.52 32.37 -33.55
C LEU D 354 33.04 33.79 -33.36
N LYS D 355 33.08 34.29 -32.13
CA LYS D 355 33.62 35.64 -31.80
C LYS D 355 35.08 35.73 -32.24
N ARG D 356 35.87 34.67 -32.03
CA ARG D 356 37.29 34.59 -32.46
C ARG D 356 37.36 34.60 -34.01
N LEU D 357 36.45 33.91 -34.69
CA LEU D 357 36.35 33.91 -36.18
C LEU D 357 35.96 35.31 -36.68
N ILE D 358 35.09 36.02 -35.96
CA ILE D 358 34.71 37.43 -36.26
C ILE D 358 35.93 38.34 -36.02
N ASP D 359 36.66 38.13 -34.92
CA ASP D 359 37.90 38.88 -34.58
C ASP D 359 38.98 38.65 -35.64
N LEU D 360 39.14 37.42 -36.11
CA LEU D 360 40.14 37.01 -37.14
C LEU D 360 39.84 37.73 -38.46
N GLY D 361 38.57 37.77 -38.87
CA GLY D 361 38.13 38.23 -40.20
C GLY D 361 38.11 37.09 -41.20
N ALA D 362 37.45 35.98 -40.82
CA ALA D 362 37.41 34.70 -41.54
C ALA D 362 36.51 34.80 -42.76
N PRO D 363 36.59 33.84 -43.73
CA PRO D 363 35.62 33.78 -44.83
C PRO D 363 34.19 33.44 -44.36
N GLU D 364 33.22 33.59 -45.26
CA GLU D 364 31.77 33.47 -44.94
C GLU D 364 31.41 32.02 -44.58
N ILE D 365 31.98 31.02 -45.27
CA ILE D 365 31.61 29.58 -45.16
C ILE D 365 31.82 29.08 -43.72
N ILE D 366 33.02 29.29 -43.16
CA ILE D 366 33.42 28.81 -41.79
C ILE D 366 32.57 29.54 -40.74
N VAL D 367 32.31 30.83 -40.94
CA VAL D 367 31.47 31.69 -40.05
C VAL D 367 30.03 31.15 -40.07
N ASN D 368 29.47 30.92 -41.26
CA ASN D 368 28.09 30.37 -41.46
C ASN D 368 28.00 28.96 -40.87
N ASN D 369 29.04 28.14 -41.05
CA ASN D 369 29.14 26.77 -40.47
C ASN D 369 29.14 26.87 -38.93
N GLU D 370 29.98 27.76 -38.38
CA GLU D 370 30.07 28.00 -36.91
C GLU D 370 28.73 28.54 -36.38
N LYS D 371 28.05 29.39 -37.15
CA LYS D 371 26.70 29.93 -36.82
C LYS D 371 25.67 28.79 -36.88
N ARG D 372 25.78 27.87 -37.84
CA ARG D 372 24.95 26.63 -37.93
C ARG D 372 25.19 25.79 -36.66
N MET D 373 26.46 25.56 -36.32
CA MET D 373 26.87 24.79 -35.10
C MET D 373 26.29 25.46 -33.84
N LEU D 374 26.45 26.79 -33.71
CA LEU D 374 25.92 27.61 -32.58
C LEU D 374 24.39 27.47 -32.52
N GLN D 375 23.72 27.72 -33.65
CA GLN D 375 22.24 27.58 -33.82
C GLN D 375 21.83 26.20 -33.32
N GLU D 376 22.48 25.14 -33.81
CA GLU D 376 22.20 23.72 -33.42
C GLU D 376 22.46 23.53 -31.91
N SER D 377 23.51 24.16 -31.37
CA SER D 377 23.89 24.09 -29.93
C SER D 377 22.80 24.72 -29.06
N VAL D 378 22.34 25.92 -29.41
CA VAL D 378 21.28 26.66 -28.66
C VAL D 378 19.95 25.90 -28.83
N ASP D 379 19.64 25.46 -30.06
CA ASP D 379 18.48 24.60 -30.38
C ASP D 379 18.48 23.37 -29.47
N ALA D 380 19.61 22.67 -29.38
CA ALA D 380 19.82 21.49 -28.51
C ALA D 380 19.70 21.87 -27.03
N LEU D 381 20.23 23.04 -26.64
CA LEU D 381 20.18 23.57 -25.25
C LEU D 381 18.73 23.80 -24.84
N PHE D 382 17.93 24.50 -25.66
CA PHE D 382 16.51 24.81 -25.37
C PHE D 382 15.64 23.56 -25.51
N ASP D 383 15.91 22.71 -26.52
CA ASP D 383 15.17 21.45 -26.77
C ASP D 383 16.09 20.40 -27.40
N ASN D 384 16.47 19.37 -26.63
CA ASN D 384 17.34 18.25 -27.06
C ASN D 384 16.47 17.13 -27.64
N GLY D 385 16.89 16.55 -28.76
CA GLY D 385 16.19 15.44 -29.44
C GLY D 385 14.86 15.87 -30.05
N ARG D 386 14.75 17.15 -30.45
CA ARG D 386 13.58 17.73 -31.16
C ARG D 386 13.89 17.76 -32.67
N ARG D 387 15.02 18.39 -33.04
CA ARG D 387 15.50 18.49 -34.43
C ARG D 387 16.57 17.40 -34.68
N GLY D 388 16.21 16.36 -35.43
CA GLY D 388 17.12 15.27 -35.84
C GLY D 388 17.49 14.38 -34.67
N ARG D 389 18.79 14.31 -34.35
CA ARG D 389 19.36 13.43 -33.29
C ARG D 389 19.62 14.26 -32.03
N PRO D 390 19.48 13.67 -30.82
CA PRO D 390 19.83 14.36 -29.57
C PRO D 390 21.35 14.37 -29.32
N VAL D 391 21.84 15.36 -28.57
CA VAL D 391 23.24 15.44 -28.08
C VAL D 391 23.41 14.40 -26.95
N THR D 392 24.50 13.63 -26.99
CA THR D 392 24.87 12.59 -26.00
C THR D 392 26.31 12.79 -25.53
N GLY D 393 26.60 12.46 -24.26
CA GLY D 393 27.93 12.50 -23.66
C GLY D 393 28.44 11.09 -23.35
N PRO D 394 28.24 10.56 -22.11
CA PRO D 394 28.73 9.24 -21.74
C PRO D 394 27.76 8.08 -22.04
N GLY D 395 28.10 7.26 -23.03
CA GLY D 395 27.46 5.93 -23.28
C GLY D 395 26.15 6.04 -24.04
N ASN D 396 26.04 6.98 -24.98
CA ASN D 396 24.88 7.13 -25.91
C ASN D 396 23.57 7.27 -25.12
N ARG D 397 23.49 8.27 -24.23
CA ARG D 397 22.23 8.70 -23.54
C ARG D 397 21.97 10.16 -23.88
N PRO D 398 20.71 10.55 -24.22
CA PRO D 398 20.41 11.92 -24.62
C PRO D 398 20.50 12.91 -23.43
N LEU D 399 21.15 14.05 -23.64
CA LEU D 399 21.39 15.10 -22.61
C LEU D 399 20.05 15.72 -22.18
N LYS D 400 19.80 15.80 -20.87
CA LYS D 400 18.66 16.55 -20.26
C LYS D 400 18.79 18.03 -20.62
N SER D 401 17.89 18.52 -21.48
CA SER D 401 17.78 19.93 -21.95
C SER D 401 17.19 20.82 -20.83
N LEU D 402 17.04 22.11 -21.12
CA LEU D 402 16.34 23.08 -20.24
C LEU D 402 14.84 22.77 -20.22
N SER D 403 14.24 22.50 -21.39
CA SER D 403 12.80 22.15 -21.56
C SER D 403 12.50 20.76 -20.97
N ASP D 404 13.51 19.88 -20.91
CA ASP D 404 13.40 18.52 -20.31
C ASP D 404 13.23 18.61 -18.79
N LEU D 405 13.61 19.73 -18.17
CA LEU D 405 13.31 20.04 -16.73
C LEU D 405 11.80 20.11 -16.55
N LEU D 406 11.08 20.71 -17.50
CA LEU D 406 9.63 21.05 -17.39
C LEU D 406 8.78 19.88 -17.88
N LYS D 407 9.13 19.26 -19.01
CA LYS D 407 8.34 18.18 -19.66
C LYS D 407 8.54 16.86 -18.91
N GLY D 408 7.57 15.94 -19.03
CA GLY D 408 7.64 14.54 -18.54
C GLY D 408 6.96 14.35 -17.20
N LYS D 409 6.83 13.08 -16.77
CA LYS D 409 6.33 12.69 -15.43
C LYS D 409 7.32 13.14 -14.34
N GLN D 410 8.61 13.25 -14.68
CA GLN D 410 9.70 13.77 -13.80
C GLN D 410 9.92 15.26 -14.08
N GLY D 411 8.90 15.96 -14.59
CA GLY D 411 8.94 17.41 -14.88
C GLY D 411 8.80 18.24 -13.62
N ARG D 412 9.21 19.52 -13.68
CA ARG D 412 9.15 20.51 -12.57
C ARG D 412 7.67 20.72 -12.20
N PHE D 413 6.86 21.06 -13.21
CA PHE D 413 5.39 21.27 -13.10
C PHE D 413 4.72 20.08 -12.40
N ARG D 414 5.02 18.86 -12.84
CA ARG D 414 4.37 17.61 -12.35
C ARG D 414 5.04 17.16 -11.04
N GLN D 415 6.24 16.57 -11.11
CA GLN D 415 6.89 15.84 -10.00
C GLN D 415 7.20 16.79 -8.84
N ASN D 416 7.97 17.85 -9.12
CA ASN D 416 8.62 18.72 -8.10
C ASN D 416 7.78 19.97 -7.83
N LEU D 417 6.44 19.82 -7.80
CA LEU D 417 5.48 20.91 -7.44
C LEU D 417 4.18 20.38 -6.82
N LEU D 418 3.78 19.12 -7.11
CA LEU D 418 2.46 18.56 -6.71
C LEU D 418 2.59 17.67 -5.46
N GLY D 419 3.73 17.00 -5.25
CA GLY D 419 4.02 16.19 -4.05
C GLY D 419 5.43 16.46 -3.52
N LYS D 420 5.54 17.02 -2.31
CA LYS D 420 6.83 17.36 -1.65
C LYS D 420 6.94 16.65 -0.30
N ARG D 421 8.16 16.62 0.26
CA ARG D 421 8.46 16.20 1.66
C ARG D 421 8.12 17.39 2.57
N VAL D 422 7.73 17.12 3.82
CA VAL D 422 7.26 18.18 4.78
C VAL D 422 7.92 18.00 6.15
N ASP D 423 8.23 19.13 6.80
CA ASP D 423 8.80 19.23 8.17
C ASP D 423 7.64 19.29 9.17
N TYR D 424 7.91 19.10 10.46
CA TYR D 424 6.92 19.07 11.56
C TYR D 424 5.88 17.99 11.25
N SER D 425 6.37 16.82 10.85
CA SER D 425 5.57 15.69 10.32
C SER D 425 6.29 14.37 10.63
N GLY D 426 5.52 13.35 11.03
CA GLY D 426 6.02 11.98 11.29
C GLY D 426 5.22 10.94 10.52
N ARG D 427 5.68 9.70 10.54
CA ARG D 427 4.95 8.51 10.04
C ARG D 427 5.15 7.39 11.06
N SER D 428 4.14 6.53 11.25
CA SER D 428 4.29 5.32 12.10
C SER D 428 3.23 4.28 11.73
N VAL D 429 3.30 3.12 12.37
CA VAL D 429 2.30 2.03 12.22
C VAL D 429 1.14 2.35 13.17
N ILE D 430 -0.09 2.15 12.69
CA ILE D 430 -1.33 2.40 13.48
C ILE D 430 -1.73 1.12 14.21
N VAL D 431 -2.19 1.28 15.45
CA VAL D 431 -2.85 0.24 16.29
C VAL D 431 -4.21 0.80 16.71
N VAL D 432 -5.08 -0.03 17.27
CA VAL D 432 -6.43 0.42 17.75
C VAL D 432 -6.23 1.13 19.09
N GLY D 433 -7.11 2.08 19.41
CA GLY D 433 -7.11 2.85 20.67
C GLY D 433 -8.52 3.02 21.23
N PRO D 434 -9.22 1.91 21.56
CA PRO D 434 -10.64 1.96 21.90
C PRO D 434 -10.96 2.70 23.21
N GLN D 435 -9.94 2.95 24.03
CA GLN D 435 -10.02 3.82 25.24
C GLN D 435 -10.22 5.28 24.81
N LEU D 436 -9.74 5.68 23.63
CA LEU D 436 -9.69 7.10 23.17
C LEU D 436 -11.10 7.56 22.77
N LYS D 437 -11.42 8.82 23.04
CA LYS D 437 -12.61 9.52 22.50
C LYS D 437 -12.34 9.84 21.02
N LEU D 438 -13.39 9.91 20.19
CA LEU D 438 -13.30 10.05 18.71
C LEU D 438 -12.27 11.10 18.32
N HIS D 439 -12.36 12.29 18.92
CA HIS D 439 -11.50 13.47 18.62
C HIS D 439 -10.04 13.22 19.07
N GLN D 440 -9.83 12.39 20.09
CA GLN D 440 -8.46 12.00 20.55
C GLN D 440 -7.85 10.99 19.56
N CYS D 441 -6.52 10.99 19.45
CA CYS D 441 -5.70 9.90 18.87
C CYS D 441 -4.44 9.71 19.73
N GLY D 442 -3.95 8.47 19.83
CA GLY D 442 -2.76 8.12 20.61
C GLY D 442 -1.50 8.29 19.78
N LEU D 443 -0.51 9.00 20.31
CA LEU D 443 0.78 9.31 19.65
C LEU D 443 1.91 8.64 20.43
N PRO D 444 2.85 7.94 19.76
CA PRO D 444 3.98 7.33 20.45
C PRO D 444 4.91 8.41 21.02
N LYS D 445 5.13 8.38 22.34
CA LYS D 445 5.78 9.44 23.15
C LYS D 445 7.15 9.80 22.56
N LEU D 446 7.90 8.80 22.08
CA LEU D 446 9.25 8.95 21.50
C LEU D 446 9.16 9.70 20.17
N MET D 447 8.04 9.54 19.44
CA MET D 447 7.71 10.34 18.23
C MET D 447 7.29 11.74 18.69
N ALA D 448 6.21 11.82 19.47
CA ALA D 448 5.60 13.07 19.99
C ALA D 448 6.70 14.03 20.45
N LEU D 449 7.58 13.56 21.34
CA LEU D 449 8.70 14.36 21.91
C LEU D 449 9.43 15.11 20.79
N GLU D 450 9.80 14.40 19.72
CA GLU D 450 10.56 14.99 18.58
C GLU D 450 9.60 15.84 17.73
N LEU D 451 8.36 15.38 17.55
CA LEU D 451 7.34 16.00 16.68
C LEU D 451 6.93 17.38 17.21
N PHE D 452 6.97 17.60 18.53
CA PHE D 452 6.61 18.89 19.18
C PHE D 452 7.84 19.57 19.80
N LYS D 453 9.05 19.12 19.43
CA LYS D 453 10.34 19.46 20.09
C LYS D 453 10.43 20.98 20.34
N PRO D 454 10.20 21.85 19.32
CA PRO D 454 10.26 23.29 19.52
C PRO D 454 9.16 23.80 20.46
N PHE D 455 7.93 23.31 20.30
CA PHE D 455 6.76 23.70 21.12
C PHE D 455 7.04 23.36 22.59
N VAL D 456 7.57 22.16 22.85
CA VAL D 456 7.91 21.72 24.23
C VAL D 456 9.14 22.49 24.71
N MET D 457 10.11 22.78 23.83
CA MET D 457 11.29 23.64 24.15
C MET D 457 10.81 25.03 24.62
N LYS D 458 9.86 25.62 23.89
CA LYS D 458 9.28 26.97 24.19
C LYS D 458 8.74 26.97 25.63
N ARG D 459 7.89 26.00 25.97
CA ARG D 459 7.27 25.87 27.32
C ARG D 459 8.36 25.51 28.35
N LEU D 460 9.38 24.77 27.95
CA LEU D 460 10.53 24.39 28.83
C LEU D 460 11.41 25.62 29.14
N VAL D 461 11.46 26.60 28.23
CA VAL D 461 12.14 27.92 28.47
C VAL D 461 11.17 28.87 29.20
N ASP D 462 9.86 28.77 28.93
CA ASP D 462 8.79 29.53 29.62
C ASP D 462 8.83 29.18 31.11
N LEU D 463 8.84 27.89 31.44
CA LEU D 463 9.07 27.35 32.80
C LEU D 463 10.57 27.48 33.13
N ASN D 464 10.94 27.34 34.40
CA ASN D 464 12.35 27.39 34.88
C ASN D 464 12.92 25.97 34.96
N HIS D 465 12.65 25.15 33.93
CA HIS D 465 13.24 23.80 33.72
C HIS D 465 14.61 23.98 33.05
N ALA D 466 14.62 24.69 31.92
CA ALA D 466 15.83 25.05 31.12
C ALA D 466 16.21 26.50 31.40
N GLN D 467 17.52 26.77 31.54
CA GLN D 467 18.07 28.13 31.77
C GLN D 467 18.02 28.93 30.47
N ASN D 468 18.44 28.32 29.36
CA ASN D 468 18.43 28.90 27.98
C ASN D 468 17.93 27.85 26.98
N ILE D 469 17.53 28.31 25.79
CA ILE D 469 17.02 27.47 24.65
C ILE D 469 17.89 26.21 24.49
N LYS D 470 19.21 26.37 24.40
CA LYS D 470 20.19 25.29 24.04
C LYS D 470 20.08 24.14 25.06
N SER D 471 19.96 24.47 26.35
CA SER D 471 19.78 23.50 27.46
C SER D 471 18.43 22.80 27.35
N ALA D 472 17.40 23.49 26.83
CA ALA D 472 16.05 22.92 26.58
C ALA D 472 16.14 21.92 25.42
N LYS D 473 16.74 22.37 24.30
CA LYS D 473 17.07 21.53 23.12
C LYS D 473 17.83 20.28 23.59
N ARG D 474 18.87 20.46 24.41
CA ARG D 474 19.68 19.34 24.97
C ARG D 474 18.80 18.44 25.83
N MET D 475 18.01 19.02 26.74
CA MET D 475 17.10 18.30 27.68
C MET D 475 16.14 17.42 26.88
N VAL D 476 15.44 18.01 25.90
CA VAL D 476 14.44 17.27 25.06
C VAL D 476 15.17 16.26 24.16
N GLU D 477 16.35 16.60 23.62
CA GLU D 477 17.19 15.67 22.83
C GLU D 477 17.55 14.43 23.68
N ARG D 478 17.92 14.65 24.94
CA ARG D 478 18.40 13.60 25.89
C ARG D 478 17.22 12.75 26.40
N GLN D 479 15.99 13.28 26.36
CA GLN D 479 14.75 12.65 26.88
C GLN D 479 14.84 12.52 28.41
N ARG D 480 14.94 13.66 29.11
CA ARG D 480 15.04 13.73 30.59
C ARG D 480 13.65 13.67 31.20
N PRO D 481 13.51 13.22 32.48
CA PRO D 481 12.19 13.02 33.10
C PRO D 481 11.25 14.24 33.16
N GLN D 482 11.80 15.45 33.14
CA GLN D 482 11.05 16.73 33.32
C GLN D 482 10.19 17.03 32.09
N VAL D 483 10.57 16.53 30.90
CA VAL D 483 9.92 16.83 29.59
C VAL D 483 8.47 16.34 29.59
N TRP D 484 8.19 15.21 30.25
CA TRP D 484 6.92 14.45 30.15
C TRP D 484 5.78 15.19 30.86
N ASP D 485 6.08 15.83 32.00
CA ASP D 485 5.14 16.72 32.74
C ASP D 485 4.74 17.92 31.85
N VAL D 486 5.64 18.36 30.97
CA VAL D 486 5.45 19.56 30.10
C VAL D 486 4.76 19.16 28.79
N LEU D 487 5.14 18.03 28.18
CA LEU D 487 4.73 17.65 26.80
C LEU D 487 3.19 17.57 26.69
N GLU D 488 2.50 17.13 27.76
CA GLU D 488 1.01 17.11 27.81
C GLU D 488 0.48 18.55 27.93
N GLU D 489 1.13 19.39 28.74
CA GLU D 489 0.80 20.84 28.91
C GLU D 489 0.99 21.56 27.57
N VAL D 490 1.91 21.07 26.73
CA VAL D 490 2.23 21.60 25.38
C VAL D 490 1.24 21.04 24.35
N ILE D 491 0.92 19.75 24.42
CA ILE D 491 0.09 19.02 23.42
C ILE D 491 -1.40 19.26 23.70
N ALA D 492 -1.74 19.77 24.90
CA ALA D 492 -3.13 20.08 25.34
C ALA D 492 -3.87 20.89 24.27
N GLU D 493 -4.69 20.19 23.47
CA GLU D 493 -5.61 20.79 22.45
C GLU D 493 -4.80 21.49 21.35
N HIS D 494 -3.75 20.83 20.85
CA HIS D 494 -2.86 21.30 19.76
C HIS D 494 -2.87 20.25 18.65
N PRO D 495 -3.93 20.21 17.79
CA PRO D 495 -4.27 19.01 17.05
C PRO D 495 -3.23 18.62 16.00
N VAL D 496 -3.33 17.40 15.49
CA VAL D 496 -2.42 16.79 14.47
C VAL D 496 -3.26 16.20 13.34
N LEU D 497 -2.80 16.39 12.11
CA LEU D 497 -3.47 15.88 10.88
C LEU D 497 -2.90 14.49 10.60
N LEU D 498 -3.71 13.45 10.81
CA LEU D 498 -3.38 12.04 10.50
C LEU D 498 -3.81 11.76 9.06
N ASN D 499 -2.91 11.17 8.25
CA ASN D 499 -3.11 10.81 6.83
C ASN D 499 -2.82 9.31 6.65
N ARG D 500 -3.55 8.61 5.78
CA ARG D 500 -3.28 7.21 5.40
C ARG D 500 -3.26 7.10 3.87
N ALA D 501 -2.07 7.00 3.28
CA ALA D 501 -1.87 6.86 1.81
C ALA D 501 -2.35 5.45 1.40
N PRO D 502 -3.09 5.29 0.28
CA PRO D 502 -3.47 6.39 -0.62
C PRO D 502 -4.62 7.25 -0.06
N THR D 503 -4.47 8.57 -0.17
CA THR D 503 -5.43 9.58 0.37
C THR D 503 -6.57 9.78 -0.63
N LEU D 504 -7.47 8.80 -0.72
CA LEU D 504 -8.59 8.78 -1.71
C LEU D 504 -9.51 9.99 -1.48
N HIS D 505 -10.27 9.99 -0.38
CA HIS D 505 -11.36 10.96 -0.11
C HIS D 505 -10.94 11.98 0.96
N ARG D 506 -11.73 13.04 1.09
CA ARG D 506 -11.51 14.24 1.96
C ARG D 506 -11.15 13.81 3.39
N LEU D 507 -11.85 12.81 3.94
CA LEU D 507 -11.68 12.34 5.34
C LEU D 507 -10.46 11.43 5.47
N GLY D 508 -9.85 11.03 4.34
CA GLY D 508 -8.54 10.38 4.25
C GLY D 508 -7.44 11.16 4.96
N ILE D 509 -7.65 12.47 5.18
CA ILE D 509 -6.95 13.26 6.22
C ILE D 509 -7.99 13.66 7.26
N GLN D 510 -7.63 13.59 8.55
CA GLN D 510 -8.47 14.05 9.69
C GLN D 510 -7.55 14.59 10.78
N ALA D 511 -7.99 15.64 11.49
CA ALA D 511 -7.30 16.24 12.65
C ALA D 511 -7.70 15.49 13.91
N PHE D 512 -6.80 15.39 14.89
CA PHE D 512 -7.02 14.70 16.18
C PHE D 512 -6.25 15.39 17.31
N GLU D 513 -6.77 15.30 18.53
CA GLU D 513 -6.06 15.67 19.79
C GLU D 513 -5.04 14.56 20.07
N PRO D 514 -3.72 14.83 20.06
CA PRO D 514 -2.73 13.79 20.35
C PRO D 514 -2.59 13.57 21.86
N GLN D 515 -3.12 12.43 22.32
CA GLN D 515 -2.87 11.82 23.66
C GLN D 515 -1.52 11.09 23.59
N LEU D 516 -0.60 11.36 24.53
CA LEU D 516 0.69 10.65 24.62
C LEU D 516 0.44 9.18 24.97
N VAL D 517 1.11 8.25 24.29
CA VAL D 517 1.10 6.79 24.62
C VAL D 517 2.55 6.29 24.63
N GLU D 518 2.85 5.37 25.57
CA GLU D 518 4.14 4.64 25.63
C GLU D 518 4.09 3.52 24.58
N GLY D 519 5.15 3.42 23.77
CA GLY D 519 5.24 2.50 22.63
C GLY D 519 5.92 3.15 21.44
N LYS D 520 5.72 2.61 20.25
CA LYS D 520 6.24 3.16 18.97
C LYS D 520 5.17 3.00 17.87
N ALA D 521 3.89 3.09 18.25
CA ALA D 521 2.72 2.94 17.34
C ALA D 521 1.77 4.12 17.55
N ILE D 522 0.98 4.44 16.52
CA ILE D 522 -0.10 5.48 16.60
C ILE D 522 -1.41 4.77 16.96
N GLN D 523 -1.96 5.05 18.15
CA GLN D 523 -3.24 4.45 18.58
C GLN D 523 -4.39 5.22 17.91
N LEU D 524 -4.79 4.79 16.72
CA LEU D 524 -5.92 5.39 15.96
C LEU D 524 -7.22 5.06 16.68
N HIS D 525 -8.29 5.82 16.40
CA HIS D 525 -9.68 5.50 16.85
C HIS D 525 -10.26 4.43 15.93
N PRO D 526 -11.05 3.47 16.45
CA PRO D 526 -11.60 2.38 15.63
C PRO D 526 -12.61 2.84 14.56
N LEU D 527 -13.35 3.92 14.82
CA LEU D 527 -14.42 4.43 13.92
C LEU D 527 -13.81 5.05 12.64
N VAL D 528 -12.69 5.76 12.79
CA VAL D 528 -12.06 6.59 11.71
C VAL D 528 -11.34 5.67 10.70
N CYS D 529 -11.13 4.40 11.05
CA CYS D 529 -10.55 3.33 10.19
C CYS D 529 -11.28 3.23 8.84
N GLU D 530 -12.61 3.37 8.83
CA GLU D 530 -13.41 3.42 7.57
C GLU D 530 -13.15 4.76 6.87
N ALA D 531 -12.98 5.85 7.61
CA ALA D 531 -12.69 7.20 7.10
C ALA D 531 -11.27 7.29 6.52
N PHE D 532 -10.38 6.36 6.87
CA PHE D 532 -9.03 6.20 6.26
C PHE D 532 -8.98 5.03 5.27
N ASN D 533 -9.95 4.11 5.35
CA ASN D 533 -9.93 2.77 4.70
C ASN D 533 -8.67 2.02 5.16
N ALA D 534 -8.31 2.21 6.43
CA ALA D 534 -7.06 1.71 7.06
C ALA D 534 -7.38 0.48 7.91
N ASP D 535 -6.90 -0.70 7.49
CA ASP D 535 -6.79 -1.90 8.36
C ASP D 535 -5.58 -1.72 9.28
N PHE D 536 -5.44 -2.57 10.29
CA PHE D 536 -4.26 -2.63 11.20
C PHE D 536 -3.38 -3.83 10.80
N ASP D 537 -3.24 -4.05 9.49
CA ASP D 537 -2.51 -5.21 8.90
C ASP D 537 -1.15 -4.72 8.38
N GLY D 538 -0.49 -3.84 9.16
CA GLY D 538 0.81 -3.23 8.83
C GLY D 538 0.69 -1.86 8.20
N ASP D 539 -0.54 -1.40 7.92
CA ASP D 539 -0.81 -0.12 7.22
C ASP D 539 -0.27 1.03 8.08
N GLN D 540 0.62 1.85 7.51
CA GLN D 540 1.22 3.03 8.20
C GLN D 540 0.25 4.22 8.11
N MET D 541 0.46 5.23 8.95
CA MET D 541 -0.16 6.57 8.84
C MET D 541 0.90 7.65 9.06
N ALA D 542 0.63 8.83 8.51
CA ALA D 542 1.49 10.04 8.52
C ALA D 542 0.83 11.11 9.39
N VAL D 543 1.48 11.46 10.49
CA VAL D 543 1.14 12.62 11.37
C VAL D 543 1.74 13.88 10.73
N HIS D 544 0.99 14.98 10.72
CA HIS D 544 1.48 16.36 10.40
C HIS D 544 1.02 17.30 11.51
N LEU D 545 1.94 18.14 12.02
CA LEU D 545 1.66 19.15 13.06
C LEU D 545 1.34 20.47 12.37
N PRO D 546 0.06 20.91 12.30
CA PRO D 546 -0.28 22.23 11.78
C PRO D 546 0.21 23.31 12.75
N LEU D 547 1.06 24.23 12.26
CA LEU D 547 1.89 25.15 13.08
C LEU D 547 1.15 26.48 13.30
N SER D 548 0.70 27.11 12.21
CA SER D 548 -0.03 28.41 12.22
C SER D 548 -1.31 28.30 13.05
N ALA D 549 -1.71 29.41 13.68
CA ALA D 549 -3.01 29.58 14.37
C ALA D 549 -4.15 29.24 13.40
N GLU D 550 -4.05 29.72 12.16
CA GLU D 550 -5.04 29.51 11.07
C GLU D 550 -5.13 28.01 10.77
N ALA D 551 -3.98 27.33 10.63
CA ALA D 551 -3.88 25.88 10.39
C ALA D 551 -4.50 25.12 11.57
N GLN D 552 -4.04 25.43 12.79
CA GLN D 552 -4.54 24.88 14.06
C GLN D 552 -6.07 25.00 14.10
N ALA D 553 -6.60 26.16 13.70
CA ALA D 553 -8.05 26.43 13.61
C ALA D 553 -8.68 25.51 12.55
N GLU D 554 -8.17 25.57 11.31
CA GLU D 554 -8.67 24.76 10.16
C GLU D 554 -8.81 23.31 10.61
N ALA D 555 -7.74 22.74 11.16
CA ALA D 555 -7.70 21.39 11.78
C ALA D 555 -8.88 21.23 12.75
N ARG D 556 -9.02 22.14 13.72
CA ARG D 556 -9.98 22.08 14.84
C ARG D 556 -11.43 22.13 14.34
N ILE D 557 -11.73 22.99 13.36
CA ILE D 557 -13.13 23.30 12.92
C ILE D 557 -13.48 22.42 11.71
N LEU D 558 -12.71 22.50 10.62
CA LEU D 558 -13.06 21.86 9.32
C LEU D 558 -13.02 20.33 9.45
N MET D 559 -11.85 19.81 9.85
CA MET D 559 -11.43 18.41 9.56
C MET D 559 -11.08 17.63 10.84
N LEU D 560 -11.42 18.15 12.03
CA LEU D 560 -11.38 17.38 13.30
C LEU D 560 -12.45 16.28 13.20
N SER D 561 -12.04 15.02 13.36
CA SER D 561 -12.82 13.81 12.98
C SER D 561 -14.24 13.85 13.56
N SER D 562 -14.40 14.37 14.78
CA SER D 562 -15.70 14.52 15.48
C SER D 562 -16.66 15.40 14.68
N ASN D 563 -16.16 16.50 14.09
CA ASN D 563 -16.95 17.56 13.43
C ASN D 563 -17.48 17.08 12.09
N ASN D 564 -16.81 16.11 11.45
CA ASN D 564 -17.18 15.55 10.12
C ASN D 564 -17.41 14.04 10.27
N ILE D 565 -18.49 13.67 10.94
CA ILE D 565 -18.98 12.26 11.06
C ILE D 565 -19.50 11.83 9.68
N LEU D 566 -20.30 12.70 9.05
CA LEU D 566 -21.02 12.43 7.78
C LEU D 566 -20.03 12.49 6.61
N SER D 567 -19.99 11.44 5.79
CA SER D 567 -19.17 11.36 4.54
C SER D 567 -19.64 12.44 3.56
N PRO D 568 -18.73 12.99 2.73
CA PRO D 568 -19.12 13.98 1.72
C PRO D 568 -19.63 13.30 0.44
N ALA D 569 -20.39 12.21 0.59
CA ALA D 569 -20.79 11.29 -0.50
C ALA D 569 -22.32 11.20 -0.55
N SER D 570 -22.93 10.59 0.47
CA SER D 570 -24.40 10.48 0.67
C SER D 570 -24.86 11.30 1.87
N GLY D 571 -23.94 11.97 2.58
CA GLY D 571 -24.19 12.57 3.90
C GLY D 571 -24.59 11.53 4.94
N LYS D 572 -24.11 10.29 4.80
CA LYS D 572 -24.29 9.19 5.78
C LYS D 572 -23.13 9.24 6.77
N PRO D 573 -23.34 8.84 8.05
CA PRO D 573 -22.28 8.87 9.06
C PRO D 573 -21.22 7.80 8.76
N LEU D 574 -20.04 8.23 8.29
CA LEU D 574 -18.90 7.33 7.95
C LEU D 574 -18.28 6.80 9.24
N ALA D 575 -18.06 7.69 10.22
CA ALA D 575 -17.62 7.33 11.59
C ALA D 575 -18.82 6.75 12.35
N MET D 576 -19.22 5.53 11.96
CA MET D 576 -20.29 4.73 12.62
C MET D 576 -19.67 3.39 13.02
N PRO D 577 -20.27 2.64 13.98
CA PRO D 577 -19.70 1.36 14.41
C PRO D 577 -19.69 0.30 13.31
N ARG D 578 -18.56 -0.41 13.15
CA ARG D 578 -18.36 -1.52 12.18
C ARG D 578 -17.62 -2.67 12.88
N LEU D 579 -17.59 -3.85 12.24
CA LEU D 579 -16.88 -5.08 12.72
C LEU D 579 -17.35 -5.46 14.13
N ASP D 580 -16.51 -5.29 15.17
CA ASP D 580 -16.76 -5.86 16.53
C ASP D 580 -17.96 -5.14 17.15
N MET D 581 -17.84 -3.81 17.27
CA MET D 581 -18.87 -2.93 17.87
C MET D 581 -20.26 -3.37 17.42
N VAL D 582 -20.43 -3.64 16.12
CA VAL D 582 -21.72 -4.03 15.49
C VAL D 582 -22.23 -5.31 16.17
N THR D 583 -21.42 -6.38 16.24
CA THR D 583 -21.84 -7.68 16.86
C THR D 583 -22.04 -7.48 18.36
N GLY D 584 -21.17 -6.68 18.98
CA GLY D 584 -21.30 -6.23 20.37
C GLY D 584 -22.68 -5.70 20.66
N LEU D 585 -23.08 -4.63 19.95
CA LEU D 585 -24.39 -3.97 20.15
C LEU D 585 -25.51 -4.90 19.68
N TYR D 586 -25.30 -5.68 18.61
CA TYR D 586 -26.28 -6.67 18.10
C TYR D 586 -26.63 -7.64 19.23
N TYR D 587 -25.61 -8.29 19.82
CA TYR D 587 -25.76 -9.17 21.02
C TYR D 587 -26.41 -8.37 22.15
N LEU D 588 -25.85 -7.20 22.48
CA LEU D 588 -26.31 -6.34 23.59
C LEU D 588 -27.83 -6.17 23.51
N THR D 589 -28.34 -5.74 22.35
CA THR D 589 -29.75 -5.31 22.18
C THR D 589 -30.66 -6.48 21.79
N THR D 590 -30.17 -7.48 21.05
CA THR D 590 -31.03 -8.58 20.51
C THR D 590 -31.76 -9.30 21.65
N LEU D 591 -33.01 -9.70 21.39
CA LEU D 591 -33.92 -10.35 22.37
C LEU D 591 -33.82 -11.86 22.23
N VAL D 592 -33.93 -12.60 23.35
CA VAL D 592 -33.83 -14.09 23.40
C VAL D 592 -34.95 -14.62 24.30
N GLU D 593 -35.70 -15.61 23.80
CA GLU D 593 -36.74 -16.35 24.58
C GLU D 593 -36.07 -17.40 25.46
N GLY D 594 -36.70 -17.76 26.59
CA GLY D 594 -36.23 -18.77 27.55
C GLY D 594 -34.91 -18.38 28.19
N ALA D 595 -34.82 -17.14 28.66
CA ALA D 595 -33.59 -16.52 29.23
C ALA D 595 -33.72 -16.41 30.76
N THR D 596 -32.69 -15.85 31.41
CA THR D 596 -32.58 -15.67 32.89
C THR D 596 -33.20 -14.32 33.29
N GLY D 597 -34.01 -14.32 34.35
CA GLY D 597 -34.73 -13.13 34.86
C GLY D 597 -35.82 -12.67 33.89
N GLU D 598 -36.44 -13.61 33.18
CA GLU D 598 -37.38 -13.36 32.05
C GLU D 598 -38.74 -12.89 32.60
N TYR D 599 -39.49 -12.13 31.78
CA TYR D 599 -40.88 -11.69 32.05
C TYR D 599 -41.82 -12.87 31.83
N GLN D 600 -42.43 -13.38 32.90
CA GLN D 600 -43.27 -14.61 32.90
C GLN D 600 -44.76 -14.24 32.89
N ALA D 601 -45.18 -13.30 33.74
CA ALA D 601 -46.59 -12.90 33.98
C ALA D 601 -47.35 -14.10 34.54
N ALA D 602 -46.96 -14.57 35.72
CA ALA D 602 -47.46 -15.79 36.39
C ALA D 602 -48.93 -15.62 36.80
N THR D 603 -49.67 -16.73 36.87
CA THR D 603 -51.12 -16.80 37.14
C THR D 603 -51.34 -17.37 38.55
N LYS D 604 -52.31 -16.81 39.29
CA LYS D 604 -52.80 -17.28 40.61
C LYS D 604 -51.70 -17.15 41.67
N ASP D 605 -50.67 -18.01 41.62
CA ASP D 605 -49.65 -18.19 42.68
C ASP D 605 -48.70 -16.97 42.72
N ALA D 606 -47.79 -16.87 41.74
CA ALA D 606 -46.59 -15.99 41.78
C ALA D 606 -46.88 -14.64 41.13
N PRO D 607 -46.02 -13.62 41.35
CA PRO D 607 -46.03 -12.38 40.56
C PRO D 607 -45.33 -12.56 39.20
N GLU D 608 -45.20 -11.47 38.44
CA GLU D 608 -44.73 -11.48 37.02
C GLU D 608 -43.21 -11.69 36.92
N GLN D 609 -42.48 -11.51 38.03
CA GLN D 609 -41.03 -11.85 38.20
C GLN D 609 -40.15 -10.90 37.39
N GLY D 610 -40.19 -10.97 36.05
CA GLY D 610 -39.30 -10.20 35.15
C GLY D 610 -39.68 -8.72 35.08
N VAL D 611 -39.77 -8.08 36.25
CA VAL D 611 -40.19 -6.65 36.43
C VAL D 611 -39.25 -6.03 37.47
N TYR D 612 -38.64 -4.88 37.14
CA TYR D 612 -37.52 -4.28 37.90
C TYR D 612 -37.73 -2.77 38.01
N SER D 613 -37.56 -2.22 39.22
CA SER D 613 -37.85 -0.81 39.60
C SER D 613 -36.97 0.17 38.82
N SER D 614 -35.74 -0.22 38.48
CA SER D 614 -34.71 0.65 37.86
C SER D 614 -33.80 -0.14 36.93
N PRO D 615 -33.10 0.52 35.98
CA PRO D 615 -32.01 -0.12 35.24
C PRO D 615 -30.85 -0.50 36.17
N ALA D 616 -30.61 0.29 37.21
CA ALA D 616 -29.68 0.01 38.32
C ALA D 616 -29.98 -1.38 38.91
N GLU D 617 -31.23 -1.59 39.36
CA GLU D 617 -31.73 -2.86 39.91
C GLU D 617 -31.43 -4.00 38.93
N ALA D 618 -31.79 -3.81 37.65
CA ALA D 618 -31.59 -4.81 36.57
C ALA D 618 -30.09 -5.10 36.41
N ILE D 619 -29.24 -4.07 36.43
CA ILE D 619 -27.75 -4.20 36.36
C ILE D 619 -27.27 -5.03 37.56
N MET D 620 -27.72 -4.70 38.78
CA MET D 620 -27.38 -5.46 40.01
C MET D 620 -27.85 -6.92 39.87
N ALA D 621 -29.04 -7.13 39.31
CA ALA D 621 -29.65 -8.46 39.06
C ALA D 621 -28.89 -9.21 37.97
N MET D 622 -28.21 -8.49 37.07
CA MET D 622 -27.38 -9.04 35.97
C MET D 622 -26.02 -9.45 36.53
N ASP D 623 -25.30 -8.50 37.15
CA ASP D 623 -23.92 -8.72 37.66
C ASP D 623 -23.92 -9.90 38.65
N ARG D 624 -24.86 -9.91 39.60
CA ARG D 624 -25.17 -11.11 40.44
C ARG D 624 -25.93 -12.09 39.56
N GLY D 625 -25.55 -13.37 39.57
CA GLY D 625 -26.15 -14.42 38.72
C GLY D 625 -27.64 -14.58 38.98
N ALA D 626 -28.46 -13.81 38.27
CA ALA D 626 -29.94 -13.82 38.40
C ALA D 626 -30.66 -13.36 37.11
N LEU D 627 -30.06 -12.44 36.33
CA LEU D 627 -30.67 -11.82 35.13
C LEU D 627 -29.73 -11.96 33.93
N SER D 628 -30.27 -12.35 32.76
CA SER D 628 -29.56 -12.45 31.47
C SER D 628 -29.88 -11.21 30.62
N VAL D 629 -28.86 -10.57 30.07
CA VAL D 629 -28.91 -9.22 29.44
C VAL D 629 -29.96 -9.19 28.32
N ARG D 630 -30.16 -10.33 27.65
CA ARG D 630 -31.01 -10.48 26.45
C ARG D 630 -32.35 -11.13 26.85
N ALA D 631 -33.02 -10.57 27.86
CA ALA D 631 -34.30 -11.08 28.43
C ALA D 631 -35.39 -10.02 28.28
N LYS D 632 -36.61 -10.43 27.91
CA LYS D 632 -37.73 -9.51 27.56
C LYS D 632 -38.36 -8.94 28.83
N ILE D 633 -37.54 -8.30 29.67
CA ILE D 633 -37.91 -7.82 31.05
C ILE D 633 -38.73 -6.53 30.94
N LYS D 634 -39.51 -6.22 32.00
CA LYS D 634 -40.34 -4.99 32.10
C LYS D 634 -39.68 -4.03 33.10
N VAL D 635 -38.91 -3.05 32.61
CA VAL D 635 -38.13 -2.09 33.45
C VAL D 635 -38.88 -0.75 33.52
N ARG D 636 -38.81 -0.08 34.67
CA ARG D 636 -39.42 1.25 34.91
C ARG D 636 -38.33 2.32 34.81
N LEU D 637 -38.32 3.08 33.71
CA LEU D 637 -37.25 4.04 33.33
C LEU D 637 -37.67 5.46 33.70
N THR D 638 -36.67 6.31 33.95
CA THR D 638 -36.83 7.74 34.33
C THR D 638 -36.08 8.64 33.33
N GLU D 639 -34.78 8.41 33.15
CA GLU D 639 -33.85 9.27 32.35
C GLU D 639 -34.18 9.18 30.85
N LEU D 640 -34.71 8.06 30.38
CA LEU D 640 -34.89 7.76 28.94
C LEU D 640 -36.28 8.24 28.48
N ARG D 641 -36.41 8.60 27.19
CA ARG D 641 -37.67 9.03 26.53
C ARG D 641 -38.28 7.82 25.84
N PRO D 642 -39.61 7.56 25.96
CA PRO D 642 -40.22 6.36 25.40
C PRO D 642 -40.45 6.42 23.88
N PRO D 643 -40.93 5.31 23.27
CA PRO D 643 -41.33 5.32 21.86
C PRO D 643 -42.45 6.33 21.55
N THR D 644 -42.48 6.83 20.31
CA THR D 644 -43.36 7.93 19.82
C THR D 644 -44.84 7.63 20.12
N ASP D 645 -45.26 6.36 19.99
CA ASP D 645 -46.65 5.92 20.30
C ASP D 645 -46.87 5.94 21.82
N LEU D 646 -45.87 5.54 22.61
CA LEU D 646 -45.97 5.47 24.10
C LEU D 646 -45.75 6.84 24.75
N GLU D 647 -45.22 7.82 24.02
CA GLU D 647 -45.16 9.25 24.46
C GLU D 647 -46.59 9.78 24.65
N ALA D 648 -47.48 9.50 23.68
CA ALA D 648 -48.87 10.00 23.61
C ALA D 648 -49.75 9.34 24.67
N GLN D 649 -49.65 8.01 24.80
CA GLN D 649 -50.60 7.18 25.61
C GLN D 649 -50.39 7.40 27.13
N LEU D 650 -49.23 7.92 27.54
CA LEU D 650 -48.85 8.05 28.98
C LEU D 650 -48.95 9.51 29.43
N PHE D 651 -48.06 10.39 28.94
CA PHE D 651 -47.85 11.78 29.45
C PHE D 651 -48.71 12.78 28.67
N GLU D 652 -48.40 13.00 27.39
CA GLU D 652 -49.02 13.97 26.45
C GLU D 652 -49.33 15.32 27.12
N ASN D 653 -48.42 15.84 27.95
CA ASN D 653 -48.49 17.22 28.51
C ASN D 653 -47.13 17.59 29.11
N GLY D 654 -46.71 16.91 30.18
CA GLY D 654 -45.39 17.06 30.83
C GLY D 654 -44.35 16.18 30.18
N TRP D 655 -43.07 16.47 30.43
CA TRP D 655 -41.89 15.72 29.92
C TRP D 655 -41.34 14.85 31.04
N LYS D 656 -40.20 14.18 30.81
CA LYS D 656 -39.63 13.14 31.72
C LYS D 656 -38.16 13.45 31.98
N PRO D 657 -37.84 14.59 32.64
CA PRO D 657 -36.51 14.80 33.20
C PRO D 657 -36.26 13.89 34.41
N GLY D 658 -37.29 13.68 35.24
CA GLY D 658 -37.28 12.75 36.39
C GLY D 658 -38.67 12.27 36.75
N ASP D 659 -39.47 11.87 35.75
CA ASP D 659 -40.80 11.22 35.93
C ASP D 659 -40.57 9.70 36.02
N ALA D 660 -41.45 8.88 35.42
CA ALA D 660 -41.36 7.41 35.47
C ALA D 660 -42.35 6.79 34.47
N TRP D 661 -41.93 5.73 33.78
CA TRP D 661 -42.76 4.97 32.82
C TRP D 661 -42.18 3.56 32.65
N THR D 662 -43.03 2.57 32.33
CA THR D 662 -42.67 1.14 32.23
C THR D 662 -42.45 0.77 30.76
N ALA D 663 -41.39 -0.02 30.48
CA ALA D 663 -40.98 -0.49 29.14
C ALA D 663 -40.72 -2.00 29.18
N GLU D 664 -41.24 -2.74 28.20
CA GLU D 664 -41.09 -4.22 28.06
C GLU D 664 -39.98 -4.51 27.03
N THR D 665 -38.73 -4.43 27.49
CA THR D 665 -37.51 -4.35 26.63
C THR D 665 -36.51 -5.43 27.07
N THR D 666 -35.23 -5.27 26.68
CA THR D 666 -34.08 -6.01 27.26
C THR D 666 -33.23 -5.01 28.04
N LEU D 667 -32.67 -5.44 29.18
CA LEU D 667 -31.68 -4.66 29.95
C LEU D 667 -30.69 -4.02 28.96
N GLY D 668 -30.18 -4.82 28.02
CA GLY D 668 -29.23 -4.39 26.99
C GLY D 668 -29.74 -3.22 26.16
N ARG D 669 -31.03 -3.22 25.79
CA ARG D 669 -31.66 -2.12 25.03
C ARG D 669 -31.70 -0.85 25.90
N VAL D 670 -31.86 -1.01 27.21
CA VAL D 670 -31.87 0.12 28.20
C VAL D 670 -30.44 0.64 28.37
N MET D 671 -29.47 -0.26 28.51
CA MET D 671 -28.01 0.06 28.56
C MET D 671 -27.57 0.69 27.24
N PHE D 672 -28.25 0.36 26.14
CA PHE D 672 -28.03 0.94 24.79
C PHE D 672 -28.61 2.37 24.76
N ASN D 673 -29.89 2.51 25.07
CA ASN D 673 -30.60 3.83 25.09
C ASN D 673 -29.95 4.78 26.11
N GLU D 674 -29.36 4.24 27.18
CA GLU D 674 -28.54 4.99 28.17
C GLU D 674 -27.36 5.70 27.46
N LEU D 675 -26.86 5.13 26.36
CA LEU D 675 -25.74 5.69 25.56
C LEU D 675 -26.28 6.81 24.67
N LEU D 676 -27.42 6.58 24.01
CA LEU D 676 -28.10 7.54 23.11
C LEU D 676 -28.57 8.74 23.92
N PRO D 677 -28.73 9.94 23.30
CA PRO D 677 -28.91 11.18 24.05
C PRO D 677 -30.25 11.27 24.80
N LYS D 678 -30.30 12.17 25.79
CA LYS D 678 -31.40 12.29 26.79
C LYS D 678 -32.75 12.38 26.08
N SER D 679 -32.91 13.37 25.20
CA SER D 679 -34.19 13.73 24.53
C SER D 679 -34.44 12.86 23.29
N TYR D 680 -33.58 11.87 22.99
CA TYR D 680 -33.78 10.91 21.89
C TYR D 680 -34.73 9.82 22.37
N PRO D 681 -35.79 9.48 21.60
CA PRO D 681 -36.78 8.48 22.05
C PRO D 681 -36.23 7.05 22.00
N PHE D 682 -36.95 6.12 22.62
CA PHE D 682 -36.53 4.71 22.80
C PHE D 682 -36.60 3.97 21.45
N VAL D 683 -35.84 2.90 21.32
CA VAL D 683 -35.68 2.12 20.05
C VAL D 683 -36.36 0.75 20.21
N ASN D 684 -36.06 0.01 21.28
CA ASN D 684 -36.59 -1.35 21.59
C ASN D 684 -36.51 -2.22 20.32
N GLU D 685 -35.29 -2.49 19.84
CA GLU D 685 -35.04 -3.29 18.61
C GLU D 685 -33.60 -3.82 18.66
N GLN D 686 -33.32 -4.93 17.95
CA GLN D 686 -31.94 -5.47 17.80
C GLN D 686 -31.17 -4.52 16.86
N MET D 687 -29.93 -4.17 17.23
CA MET D 687 -29.15 -3.08 16.59
C MET D 687 -28.31 -3.65 15.44
N HIS D 688 -28.98 -3.94 14.33
CA HIS D 688 -28.38 -4.24 13.00
C HIS D 688 -27.64 -2.99 12.50
N LYS D 689 -26.55 -3.17 11.75
CA LYS D 689 -25.69 -2.05 11.28
C LYS D 689 -26.53 -1.01 10.50
N LYS D 690 -27.56 -1.46 9.78
CA LYS D 690 -28.55 -0.59 9.07
C LYS D 690 -29.38 0.21 10.09
N VAL D 691 -29.84 -0.45 11.15
CA VAL D 691 -30.64 0.18 12.25
C VAL D 691 -29.75 1.23 12.92
N GLN D 692 -28.50 0.87 13.24
CA GLN D 692 -27.46 1.82 13.72
C GLN D 692 -27.31 2.97 12.73
N ALA D 693 -27.19 2.66 11.44
CA ALA D 693 -27.05 3.66 10.35
C ALA D 693 -28.21 4.66 10.41
N ARG D 694 -29.47 4.18 10.38
CA ARG D 694 -30.67 5.07 10.38
C ARG D 694 -30.76 5.81 11.73
N ILE D 695 -30.37 5.17 12.84
CA ILE D 695 -30.37 5.81 14.19
C ILE D 695 -29.38 6.99 14.18
N ILE D 696 -28.13 6.74 13.75
CA ILE D 696 -27.04 7.75 13.77
C ILE D 696 -27.32 8.82 12.70
N ASN D 697 -28.01 8.44 11.61
CA ASN D 697 -28.56 9.37 10.59
C ASN D 697 -29.59 10.29 11.25
N ASP D 698 -30.56 9.72 11.97
CA ASP D 698 -31.60 10.47 12.72
C ASP D 698 -30.91 11.41 13.71
N LEU D 699 -29.93 10.91 14.47
CA LEU D 699 -29.10 11.71 15.42
C LEU D 699 -28.40 12.84 14.64
N ALA D 700 -27.83 12.54 13.47
CA ALA D 700 -27.08 13.49 12.61
C ALA D 700 -28.01 14.62 12.13
N GLU D 701 -29.18 14.26 11.59
CA GLU D 701 -30.15 15.24 10.99
C GLU D 701 -30.86 16.01 12.11
N ARG D 702 -31.21 15.37 13.22
CA ARG D 702 -32.03 15.99 14.31
C ARG D 702 -31.13 16.77 15.28
N PHE D 703 -30.07 16.15 15.80
CA PHE D 703 -29.24 16.68 16.92
C PHE D 703 -27.98 17.36 16.37
N PRO D 704 -27.26 18.16 17.20
CA PRO D 704 -25.91 18.63 16.88
C PRO D 704 -24.90 17.51 16.61
N MET D 705 -23.78 17.85 15.98
CA MET D 705 -22.74 16.89 15.50
C MET D 705 -21.98 16.31 16.71
N ILE D 706 -21.79 17.10 17.77
CA ILE D 706 -21.04 16.70 19.00
C ILE D 706 -21.81 15.58 19.71
N VAL D 707 -23.14 15.70 19.75
CA VAL D 707 -24.07 14.67 20.32
C VAL D 707 -23.85 13.36 19.56
N VAL D 708 -23.73 13.42 18.23
CA VAL D 708 -23.49 12.24 17.34
C VAL D 708 -22.09 11.69 17.67
N ALA D 709 -21.07 12.55 17.60
CA ALA D 709 -19.66 12.22 17.92
C ALA D 709 -19.60 11.45 19.23
N GLN D 710 -20.23 11.98 20.30
CA GLN D 710 -20.19 11.38 21.66
C GLN D 710 -21.02 10.08 21.68
N THR D 711 -22.29 10.14 21.26
CA THR D 711 -23.22 8.98 21.32
C THR D 711 -22.60 7.80 20.56
N VAL D 712 -22.01 8.04 19.39
CA VAL D 712 -21.38 6.95 18.57
C VAL D 712 -20.12 6.45 19.30
N ASP D 713 -19.44 7.29 20.08
CA ASP D 713 -18.27 6.87 20.90
C ASP D 713 -18.74 5.99 22.07
N LYS D 714 -19.83 6.38 22.74
CA LYS D 714 -20.46 5.53 23.80
C LYS D 714 -20.90 4.20 23.19
N LEU D 715 -21.53 4.25 21.99
CA LEU D 715 -21.88 3.05 21.19
C LEU D 715 -20.61 2.23 20.90
N LYS D 716 -19.49 2.88 20.60
CA LYS D 716 -18.18 2.20 20.38
C LYS D 716 -17.76 1.49 21.66
N ASP D 717 -17.62 2.23 22.77
CA ASP D 717 -17.11 1.69 24.06
C ASP D 717 -18.01 0.54 24.51
N ALA D 718 -19.32 0.81 24.64
CA ALA D 718 -20.34 -0.19 25.04
C ALA D 718 -20.29 -1.38 24.08
N GLY D 719 -20.40 -1.10 22.77
CA GLY D 719 -20.27 -2.08 21.67
C GLY D 719 -19.10 -3.02 21.91
N PHE D 720 -17.88 -2.49 22.08
CA PHE D 720 -16.65 -3.28 22.32
C PHE D 720 -16.77 -4.05 23.64
N TYR D 721 -17.17 -3.37 24.72
CA TYR D 721 -17.36 -4.03 26.04
C TYR D 721 -18.24 -5.27 25.87
N TRP D 722 -19.33 -5.15 25.11
CA TRP D 722 -20.33 -6.24 24.92
C TRP D 722 -19.92 -7.20 23.80
N ALA D 723 -18.96 -6.82 22.96
CA ALA D 723 -18.35 -7.68 21.91
C ALA D 723 -17.66 -8.88 22.57
N THR D 724 -16.95 -8.65 23.69
CA THR D 724 -16.26 -9.71 24.49
C THR D 724 -17.28 -10.73 24.98
N ARG D 725 -18.24 -10.25 25.77
CA ARG D 725 -19.25 -11.08 26.47
C ARG D 725 -20.40 -11.42 25.51
N SER D 726 -20.27 -11.06 24.23
CA SER D 726 -21.11 -11.59 23.11
C SER D 726 -20.94 -13.11 23.01
N GLY D 727 -19.70 -13.58 23.00
CA GLY D 727 -19.34 -14.99 22.77
C GLY D 727 -19.28 -15.31 21.29
N VAL D 728 -18.74 -14.39 20.49
CA VAL D 728 -18.47 -14.58 19.03
C VAL D 728 -17.05 -15.14 18.89
N THR D 729 -16.96 -16.47 18.79
CA THR D 729 -15.71 -17.26 18.70
C THR D 729 -15.92 -18.40 17.69
N VAL D 730 -14.90 -18.72 16.89
CA VAL D 730 -14.99 -19.71 15.77
C VAL D 730 -14.29 -21.01 16.20
N SER D 731 -14.95 -22.14 15.95
CA SER D 731 -14.46 -23.52 16.23
C SER D 731 -15.00 -24.48 15.16
N MET D 732 -14.27 -25.57 14.93
CA MET D 732 -14.67 -26.70 14.03
C MET D 732 -16.08 -27.19 14.40
N ALA D 733 -16.44 -27.14 15.69
CA ALA D 733 -17.80 -27.44 16.19
C ALA D 733 -18.77 -26.32 15.81
N ASP D 734 -18.37 -25.06 16.00
CA ASP D 734 -19.24 -23.86 15.81
C ASP D 734 -19.59 -23.71 14.32
N VAL D 735 -18.61 -23.81 13.44
CA VAL D 735 -18.83 -23.91 11.97
C VAL D 735 -19.41 -25.31 11.72
N LEU D 736 -20.70 -25.38 11.35
CA LEU D 736 -21.44 -26.64 11.11
C LEU D 736 -21.51 -26.92 9.60
N VAL D 737 -22.08 -28.07 9.24
CA VAL D 737 -22.44 -28.44 7.83
C VAL D 737 -23.94 -28.76 7.82
N PRO D 738 -24.68 -28.41 6.74
CA PRO D 738 -26.10 -28.74 6.63
C PRO D 738 -26.28 -30.24 6.44
N PRO D 739 -27.18 -30.91 7.20
CA PRO D 739 -27.29 -32.37 7.16
C PRO D 739 -27.89 -32.94 5.86
N GLN D 740 -28.53 -32.09 5.04
CA GLN D 740 -29.11 -32.47 3.72
C GLN D 740 -28.08 -32.29 2.59
N LYS D 741 -26.89 -31.78 2.88
CA LYS D 741 -25.83 -31.45 1.87
C LYS D 741 -25.48 -32.71 1.05
N GLN D 742 -25.54 -33.89 1.67
CA GLN D 742 -25.37 -35.21 0.99
C GLN D 742 -26.53 -35.42 0.00
N GLU D 743 -27.78 -35.21 0.45
CA GLU D 743 -29.02 -35.48 -0.31
C GLU D 743 -29.16 -34.50 -1.49
N ILE D 744 -29.04 -33.20 -1.23
CA ILE D 744 -29.31 -32.11 -2.23
C ILE D 744 -28.20 -32.11 -3.30
N LEU D 745 -26.94 -32.33 -2.92
CA LEU D 745 -25.77 -32.35 -3.85
C LEU D 745 -25.89 -33.56 -4.78
N GLU D 746 -25.98 -34.77 -4.22
CA GLU D 746 -25.96 -36.05 -4.98
C GLU D 746 -27.13 -36.06 -5.98
N ARG D 747 -28.31 -35.60 -5.57
CA ARG D 747 -29.47 -35.41 -6.49
C ARG D 747 -29.02 -34.58 -7.70
N HIS D 748 -28.33 -33.46 -7.45
CA HIS D 748 -27.80 -32.54 -8.50
C HIS D 748 -26.64 -33.20 -9.27
N GLU D 749 -26.09 -34.33 -8.78
CA GLU D 749 -25.24 -35.24 -9.62
C GLU D 749 -26.17 -35.99 -10.58
N ALA D 750 -27.27 -36.57 -10.08
CA ALA D 750 -28.21 -37.43 -10.85
C ALA D 750 -28.73 -36.70 -12.09
N GLU D 751 -28.91 -35.38 -12.01
CA GLU D 751 -29.32 -34.49 -13.13
C GLU D 751 -28.14 -34.26 -14.09
N ALA D 752 -26.91 -34.12 -13.56
CA ALA D 752 -25.69 -33.82 -14.35
C ALA D 752 -25.24 -35.07 -15.12
N ASP D 753 -24.93 -36.16 -14.42
CA ASP D 753 -24.51 -37.48 -14.97
C ASP D 753 -25.46 -37.87 -16.12
N ALA D 754 -26.77 -37.79 -15.88
CA ALA D 754 -27.86 -38.00 -16.87
C ALA D 754 -27.50 -37.28 -18.19
N ILE D 755 -27.15 -35.98 -18.12
CA ILE D 755 -26.77 -35.16 -19.31
C ILE D 755 -25.64 -35.90 -20.04
N GLU D 756 -24.62 -36.36 -19.30
CA GLU D 756 -23.51 -37.19 -19.86
C GLU D 756 -24.13 -38.38 -20.62
N ARG D 757 -25.07 -39.10 -19.98
CA ARG D 757 -25.80 -40.25 -20.58
C ARG D 757 -26.55 -39.78 -21.84
N LYS D 758 -26.99 -38.52 -21.89
CA LYS D 758 -27.60 -37.88 -23.09
C LYS D 758 -26.52 -37.54 -24.12
N TYR D 759 -25.32 -37.12 -23.66
CA TYR D 759 -24.21 -36.65 -24.52
C TYR D 759 -23.57 -37.84 -25.26
N GLN D 760 -23.23 -38.90 -24.52
CA GLN D 760 -22.57 -40.14 -25.03
C GLN D 760 -23.37 -40.73 -26.20
N ARG D 761 -24.70 -40.70 -26.12
CA ARG D 761 -25.63 -41.10 -27.21
C ARG D 761 -25.44 -40.16 -28.42
N GLY D 762 -25.38 -38.85 -28.17
CA GLY D 762 -25.16 -37.81 -29.19
C GLY D 762 -26.43 -37.03 -29.49
N ALA D 763 -26.76 -36.06 -28.62
CA ALA D 763 -27.93 -35.15 -28.75
C ALA D 763 -27.48 -33.70 -28.51
N LEU D 764 -27.05 -33.39 -27.28
CA LEU D 764 -26.58 -32.04 -26.85
C LEU D 764 -25.08 -31.91 -27.11
N ASN D 765 -24.60 -30.70 -27.42
CA ASN D 765 -23.18 -30.39 -27.67
C ASN D 765 -22.50 -30.01 -26.35
N HIS D 766 -21.16 -29.90 -26.37
CA HIS D 766 -20.29 -29.67 -25.18
C HIS D 766 -20.57 -28.30 -24.54
N THR D 767 -20.82 -27.27 -25.36
CA THR D 767 -20.96 -25.85 -24.91
C THR D 767 -22.28 -25.66 -24.15
N GLU D 768 -23.38 -26.22 -24.65
CA GLU D 768 -24.73 -26.15 -24.01
C GLU D 768 -24.71 -26.95 -22.71
N ARG D 769 -24.14 -28.16 -22.76
CA ARG D 769 -23.84 -29.03 -21.58
C ARG D 769 -23.06 -28.21 -20.54
N ASN D 770 -21.95 -27.59 -20.98
CA ASN D 770 -21.05 -26.76 -20.14
C ASN D 770 -21.81 -25.64 -19.43
N GLU D 771 -22.87 -25.10 -20.05
CA GLU D 771 -23.76 -24.04 -19.46
C GLU D 771 -24.78 -24.69 -18.52
N SER D 772 -25.51 -25.71 -18.99
CA SER D 772 -26.54 -26.44 -18.22
C SER D 772 -25.95 -26.93 -16.89
N LEU D 773 -24.71 -27.47 -16.94
CA LEU D 773 -23.89 -27.83 -15.74
C LEU D 773 -23.80 -26.62 -14.80
N VAL D 774 -23.39 -25.46 -15.34
CA VAL D 774 -23.21 -24.20 -14.56
C VAL D 774 -24.55 -23.83 -13.91
N LYS D 775 -25.65 -23.88 -14.69
CA LYS D 775 -27.03 -23.64 -14.18
C LYS D 775 -27.32 -24.59 -13.01
N ILE D 776 -27.16 -25.91 -13.23
CA ILE D 776 -27.47 -26.99 -12.26
C ILE D 776 -26.66 -26.75 -10.97
N TRP D 777 -25.34 -26.59 -11.08
CA TRP D 777 -24.45 -26.46 -9.88
C TRP D 777 -24.62 -25.08 -9.23
N GLN D 778 -25.05 -24.05 -9.98
CA GLN D 778 -25.43 -22.73 -9.41
C GLN D 778 -26.72 -22.90 -8.59
N ASP D 779 -27.70 -23.64 -9.13
CA ASP D 779 -28.95 -24.02 -8.40
C ASP D 779 -28.56 -24.82 -7.15
N ALA D 780 -27.61 -25.76 -7.28
CA ALA D 780 -27.07 -26.58 -6.16
C ALA D 780 -26.44 -25.67 -5.10
N THR D 781 -25.62 -24.70 -5.52
CA THR D 781 -25.00 -23.65 -4.65
C THR D 781 -26.11 -22.87 -3.94
N GLU D 782 -27.15 -22.47 -4.67
CA GLU D 782 -28.32 -21.70 -4.15
C GLU D 782 -29.03 -22.53 -3.07
N GLU D 783 -29.36 -23.79 -3.37
CA GLU D 783 -30.04 -24.74 -2.44
C GLU D 783 -29.29 -24.81 -1.11
N VAL D 784 -27.97 -24.99 -1.16
CA VAL D 784 -27.07 -25.05 0.03
C VAL D 784 -27.11 -23.67 0.73
N GLY D 785 -26.89 -22.59 -0.04
CA GLY D 785 -26.96 -21.19 0.42
C GLY D 785 -28.19 -20.92 1.25
N LYS D 786 -29.36 -21.35 0.77
CA LYS D 786 -30.66 -21.29 1.52
C LYS D 786 -30.56 -22.25 2.73
N ALA D 787 -30.47 -23.56 2.45
CA ALA D 787 -30.56 -24.68 3.42
C ALA D 787 -29.71 -24.39 4.67
N LEU D 788 -28.52 -23.79 4.50
CA LEU D 788 -27.60 -23.39 5.59
C LEU D 788 -28.36 -22.62 6.67
N GLU D 789 -29.08 -21.55 6.27
CA GLU D 789 -29.75 -20.60 7.21
C GLU D 789 -30.92 -21.28 7.91
N GLU D 790 -31.57 -22.26 7.27
CA GLU D 790 -32.68 -23.06 7.85
C GLU D 790 -32.17 -23.91 9.02
N PHE D 791 -30.91 -24.37 8.94
CA PHE D 791 -30.26 -25.28 9.93
C PHE D 791 -29.53 -24.47 11.00
N TYR D 792 -28.66 -23.53 10.59
CA TYR D 792 -27.77 -22.75 11.48
C TYR D 792 -28.58 -21.99 12.54
N PRO D 793 -28.34 -22.22 13.85
CA PRO D 793 -28.95 -21.41 14.91
C PRO D 793 -28.50 -19.93 14.89
N ALA D 794 -29.28 -19.07 15.56
CA ALA D 794 -29.16 -17.59 15.54
C ALA D 794 -27.91 -17.13 16.31
N ASP D 795 -27.67 -17.69 17.51
CA ASP D 795 -26.57 -17.29 18.42
C ASP D 795 -25.21 -17.71 17.85
N ASN D 796 -25.18 -18.70 16.94
CA ASN D 796 -23.98 -19.15 16.19
C ASN D 796 -23.14 -17.94 15.80
N PRO D 797 -21.91 -17.78 16.37
CA PRO D 797 -21.02 -16.67 16.03
C PRO D 797 -20.90 -16.30 14.54
N ILE D 798 -20.80 -17.32 13.67
CA ILE D 798 -20.76 -17.16 12.18
C ILE D 798 -22.02 -16.41 11.73
N ILE D 799 -23.19 -16.82 12.24
CA ILE D 799 -24.51 -16.19 11.94
C ILE D 799 -24.53 -14.79 12.58
N THR D 800 -24.02 -14.63 13.80
CA THR D 800 -23.92 -13.31 14.51
C THR D 800 -23.16 -12.34 13.59
N ILE D 801 -21.93 -12.69 13.23
CA ILE D 801 -20.98 -11.84 12.44
C ILE D 801 -21.68 -11.33 11.17
N VAL D 802 -22.34 -12.22 10.42
CA VAL D 802 -22.98 -11.86 9.11
C VAL D 802 -24.31 -11.13 9.36
N LYS D 803 -25.22 -11.73 10.14
CA LYS D 803 -26.63 -11.25 10.28
C LYS D 803 -26.69 -9.98 11.14
N SER D 804 -25.63 -9.66 11.90
CA SER D 804 -25.48 -8.31 12.52
C SER D 804 -25.25 -7.26 11.43
N GLY D 805 -24.53 -7.64 10.37
CA GLY D 805 -24.04 -6.73 9.31
C GLY D 805 -22.67 -6.17 9.66
N ALA D 806 -22.04 -6.68 10.73
CA ALA D 806 -20.70 -6.29 11.24
C ALA D 806 -19.67 -6.35 10.11
N THR D 807 -19.56 -7.54 9.50
CA THR D 807 -18.69 -7.85 8.33
C THR D 807 -19.10 -9.22 7.79
N GLY D 808 -18.56 -9.61 6.63
CA GLY D 808 -18.85 -10.90 5.98
C GLY D 808 -20.22 -10.91 5.33
N ASN D 809 -20.43 -11.85 4.41
CA ASN D 809 -21.68 -12.03 3.62
C ASN D 809 -22.10 -13.49 3.69
N LEU D 810 -23.35 -13.77 3.29
CA LEU D 810 -23.94 -15.14 3.25
C LEU D 810 -23.16 -16.00 2.23
N THR D 811 -22.61 -15.36 1.19
CA THR D 811 -21.68 -15.97 0.20
C THR D 811 -20.47 -16.56 0.92
N GLN D 812 -19.78 -15.74 1.73
CA GLN D 812 -18.55 -16.11 2.48
C GLN D 812 -18.87 -17.25 3.46
N THR D 813 -19.99 -17.15 4.19
CA THR D 813 -20.52 -18.20 5.10
C THR D 813 -20.81 -19.48 4.29
N ARG D 814 -21.36 -19.36 3.08
CA ARG D 814 -21.69 -20.50 2.19
C ARG D 814 -20.39 -21.17 1.68
N THR D 815 -19.37 -20.38 1.30
CA THR D 815 -18.07 -20.91 0.80
C THR D 815 -17.21 -21.39 1.99
N LEU D 816 -17.51 -20.95 3.23
CA LEU D 816 -16.83 -21.45 4.45
C LEU D 816 -17.48 -22.78 4.91
N ALA D 817 -18.81 -22.80 5.00
CA ALA D 817 -19.62 -23.97 5.41
C ALA D 817 -20.57 -24.37 4.28
N GLY D 818 -20.56 -25.64 3.88
CA GLY D 818 -21.29 -26.17 2.71
C GLY D 818 -20.35 -26.39 1.53
N MET D 819 -20.19 -25.38 0.68
CA MET D 819 -19.34 -25.47 -0.54
C MET D 819 -19.16 -24.09 -1.20
N LYS D 820 -17.98 -23.88 -1.80
CA LYS D 820 -17.61 -22.67 -2.60
C LYS D 820 -18.44 -22.63 -3.89
N GLY D 821 -18.93 -23.77 -4.37
CA GLY D 821 -19.74 -23.88 -5.60
C GLY D 821 -18.86 -23.81 -6.83
N LEU D 822 -19.36 -23.17 -7.90
CA LEU D 822 -18.58 -22.90 -9.13
C LEU D 822 -17.59 -21.76 -8.87
N VAL D 823 -16.34 -21.92 -9.32
CA VAL D 823 -15.29 -20.86 -9.34
C VAL D 823 -14.88 -20.64 -10.80
N THR D 824 -14.50 -19.41 -11.13
CA THR D 824 -14.29 -18.92 -12.52
C THR D 824 -12.84 -19.19 -12.97
N ASN D 825 -12.65 -19.38 -14.27
CA ASN D 825 -11.32 -19.47 -14.94
C ASN D 825 -10.75 -18.06 -15.07
N PRO D 826 -9.49 -17.88 -15.52
CA PRO D 826 -8.90 -16.54 -15.62
C PRO D 826 -9.39 -15.75 -16.84
N LYS D 827 -10.06 -16.42 -17.78
CA LYS D 827 -10.77 -15.82 -18.95
C LYS D 827 -11.99 -15.04 -18.44
N GLY D 828 -12.78 -15.67 -17.56
CA GLY D 828 -14.09 -15.18 -17.08
C GLY D 828 -15.14 -16.29 -17.09
N GLU D 829 -14.97 -17.30 -17.95
CA GLU D 829 -15.87 -18.48 -18.06
C GLU D 829 -15.78 -19.32 -16.79
N PHE D 830 -16.91 -19.93 -16.40
CA PHE D 830 -17.06 -20.79 -15.19
C PHE D 830 -16.64 -22.23 -15.54
N ILE D 831 -15.96 -22.90 -14.62
CA ILE D 831 -15.51 -24.32 -14.77
C ILE D 831 -16.70 -25.22 -14.46
N PRO D 832 -17.08 -26.16 -15.36
CA PRO D 832 -18.31 -26.93 -15.21
C PRO D 832 -18.34 -27.87 -13.98
N ARG D 833 -17.19 -28.42 -13.57
CA ARG D 833 -17.03 -29.23 -12.33
C ARG D 833 -16.78 -28.29 -11.15
N PRO D 834 -17.74 -28.14 -10.20
CA PRO D 834 -17.59 -27.17 -9.11
C PRO D 834 -16.75 -27.71 -7.94
N ILE D 835 -16.50 -26.85 -6.95
CA ILE D 835 -15.96 -27.24 -5.61
C ILE D 835 -17.13 -27.86 -4.83
N LYS D 836 -17.24 -29.19 -4.85
CA LYS D 836 -18.34 -29.96 -4.19
C LYS D 836 -17.90 -30.35 -2.78
N SER D 837 -17.40 -29.38 -1.99
CA SER D 837 -16.84 -29.58 -0.63
C SER D 837 -16.60 -28.24 0.06
N SER D 838 -17.04 -28.11 1.32
CA SER D 838 -16.79 -26.95 2.22
C SER D 838 -15.28 -26.76 2.46
N PHE D 839 -14.88 -25.52 2.72
CA PHE D 839 -13.56 -25.15 3.31
C PHE D 839 -13.39 -25.82 4.68
N ARG D 840 -14.49 -26.04 5.41
CA ARG D 840 -14.51 -26.81 6.69
C ARG D 840 -14.04 -28.24 6.42
N GLU D 841 -14.60 -28.90 5.41
CA GLU D 841 -14.19 -30.27 4.96
C GLU D 841 -12.76 -30.21 4.40
N GLY D 842 -12.43 -29.13 3.68
CA GLY D 842 -11.13 -28.94 3.00
C GLY D 842 -11.22 -29.42 1.56
N LEU D 843 -10.74 -28.62 0.62
CA LEU D 843 -10.81 -28.92 -0.84
C LEU D 843 -9.83 -30.05 -1.17
N THR D 844 -10.14 -30.84 -2.20
CA THR D 844 -9.17 -31.76 -2.85
C THR D 844 -8.20 -30.91 -3.68
N VAL D 845 -6.94 -31.34 -3.77
CA VAL D 845 -5.81 -30.63 -4.45
C VAL D 845 -6.30 -30.01 -5.77
N LEU D 846 -7.09 -30.77 -6.54
CA LEU D 846 -7.67 -30.33 -7.85
C LEU D 846 -8.66 -29.19 -7.60
N GLU D 847 -9.68 -29.44 -6.78
CA GLU D 847 -10.76 -28.48 -6.42
C GLU D 847 -10.14 -27.17 -5.92
N TYR D 848 -9.04 -27.26 -5.15
CA TYR D 848 -8.24 -26.10 -4.69
C TYR D 848 -7.56 -25.44 -5.89
N PHE D 849 -6.83 -26.24 -6.68
CA PHE D 849 -6.04 -25.75 -7.84
C PHE D 849 -6.95 -24.98 -8.81
N ILE D 850 -8.20 -25.42 -8.96
CA ILE D 850 -9.23 -24.73 -9.80
C ILE D 850 -9.64 -23.43 -9.09
N ASN D 851 -9.83 -23.47 -7.77
CA ASN D 851 -10.17 -22.29 -6.92
C ASN D 851 -9.08 -21.22 -7.06
N THR D 852 -7.80 -21.60 -7.12
CA THR D 852 -6.65 -20.65 -7.16
C THR D 852 -6.84 -19.58 -8.26
N HIS D 853 -7.27 -20.02 -9.45
CA HIS D 853 -7.49 -19.19 -10.67
C HIS D 853 -8.21 -17.89 -10.31
N GLY D 854 -9.47 -17.99 -9.88
CA GLY D 854 -10.38 -16.86 -9.61
C GLY D 854 -9.85 -15.95 -8.53
N ALA D 855 -9.22 -16.53 -7.49
CA ALA D 855 -8.62 -15.81 -6.35
C ALA D 855 -7.42 -14.97 -6.83
N ARG D 856 -6.47 -15.62 -7.52
CA ARG D 856 -5.29 -14.91 -8.10
C ARG D 856 -5.79 -13.83 -9.08
N LYS D 857 -6.78 -14.17 -9.91
CA LYS D 857 -7.46 -13.24 -10.85
C LYS D 857 -7.99 -12.03 -10.08
N GLY D 858 -8.71 -12.28 -8.97
CA GLY D 858 -9.27 -11.27 -8.07
C GLY D 858 -8.19 -10.37 -7.47
N LEU D 859 -7.11 -10.99 -6.95
CA LEU D 859 -5.93 -10.26 -6.39
C LEU D 859 -5.30 -9.39 -7.49
N ALA D 860 -5.15 -9.94 -8.70
CA ALA D 860 -4.61 -9.25 -9.89
C ALA D 860 -5.53 -8.09 -10.29
N ASP D 861 -6.85 -8.25 -10.13
CA ASP D 861 -7.87 -7.22 -10.45
C ASP D 861 -7.82 -6.10 -9.41
N THR D 862 -7.83 -6.44 -8.11
CA THR D 862 -7.79 -5.46 -6.99
C THR D 862 -6.41 -4.78 -6.93
N ALA D 863 -5.36 -5.43 -7.44
CA ALA D 863 -4.02 -4.83 -7.66
C ALA D 863 -4.12 -3.70 -8.71
N LEU D 864 -4.87 -3.94 -9.79
CA LEU D 864 -5.08 -2.98 -10.92
C LEU D 864 -6.04 -1.86 -10.49
N ARG D 865 -7.11 -2.20 -9.75
CA ARG D 865 -8.29 -1.32 -9.46
C ARG D 865 -7.84 0.00 -8.84
N THR D 866 -6.97 -0.05 -7.82
CA THR D 866 -6.55 1.10 -6.96
C THR D 866 -5.90 2.21 -7.80
N ALA D 867 -4.99 1.85 -8.72
CA ALA D 867 -4.24 2.79 -9.58
C ALA D 867 -5.19 3.43 -10.62
N ASP D 868 -6.06 2.61 -11.23
CA ASP D 868 -7.09 3.04 -12.20
C ASP D 868 -8.05 4.03 -11.53
N SER D 869 -8.57 3.65 -10.35
CA SER D 869 -9.42 4.51 -9.48
C SER D 869 -8.66 5.80 -9.11
N GLY D 870 -7.37 5.69 -8.78
CA GLY D 870 -6.47 6.83 -8.50
C GLY D 870 -6.37 7.78 -9.69
N TYR D 871 -6.20 7.23 -10.90
CA TYR D 871 -6.10 7.99 -12.17
C TYR D 871 -7.45 8.67 -12.47
N LEU D 872 -8.55 7.91 -12.39
CA LEU D 872 -9.94 8.42 -12.52
C LEU D 872 -10.12 9.60 -11.56
N THR D 873 -9.78 9.39 -10.28
CA THR D 873 -9.79 10.42 -9.21
C THR D 873 -8.95 11.63 -9.66
N ARG D 874 -7.74 11.38 -10.19
CA ARG D 874 -6.81 12.45 -10.64
C ARG D 874 -7.47 13.29 -11.74
N ARG D 875 -7.97 12.64 -12.78
CA ARG D 875 -8.68 13.30 -13.91
C ARG D 875 -9.89 14.08 -13.36
N LEU D 876 -10.73 13.44 -12.54
CA LEU D 876 -11.98 14.04 -11.98
C LEU D 876 -11.65 15.21 -11.05
N VAL D 877 -10.49 15.20 -10.39
CA VAL D 877 -10.00 16.36 -9.59
C VAL D 877 -9.54 17.45 -10.57
N ASP D 878 -8.67 17.09 -11.52
CA ASP D 878 -7.99 18.07 -12.42
C ASP D 878 -8.97 18.67 -13.43
N VAL D 879 -10.16 18.08 -13.63
CA VAL D 879 -11.26 18.69 -14.46
C VAL D 879 -12.02 19.71 -13.60
N SER D 880 -12.44 19.33 -12.39
CA SER D 880 -13.29 20.14 -11.48
C SER D 880 -12.45 20.71 -10.32
N GLN D 881 -11.21 21.12 -10.61
CA GLN D 881 -10.29 21.75 -9.62
C GLN D 881 -10.75 23.19 -9.32
N ASP D 882 -11.45 23.85 -10.25
CA ASP D 882 -11.83 25.28 -10.19
C ASP D 882 -13.25 25.48 -9.61
N VAL D 883 -14.09 24.43 -9.60
CA VAL D 883 -15.53 24.54 -9.23
C VAL D 883 -15.66 24.70 -7.71
N ILE D 884 -15.78 25.96 -7.26
CA ILE D 884 -16.04 26.34 -5.83
C ILE D 884 -17.41 27.02 -5.74
N VAL D 885 -17.90 27.20 -4.51
CA VAL D 885 -19.10 28.04 -4.19
C VAL D 885 -18.61 29.48 -4.05
N ARG D 886 -18.78 30.30 -5.10
CA ARG D 886 -18.25 31.68 -5.19
C ARG D 886 -19.20 32.65 -4.44
N GLU D 887 -20.49 32.61 -4.78
CA GLU D 887 -21.55 33.48 -4.22
C GLU D 887 -22.61 32.61 -3.53
N HIS D 888 -23.61 33.24 -2.91
CA HIS D 888 -24.73 32.56 -2.20
C HIS D 888 -25.81 32.17 -3.21
N ASP D 889 -26.36 33.17 -3.92
CA ASP D 889 -27.51 33.02 -4.86
C ASP D 889 -27.32 33.94 -6.07
N CYS D 890 -27.29 33.35 -7.27
CA CYS D 890 -27.36 34.06 -8.58
C CYS D 890 -28.82 34.26 -8.99
N GLU D 891 -29.73 33.44 -8.43
CA GLU D 891 -31.22 33.51 -8.63
C GLU D 891 -31.56 33.11 -10.06
N THR D 892 -31.86 31.83 -10.28
CA THR D 892 -32.33 31.25 -11.56
C THR D 892 -33.51 30.31 -11.28
N GLU D 893 -34.57 30.38 -12.10
CA GLU D 893 -35.78 29.54 -11.99
C GLU D 893 -35.50 28.14 -12.57
N ARG D 894 -34.47 28.02 -13.44
CA ARG D 894 -34.04 26.75 -14.06
C ARG D 894 -33.60 25.75 -12.98
N GLY D 895 -33.73 24.46 -13.27
CA GLY D 895 -33.38 23.35 -12.36
C GLY D 895 -33.34 22.02 -13.10
N ILE D 896 -33.70 20.94 -12.43
CA ILE D 896 -34.02 19.61 -13.05
C ILE D 896 -35.25 19.04 -12.36
N ASN D 897 -36.09 18.34 -13.13
CA ASN D 897 -37.35 17.68 -12.68
C ASN D 897 -37.02 16.27 -12.19
N VAL D 898 -36.99 16.06 -10.87
CA VAL D 898 -36.75 14.74 -10.23
C VAL D 898 -38.07 13.95 -10.25
N THR D 899 -37.98 12.62 -10.40
CA THR D 899 -39.14 11.70 -10.53
C THR D 899 -40.03 11.80 -9.28
N LEU D 900 -39.55 11.26 -8.14
CA LEU D 900 -40.21 11.33 -6.80
C LEU D 900 -41.67 10.84 -6.89
N ALA D 901 -41.88 9.53 -6.77
CA ALA D 901 -43.21 8.87 -6.72
C ALA D 901 -43.96 9.08 -8.04
N GLU D 902 -43.67 8.27 -9.06
CA GLU D 902 -44.24 8.35 -10.42
C GLU D 902 -45.56 7.57 -10.47
N ARG D 903 -46.70 8.26 -10.33
CA ARG D 903 -48.08 7.73 -10.47
C ARG D 903 -48.37 6.71 -9.36
N GLY D 904 -48.90 7.20 -8.22
CA GLY D 904 -49.32 6.37 -7.08
C GLY D 904 -49.14 7.09 -5.74
N PRO D 905 -49.56 6.50 -4.59
CA PRO D 905 -50.21 5.18 -4.56
C PRO D 905 -51.70 5.27 -4.91
N ASP D 906 -52.12 4.56 -5.97
CA ASP D 906 -53.52 4.53 -6.47
C ASP D 906 -53.68 3.41 -7.49
N ILE D 910 -46.44 5.52 -2.90
CA ILE D 910 -45.18 5.08 -3.57
C ILE D 910 -44.05 6.06 -3.21
N ARG D 911 -42.86 5.53 -2.93
CA ARG D 911 -41.59 6.29 -2.77
C ARG D 911 -40.54 5.66 -3.70
N ASP D 912 -39.79 6.49 -4.44
CA ASP D 912 -38.66 6.04 -5.30
C ASP D 912 -37.54 5.51 -4.40
N ALA D 913 -36.81 4.50 -4.86
CA ALA D 913 -35.71 3.84 -4.12
C ALA D 913 -34.51 4.79 -4.00
N HIS D 914 -34.32 5.67 -4.99
CA HIS D 914 -33.14 6.56 -5.14
C HIS D 914 -33.54 8.04 -4.96
N VAL D 915 -34.42 8.33 -4.01
CA VAL D 915 -34.77 9.73 -3.59
C VAL D 915 -33.57 10.35 -2.87
N GLU D 916 -32.92 9.59 -1.97
CA GLU D 916 -31.81 10.04 -1.10
C GLU D 916 -30.63 10.54 -1.95
N THR D 917 -30.40 9.93 -3.12
CA THR D 917 -29.30 10.26 -4.06
C THR D 917 -29.69 11.43 -4.98
N SER D 918 -30.98 11.51 -5.35
CA SER D 918 -31.50 12.38 -6.45
C SER D 918 -32.02 13.72 -5.91
N ALA D 919 -32.93 13.66 -4.93
CA ALA D 919 -33.75 14.81 -4.46
C ALA D 919 -33.18 15.43 -3.17
N PHE D 920 -32.85 14.59 -2.18
CA PHE D 920 -32.54 14.99 -0.79
C PHE D 920 -31.33 15.93 -0.73
N ALA D 921 -31.35 16.89 0.21
CA ALA D 921 -30.25 17.83 0.54
C ALA D 921 -30.03 18.84 -0.60
N ARG D 922 -31.10 19.26 -1.27
CA ARG D 922 -31.08 20.19 -2.44
C ARG D 922 -32.14 21.29 -2.25
N THR D 923 -31.91 22.45 -2.87
CA THR D 923 -32.84 23.61 -2.88
C THR D 923 -33.85 23.43 -4.02
N LEU D 924 -35.11 23.79 -3.78
CA LEU D 924 -36.23 23.68 -4.76
C LEU D 924 -36.17 24.85 -5.75
N ALA D 925 -36.39 24.59 -7.03
CA ALA D 925 -36.28 25.55 -8.15
C ALA D 925 -37.56 26.39 -8.26
N THR D 926 -38.72 25.73 -8.32
CA THR D 926 -40.06 26.36 -8.46
C THR D 926 -40.86 26.19 -7.16
N ASP D 927 -41.84 27.06 -6.94
CA ASP D 927 -42.84 26.97 -5.83
C ASP D 927 -43.69 25.71 -6.07
N ALA D 928 -43.76 24.82 -5.08
CA ALA D 928 -44.36 23.46 -5.21
C ALA D 928 -45.87 23.57 -5.43
N VAL D 929 -46.28 23.91 -6.66
CA VAL D 929 -47.71 24.04 -7.09
C VAL D 929 -48.31 22.64 -7.25
N ASP D 930 -49.59 22.48 -6.93
CA ASP D 930 -50.37 21.22 -7.06
C ASP D 930 -51.63 21.51 -7.89
N ALA D 931 -52.55 20.53 -7.98
CA ALA D 931 -53.81 20.62 -8.74
C ALA D 931 -54.63 21.84 -8.32
N ASN D 932 -54.80 22.04 -7.01
CA ASN D 932 -55.52 23.20 -6.42
C ASN D 932 -54.69 24.48 -6.60
N GLY D 933 -53.40 24.42 -6.24
CA GLY D 933 -52.47 25.56 -6.21
C GLY D 933 -52.40 26.19 -4.83
N ASN D 934 -52.25 25.36 -3.78
CA ASN D 934 -52.13 25.78 -2.36
C ASN D 934 -50.66 25.63 -1.93
N VAL D 935 -49.73 26.11 -2.78
CA VAL D 935 -48.26 25.96 -2.67
C VAL D 935 -47.88 25.63 -1.21
N ILE D 936 -47.65 24.34 -0.93
CA ILE D 936 -47.27 23.82 0.42
C ILE D 936 -45.85 24.31 0.77
N ILE D 937 -44.94 24.35 -0.20
CA ILE D 937 -43.52 24.78 0.01
C ILE D 937 -43.05 25.63 -1.19
N GLU D 938 -42.26 26.67 -0.91
CA GLU D 938 -41.74 27.65 -1.90
C GLU D 938 -40.36 27.20 -2.38
N ARG D 939 -39.81 27.90 -3.39
CA ARG D 939 -38.46 27.62 -3.96
C ARG D 939 -37.38 28.01 -2.94
N GLY D 940 -36.37 27.15 -2.77
CA GLY D 940 -35.26 27.35 -1.82
C GLY D 940 -35.56 26.79 -0.44
N HIS D 941 -35.90 25.49 -0.37
CA HIS D 941 -36.02 24.68 0.87
C HIS D 941 -35.09 23.46 0.75
N ASP D 942 -34.43 23.08 1.85
CA ASP D 942 -33.29 22.12 1.90
C ASP D 942 -33.74 20.69 1.59
N LEU D 943 -35.05 20.41 1.53
CA LEU D 943 -35.66 19.08 1.24
C LEU D 943 -35.23 18.07 2.31
N GLY D 944 -35.71 18.26 3.54
CA GLY D 944 -35.78 17.22 4.57
C GLY D 944 -36.96 16.31 4.31
N ASP D 945 -36.94 15.08 4.86
CA ASP D 945 -38.00 14.05 4.67
C ASP D 945 -39.39 14.69 4.80
N PRO D 946 -39.68 15.48 5.87
CA PRO D 946 -40.93 16.23 5.97
C PRO D 946 -41.42 16.84 4.65
N ALA D 947 -40.54 17.56 3.95
CA ALA D 947 -40.81 18.18 2.63
C ALA D 947 -41.21 17.10 1.62
N ILE D 948 -40.44 16.01 1.54
CA ILE D 948 -40.63 14.92 0.54
C ILE D 948 -41.97 14.22 0.81
N ASP D 949 -42.22 13.82 2.06
CA ASP D 949 -43.47 13.12 2.47
C ASP D 949 -44.66 14.09 2.36
N ALA D 950 -44.45 15.39 2.62
CA ALA D 950 -45.46 16.46 2.46
C ALA D 950 -45.82 16.64 0.99
N LEU D 951 -44.82 16.57 0.08
CA LEU D 951 -45.02 16.68 -1.39
C LEU D 951 -45.64 15.38 -1.93
N LEU D 952 -45.29 14.22 -1.36
CA LEU D 952 -45.94 12.92 -1.67
C LEU D 952 -47.41 12.97 -1.22
N ALA D 953 -47.67 13.49 -0.02
CA ALA D 953 -49.02 13.65 0.57
C ALA D 953 -49.85 14.68 -0.22
N ALA D 954 -49.21 15.78 -0.66
CA ALA D 954 -49.83 16.90 -1.41
C ALA D 954 -50.47 16.39 -2.71
N GLY D 955 -49.77 15.52 -3.45
CA GLY D 955 -50.26 14.87 -4.67
C GLY D 955 -49.63 15.44 -5.92
N ILE D 956 -48.29 15.45 -5.98
CA ILE D 956 -47.48 15.80 -7.19
C ILE D 956 -46.52 14.64 -7.47
N THR D 957 -46.31 14.33 -8.76
CA THR D 957 -45.52 13.16 -9.24
C THR D 957 -44.22 13.64 -9.92
N THR D 958 -43.74 14.85 -9.58
CA THR D 958 -42.51 15.48 -10.12
C THR D 958 -42.21 16.75 -9.31
N VAL D 959 -40.92 17.00 -9.02
CA VAL D 959 -40.44 18.20 -8.26
C VAL D 959 -39.22 18.78 -8.99
N LYS D 960 -39.21 20.10 -9.20
CA LYS D 960 -38.11 20.84 -9.89
C LYS D 960 -37.12 21.35 -8.83
N VAL D 961 -35.88 20.84 -8.87
CA VAL D 961 -34.81 21.15 -7.86
C VAL D 961 -33.69 21.92 -8.57
N ARG D 962 -33.10 22.91 -7.88
CA ARG D 962 -31.95 23.71 -8.39
C ARG D 962 -30.71 22.82 -8.40
N SER D 963 -29.98 22.83 -9.52
CA SER D 963 -28.77 22.01 -9.77
C SER D 963 -27.61 22.92 -10.18
N VAL D 964 -26.37 22.47 -9.95
CA VAL D 964 -25.14 23.09 -10.52
C VAL D 964 -25.23 23.02 -12.06
N LEU D 965 -25.79 21.93 -12.59
CA LEU D 965 -26.09 21.73 -14.04
C LEU D 965 -26.65 23.02 -14.64
N THR D 966 -27.71 23.55 -14.00
CA THR D 966 -28.45 24.77 -14.42
C THR D 966 -28.24 25.86 -13.37
N CYS D 967 -26.99 26.26 -13.14
CA CYS D 967 -26.59 27.43 -12.31
C CYS D 967 -26.07 28.53 -13.23
N THR D 968 -26.63 29.74 -13.13
CA THR D 968 -26.37 30.90 -14.02
C THR D 968 -25.12 31.68 -13.57
N SER D 969 -24.48 31.27 -12.46
CA SER D 969 -23.21 31.86 -11.96
C SER D 969 -22.10 31.68 -13.00
N ALA D 970 -21.39 32.77 -13.33
CA ALA D 970 -20.28 32.80 -14.30
C ALA D 970 -19.07 32.06 -13.70
N THR D 971 -18.54 32.56 -12.58
CA THR D 971 -17.40 31.97 -11.83
C THR D 971 -17.94 30.95 -10.81
N GLY D 972 -17.39 29.74 -10.81
CA GLY D 972 -17.73 28.65 -9.87
C GLY D 972 -19.22 28.32 -9.91
N VAL D 973 -19.84 28.19 -8.73
CA VAL D 973 -21.32 28.04 -8.56
C VAL D 973 -21.79 28.93 -7.41
N CYS D 974 -23.11 29.15 -7.33
CA CYS D 974 -23.80 29.82 -6.19
C CYS D 974 -24.27 28.75 -5.19
N ALA D 975 -24.16 29.05 -3.90
CA ALA D 975 -24.42 28.13 -2.77
C ALA D 975 -25.79 27.47 -2.92
N MET D 976 -26.83 28.26 -3.18
CA MET D 976 -28.24 27.79 -3.22
C MET D 976 -28.39 26.67 -4.26
N CYS D 977 -27.87 26.85 -5.48
CA CYS D 977 -28.00 25.91 -6.62
C CYS D 977 -27.41 24.53 -6.27
N TYR D 978 -26.32 24.49 -5.49
CA TYR D 978 -25.63 23.24 -5.08
C TYR D 978 -26.55 22.43 -4.15
N GLY D 979 -26.97 23.06 -3.05
CA GLY D 979 -27.90 22.47 -2.05
C GLY D 979 -27.25 22.39 -0.67
N ARG D 980 -27.92 21.67 0.26
CA ARG D 980 -27.42 21.36 1.61
C ARG D 980 -26.14 20.53 1.49
N SER D 981 -25.02 21.01 2.04
CA SER D 981 -23.71 20.32 2.00
C SER D 981 -23.75 19.08 2.91
N MET D 982 -23.18 17.97 2.43
CA MET D 982 -23.22 16.64 3.09
C MET D 982 -22.36 16.67 4.36
N ALA D 983 -21.17 17.26 4.29
CA ALA D 983 -20.19 17.37 5.39
C ALA D 983 -20.81 18.09 6.59
N THR D 984 -21.33 19.31 6.37
CA THR D 984 -21.94 20.18 7.40
C THR D 984 -23.31 19.62 7.80
N GLY D 985 -24.19 19.37 6.82
CA GLY D 985 -25.61 19.01 7.01
C GLY D 985 -26.52 20.23 6.96
N LYS D 986 -25.95 21.42 6.74
CA LYS D 986 -26.66 22.71 6.55
C LYS D 986 -26.48 23.14 5.10
N LEU D 987 -27.03 24.32 4.73
CA LEU D 987 -26.77 24.99 3.42
C LEU D 987 -25.26 25.14 3.23
N VAL D 988 -24.75 24.72 2.06
CA VAL D 988 -23.30 24.75 1.70
C VAL D 988 -22.76 26.16 1.93
N ASP D 989 -21.50 26.24 2.35
CA ASP D 989 -20.84 27.51 2.77
C ASP D 989 -20.33 28.22 1.52
N ILE D 990 -20.07 29.53 1.63
CA ILE D 990 -19.82 30.45 0.47
C ILE D 990 -18.31 30.52 0.20
N GLY D 991 -17.62 29.37 0.27
CA GLY D 991 -16.27 29.19 -0.32
C GLY D 991 -15.91 27.74 -0.58
N GLU D 992 -16.85 26.78 -0.43
CA GLU D 992 -16.52 25.33 -0.40
C GLU D 992 -16.11 24.89 -1.80
N ALA D 993 -15.04 24.09 -1.90
CA ALA D 993 -14.48 23.54 -3.16
C ALA D 993 -15.26 22.28 -3.54
N VAL D 994 -16.58 22.42 -3.71
CA VAL D 994 -17.54 21.31 -3.98
C VAL D 994 -17.04 20.47 -5.16
N GLY D 995 -16.31 21.10 -6.11
CA GLY D 995 -15.60 20.41 -7.20
C GLY D 995 -14.73 19.27 -6.71
N ILE D 996 -13.82 19.54 -5.77
CA ILE D 996 -12.77 18.58 -5.32
C ILE D 996 -13.44 17.56 -4.39
N VAL D 997 -14.36 18.03 -3.53
CA VAL D 997 -15.24 17.18 -2.67
C VAL D 997 -15.95 16.14 -3.55
N ALA D 998 -16.67 16.62 -4.57
CA ALA D 998 -17.38 15.78 -5.56
C ALA D 998 -16.38 14.84 -6.24
N ALA D 999 -15.30 15.40 -6.78
CA ALA D 999 -14.22 14.65 -7.48
C ALA D 999 -13.79 13.46 -6.62
N GLN D 1000 -13.34 13.73 -5.39
CA GLN D 1000 -12.84 12.73 -4.42
C GLN D 1000 -13.97 11.75 -4.07
N SER D 1001 -15.16 12.26 -3.77
CA SER D 1001 -16.38 11.48 -3.43
C SER D 1001 -16.68 10.44 -4.52
N ILE D 1002 -16.57 10.85 -5.79
CA ILE D 1002 -16.78 9.96 -6.98
C ILE D 1002 -15.57 9.03 -7.11
N GLY D 1003 -14.36 9.56 -6.92
CA GLY D 1003 -13.08 8.89 -7.18
C GLY D 1003 -12.77 7.76 -6.21
N GLU D 1004 -13.12 7.93 -4.93
CA GLU D 1004 -12.74 7.04 -3.79
C GLU D 1004 -13.30 5.64 -4.00
N PRO D 1005 -14.63 5.43 -4.10
CA PRO D 1005 -15.19 4.07 -4.11
C PRO D 1005 -15.09 3.30 -5.44
N GLY D 1006 -14.22 3.75 -6.36
CA GLY D 1006 -13.77 2.96 -7.53
C GLY D 1006 -13.13 1.64 -7.11
N THR D 1007 -12.46 1.61 -5.96
CA THR D 1007 -11.83 0.41 -5.34
C THR D 1007 -12.90 -0.62 -4.93
N GLN D 1008 -14.13 -0.17 -4.62
CA GLN D 1008 -15.26 -1.01 -4.14
C GLN D 1008 -16.24 -1.25 -5.30
N LEU D 1009 -15.73 -1.68 -6.46
CA LEU D 1009 -16.51 -2.09 -7.66
C LEU D 1009 -16.07 -3.51 -8.09
N THR D 1010 -16.36 -3.91 -9.33
CA THR D 1010 -15.82 -5.14 -9.99
C THR D 1010 -15.39 -4.80 -11.41
N GLY D 1027 -18.71 -2.35 -17.80
CA GLY D 1027 -19.13 -2.81 -16.46
C GLY D 1027 -18.12 -2.42 -15.38
N GLY D 1028 -18.56 -1.72 -14.34
CA GLY D 1028 -17.72 -1.25 -13.23
C GLY D 1028 -16.92 -0.02 -13.60
N LEU D 1029 -15.70 0.11 -13.04
CA LEU D 1029 -14.80 1.29 -13.21
C LEU D 1029 -14.56 1.58 -14.69
N PRO D 1030 -14.36 0.57 -15.58
CA PRO D 1030 -14.36 0.80 -17.02
C PRO D 1030 -15.56 1.63 -17.52
N ARG D 1031 -16.77 1.28 -17.09
CA ARG D 1031 -18.03 1.99 -17.47
C ARG D 1031 -17.97 3.43 -16.92
N VAL D 1032 -17.48 3.59 -15.68
CA VAL D 1032 -17.36 4.90 -14.98
C VAL D 1032 -16.41 5.80 -15.77
N GLN D 1033 -15.17 5.34 -15.96
CA GLN D 1033 -14.10 6.10 -16.68
C GLN D 1033 -14.50 6.30 -18.15
N GLU D 1034 -15.16 5.32 -18.77
CA GLU D 1034 -15.69 5.42 -20.16
C GLU D 1034 -16.76 6.52 -20.23
N LEU D 1035 -17.68 6.56 -19.25
CA LEU D 1035 -18.77 7.56 -19.19
C LEU D 1035 -18.21 8.96 -18.86
N PHE D 1036 -17.23 9.05 -17.95
CA PHE D 1036 -16.66 10.35 -17.50
C PHE D 1036 -15.70 10.92 -18.56
N GLU D 1037 -14.89 10.07 -19.20
CA GLU D 1037 -13.97 10.47 -20.31
C GLU D 1037 -14.79 10.76 -21.58
N ALA D 1038 -16.09 10.45 -21.57
CA ALA D 1038 -17.08 10.89 -22.60
C ALA D 1038 -16.75 10.29 -23.96
N ARG D 1039 -16.18 9.08 -23.98
CA ARG D 1039 -15.76 8.37 -25.22
C ARG D 1039 -16.98 7.64 -25.83
N VAL D 1040 -16.82 7.12 -27.04
CA VAL D 1040 -17.85 6.30 -27.76
C VAL D 1040 -17.88 4.93 -27.08
N PRO D 1041 -19.06 4.43 -26.64
CA PRO D 1041 -19.11 3.15 -25.91
C PRO D 1041 -18.56 1.93 -26.67
N ARG D 1042 -18.21 0.87 -25.93
CA ARG D 1042 -17.78 -0.44 -26.47
C ARG D 1042 -18.96 -1.13 -27.18
N ASN D 1043 -20.18 -0.84 -26.73
CA ASN D 1043 -21.46 -1.33 -27.33
C ASN D 1043 -22.26 -0.12 -27.81
N LYS D 1044 -22.02 0.32 -29.04
CA LYS D 1044 -22.67 1.51 -29.67
C LYS D 1044 -24.13 1.19 -29.99
N ALA D 1045 -25.00 1.30 -28.99
CA ALA D 1045 -26.48 1.15 -29.10
C ALA D 1045 -27.08 2.49 -29.51
N PRO D 1046 -27.63 2.63 -30.74
CA PRO D 1046 -28.17 3.93 -31.18
C PRO D 1046 -29.46 4.32 -30.45
N ILE D 1047 -29.83 5.61 -30.56
CA ILE D 1047 -31.10 6.20 -30.03
C ILE D 1047 -32.02 6.55 -31.22
N ALA D 1048 -33.29 6.83 -30.94
CA ALA D 1048 -34.29 7.27 -31.94
C ALA D 1048 -34.02 8.74 -32.32
N ASP D 1049 -33.71 9.00 -33.59
CA ASP D 1049 -33.43 10.36 -34.12
C ASP D 1049 -34.74 11.17 -34.15
N VAL D 1050 -35.83 10.53 -34.60
CA VAL D 1050 -37.22 11.11 -34.63
C VAL D 1050 -38.15 10.18 -33.84
N ALA D 1051 -39.17 10.74 -33.20
CA ALA D 1051 -40.25 10.01 -32.49
C ALA D 1051 -41.22 9.44 -33.53
N GLY D 1052 -41.68 8.20 -33.32
CA GLY D 1052 -42.61 7.50 -34.25
C GLY D 1052 -42.92 6.08 -33.82
N ARG D 1053 -43.47 5.28 -34.74
CA ARG D 1053 -43.86 3.86 -34.49
C ARG D 1053 -42.79 2.94 -35.09
N VAL D 1054 -42.32 1.96 -34.31
CA VAL D 1054 -41.25 1.00 -34.70
C VAL D 1054 -41.84 -0.09 -35.59
N ARG D 1055 -41.12 -0.50 -36.63
CA ARG D 1055 -41.36 -1.74 -37.40
C ARG D 1055 -40.00 -2.38 -37.71
N LEU D 1056 -39.85 -3.67 -37.36
CA LEU D 1056 -38.57 -4.44 -37.42
C LEU D 1056 -38.72 -5.60 -38.41
N GLU D 1057 -37.90 -5.61 -39.47
CA GLU D 1057 -37.78 -6.74 -40.43
C GLU D 1057 -36.51 -7.53 -40.10
N GLU D 1058 -36.64 -8.85 -39.93
CA GLU D 1058 -35.54 -9.77 -39.55
C GLU D 1058 -34.90 -10.34 -40.83
N SER D 1059 -33.69 -9.87 -41.16
CA SER D 1059 -32.90 -10.28 -42.35
C SER D 1059 -32.05 -11.51 -42.01
N ASP D 1060 -31.14 -11.90 -42.92
CA ASP D 1060 -30.20 -13.04 -42.76
C ASP D 1060 -29.30 -12.80 -41.54
N LYS D 1061 -29.82 -13.09 -40.34
CA LYS D 1061 -29.14 -12.92 -39.03
C LYS D 1061 -28.80 -11.44 -38.81
N PHE D 1062 -29.77 -10.55 -39.05
CA PHE D 1062 -29.64 -9.07 -38.90
C PHE D 1062 -31.02 -8.45 -38.64
N PHE D 1063 -31.03 -7.30 -37.97
CA PHE D 1063 -32.24 -6.51 -37.63
C PHE D 1063 -32.31 -5.26 -38.52
N LYS D 1064 -33.36 -5.13 -39.33
CA LYS D 1064 -33.71 -3.88 -40.07
C LYS D 1064 -34.84 -3.19 -39.32
N ILE D 1065 -34.50 -2.22 -38.46
CA ILE D 1065 -35.45 -1.38 -37.68
C ILE D 1065 -35.75 -0.13 -38.51
N THR D 1066 -37.04 0.12 -38.79
CA THR D 1066 -37.55 1.36 -39.46
C THR D 1066 -38.58 2.01 -38.51
N ILE D 1067 -38.39 3.30 -38.21
CA ILE D 1067 -39.29 4.09 -37.31
C ILE D 1067 -40.13 5.05 -38.16
N VAL D 1068 -41.41 4.73 -38.36
CA VAL D 1068 -42.38 5.56 -39.16
C VAL D 1068 -42.78 6.75 -38.30
N PRO D 1069 -42.50 8.00 -38.73
CA PRO D 1069 -42.69 9.18 -37.88
C PRO D 1069 -44.15 9.63 -37.75
N ASP D 1070 -44.48 10.28 -36.63
CA ASP D 1070 -45.83 10.82 -36.31
C ASP D 1070 -45.97 12.25 -36.87
N ASP D 1071 -44.88 13.02 -36.89
CA ASP D 1071 -44.85 14.44 -37.31
C ASP D 1071 -45.13 14.54 -38.81
N GLY D 1072 -44.30 13.88 -39.63
CA GLY D 1072 -44.42 13.85 -41.10
C GLY D 1072 -43.11 14.27 -41.77
N GLY D 1073 -42.10 13.40 -41.70
CA GLY D 1073 -40.77 13.58 -42.33
C GLY D 1073 -40.28 12.28 -42.95
N GLU D 1074 -38.96 12.05 -42.91
CA GLU D 1074 -38.30 10.80 -43.38
C GLU D 1074 -38.21 9.82 -42.20
N GLU D 1075 -38.53 8.55 -42.44
CA GLU D 1075 -38.45 7.45 -41.43
C GLU D 1075 -36.97 7.11 -41.18
N VAL D 1076 -36.61 6.90 -39.91
CA VAL D 1076 -35.23 6.50 -39.48
C VAL D 1076 -35.09 5.00 -39.72
N VAL D 1077 -34.06 4.59 -40.46
CA VAL D 1077 -33.76 3.19 -40.87
C VAL D 1077 -32.35 2.83 -40.38
N TYR D 1078 -32.18 1.60 -39.87
CA TYR D 1078 -30.86 0.99 -39.51
C TYR D 1078 -30.77 -0.39 -40.15
N ASP D 1079 -29.54 -0.86 -40.41
CA ASP D 1079 -29.25 -2.09 -41.20
C ASP D 1079 -28.27 -2.99 -40.44
N LYS D 1080 -27.01 -2.58 -40.29
CA LYS D 1080 -25.88 -3.45 -39.85
C LYS D 1080 -25.57 -3.19 -38.37
N LEU D 1081 -26.36 -3.81 -37.48
CA LEU D 1081 -26.07 -3.96 -36.04
C LEU D 1081 -26.15 -5.45 -35.68
N SER D 1082 -25.28 -5.92 -34.78
CA SER D 1082 -25.11 -7.35 -34.41
C SER D 1082 -26.38 -7.88 -33.74
N LYS D 1083 -26.68 -9.17 -33.93
CA LYS D 1083 -27.90 -9.86 -33.44
C LYS D 1083 -27.86 -10.02 -31.91
N ARG D 1084 -26.67 -10.03 -31.31
CA ARG D 1084 -26.44 -10.25 -29.85
C ARG D 1084 -26.32 -8.92 -29.10
N GLN D 1085 -26.82 -7.82 -29.65
CA GLN D 1085 -26.94 -6.50 -28.97
C GLN D 1085 -28.23 -6.50 -28.11
N ARG D 1086 -29.31 -7.09 -28.63
CA ARG D 1086 -30.63 -7.31 -27.95
C ARG D 1086 -31.42 -6.00 -27.91
N LEU D 1087 -32.74 -6.07 -28.12
CA LEU D 1087 -33.67 -4.91 -28.07
C LEU D 1087 -33.98 -4.57 -26.60
N ARG D 1088 -34.33 -3.30 -26.34
CA ARG D 1088 -34.70 -2.80 -24.99
C ARG D 1088 -36.05 -3.42 -24.56
N VAL D 1089 -36.23 -3.64 -23.26
CA VAL D 1089 -37.47 -4.22 -22.66
C VAL D 1089 -38.45 -3.07 -22.36
N ILE D 1090 -39.34 -2.77 -23.31
CA ILE D 1090 -40.33 -1.66 -23.22
C ILE D 1090 -41.54 -1.99 -24.11
N GLY D 1098 -44.05 -5.01 -22.63
CA GLY D 1098 -43.10 -6.14 -22.54
C GLY D 1098 -41.78 -5.84 -23.24
N VAL D 1099 -41.45 -6.61 -24.28
CA VAL D 1099 -40.20 -6.48 -25.09
C VAL D 1099 -40.55 -5.77 -26.41
N LEU D 1100 -39.59 -5.04 -26.99
CA LEU D 1100 -39.76 -4.28 -28.26
C LEU D 1100 -39.94 -5.24 -29.43
N SER D 1101 -41.05 -5.11 -30.17
CA SER D 1101 -41.39 -5.87 -31.40
C SER D 1101 -42.17 -4.97 -32.36
N ASP D 1102 -42.67 -5.54 -33.48
CA ASP D 1102 -43.49 -4.82 -34.49
C ASP D 1102 -44.86 -4.48 -33.88
N GLY D 1103 -45.32 -3.23 -34.06
CA GLY D 1103 -46.60 -2.72 -33.53
C GLY D 1103 -46.42 -2.04 -32.18
N ASP D 1104 -45.58 -0.99 -32.14
CA ASP D 1104 -45.28 -0.19 -30.92
C ASP D 1104 -44.86 1.22 -31.34
N HIS D 1105 -45.05 2.20 -30.46
CA HIS D 1105 -44.66 3.63 -30.64
C HIS D 1105 -43.52 3.96 -29.67
N VAL D 1106 -42.36 4.38 -30.21
CA VAL D 1106 -41.12 4.66 -29.42
C VAL D 1106 -40.88 6.18 -29.38
N GLU D 1107 -40.33 6.67 -28.26
CA GLU D 1107 -40.02 8.11 -28.03
C GLU D 1107 -38.65 8.45 -28.64
N VAL D 1108 -38.43 9.73 -28.93
CA VAL D 1108 -37.13 10.28 -29.43
C VAL D 1108 -36.06 10.16 -28.33
N GLY D 1109 -36.47 10.24 -27.06
CA GLY D 1109 -35.58 10.20 -25.87
C GLY D 1109 -34.97 8.82 -25.65
N ASP D 1110 -35.79 7.77 -25.76
CA ASP D 1110 -35.47 6.39 -25.29
C ASP D 1110 -34.37 5.76 -26.16
N GLN D 1111 -33.63 4.81 -25.57
CA GLN D 1111 -32.61 3.96 -26.25
C GLN D 1111 -33.32 2.87 -27.05
N LEU D 1112 -32.69 2.34 -28.10
CA LEU D 1112 -33.28 1.35 -29.03
C LEU D 1112 -32.92 -0.07 -28.57
N MET D 1113 -31.63 -0.35 -28.37
CA MET D 1113 -31.09 -1.70 -28.02
C MET D 1113 -30.30 -1.63 -26.70
N GLU D 1114 -30.19 -2.77 -26.01
CA GLU D 1114 -29.48 -2.94 -24.71
C GLU D 1114 -27.98 -2.71 -24.92
N GLY D 1115 -27.33 -2.05 -23.95
CA GLY D 1115 -25.89 -1.73 -23.97
C GLY D 1115 -25.62 -0.38 -23.32
N ALA D 1116 -25.14 0.59 -24.12
CA ALA D 1116 -24.78 1.96 -23.68
C ALA D 1116 -25.04 2.96 -24.82
N ALA D 1117 -25.88 3.97 -24.57
CA ALA D 1117 -26.20 5.06 -25.52
C ALA D 1117 -25.00 6.01 -25.61
N ASP D 1118 -24.57 6.34 -26.84
CA ASP D 1118 -23.47 7.29 -27.12
C ASP D 1118 -23.88 8.68 -26.63
N PRO D 1119 -23.15 9.29 -25.67
CA PRO D 1119 -23.53 10.61 -25.14
C PRO D 1119 -23.69 11.69 -26.23
N HIS D 1120 -22.67 11.83 -27.08
CA HIS D 1120 -22.63 12.75 -28.25
C HIS D 1120 -23.95 12.69 -29.02
N GLU D 1121 -24.43 11.48 -29.28
CA GLU D 1121 -25.71 11.17 -29.98
C GLU D 1121 -26.89 11.77 -29.18
N VAL D 1122 -26.90 11.58 -27.86
CA VAL D 1122 -28.00 12.04 -26.96
C VAL D 1122 -27.97 13.57 -26.89
N LEU D 1123 -26.78 14.17 -26.77
CA LEU D 1123 -26.57 15.65 -26.71
C LEU D 1123 -27.18 16.32 -27.94
N ARG D 1124 -26.75 15.91 -29.15
CA ARG D 1124 -27.12 16.58 -30.43
C ARG D 1124 -28.64 16.46 -30.66
N VAL D 1125 -29.28 15.37 -30.22
CA VAL D 1125 -30.74 15.11 -30.44
C VAL D 1125 -31.55 15.82 -29.34
N GLN D 1126 -31.24 15.57 -28.06
CA GLN D 1126 -32.10 15.95 -26.91
C GLN D 1126 -31.48 17.09 -26.08
N GLY D 1127 -30.51 17.82 -26.63
CA GLY D 1127 -29.91 19.03 -25.99
C GLY D 1127 -29.06 18.68 -24.78
N PRO D 1128 -28.59 19.69 -24.00
CA PRO D 1128 -27.74 19.46 -22.84
C PRO D 1128 -28.46 18.83 -21.63
N ARG D 1129 -29.67 19.31 -21.32
CA ARG D 1129 -30.41 18.98 -20.07
C ARG D 1129 -30.71 17.47 -19.99
N GLU D 1130 -31.00 16.81 -21.12
CA GLU D 1130 -31.33 15.37 -21.18
C GLU D 1130 -30.06 14.53 -20.95
N VAL D 1131 -28.97 14.85 -21.66
CA VAL D 1131 -27.66 14.14 -21.50
C VAL D 1131 -27.10 14.42 -20.10
N GLN D 1132 -27.35 15.61 -19.55
CA GLN D 1132 -27.00 16.00 -18.16
C GLN D 1132 -27.65 15.02 -17.16
N ILE D 1133 -28.88 14.59 -17.42
CA ILE D 1133 -29.60 13.55 -16.62
C ILE D 1133 -29.03 12.17 -16.98
N HIS D 1134 -28.84 11.90 -18.29
CA HIS D 1134 -28.37 10.60 -18.83
C HIS D 1134 -27.05 10.19 -18.19
N LEU D 1135 -26.06 11.10 -18.18
CA LEU D 1135 -24.73 10.88 -17.54
C LEU D 1135 -24.93 10.46 -16.08
N VAL D 1136 -25.68 11.26 -15.31
CA VAL D 1136 -25.96 11.02 -13.86
C VAL D 1136 -26.60 9.64 -13.71
N LYS D 1137 -27.69 9.38 -14.42
CA LYS D 1137 -28.44 8.08 -14.41
C LYS D 1137 -27.48 6.92 -14.71
N GLU D 1138 -26.70 7.04 -15.78
CA GLU D 1138 -25.84 5.95 -16.31
C GLU D 1138 -24.55 5.79 -15.48
N VAL D 1139 -24.16 6.80 -14.69
CA VAL D 1139 -22.92 6.75 -13.85
C VAL D 1139 -23.25 6.52 -12.37
N GLN D 1140 -24.52 6.66 -11.97
CA GLN D 1140 -25.01 6.30 -10.61
C GLN D 1140 -25.33 4.80 -10.57
N GLU D 1141 -25.96 4.28 -11.63
CA GLU D 1141 -26.44 2.87 -11.73
C GLU D 1141 -25.32 1.89 -11.34
N VAL D 1142 -24.06 2.18 -11.70
CA VAL D 1142 -22.87 1.33 -11.37
C VAL D 1142 -22.65 1.32 -9.85
N TYR D 1143 -22.73 2.49 -9.20
CA TYR D 1143 -22.57 2.62 -7.72
C TYR D 1143 -23.77 1.93 -7.05
N ARG D 1144 -24.98 2.20 -7.55
CA ARG D 1144 -26.26 1.59 -7.08
C ARG D 1144 -26.20 0.06 -7.20
N ALA D 1145 -25.58 -0.47 -8.26
CA ALA D 1145 -25.39 -1.91 -8.51
C ALA D 1145 -24.30 -2.47 -7.59
N GLN D 1146 -23.19 -1.74 -7.42
CA GLN D 1146 -22.02 -2.15 -6.58
C GLN D 1146 -22.19 -1.68 -5.12
N GLY D 1147 -23.41 -1.30 -4.71
CA GLY D 1147 -23.81 -1.12 -3.30
C GLY D 1147 -23.22 0.11 -2.65
N VAL D 1148 -22.77 1.10 -3.45
CA VAL D 1148 -22.26 2.42 -2.99
C VAL D 1148 -23.35 3.47 -3.24
N SER D 1149 -23.37 4.52 -2.43
CA SER D 1149 -24.33 5.65 -2.52
C SER D 1149 -23.55 6.98 -2.60
N ILE D 1150 -23.53 7.60 -3.79
CA ILE D 1150 -23.08 9.00 -4.03
C ILE D 1150 -24.34 9.83 -4.32
N HIS D 1151 -24.38 11.08 -3.83
CA HIS D 1151 -25.46 12.05 -4.13
C HIS D 1151 -25.20 12.67 -5.51
N ASP D 1152 -26.26 12.82 -6.31
CA ASP D 1152 -26.21 13.24 -7.75
C ASP D 1152 -25.37 14.51 -7.91
N LYS D 1153 -25.60 15.53 -7.07
CA LYS D 1153 -24.98 16.88 -7.16
C LYS D 1153 -23.47 16.75 -7.41
N HIS D 1154 -22.80 15.81 -6.72
CA HIS D 1154 -21.35 15.53 -6.86
C HIS D 1154 -21.04 15.20 -8.33
N ILE D 1155 -21.71 14.20 -8.89
CA ILE D 1155 -21.61 13.83 -10.34
C ILE D 1155 -21.94 15.07 -11.17
N GLU D 1156 -23.01 15.77 -10.82
CA GLU D 1156 -23.52 16.96 -11.57
C GLU D 1156 -22.47 18.07 -11.61
N VAL D 1157 -21.58 18.17 -10.61
CA VAL D 1157 -20.44 19.15 -10.64
C VAL D 1157 -19.45 18.76 -11.75
N ILE D 1158 -19.27 17.46 -12.01
CA ILE D 1158 -18.43 16.94 -13.13
C ILE D 1158 -19.19 17.13 -14.46
N VAL D 1159 -20.43 16.61 -14.51
CA VAL D 1159 -21.31 16.64 -15.72
C VAL D 1159 -21.53 18.10 -16.14
N ARG D 1160 -21.51 19.04 -15.21
CA ARG D 1160 -21.45 20.51 -15.48
C ARG D 1160 -20.14 20.82 -16.19
N GLN D 1161 -19.01 20.56 -15.54
CA GLN D 1161 -17.63 20.87 -16.03
C GLN D 1161 -17.40 20.28 -17.42
N MET D 1162 -18.07 19.17 -17.75
CA MET D 1162 -18.12 18.62 -19.14
C MET D 1162 -18.79 19.63 -20.07
N LEU D 1163 -20.06 19.95 -19.81
CA LEU D 1163 -20.95 20.72 -20.72
C LEU D 1163 -20.90 22.20 -20.36
N ARG D 1164 -19.72 22.81 -20.50
CA ARG D 1164 -19.47 24.27 -20.34
C ARG D 1164 -18.64 24.77 -21.54
N ARG D 1165 -18.76 24.10 -22.70
CA ARG D 1165 -18.00 24.41 -23.95
C ARG D 1165 -18.94 24.32 -25.15
N VAL D 1166 -18.57 24.96 -26.26
CA VAL D 1166 -19.31 24.91 -27.56
C VAL D 1166 -18.31 24.74 -28.71
N THR D 1167 -18.71 23.96 -29.73
CA THR D 1167 -17.99 23.80 -31.02
C THR D 1167 -18.59 24.78 -32.04
N ILE D 1168 -17.74 25.64 -32.62
CA ILE D 1168 -18.14 26.73 -33.56
C ILE D 1168 -18.17 26.14 -34.98
N ILE D 1169 -19.24 26.39 -35.73
CA ILE D 1169 -19.51 25.81 -37.08
C ILE D 1169 -18.92 26.75 -38.14
N ASP D 1170 -19.39 28.01 -38.16
CA ASP D 1170 -19.00 29.03 -39.18
C ASP D 1170 -19.19 30.43 -38.60
N SER D 1171 -18.95 31.47 -39.44
CA SER D 1171 -19.05 32.91 -39.11
C SER D 1171 -17.82 33.35 -38.30
N GLY D 1172 -17.72 32.93 -37.04
CA GLY D 1172 -16.59 33.23 -36.13
C GLY D 1172 -16.72 34.60 -35.49
N SER D 1173 -16.70 35.66 -36.31
CA SER D 1173 -16.91 37.09 -35.92
C SER D 1173 -15.59 37.71 -35.45
N THR D 1174 -15.11 37.31 -34.26
CA THR D 1174 -13.90 37.88 -33.59
C THR D 1174 -12.77 36.83 -33.59
N GLU D 1175 -12.37 36.39 -34.80
CA GLU D 1175 -11.20 35.49 -35.04
C GLU D 1175 -11.40 34.15 -34.32
N PHE D 1176 -12.63 33.63 -34.28
CA PHE D 1176 -12.98 32.28 -33.74
C PHE D 1176 -12.86 31.26 -34.87
N LEU D 1177 -12.30 30.08 -34.54
CA LEU D 1177 -11.93 29.02 -35.52
C LEU D 1177 -13.09 28.04 -35.68
N PRO D 1178 -13.32 27.47 -36.89
CA PRO D 1178 -14.33 26.44 -37.07
C PRO D 1178 -13.86 25.07 -36.55
N GLY D 1179 -14.54 24.54 -35.53
CA GLY D 1179 -14.22 23.26 -34.87
C GLY D 1179 -13.21 23.44 -33.75
N SER D 1180 -13.32 24.52 -32.98
CA SER D 1180 -12.53 24.82 -31.76
C SER D 1180 -13.38 24.46 -30.53
N LEU D 1181 -12.85 24.71 -29.32
CA LEU D 1181 -13.57 24.51 -28.02
C LEU D 1181 -13.51 25.81 -27.21
N THR D 1182 -14.63 26.56 -27.20
CA THR D 1182 -14.77 27.88 -26.53
C THR D 1182 -15.82 27.77 -25.41
N GLU D 1183 -15.58 28.51 -24.32
CA GLU D 1183 -16.41 28.52 -23.09
C GLU D 1183 -17.74 29.22 -23.38
N ARG D 1184 -18.81 28.84 -22.67
CA ARG D 1184 -20.22 29.21 -22.98
C ARG D 1184 -20.47 30.70 -22.64
N ALA D 1185 -20.13 31.12 -21.42
CA ALA D 1185 -20.39 32.47 -20.87
C ALA D 1185 -19.70 33.55 -21.71
N GLU D 1186 -18.42 33.33 -22.06
CA GLU D 1186 -17.60 34.28 -22.88
C GLU D 1186 -18.07 34.24 -24.34
N PHE D 1187 -18.56 33.08 -24.82
CA PHE D 1187 -19.15 32.91 -26.18
C PHE D 1187 -20.47 33.68 -26.27
N GLU D 1188 -21.31 33.62 -25.22
CA GLU D 1188 -22.60 34.35 -25.13
C GLU D 1188 -22.38 35.86 -25.21
N ALA D 1189 -21.32 36.37 -24.56
CA ALA D 1189 -20.93 37.80 -24.53
C ALA D 1189 -20.56 38.30 -25.94
N GLU D 1190 -19.98 37.42 -26.77
CA GLU D 1190 -19.58 37.71 -28.17
C GLU D 1190 -20.79 37.52 -29.10
N ASN D 1191 -21.61 36.48 -28.83
CA ASN D 1191 -22.75 36.01 -29.68
C ASN D 1191 -23.74 37.14 -29.96
N ARG D 1192 -23.96 38.06 -29.01
CA ARG D 1192 -24.93 39.18 -29.13
C ARG D 1192 -24.62 40.00 -30.39
N ARG D 1193 -23.33 40.29 -30.64
CA ARG D 1193 -22.82 41.09 -31.79
C ARG D 1193 -23.74 42.29 -32.04
N VAL D 1194 -23.70 43.29 -31.14
CA VAL D 1194 -24.59 44.47 -31.11
C VAL D 1194 -24.59 45.16 -32.48
N VAL D 1195 -23.41 45.37 -33.07
CA VAL D 1195 -23.23 45.97 -34.42
C VAL D 1195 -23.62 44.93 -35.48
N ALA D 1202 -22.27 34.65 -35.95
CA ALA D 1202 -21.64 33.59 -35.13
C ALA D 1202 -22.60 32.39 -35.01
N ALA D 1203 -22.08 31.16 -35.19
CA ALA D 1203 -22.83 29.90 -35.12
C ALA D 1203 -22.03 28.86 -34.30
N GLY D 1204 -22.49 28.56 -33.08
CA GLY D 1204 -21.86 27.60 -32.15
C GLY D 1204 -22.86 26.58 -31.64
N ARG D 1205 -22.51 25.29 -31.68
CA ARG D 1205 -23.35 24.14 -31.28
C ARG D 1205 -22.93 23.63 -29.90
N PRO D 1206 -23.81 22.92 -29.15
CA PRO D 1206 -23.41 22.25 -27.91
C PRO D 1206 -22.48 21.06 -28.18
N VAL D 1207 -21.42 20.90 -27.36
CA VAL D 1207 -20.42 19.79 -27.45
C VAL D 1207 -20.26 19.17 -26.07
N LEU D 1208 -20.05 17.84 -26.03
CA LEU D 1208 -19.73 17.05 -24.80
C LEU D 1208 -18.33 16.45 -24.97
N MET D 1209 -17.37 16.93 -24.18
CA MET D 1209 -15.93 16.60 -24.32
C MET D 1209 -15.45 15.79 -23.10
N GLY D 1210 -14.36 15.04 -23.27
CA GLY D 1210 -13.74 14.21 -22.21
C GLY D 1210 -13.10 15.07 -21.14
N ILE D 1211 -13.18 14.63 -19.88
CA ILE D 1211 -12.71 15.37 -18.68
C ILE D 1211 -11.22 15.75 -18.83
N THR D 1212 -10.41 14.92 -19.49
CA THR D 1212 -8.99 15.22 -19.82
C THR D 1212 -8.91 16.39 -20.81
N LYS D 1213 -9.76 16.38 -21.83
CA LYS D 1213 -9.86 17.43 -22.89
C LYS D 1213 -10.35 18.74 -22.24
N ALA D 1214 -11.31 18.63 -21.31
CA ALA D 1214 -11.91 19.75 -20.56
C ALA D 1214 -10.89 20.32 -19.57
N SER D 1215 -10.09 19.47 -18.93
CA SER D 1215 -8.99 19.86 -18.01
C SER D 1215 -7.86 20.51 -18.83
N LEU D 1216 -7.59 19.99 -20.03
CA LEU D 1216 -6.63 20.59 -21.02
C LEU D 1216 -7.14 21.97 -21.47
N ALA D 1217 -8.45 22.09 -21.72
CA ALA D 1217 -9.10 23.35 -22.17
C ALA D 1217 -9.35 24.26 -20.96
N THR D 1218 -8.38 25.13 -20.64
CA THR D 1218 -8.44 26.12 -19.53
C THR D 1218 -7.73 27.42 -19.95
N ASP D 1219 -8.09 28.54 -19.31
CA ASP D 1219 -7.51 29.89 -19.54
C ASP D 1219 -6.16 30.01 -18.82
N SER D 1220 -6.08 29.52 -17.57
CA SER D 1220 -4.86 29.53 -16.72
C SER D 1220 -3.78 28.62 -17.32
N TRP D 1221 -2.72 29.21 -17.86
CA TRP D 1221 -1.62 28.53 -18.60
C TRP D 1221 -0.83 27.60 -17.66
N LEU D 1222 -0.67 27.98 -16.39
CA LEU D 1222 0.06 27.18 -15.36
C LEU D 1222 -0.57 25.79 -15.22
N SER D 1223 -1.90 25.73 -15.07
CA SER D 1223 -2.68 24.46 -14.87
C SER D 1223 -2.57 23.58 -16.11
N ALA D 1224 -2.79 24.16 -17.30
CA ALA D 1224 -2.68 23.48 -18.62
C ALA D 1224 -1.25 22.96 -18.81
N ALA D 1225 -0.25 23.75 -18.42
CA ALA D 1225 1.19 23.39 -18.45
C ALA D 1225 1.46 22.25 -17.47
N SER D 1226 0.86 22.28 -16.28
CA SER D 1226 1.01 21.26 -15.21
C SER D 1226 0.35 19.95 -15.64
N PHE D 1227 -0.80 20.00 -16.33
CA PHE D 1227 -1.59 18.81 -16.72
C PHE D 1227 -0.81 17.97 -17.73
N GLN D 1228 -0.61 18.47 -18.96
CA GLN D 1228 0.02 17.70 -20.06
C GLN D 1228 0.47 18.64 -21.20
N GLU D 1229 1.55 18.25 -21.90
CA GLU D 1229 2.09 18.90 -23.13
C GLU D 1229 2.50 20.33 -22.80
N THR D 1230 3.43 20.48 -21.86
CA THR D 1230 3.92 21.78 -21.30
C THR D 1230 4.42 22.69 -22.43
N THR D 1231 5.21 22.15 -23.37
CA THR D 1231 5.84 22.90 -24.49
C THR D 1231 4.75 23.50 -25.38
N ARG D 1232 3.86 22.63 -25.91
CA ARG D 1232 2.72 22.99 -26.79
C ARG D 1232 1.96 24.19 -26.23
N VAL D 1233 1.56 24.13 -24.95
CA VAL D 1233 0.71 25.16 -24.28
C VAL D 1233 1.57 26.38 -23.90
N LEU D 1234 2.80 26.17 -23.42
CA LEU D 1234 3.72 27.30 -23.07
C LEU D 1234 4.02 28.15 -24.32
N THR D 1235 4.29 27.49 -25.45
CA THR D 1235 4.51 28.15 -26.77
C THR D 1235 3.24 28.92 -27.18
N ASP D 1236 2.09 28.25 -27.17
CA ASP D 1236 0.76 28.81 -27.54
C ASP D 1236 0.44 30.03 -26.65
N ALA D 1237 0.75 29.95 -25.35
CA ALA D 1237 0.47 31.01 -24.35
C ALA D 1237 1.46 32.17 -24.53
N ALA D 1238 2.76 31.86 -24.54
CA ALA D 1238 3.88 32.84 -24.61
C ALA D 1238 3.65 33.85 -25.73
N ILE D 1239 3.27 33.38 -26.93
CA ILE D 1239 2.98 34.25 -28.11
C ILE D 1239 1.75 35.13 -27.82
N ASN D 1240 0.74 34.57 -27.14
CA ASN D 1240 -0.54 35.27 -26.83
C ASN D 1240 -0.31 36.31 -25.72
N CYS D 1241 0.69 36.10 -24.86
CA CYS D 1241 1.04 37.00 -23.72
C CYS D 1241 -0.17 37.13 -22.78
N ARG D 1242 -0.81 36.00 -22.48
CA ARG D 1242 -2.07 35.94 -21.66
C ARG D 1242 -1.72 36.12 -20.19
N SER D 1243 -2.51 36.93 -19.47
CA SER D 1243 -2.34 37.26 -18.03
C SER D 1243 -3.23 36.34 -17.19
N ASP D 1244 -2.62 35.40 -16.46
CA ASP D 1244 -3.33 34.41 -15.60
C ASP D 1244 -3.89 35.14 -14.39
N LYS D 1245 -5.21 35.07 -14.19
CA LYS D 1245 -5.95 35.75 -13.09
C LYS D 1245 -5.74 35.00 -11.76
N LEU D 1246 -5.35 33.72 -11.82
CA LEU D 1246 -5.24 32.78 -10.66
C LEU D 1246 -6.62 32.58 -10.02
N ASN D 1247 -7.67 32.57 -10.85
CA ASN D 1247 -9.08 32.30 -10.44
C ASN D 1247 -9.18 30.84 -9.99
N GLY D 1248 -8.58 29.93 -10.77
CA GLY D 1248 -8.34 28.53 -10.38
C GLY D 1248 -7.38 28.43 -9.21
N LEU D 1249 -7.38 27.30 -8.50
CA LEU D 1249 -6.61 27.08 -7.24
C LEU D 1249 -5.37 26.21 -7.50
N LYS D 1250 -5.41 25.28 -8.46
CA LYS D 1250 -4.27 24.37 -8.75
C LYS D 1250 -3.03 25.20 -9.13
N GLU D 1251 -3.23 26.38 -9.73
CA GLU D 1251 -2.14 27.35 -9.99
C GLU D 1251 -1.70 27.97 -8.65
N ASN D 1252 -2.63 28.39 -7.80
CA ASN D 1252 -2.35 29.03 -6.48
C ASN D 1252 -1.55 28.06 -5.59
N VAL D 1253 -1.79 26.74 -5.74
CA VAL D 1253 -0.98 25.64 -5.15
C VAL D 1253 0.45 25.74 -5.70
N ILE D 1254 0.59 25.84 -7.03
CA ILE D 1254 1.91 25.81 -7.74
C ILE D 1254 2.73 27.05 -7.34
N ILE D 1255 2.15 28.24 -7.46
CA ILE D 1255 2.81 29.53 -7.06
C ILE D 1255 2.91 29.61 -5.53
N GLY D 1256 2.07 28.86 -4.81
CA GLY D 1256 2.17 28.66 -3.35
C GLY D 1256 1.47 29.74 -2.55
N LYS D 1257 0.50 30.45 -3.16
CA LYS D 1257 -0.36 31.46 -2.49
C LYS D 1257 -1.62 30.77 -1.97
N LEU D 1258 -2.23 31.31 -0.91
CA LEU D 1258 -3.49 30.80 -0.29
C LEU D 1258 -4.53 30.56 -1.40
N ILE D 1259 -5.17 29.40 -1.39
CA ILE D 1259 -6.04 28.93 -2.51
C ILE D 1259 -7.39 29.65 -2.45
N PRO D 1260 -8.00 29.99 -3.60
CA PRO D 1260 -9.36 30.52 -3.64
C PRO D 1260 -10.39 29.41 -3.36
N ALA D 1261 -10.58 29.11 -2.06
CA ALA D 1261 -11.56 28.14 -1.51
C ALA D 1261 -11.46 28.14 0.01
N GLY D 1262 -12.46 27.55 0.68
CA GLY D 1262 -12.59 27.48 2.14
C GLY D 1262 -12.18 28.77 2.83
N THR D 1263 -10.93 28.84 3.31
CA THR D 1263 -10.41 29.92 4.20
C THR D 1263 -9.28 30.69 3.50
N GLY D 1264 -9.45 30.99 2.21
CA GLY D 1264 -8.48 31.79 1.43
C GLY D 1264 -9.12 32.77 0.45
N ILE D 1265 -10.45 32.92 0.48
CA ILE D 1265 -11.20 33.93 -0.34
C ILE D 1265 -11.21 35.24 0.45
N SER D 1266 -11.10 36.38 -0.24
CA SER D 1266 -10.94 37.74 0.36
C SER D 1266 -11.98 37.98 1.46
N ARG D 1267 -13.24 37.59 1.22
CA ARG D 1267 -14.39 37.80 2.15
C ARG D 1267 -14.20 37.00 3.44
N TYR D 1268 -13.35 35.96 3.44
CA TYR D 1268 -12.98 35.15 4.63
C TYR D 1268 -11.61 35.60 5.17
N ARG D 1269 -10.56 35.53 4.35
CA ARG D 1269 -9.14 35.67 4.78
C ARG D 1269 -8.86 37.11 5.26
N ASN D 1270 -9.57 38.11 4.71
CA ASN D 1270 -9.54 39.52 5.18
C ASN D 1270 -10.85 39.80 5.92
N ILE D 1271 -11.05 39.11 7.05
CA ILE D 1271 -12.12 39.39 8.06
C ILE D 1271 -11.45 40.17 9.20
N GLN D 1272 -11.96 41.37 9.49
CA GLN D 1272 -11.50 42.24 10.61
C GLN D 1272 -12.40 41.98 11.84
N VAL D 1273 -11.90 41.20 12.80
CA VAL D 1273 -12.59 40.89 14.09
C VAL D 1273 -12.02 41.83 15.16
N GLN D 1274 -12.86 42.73 15.69
CA GLN D 1274 -12.56 43.60 16.85
C GLN D 1274 -13.39 43.13 18.04
N PRO D 1275 -12.82 43.10 19.27
CA PRO D 1275 -13.59 42.71 20.46
C PRO D 1275 -14.59 43.82 20.85
N THR D 1276 -15.82 43.42 21.19
CA THR D 1276 -17.00 44.32 21.39
C THR D 1276 -16.73 45.27 22.56
N GLU D 1277 -17.07 46.56 22.40
CA GLU D 1277 -16.86 47.65 23.37
C GLU D 1277 -17.50 47.29 24.73
N GLU D 1278 -18.63 46.59 24.72
CA GLU D 1278 -19.34 46.10 25.94
C GLU D 1278 -18.47 45.09 26.68
N ALA D 1279 -17.66 44.29 25.97
CA ALA D 1279 -16.72 43.30 26.53
C ALA D 1279 -15.40 44.00 26.92
N ARG D 1280 -14.95 44.96 26.09
CA ARG D 1280 -13.69 45.72 26.29
C ARG D 1280 -13.83 46.76 27.42
N ALA D 1281 -15.06 47.14 27.78
CA ALA D 1281 -15.39 48.17 28.80
C ALA D 1281 -14.73 47.83 30.14
N ALA D 1282 -15.15 46.73 30.78
CA ALA D 1282 -14.66 46.28 32.10
C ALA D 1282 -13.26 45.68 31.95
N ALA D 1283 -13.11 44.69 31.08
CA ALA D 1283 -11.86 43.97 30.74
C ALA D 1283 -11.30 43.26 31.98
N SER E 24 -31.58 18.33 23.31
CA SER E 24 -30.25 18.47 22.65
C SER E 24 -29.15 18.52 23.72
N ALA E 25 -28.96 17.42 24.45
CA ALA E 25 -28.00 17.27 25.57
C ALA E 25 -26.83 16.38 25.13
N TYR E 26 -25.59 16.79 25.47
CA TYR E 26 -24.32 16.07 25.19
C TYR E 26 -23.54 15.83 26.49
N ASP E 27 -24.20 15.96 27.65
CA ASP E 27 -23.62 15.85 29.01
C ASP E 27 -22.56 16.95 29.20
N THR E 28 -21.38 16.81 28.59
CA THR E 28 -20.26 17.79 28.65
C THR E 28 -19.26 17.50 27.53
N PRO E 29 -18.62 18.54 26.93
CA PRO E 29 -17.51 18.33 26.00
C PRO E 29 -16.16 18.26 26.74
N LEU E 30 -15.13 17.74 26.07
CA LEU E 30 -13.76 17.56 26.62
C LEU E 30 -12.72 17.90 25.54
N GLY E 31 -11.64 18.58 25.94
CA GLY E 31 -10.47 18.89 25.08
C GLY E 31 -10.83 19.82 23.94
N ILE E 32 -10.52 19.41 22.70
CA ILE E 32 -10.65 20.25 21.47
C ILE E 32 -12.13 20.41 21.11
N THR E 33 -12.96 19.39 21.35
CA THR E 33 -14.41 19.40 20.99
C THR E 33 -15.18 20.37 21.90
N ASN E 34 -14.54 20.89 22.96
CA ASN E 34 -15.02 22.05 23.77
C ASN E 34 -14.44 23.35 23.18
N PRO E 35 -15.25 24.39 22.89
CA PRO E 35 -16.71 24.34 22.93
C PRO E 35 -17.30 23.64 21.70
N PRO E 36 -18.60 23.24 21.74
CA PRO E 36 -19.21 22.52 20.62
C PRO E 36 -19.41 23.41 19.38
N ILE E 37 -19.21 22.84 18.19
CA ILE E 37 -19.10 23.57 16.88
C ILE E 37 -20.45 24.17 16.48
N ASP E 38 -21.56 23.44 16.67
CA ASP E 38 -22.92 23.87 16.26
C ASP E 38 -23.28 25.21 16.92
N GLU E 39 -22.87 25.39 18.18
CA GLU E 39 -23.07 26.63 18.97
C GLU E 39 -22.13 27.75 18.47
N LEU E 40 -21.03 27.40 17.79
CA LEU E 40 -20.11 28.37 17.14
C LEU E 40 -20.66 28.78 15.77
N LEU E 41 -21.17 27.82 14.98
CA LEU E 41 -21.70 28.05 13.61
C LEU E 41 -22.84 29.09 13.64
N SER E 42 -23.58 29.18 14.76
CA SER E 42 -24.62 30.21 15.00
C SER E 42 -24.00 31.61 15.02
N ARG E 43 -22.78 31.75 15.57
CA ARG E 43 -22.14 33.06 15.89
C ARG E 43 -21.61 33.68 14.59
N ALA E 44 -20.71 32.97 13.89
CA ALA E 44 -20.08 33.39 12.62
C ALA E 44 -20.92 32.92 11.43
N SER E 45 -20.75 33.55 10.28
CA SER E 45 -21.53 33.29 9.02
C SER E 45 -21.41 31.81 8.63
N SER E 46 -20.18 31.31 8.53
CA SER E 46 -19.86 29.91 8.18
C SER E 46 -18.55 29.47 8.87
N LYS E 47 -18.39 28.16 9.03
CA LYS E 47 -17.18 27.49 9.59
C LYS E 47 -15.91 28.16 9.03
N TYR E 48 -15.92 28.47 7.73
CA TYR E 48 -14.77 29.06 6.99
C TYR E 48 -14.48 30.47 7.53
N ALA E 49 -15.53 31.24 7.84
CA ALA E 49 -15.41 32.54 8.55
C ALA E 49 -14.89 32.25 9.97
N LEU E 50 -15.61 31.42 10.72
CA LEU E 50 -15.31 31.04 12.13
C LEU E 50 -13.83 30.70 12.30
N VAL E 51 -13.25 29.98 11.34
CA VAL E 51 -11.79 29.63 11.30
C VAL E 51 -10.98 30.91 11.47
N ILE E 52 -11.16 31.87 10.56
CA ILE E 52 -10.36 33.13 10.50
C ILE E 52 -10.72 33.98 11.72
N TYR E 53 -12.03 34.08 12.01
CA TYR E 53 -12.63 34.65 13.25
C TYR E 53 -11.76 34.26 14.45
N ALA E 54 -11.63 32.95 14.69
CA ALA E 54 -10.88 32.36 15.82
C ALA E 54 -9.38 32.62 15.64
N ALA E 55 -8.86 32.42 14.43
CA ALA E 55 -7.42 32.40 14.11
C ALA E 55 -6.79 33.78 14.33
N LYS E 56 -7.40 34.83 13.78
CA LYS E 56 -6.90 36.23 13.87
C LYS E 56 -6.92 36.67 15.35
N ARG E 57 -8.05 36.40 16.03
CA ARG E 57 -8.23 36.61 17.49
C ARG E 57 -7.10 35.89 18.24
N ALA E 58 -6.83 34.63 17.89
CA ALA E 58 -5.78 33.78 18.50
C ALA E 58 -4.40 34.38 18.25
N ARG E 59 -4.14 34.86 17.04
CA ARG E 59 -2.89 35.58 16.65
C ARG E 59 -2.76 36.86 17.47
N GLN E 60 -3.88 37.54 17.73
CA GLN E 60 -3.94 38.75 18.61
C GLN E 60 -3.55 38.34 20.04
N ILE E 61 -4.22 37.32 20.58
CA ILE E 61 -4.00 36.80 21.97
C ILE E 61 -2.53 36.39 22.11
N ASN E 62 -1.99 35.68 21.11
CA ASN E 62 -0.54 35.35 20.99
C ASN E 62 0.29 36.63 21.10
N ASP E 63 -0.11 37.69 20.38
CA ASP E 63 0.62 38.98 20.29
C ASP E 63 0.59 39.69 21.64
N TYR E 64 -0.54 39.65 22.35
CA TYR E 64 -0.76 40.33 23.66
C TYR E 64 0.36 39.98 24.64
N TYR E 65 0.74 38.69 24.70
CA TYR E 65 1.83 38.17 25.57
C TYR E 65 3.16 38.84 25.22
N ASN E 66 3.37 39.17 23.94
CA ASN E 66 4.56 39.88 23.41
C ASN E 66 4.28 41.39 23.37
N GLU E 74 -1.52 45.21 17.59
CA GLU E 74 -2.84 44.89 18.20
C GLU E 74 -2.64 44.05 19.47
N TYR E 75 -2.97 44.61 20.63
CA TYR E 75 -2.80 43.99 21.98
C TYR E 75 -4.09 44.21 22.80
N VAL E 76 -5.11 43.40 22.50
CA VAL E 76 -6.44 43.42 23.19
C VAL E 76 -6.81 41.99 23.58
N GLY E 77 -6.95 41.73 24.89
CA GLY E 77 -7.33 40.42 25.46
C GLY E 77 -6.31 39.92 26.49
N PRO E 78 -6.45 38.68 27.02
CA PRO E 78 -7.63 37.83 26.81
C PRO E 78 -8.87 38.35 27.55
N LEU E 79 -10.05 38.23 26.93
CA LEU E 79 -11.33 38.79 27.46
C LEU E 79 -11.86 37.89 28.59
N VAL E 80 -12.26 36.66 28.27
CA VAL E 80 -12.75 35.66 29.26
C VAL E 80 -11.56 35.20 30.11
N GLU E 81 -11.80 34.91 31.39
CA GLU E 81 -10.77 34.46 32.37
C GLU E 81 -10.12 33.17 31.84
N PRO E 82 -8.85 33.20 31.39
CA PRO E 82 -8.23 32.03 30.77
C PRO E 82 -7.80 30.98 31.81
N GLY E 83 -7.54 29.75 31.34
CA GLY E 83 -6.93 28.67 32.15
C GLY E 83 -5.49 28.99 32.50
N LEU E 84 -4.90 28.21 33.40
CA LEU E 84 -3.55 28.46 33.97
C LEU E 84 -2.49 28.24 32.88
N GLN E 85 -2.62 27.16 32.10
CA GLN E 85 -1.67 26.74 31.04
C GLN E 85 -2.42 26.59 29.70
N GLU E 86 -3.43 27.44 29.46
CA GLU E 86 -4.37 27.32 28.31
C GLU E 86 -3.77 27.96 27.07
N LYS E 87 -4.24 27.55 25.88
CA LYS E 87 -3.73 27.98 24.55
C LYS E 87 -4.60 29.09 23.98
N PRO E 88 -4.06 29.95 23.09
CA PRO E 88 -4.83 31.05 22.48
C PRO E 88 -6.04 30.59 21.65
N LEU E 89 -5.90 29.50 20.90
CA LEU E 89 -6.99 28.90 20.07
C LEU E 89 -8.19 28.55 20.94
N SER E 90 -7.95 27.86 22.06
CA SER E 90 -8.97 27.48 23.08
C SER E 90 -9.68 28.74 23.59
N ILE E 91 -8.90 29.77 23.94
CA ILE E 91 -9.40 31.09 24.46
C ILE E 91 -10.28 31.73 23.39
N ALA E 92 -9.77 31.85 22.16
CA ALA E 92 -10.47 32.45 21.00
C ALA E 92 -11.78 31.70 20.74
N LEU E 93 -11.72 30.36 20.67
CA LEU E 93 -12.88 29.48 20.37
C LEU E 93 -13.88 29.51 21.53
N ARG E 94 -13.40 29.66 22.77
CA ARG E 94 -14.24 29.92 23.98
C ARG E 94 -14.95 31.27 23.83
N GLU E 95 -14.21 32.31 23.44
CA GLU E 95 -14.68 33.72 23.40
C GLU E 95 -15.83 33.86 22.39
N ILE E 96 -15.62 33.42 21.14
CA ILE E 96 -16.65 33.46 20.05
C ILE E 96 -17.97 32.86 20.58
N HIS E 97 -17.91 31.75 21.33
CA HIS E 97 -19.08 31.06 21.92
C HIS E 97 -19.79 31.99 22.93
N GLY E 98 -19.01 32.77 23.69
CA GLY E 98 -19.52 33.71 24.71
C GLY E 98 -20.12 34.98 24.11
N ASP E 99 -19.85 35.28 22.84
CA ASP E 99 -20.28 36.52 22.12
C ASP E 99 -19.64 37.73 22.78
N LEU E 100 -18.31 37.73 22.88
CA LEU E 100 -17.47 38.88 23.34
C LEU E 100 -16.85 39.60 22.14
N LEU E 101 -17.01 39.06 20.93
CA LEU E 101 -16.33 39.51 19.69
C LEU E 101 -17.37 39.80 18.60
N GLU E 102 -16.99 40.63 17.61
CA GLU E 102 -17.79 40.91 16.39
C GLU E 102 -16.84 40.98 15.18
N HIS E 103 -17.34 40.57 14.00
CA HIS E 103 -16.55 40.35 12.76
C HIS E 103 -17.18 41.10 11.59
N THR E 104 -16.37 41.50 10.61
CA THR E 104 -16.77 42.18 9.34
C THR E 104 -16.27 41.34 8.15
N GLU E 105 -17.18 40.93 7.27
CA GLU E 105 -16.89 40.11 6.06
C GLU E 105 -16.48 41.04 4.91
N GLY E 106 -15.26 40.85 4.38
CA GLY E 106 -14.69 41.69 3.31
C GLY E 106 -15.37 41.45 1.97
#